data_3VDB
#
_entry.id   3VDB
#
_cell.length_a   151.443
_cell.length_b   161.643
_cell.length_c   202.155
_cell.angle_alpha   90.00
_cell.angle_beta   90.00
_cell.angle_gamma   90.00
#
_symmetry.space_group_name_H-M   'P 21 21 21'
#
loop_
_entity.id
_entity.type
_entity.pdbx_description
1 polymer Beta-galactosidase
2 non-polymer D-galactonolactone
3 non-polymer 'MAGNESIUM ION'
4 non-polymer 'SODIUM ION'
5 non-polymer 'DIMETHYL SULFOXIDE'
6 water water
#
_entity_poly.entity_id   1
_entity_poly.type   'polypeptide(L)'
_entity_poly.pdbx_seq_one_letter_code
;MGGSHHHHHHGMASMTGGQQMGRDLYDDDDKDPMIDPVVLQRRDWENPGVTQLNRLAAHPPFASWRNSEEARTDRPSQQL
RSLNGEWRFAWFPAPEAVPESWLECDLPEADTVVVPSNWQMHGYDAPIYTNVTYPITVNPPFVPTENPTGCYSLTFNVDE
SWLQEGQTRIIFDGVNSAFHLWCNGRWVGYGQDSRLPSEFDLSAFLRAGENRLAVMVLRWSDGSYLEDQDMWRMSGIFRD
VSLLHKPTTQISDFHVATRFNDDFSRAVLEAEVQMCGELRDYLRVTVSLWQGETQVASGTAPFGGEIIDERGGYADRVTL
RLNVENPKLWSAEIPNLYRAVVELHTADGTLIEAEACDVGFREVRIENGLLLLNGKPLLIRGVNRHEHHPLHGQVMDEQT
MVQDILLMKQNNFNAVRCSHYPNHPLWYTLCDRYGLYVVDEANIETHGMVPMNRLTDDPRWLPAMSERVTRMVQRDRNHP
SVIIWSLGTESGHGANHDALYRWIKSVDPSRPVQYEGGGADTTATDIICPMYARVDEDQPFPAVPKWSIKKWLSLPGETR
PLILCEYAHAMGNSLGGFAKYWQAFRQYPRLQGGFVWDWVDQSLIKYDENGNPWSAYGGDFGDTPNDRQFCMNGLVFADR
TPHPALTEAKHQQQFFQFRLSGQTIEVTSEYLFRHSDNELLHWMVALDGKPLASGEVPLDVAPQGKQLIELPELPQPESA
GQLWLTVRVVQPNATAWSEAGHISAWQQWRLAENLSVTLPAASHAIPHLTTSEMDFCIELGNKRWQFNRQSGFLSQMWIG
DKKQLLTPLRDQFTRAPLDNDIGVSEATRIDPNAWVERWKAAGHYQAEAALLQCTADTLADAVLITTAHAWQHQGKTLFI
SRKTYRIDGSGQMAITVDVEVASDTPHPARIGLNCQLAQVAERVNWLGLGPQENYPDRLTAACFDRWDLPLSDMYTPYVF
PSENGLRCGTRELNYGPHQWRGDFQFNISRYSQQQLMETSHRHLLHAEEGTWLNIDGFHMGIGGDDSWSPSVSAEFQLSA
GRYHYQLVWCQK
;
_entity_poly.pdbx_strand_id   A,B,C,D
#
loop_
_chem_comp.id
_chem_comp.type
_chem_comp.name
_chem_comp.formula
149 D-saccharide D-galactonolactone 'C6 H10 O6'
DMS non-polymer 'DIMETHYL SULFOXIDE' 'C2 H6 O S'
MG non-polymer 'MAGNESIUM ION' 'Mg 2'
NA non-polymer 'SODIUM ION' 'Na 1'
#
# COMPACT_ATOMS: atom_id res chain seq x y z
N VAL A 38 40.87 31.49 -28.11
CA VAL A 38 39.72 30.55 -28.24
C VAL A 38 38.55 30.97 -27.36
N VAL A 39 38.84 31.79 -26.35
CA VAL A 39 37.86 32.23 -25.36
C VAL A 39 36.72 33.04 -25.97
N LEU A 40 37.04 34.10 -26.71
CA LEU A 40 36.04 34.89 -27.42
C LEU A 40 35.36 34.10 -28.53
N GLN A 41 36.10 33.18 -29.13
CA GLN A 41 35.61 32.39 -30.25
C GLN A 41 34.59 31.33 -29.84
N ARG A 42 34.78 30.73 -28.67
CA ARG A 42 33.88 29.67 -28.21
C ARG A 42 32.55 30.14 -27.64
N ARG A 43 32.53 31.36 -27.09
CA ARG A 43 31.32 31.94 -26.48
C ARG A 43 30.64 30.90 -25.59
N ASP A 44 31.35 30.47 -24.55
CA ASP A 44 30.85 29.46 -23.61
C ASP A 44 29.65 29.96 -22.81
N TRP A 45 29.50 31.28 -22.74
CA TRP A 45 28.39 31.92 -22.02
C TRP A 45 27.09 31.95 -22.84
N GLU A 46 27.11 31.35 -24.03
CA GLU A 46 25.88 31.17 -24.81
C GLU A 46 25.72 29.71 -25.20
N ASN A 47 26.03 28.84 -24.23
CA ASN A 47 25.97 27.40 -24.43
C ASN A 47 25.62 26.71 -23.10
N PRO A 48 24.37 26.23 -22.96
CA PRO A 48 23.94 25.60 -21.71
C PRO A 48 24.57 24.21 -21.51
N GLY A 49 25.32 23.75 -22.50
CA GLY A 49 26.10 22.52 -22.41
C GLY A 49 27.49 22.72 -21.84
N VAL A 50 27.90 23.98 -21.69
CA VAL A 50 29.15 24.33 -21.02
C VAL A 50 28.82 25.22 -19.84
N THR A 51 28.90 24.65 -18.65
CA THR A 51 28.61 25.36 -17.41
C THR A 51 29.89 25.56 -16.59
N GLN A 52 30.96 24.93 -17.07
CA GLN A 52 32.28 25.01 -16.44
C GLN A 52 33.34 24.46 -17.38
N LEU A 53 34.58 24.86 -17.15
CA LEU A 53 35.76 24.23 -17.76
C LEU A 53 36.88 24.17 -16.72
N ASN A 54 37.45 22.98 -16.54
CA ASN A 54 38.54 22.71 -15.59
C ASN A 54 38.21 22.99 -14.11
N ARG A 55 36.92 23.08 -13.81
CA ARG A 55 36.45 23.30 -12.44
C ARG A 55 36.54 22.00 -11.62
N LEU A 56 36.99 22.11 -10.38
CA LEU A 56 37.11 20.93 -9.51
C LEU A 56 35.74 20.47 -9.00
N ALA A 57 35.67 19.23 -8.54
CA ALA A 57 34.46 18.67 -7.95
C ALA A 57 34.00 19.43 -6.71
N ALA A 58 32.70 19.53 -6.51
CA ALA A 58 32.12 20.16 -5.31
C ALA A 58 32.27 19.24 -4.11
N HIS A 59 32.27 19.83 -2.91
CA HIS A 59 32.56 19.11 -1.67
C HIS A 59 32.12 19.94 -0.47
N PRO A 60 32.04 19.34 0.73
CA PRO A 60 31.74 20.10 1.94
C PRO A 60 32.87 21.07 2.28
N PRO A 61 32.61 22.09 3.13
CA PRO A 61 33.64 23.08 3.47
C PRO A 61 34.95 22.45 3.97
N PHE A 62 36.06 22.86 3.36
CA PHE A 62 37.40 22.36 3.68
C PHE A 62 38.27 23.48 4.24
N ALA A 63 39.26 23.10 5.05
CA ALA A 63 40.25 24.05 5.56
C ALA A 63 41.67 23.45 5.55
N SER A 64 41.76 22.15 5.27
CA SER A 64 43.02 21.40 5.31
C SER A 64 43.90 21.76 6.53
N TRP A 65 43.35 21.59 7.72
CA TRP A 65 44.14 21.70 8.95
C TRP A 65 45.24 20.63 8.93
N ARG A 66 46.41 20.99 9.45
CA ARG A 66 47.52 20.05 9.57
C ARG A 66 47.78 19.74 11.04
N ASN A 67 46.83 20.19 11.87
CA ASN A 67 46.80 19.91 13.28
C ASN A 67 45.36 19.59 13.66
N SER A 68 45.17 18.43 14.30
CA SER A 68 43.84 17.93 14.65
C SER A 68 43.12 18.78 15.69
N GLU A 69 43.89 19.40 16.58
CA GLU A 69 43.33 20.23 17.65
C GLU A 69 42.76 21.52 17.09
N GLU A 70 43.43 22.07 16.08
CA GLU A 70 42.93 23.26 15.38
C GLU A 70 41.66 22.94 14.59
N ALA A 71 41.57 21.72 14.06
CA ALA A 71 40.35 21.24 13.41
C ALA A 71 39.21 21.12 14.41
N ARG A 72 39.49 20.49 15.56
CA ARG A 72 38.49 20.31 16.61
C ARG A 72 37.87 21.63 17.05
N THR A 73 38.71 22.60 17.38
CA THR A 73 38.27 23.90 17.90
C THR A 73 37.78 24.85 16.81
N ASP A 74 37.88 24.44 15.54
CA ASP A 74 37.44 25.26 14.41
C ASP A 74 38.19 26.61 14.33
N ARG A 75 39.44 26.62 14.79
CA ARG A 75 40.26 27.81 14.68
C ARG A 75 40.74 27.99 13.23
N PRO A 76 41.28 29.18 12.91
CA PRO A 76 41.80 29.40 11.56
C PRO A 76 42.86 28.37 11.11
N SER A 77 42.98 28.21 9.80
CA SER A 77 43.89 27.25 9.22
C SER A 77 44.91 27.99 8.37
N GLN A 78 46.19 27.68 8.58
CA GLN A 78 47.28 28.27 7.80
C GLN A 78 47.17 27.91 6.32
N GLN A 79 46.41 26.86 6.04
CA GLN A 79 46.26 26.32 4.69
C GLN A 79 45.05 26.91 3.95
N LEU A 80 44.29 27.77 4.62
CA LEU A 80 43.17 28.48 3.99
C LEU A 80 43.28 29.99 4.17
N ARG A 81 43.67 30.67 3.09
CA ARG A 81 43.91 32.11 3.07
C ARG A 81 42.77 32.83 2.37
N SER A 82 42.44 34.02 2.86
CA SER A 82 41.46 34.88 2.19
C SER A 82 42.18 35.77 1.18
N LEU A 83 41.60 35.89 -0.01
CA LEU A 83 42.06 36.85 -1.01
C LEU A 83 41.12 38.07 -1.09
N ASN A 84 40.28 38.22 -0.07
CA ASN A 84 39.39 39.36 0.03
C ASN A 84 40.19 40.63 0.31
N GLY A 85 39.74 41.75 -0.26
CA GLY A 85 40.35 43.04 0.03
C GLY A 85 40.35 43.90 -1.21
N GLU A 86 41.44 44.62 -1.41
CA GLU A 86 41.52 45.55 -2.52
C GLU A 86 42.01 44.87 -3.79
N TRP A 87 41.18 44.93 -4.82
CA TRP A 87 41.47 44.35 -6.12
C TRP A 87 41.48 45.47 -7.15
N ARG A 88 41.91 45.16 -8.37
CA ARG A 88 41.81 46.11 -9.47
C ARG A 88 40.61 45.74 -10.33
N PHE A 89 39.92 46.76 -10.85
CA PHE A 89 38.70 46.54 -11.60
C PHE A 89 38.55 47.54 -12.74
N ALA A 90 38.14 47.02 -13.90
CA ALA A 90 37.77 47.84 -15.04
C ALA A 90 36.49 47.29 -15.67
N TRP A 91 35.62 48.22 -16.09
CA TRP A 91 34.33 47.88 -16.68
C TRP A 91 34.38 48.02 -18.21
N PHE A 92 33.81 47.03 -18.90
CA PHE A 92 33.71 47.04 -20.36
C PHE A 92 32.29 46.70 -20.80
N PRO A 93 31.83 47.28 -21.94
CA PRO A 93 30.45 47.05 -22.39
C PRO A 93 30.21 45.65 -23.00
N ALA A 94 31.29 44.96 -23.36
CA ALA A 94 31.22 43.62 -23.96
C ALA A 94 32.57 42.93 -23.81
N PRO A 95 32.58 41.58 -23.79
CA PRO A 95 33.86 40.87 -23.68
C PRO A 95 34.81 41.14 -24.85
N GLU A 96 34.24 41.52 -26.00
CA GLU A 96 35.04 41.86 -27.18
C GLU A 96 35.82 43.16 -27.01
N ALA A 97 35.43 43.98 -26.04
CA ALA A 97 36.06 45.27 -25.80
C ALA A 97 37.25 45.18 -24.85
N VAL A 98 37.47 43.98 -24.30
CA VAL A 98 38.57 43.77 -23.34
C VAL A 98 39.91 43.61 -24.09
N PRO A 99 40.89 44.49 -23.78
CA PRO A 99 42.21 44.42 -24.39
C PRO A 99 43.04 43.22 -23.94
N GLU A 100 43.81 42.66 -24.86
CA GLU A 100 44.67 41.50 -24.57
C GLU A 100 45.74 41.80 -23.53
N SER A 101 46.16 43.07 -23.45
CA SER A 101 47.17 43.49 -22.48
C SER A 101 46.73 43.22 -21.05
N TRP A 102 45.42 43.29 -20.80
CA TRP A 102 44.85 43.07 -19.46
C TRP A 102 45.20 41.70 -18.88
N LEU A 103 45.40 40.71 -19.74
CA LEU A 103 45.72 39.34 -19.30
C LEU A 103 47.07 39.25 -18.61
N GLU A 104 48.02 40.07 -19.04
CA GLU A 104 49.38 40.01 -18.51
C GLU A 104 49.84 41.27 -17.76
N CYS A 105 49.02 42.32 -17.83
CA CYS A 105 49.41 43.60 -17.24
C CYS A 105 48.21 44.41 -16.73
N ASP A 106 48.38 45.04 -15.57
CA ASP A 106 47.34 45.88 -14.97
C ASP A 106 46.99 47.06 -15.88
N LEU A 107 45.70 47.28 -16.10
CA LEU A 107 45.23 48.44 -16.86
C LEU A 107 45.37 49.70 -15.99
N PRO A 108 46.09 50.72 -16.49
CA PRO A 108 46.27 51.97 -15.73
C PRO A 108 44.96 52.69 -15.44
N GLU A 109 43.98 52.58 -16.35
CA GLU A 109 42.67 53.21 -16.17
C GLU A 109 41.77 52.51 -15.15
N ALA A 110 42.14 51.28 -14.75
CA ALA A 110 41.39 50.52 -13.76
C ALA A 110 41.39 51.18 -12.39
N ASP A 111 40.34 50.94 -11.61
CA ASP A 111 40.23 51.46 -10.24
C ASP A 111 40.51 50.37 -9.20
N THR A 112 40.84 50.80 -7.99
CA THR A 112 41.00 49.88 -6.88
C THR A 112 39.68 49.78 -6.13
N VAL A 113 39.11 48.57 -6.09
CA VAL A 113 37.82 48.33 -5.44
C VAL A 113 37.89 47.17 -4.45
N VAL A 114 37.02 47.21 -3.44
CA VAL A 114 36.91 46.13 -2.49
C VAL A 114 36.19 44.93 -3.12
N VAL A 115 36.73 43.74 -2.88
CA VAL A 115 36.11 42.46 -3.24
C VAL A 115 35.97 41.65 -1.95
N PRO A 116 34.81 41.02 -1.71
CA PRO A 116 33.63 40.89 -2.57
C PRO A 116 32.76 42.15 -2.74
N SER A 117 32.18 42.27 -3.93
CA SER A 117 31.28 43.38 -4.26
C SER A 117 30.43 43.08 -5.49
N ASN A 118 29.32 43.82 -5.63
CA ASN A 118 28.59 43.90 -6.88
C ASN A 118 28.99 45.22 -7.53
N TRP A 119 29.40 45.20 -8.80
CA TRP A 119 29.92 46.40 -9.42
C TRP A 119 28.88 47.52 -9.64
N GLN A 120 27.60 47.16 -9.57
CA GLN A 120 26.51 48.13 -9.59
C GLN A 120 26.52 49.01 -8.34
N MET A 121 27.01 48.45 -7.24
CA MET A 121 27.04 49.14 -5.96
C MET A 121 28.20 50.13 -5.85
N HIS A 122 29.16 50.02 -6.77
CA HIS A 122 30.21 51.03 -6.90
C HIS A 122 29.88 52.02 -8.04
N GLY A 123 28.75 51.81 -8.69
CA GLY A 123 28.23 52.77 -9.67
C GLY A 123 28.67 52.59 -11.11
N TYR A 124 29.31 51.46 -11.42
CA TYR A 124 29.83 51.22 -12.79
C TYR A 124 28.75 51.00 -13.84
N ASP A 125 27.65 50.38 -13.44
CA ASP A 125 26.41 50.40 -14.21
C ASP A 125 25.21 50.25 -13.27
N ALA A 126 24.01 50.23 -13.84
CA ALA A 126 22.79 50.22 -13.07
C ALA A 126 22.37 48.81 -12.63
N PRO A 127 21.98 48.66 -11.35
CA PRO A 127 21.25 47.45 -10.99
C PRO A 127 19.85 47.54 -11.59
N ILE A 128 19.27 46.39 -11.94
CA ILE A 128 17.95 46.34 -12.56
C ILE A 128 16.99 45.60 -11.64
N TYR A 129 15.85 46.22 -11.32
CA TYR A 129 14.81 45.45 -10.64
C TYR A 129 13.67 45.04 -11.57
N THR A 130 13.65 43.76 -11.94
CA THR A 130 12.51 43.16 -12.62
C THR A 130 12.08 41.90 -11.89
N ASN A 131 10.77 41.69 -11.83
CA ASN A 131 10.18 40.54 -11.17
C ASN A 131 10.22 39.31 -12.09
N VAL A 132 9.20 39.18 -12.95
CA VAL A 132 9.04 38.00 -13.79
C VAL A 132 9.76 38.14 -15.14
N THR A 133 9.48 39.24 -15.84
CA THR A 133 10.08 39.47 -17.17
C THR A 133 11.61 39.48 -17.08
N TYR A 134 12.26 38.69 -17.93
CA TYR A 134 13.72 38.63 -17.97
C TYR A 134 14.29 40.02 -18.28
N PRO A 135 15.45 40.36 -17.69
CA PRO A 135 16.14 41.62 -17.96
C PRO A 135 16.80 41.64 -19.34
N ILE A 136 16.80 40.49 -20.02
CA ILE A 136 17.30 40.37 -21.38
C ILE A 136 16.21 39.77 -22.26
N THR A 137 16.32 39.99 -23.58
CA THR A 137 15.40 39.37 -24.54
C THR A 137 15.46 37.86 -24.40
N VAL A 138 14.29 37.22 -24.36
CA VAL A 138 14.21 35.76 -24.22
C VAL A 138 14.49 35.09 -25.56
N ASN A 139 15.74 34.66 -25.71
CA ASN A 139 16.18 33.99 -26.93
C ASN A 139 17.24 32.95 -26.57
N PRO A 140 16.85 31.93 -25.78
CA PRO A 140 17.84 30.96 -25.28
C PRO A 140 18.50 30.20 -26.44
N PRO A 141 19.83 29.99 -26.35
CA PRO A 141 20.68 30.28 -25.19
C PRO A 141 21.42 31.62 -25.23
N PHE A 142 20.98 32.54 -26.09
CA PHE A 142 21.75 33.76 -26.38
C PHE A 142 21.49 34.92 -25.43
N VAL A 143 22.51 35.76 -25.25
CA VAL A 143 22.41 36.98 -24.43
C VAL A 143 22.74 38.21 -25.29
N PRO A 144 22.51 39.43 -24.77
CA PRO A 144 22.77 40.58 -25.65
C PRO A 144 24.26 40.70 -25.97
N THR A 145 24.54 41.19 -27.17
CA THR A 145 25.93 41.45 -27.60
C THR A 145 26.56 42.52 -26.70
N GLU A 146 25.73 43.46 -26.25
CA GLU A 146 26.10 44.39 -25.20
C GLU A 146 25.92 43.71 -23.84
N ASN A 147 27.01 43.13 -23.36
CA ASN A 147 27.01 42.31 -22.15
C ASN A 147 28.08 42.84 -21.21
N PRO A 148 27.66 43.68 -20.23
CA PRO A 148 28.59 44.32 -19.30
C PRO A 148 29.60 43.33 -18.72
N THR A 149 30.88 43.69 -18.85
CA THR A 149 31.97 42.81 -18.50
C THR A 149 32.83 43.45 -17.41
N GLY A 150 32.95 42.76 -16.27
CA GLY A 150 33.78 43.21 -15.17
C GLY A 150 35.12 42.50 -15.20
N CYS A 151 36.18 43.28 -15.34
CA CYS A 151 37.53 42.74 -15.39
C CYS A 151 38.21 42.95 -14.05
N TYR A 152 38.24 41.91 -13.24
CA TYR A 152 38.89 41.95 -11.94
C TYR A 152 40.30 41.39 -12.03
N SER A 153 41.20 41.91 -11.21
CA SER A 153 42.56 41.38 -11.11
C SER A 153 43.16 41.60 -9.74
N LEU A 154 44.07 40.70 -9.36
CA LEU A 154 44.74 40.76 -8.08
C LEU A 154 46.20 40.34 -8.24
N THR A 155 47.10 41.21 -7.79
CA THR A 155 48.49 40.86 -7.64
C THR A 155 48.69 40.46 -6.19
N PHE A 156 49.23 39.28 -5.97
CA PHE A 156 49.30 38.68 -4.63
C PHE A 156 50.52 37.78 -4.49
N ASN A 157 50.88 37.50 -3.24
CA ASN A 157 52.00 36.64 -2.94
C ASN A 157 51.58 35.20 -2.69
N VAL A 158 52.43 34.26 -3.12
CA VAL A 158 52.32 32.85 -2.73
C VAL A 158 53.66 32.39 -2.19
N ASP A 159 53.66 31.90 -0.94
CA ASP A 159 54.89 31.39 -0.33
C ASP A 159 55.37 30.12 -1.05
N GLU A 160 56.68 29.97 -1.14
CA GLU A 160 57.31 28.85 -1.83
C GLU A 160 56.90 27.48 -1.28
N SER A 161 56.66 27.40 0.03
CA SER A 161 56.23 26.15 0.68
C SER A 161 54.94 25.58 0.09
N TRP A 162 54.04 26.48 -0.34
CA TRP A 162 52.78 26.09 -0.97
C TRP A 162 53.00 25.43 -2.33
N LEU A 163 54.13 25.76 -2.97
CA LEU A 163 54.41 25.28 -4.31
C LEU A 163 55.41 24.12 -4.37
N GLN A 164 56.15 23.91 -3.28
CA GLN A 164 57.15 22.83 -3.22
C GLN A 164 56.48 21.45 -3.13
N GLU A 165 55.26 21.43 -2.61
CA GLU A 165 54.51 20.20 -2.45
C GLU A 165 53.00 20.48 -2.41
N GLY A 166 52.21 19.44 -2.66
CA GLY A 166 50.76 19.53 -2.52
C GLY A 166 50.06 20.33 -3.59
N GLN A 167 48.83 20.74 -3.29
CA GLN A 167 47.92 21.31 -4.28
C GLN A 167 47.39 22.66 -3.79
N THR A 168 47.59 23.69 -4.60
CA THR A 168 47.06 25.02 -4.29
C THR A 168 45.89 25.31 -5.21
N ARG A 169 44.73 25.52 -4.62
CA ARG A 169 43.53 25.82 -5.40
C ARG A 169 42.92 27.16 -5.00
N ILE A 170 42.21 27.76 -5.95
CA ILE A 170 41.48 28.99 -5.69
C ILE A 170 39.98 28.69 -5.62
N ILE A 171 39.29 29.33 -4.68
CA ILE A 171 37.85 29.17 -4.48
C ILE A 171 37.14 30.52 -4.62
N PHE A 172 36.28 30.62 -5.63
CA PHE A 172 35.38 31.76 -5.77
C PHE A 172 34.01 31.32 -5.27
N ASP A 173 33.60 31.82 -4.11
CA ASP A 173 32.33 31.43 -3.49
C ASP A 173 31.09 31.93 -4.24
N GLY A 174 31.25 33.01 -5.01
CA GLY A 174 30.14 33.60 -5.75
C GLY A 174 30.57 34.58 -6.82
N VAL A 175 30.33 34.20 -8.07
CA VAL A 175 30.58 35.07 -9.23
C VAL A 175 29.31 35.11 -10.07
N ASN A 176 28.81 36.32 -10.31
CA ASN A 176 27.55 36.53 -10.99
C ASN A 176 27.78 37.22 -12.35
N SER A 177 27.50 36.57 -13.47
CA SER A 177 26.87 35.25 -13.55
C SER A 177 27.75 34.16 -14.18
N ALA A 178 28.87 34.57 -14.77
CA ALA A 178 29.79 33.65 -15.41
C ALA A 178 31.16 34.31 -15.52
N PHE A 179 32.22 33.51 -15.58
CA PHE A 179 33.57 34.05 -15.64
C PHE A 179 34.60 33.12 -16.27
N HIS A 180 35.59 33.73 -16.93
CA HIS A 180 36.83 33.06 -17.28
C HIS A 180 37.91 33.48 -16.30
N LEU A 181 38.82 32.56 -16.00
CA LEU A 181 39.91 32.82 -15.08
C LEU A 181 41.27 32.64 -15.76
N TRP A 182 42.15 33.62 -15.56
CA TRP A 182 43.55 33.52 -15.98
C TRP A 182 44.44 33.68 -14.75
N CYS A 183 45.57 32.98 -14.76
CA CYS A 183 46.57 33.10 -13.72
C CYS A 183 47.94 33.27 -14.38
N ASN A 184 48.60 34.37 -14.06
CA ASN A 184 49.88 34.76 -14.67
C ASN A 184 49.81 34.74 -16.20
N GLY A 185 48.74 35.32 -16.74
CA GLY A 185 48.54 35.43 -18.19
C GLY A 185 48.05 34.18 -18.88
N ARG A 186 47.97 33.07 -18.14
CA ARG A 186 47.56 31.78 -18.71
C ARG A 186 46.14 31.40 -18.30
N TRP A 187 45.35 30.94 -19.28
CA TRP A 187 43.96 30.54 -19.05
C TRP A 187 43.83 29.30 -18.16
N VAL A 188 42.99 29.41 -17.13
CA VAL A 188 42.78 28.34 -16.15
C VAL A 188 41.45 27.62 -16.39
N GLY A 189 40.35 28.37 -16.40
CA GLY A 189 39.05 27.76 -16.57
C GLY A 189 37.89 28.73 -16.63
N TYR A 190 36.68 28.18 -16.52
CA TYR A 190 35.44 28.92 -16.70
C TYR A 190 34.38 28.38 -15.73
N GLY A 191 33.45 29.23 -15.31
CA GLY A 191 32.44 28.79 -14.36
C GLY A 191 31.11 29.50 -14.48
N GLN A 192 30.02 28.77 -14.24
CA GLN A 192 28.67 29.31 -14.18
C GLN A 192 27.98 28.88 -12.89
N ASP A 193 26.77 29.38 -12.67
CA ASP A 193 26.02 29.28 -11.39
C ASP A 193 26.56 30.29 -10.38
N SER A 194 25.81 31.36 -10.23
CA SER A 194 26.21 32.52 -9.44
C SER A 194 26.32 32.27 -7.95
N ARG A 195 25.80 31.14 -7.47
CA ARG A 195 25.52 31.00 -6.04
C ARG A 195 26.19 29.83 -5.35
N LEU A 196 27.08 29.14 -6.06
CA LEU A 196 27.89 28.05 -5.51
C LEU A 196 29.36 28.28 -5.84
N PRO A 197 30.28 27.75 -4.99
CA PRO A 197 31.71 27.95 -5.21
C PRO A 197 32.22 27.31 -6.50
N SER A 198 33.07 28.04 -7.20
CA SER A 198 33.82 27.48 -8.34
C SER A 198 35.29 27.41 -7.93
N GLU A 199 35.86 26.20 -8.01
CA GLU A 199 37.23 25.96 -7.56
C GLU A 199 38.12 25.50 -8.71
N PHE A 200 39.37 25.99 -8.73
CA PHE A 200 40.34 25.63 -9.77
C PHE A 200 41.72 25.33 -9.19
N ASP A 201 42.40 24.35 -9.77
CA ASP A 201 43.75 23.99 -9.33
C ASP A 201 44.75 24.94 -9.99
N LEU A 202 45.46 25.71 -9.17
CA LEU A 202 46.43 26.68 -9.68
C LEU A 202 47.90 26.22 -9.52
N SER A 203 48.10 24.99 -9.06
CA SER A 203 49.42 24.46 -8.74
C SER A 203 50.45 24.66 -9.86
N ALA A 204 50.05 24.42 -11.10
CA ALA A 204 50.95 24.54 -12.24
C ALA A 204 51.04 25.96 -12.81
N PHE A 205 50.22 26.86 -12.28
CA PHE A 205 50.12 28.23 -12.81
C PHE A 205 50.93 29.23 -11.99
N LEU A 206 51.18 28.90 -10.73
CA LEU A 206 51.75 29.86 -9.79
C LEU A 206 53.28 29.83 -9.71
N ARG A 207 53.86 30.95 -9.28
CA ARG A 207 55.30 31.06 -9.00
C ARG A 207 55.50 31.52 -7.55
N ALA A 208 56.67 31.25 -7.00
CA ALA A 208 57.03 31.79 -5.70
C ALA A 208 57.17 33.31 -5.81
N GLY A 209 56.57 34.03 -4.86
CA GLY A 209 56.55 35.49 -4.92
C GLY A 209 55.28 36.06 -5.53
N GLU A 210 55.43 37.07 -6.38
CA GLU A 210 54.30 37.82 -6.93
C GLU A 210 53.58 37.08 -8.06
N ASN A 211 52.26 37.08 -7.99
CA ASN A 211 51.38 36.40 -8.94
C ASN A 211 50.20 37.29 -9.29
N ARG A 212 49.61 37.08 -10.46
CA ARG A 212 48.47 37.88 -10.88
C ARG A 212 47.31 37.05 -11.43
N LEU A 213 46.13 37.26 -10.84
CA LEU A 213 44.88 36.68 -11.34
C LEU A 213 44.16 37.70 -12.19
N ALA A 214 43.62 37.25 -13.31
CA ALA A 214 42.70 38.06 -14.11
C ALA A 214 41.38 37.30 -14.21
N VAL A 215 40.29 37.97 -13.84
CA VAL A 215 38.97 37.36 -13.86
C VAL A 215 38.03 38.21 -14.71
N MET A 216 37.60 37.65 -15.83
CA MET A 216 36.64 38.33 -16.69
C MET A 216 35.22 37.85 -16.36
N VAL A 217 34.45 38.73 -15.73
CA VAL A 217 33.11 38.39 -15.26
C VAL A 217 32.07 38.94 -16.22
N LEU A 218 31.18 38.07 -16.69
CA LEU A 218 30.09 38.47 -17.58
C LEU A 218 28.79 38.65 -16.80
N ARG A 219 28.09 39.75 -17.05
CA ARG A 219 26.82 40.01 -16.38
C ARG A 219 25.77 39.00 -16.82
N TRP A 220 25.73 38.72 -18.12
CA TRP A 220 24.77 37.80 -18.71
C TRP A 220 25.43 36.56 -19.30
N SER A 221 24.79 35.42 -19.10
CA SER A 221 25.22 34.15 -19.68
C SER A 221 24.00 33.29 -19.91
N ASP A 222 24.18 32.13 -20.53
CA ASP A 222 23.09 31.15 -20.62
C ASP A 222 22.62 30.76 -19.21
N GLY A 223 23.50 30.91 -18.21
CA GLY A 223 23.15 30.72 -16.81
C GLY A 223 22.04 31.63 -16.32
N SER A 224 21.97 32.84 -16.88
CA SER A 224 20.95 33.84 -16.53
C SER A 224 19.52 33.34 -16.77
N TYR A 225 19.35 32.44 -17.73
CA TYR A 225 18.03 31.89 -18.02
C TYR A 225 17.48 31.07 -16.84
N LEU A 226 18.37 30.58 -15.99
CA LEU A 226 18.01 29.81 -14.81
C LEU A 226 18.07 30.66 -13.54
N GLU A 227 18.22 31.97 -13.72
CA GLU A 227 18.40 32.88 -12.61
C GLU A 227 17.42 34.05 -12.65
N ASP A 228 16.14 33.73 -12.86
CA ASP A 228 15.09 34.74 -12.98
C ASP A 228 14.35 35.04 -11.67
N GLN A 229 15.09 35.04 -10.56
CA GLN A 229 14.53 35.40 -9.27
C GLN A 229 14.03 36.84 -9.22
N ASP A 230 12.91 37.04 -8.53
CA ASP A 230 12.34 38.35 -8.27
C ASP A 230 13.21 39.11 -7.26
N MET A 231 14.24 39.76 -7.79
CA MET A 231 15.22 40.50 -6.99
C MET A 231 16.00 41.44 -7.90
N TRP A 232 16.86 42.27 -7.31
CA TRP A 232 17.75 43.12 -8.07
C TRP A 232 18.68 42.24 -8.90
N ARG A 233 18.86 42.59 -10.17
CA ARG A 233 19.77 41.89 -11.05
C ARG A 233 21.09 42.66 -11.04
N MET A 234 22.10 42.03 -10.43
CA MET A 234 23.44 42.60 -10.24
C MET A 234 24.48 41.64 -10.80
N SER A 235 25.75 41.94 -10.61
CA SER A 235 26.83 41.08 -11.09
C SER A 235 28.17 41.36 -10.43
N GLY A 236 29.12 40.44 -10.58
CA GLY A 236 30.47 40.62 -10.04
C GLY A 236 30.92 39.51 -9.13
N ILE A 237 32.09 39.70 -8.51
CA ILE A 237 32.61 38.76 -7.54
C ILE A 237 32.06 39.19 -6.18
N PHE A 238 30.87 38.71 -5.86
CA PHE A 238 30.10 39.19 -4.70
C PHE A 238 30.21 38.29 -3.46
N ARG A 239 30.97 37.20 -3.57
CA ARG A 239 31.28 36.37 -2.39
C ARG A 239 32.80 36.15 -2.25
N ASP A 240 33.20 35.60 -1.11
CA ASP A 240 34.60 35.44 -0.74
C ASP A 240 35.46 34.75 -1.80
N VAL A 241 36.72 35.17 -1.89
CA VAL A 241 37.73 34.51 -2.71
C VAL A 241 38.80 34.00 -1.76
N SER A 242 39.24 32.76 -1.97
CA SER A 242 40.23 32.17 -1.10
C SER A 242 41.20 31.24 -1.82
N LEU A 243 42.33 30.99 -1.16
CA LEU A 243 43.31 29.98 -1.60
C LEU A 243 43.35 28.85 -0.58
N LEU A 244 43.27 27.61 -1.07
CA LEU A 244 43.32 26.45 -0.19
C LEU A 244 44.44 25.50 -0.58
N HIS A 245 45.29 25.20 0.38
CA HIS A 245 46.35 24.22 0.17
C HIS A 245 45.94 22.87 0.71
N LYS A 246 45.96 21.86 -0.15
CA LYS A 246 45.73 20.47 0.24
C LYS A 246 46.97 19.64 -0.10
N PRO A 247 47.24 18.58 0.68
CA PRO A 247 48.31 17.65 0.29
C PRO A 247 47.91 16.85 -0.95
N THR A 248 48.90 16.22 -1.59
CA THR A 248 48.66 15.37 -2.76
C THR A 248 47.72 14.21 -2.42
N THR A 249 48.01 13.53 -1.32
CA THR A 249 47.11 12.53 -0.77
C THR A 249 46.21 13.28 0.21
N GLN A 250 44.92 13.30 -0.08
CA GLN A 250 43.99 14.22 0.57
C GLN A 250 42.61 13.64 0.81
N ILE A 251 41.90 14.19 1.79
CA ILE A 251 40.46 13.97 1.91
C ILE A 251 39.81 14.81 0.81
N SER A 252 39.11 14.13 -0.10
CA SER A 252 38.47 14.83 -1.22
C SER A 252 36.96 14.98 -1.05
N ASP A 253 36.39 14.21 -0.12
CA ASP A 253 34.96 14.30 0.19
C ASP A 253 34.72 13.56 1.50
N PHE A 254 33.70 13.97 2.24
CA PHE A 254 33.19 13.19 3.36
C PHE A 254 31.71 13.47 3.64
N HIS A 255 30.95 12.42 3.94
CA HIS A 255 29.54 12.54 4.28
C HIS A 255 29.28 12.03 5.70
N VAL A 256 28.54 12.82 6.48
CA VAL A 256 28.14 12.42 7.83
C VAL A 256 26.64 12.12 7.86
N ALA A 257 26.29 10.95 8.38
CA ALA A 257 24.90 10.57 8.60
C ALA A 257 24.74 10.14 10.06
N THR A 258 23.56 10.40 10.62
CA THR A 258 23.22 9.95 11.98
C THR A 258 21.90 9.21 11.93
N ARG A 259 21.90 7.93 12.29
CA ARG A 259 20.66 7.15 12.38
C ARG A 259 20.37 6.73 13.82
N PHE A 260 19.09 6.48 14.12
CA PHE A 260 18.63 6.33 15.50
C PHE A 260 17.76 5.10 15.70
N ASN A 261 17.69 4.61 16.93
CA ASN A 261 16.68 3.63 17.31
C ASN A 261 15.33 4.33 17.56
N ASP A 262 14.29 3.55 17.83
CA ASP A 262 12.91 4.07 17.92
C ASP A 262 12.70 5.24 18.90
N ASP A 263 13.36 5.21 20.05
CA ASP A 263 13.20 6.29 21.04
C ASP A 263 14.37 7.27 21.13
N PHE A 264 15.30 7.19 20.18
CA PHE A 264 16.44 8.11 20.07
C PHE A 264 17.46 8.02 21.23
N SER A 265 17.41 6.91 21.97
CA SER A 265 18.34 6.68 23.08
C SER A 265 19.70 6.17 22.61
N ARG A 266 19.76 5.69 21.36
CA ARG A 266 21.00 5.25 20.73
C ARG A 266 21.09 5.80 19.32
N ALA A 267 22.28 6.25 18.92
CA ALA A 267 22.54 6.65 17.56
C ALA A 267 23.77 5.94 17.01
N VAL A 268 23.80 5.79 15.68
CA VAL A 268 25.02 5.43 14.99
C VAL A 268 25.38 6.61 14.07
N LEU A 269 26.57 7.17 14.28
CA LEU A 269 27.12 8.13 13.35
C LEU A 269 27.88 7.39 12.26
N GLU A 270 27.47 7.59 11.01
CA GLU A 270 28.11 6.96 9.89
C GLU A 270 28.84 8.02 9.05
N ALA A 271 30.12 7.80 8.79
CA ALA A 271 30.92 8.79 8.08
C ALA A 271 31.68 8.16 6.92
N GLU A 272 31.24 8.48 5.70
CA GLU A 272 31.91 8.04 4.48
C GLU A 272 32.97 9.06 4.10
N VAL A 273 34.19 8.59 3.89
CA VAL A 273 35.33 9.46 3.55
C VAL A 273 35.98 9.01 2.25
N GLN A 274 36.24 9.95 1.36
CA GLN A 274 36.90 9.67 0.10
C GLN A 274 38.28 10.32 0.07
N MET A 275 39.23 9.66 -0.58
CA MET A 275 40.56 10.23 -0.78
C MET A 275 40.89 10.40 -2.26
N CYS A 276 41.80 11.32 -2.54
CA CYS A 276 42.50 11.38 -3.82
C CYS A 276 43.99 11.27 -3.55
N GLY A 277 44.74 10.85 -4.56
CA GLY A 277 46.17 10.59 -4.40
C GLY A 277 46.47 9.11 -4.52
N GLU A 278 47.68 8.73 -4.17
CA GLU A 278 48.11 7.35 -4.35
C GLU A 278 47.60 6.45 -3.22
N LEU A 279 46.98 5.34 -3.60
CA LEU A 279 46.44 4.38 -2.65
C LEU A 279 47.54 3.54 -2.02
N ARG A 280 47.51 3.42 -0.69
CA ARG A 280 48.53 2.71 0.06
C ARG A 280 47.95 2.03 1.29
N ASP A 281 48.47 0.84 1.59
CA ASP A 281 48.05 0.02 2.74
C ASP A 281 48.22 0.68 4.10
N TYR A 282 49.21 1.58 4.22
CA TYR A 282 49.46 2.26 5.51
C TYR A 282 48.48 3.40 5.79
N LEU A 283 47.65 3.74 4.81
CA LEU A 283 46.69 4.84 4.99
C LEU A 283 45.54 4.48 5.91
N ARG A 284 45.15 5.45 6.73
CA ARG A 284 44.06 5.29 7.68
C ARG A 284 43.20 6.55 7.71
N VAL A 285 41.94 6.37 8.10
CA VAL A 285 41.09 7.50 8.48
C VAL A 285 40.61 7.27 9.90
N THR A 286 40.69 8.32 10.71
CA THR A 286 40.05 8.33 12.02
C THR A 286 39.00 9.44 12.02
N VAL A 287 37.77 9.03 12.35
CA VAL A 287 36.72 10.00 12.65
C VAL A 287 36.47 9.96 14.15
N SER A 288 36.68 11.09 14.81
CA SER A 288 36.42 11.18 16.23
C SER A 288 35.31 12.19 16.47
N LEU A 289 34.49 11.92 17.49
CA LEU A 289 33.35 12.77 17.81
C LEU A 289 33.53 13.37 19.19
N TRP A 290 33.36 14.68 19.28
CA TRP A 290 33.63 15.45 20.48
C TRP A 290 32.40 16.22 20.96
N GLN A 291 32.14 16.16 22.26
CA GLN A 291 31.18 17.03 22.92
C GLN A 291 32.00 17.91 23.86
N GLY A 292 32.23 19.15 23.44
CA GLY A 292 33.16 20.04 24.15
C GLY A 292 34.58 19.51 24.04
N GLU A 293 35.28 19.45 25.17
CA GLU A 293 36.64 18.90 25.19
C GLU A 293 36.66 17.38 25.45
N THR A 294 35.49 16.77 25.47
CA THR A 294 35.34 15.33 25.72
C THR A 294 35.17 14.55 24.42
N GLN A 295 36.09 13.63 24.14
CA GLN A 295 35.90 12.71 23.02
C GLN A 295 34.87 11.66 23.42
N VAL A 296 33.76 11.61 22.69
CA VAL A 296 32.68 10.68 23.01
C VAL A 296 32.78 9.33 22.29
N ALA A 297 33.32 9.35 21.07
CA ALA A 297 33.47 8.14 20.27
C ALA A 297 34.56 8.34 19.22
N SER A 298 35.09 7.22 18.72
CA SER A 298 36.16 7.26 17.73
C SER A 298 36.21 5.96 16.95
N GLY A 299 36.55 6.05 15.67
CA GLY A 299 36.75 4.87 14.85
C GLY A 299 37.88 5.07 13.86
N THR A 300 38.61 3.99 13.59
CA THR A 300 39.76 4.00 12.68
C THR A 300 39.71 2.79 11.75
N ALA A 301 39.98 3.02 10.47
CA ALA A 301 40.00 1.96 9.48
C ALA A 301 40.90 2.31 8.31
N PRO A 302 41.47 1.29 7.65
CA PRO A 302 42.18 1.52 6.38
C PRO A 302 41.18 1.81 5.27
N PHE A 303 41.67 2.31 4.14
CA PHE A 303 40.82 2.52 2.97
C PHE A 303 40.41 1.20 2.33
N GLY A 304 39.27 1.21 1.64
CA GLY A 304 38.72 0.03 1.01
C GLY A 304 37.32 -0.24 1.52
N GLY A 305 36.31 0.12 0.72
CA GLY A 305 34.92 -0.09 1.10
C GLY A 305 34.48 -1.53 0.90
N GLU A 306 33.24 -1.84 1.29
CA GLU A 306 32.68 -3.16 1.04
C GLU A 306 32.52 -3.39 -0.46
N ILE A 307 32.52 -4.66 -0.87
CA ILE A 307 32.20 -5.01 -2.27
C ILE A 307 30.81 -4.47 -2.59
N ILE A 308 30.69 -3.80 -3.74
CA ILE A 308 29.39 -3.26 -4.16
C ILE A 308 28.87 -3.85 -5.48
N ASP A 309 29.77 -4.32 -6.34
CA ASP A 309 29.38 -4.98 -7.58
C ASP A 309 30.37 -6.06 -8.01
N GLU A 310 30.16 -6.61 -9.20
CA GLU A 310 31.02 -7.65 -9.74
C GLU A 310 32.49 -7.21 -9.88
N ARG A 311 32.73 -5.89 -9.92
CA ARG A 311 34.09 -5.34 -10.06
C ARG A 311 34.75 -4.96 -8.73
N GLY A 312 34.10 -5.31 -7.61
CA GLY A 312 34.66 -5.04 -6.29
C GLY A 312 34.03 -3.83 -5.63
N GLY A 313 34.86 -3.05 -4.94
CA GLY A 313 34.39 -1.87 -4.22
C GLY A 313 35.27 -0.69 -4.48
N TYR A 314 35.05 0.37 -3.70
CA TYR A 314 35.85 1.57 -3.75
C TYR A 314 37.08 1.42 -2.87
N ALA A 315 38.25 1.25 -3.50
CA ALA A 315 39.51 1.16 -2.76
C ALA A 315 39.92 2.51 -2.18
N ASP A 316 39.41 3.58 -2.79
CA ASP A 316 39.66 4.95 -2.35
C ASP A 316 38.61 5.52 -1.38
N ARG A 317 37.82 4.63 -0.78
CA ARG A 317 36.81 5.05 0.20
C ARG A 317 36.78 4.17 1.43
N VAL A 318 36.31 4.76 2.52
CA VAL A 318 36.10 4.05 3.77
C VAL A 318 34.89 4.65 4.50
N THR A 319 34.13 3.78 5.15
CA THR A 319 33.01 4.21 5.98
C THR A 319 33.31 3.86 7.44
N LEU A 320 33.27 4.87 8.29
CA LEU A 320 33.42 4.68 9.74
C LEU A 320 32.04 4.74 10.41
N ARG A 321 31.84 3.87 11.41
CA ARG A 321 30.58 3.84 12.15
C ARG A 321 30.85 3.96 13.64
N LEU A 322 30.30 5.01 14.26
CA LEU A 322 30.48 5.25 15.68
C LEU A 322 29.16 5.15 16.41
N ASN A 323 29.14 4.35 17.48
CA ASN A 323 27.97 4.25 18.36
C ASN A 323 27.95 5.40 19.34
N VAL A 324 26.79 6.01 19.52
CA VAL A 324 26.60 7.10 20.49
C VAL A 324 25.37 6.83 21.32
N GLU A 325 25.58 6.52 22.60
CA GLU A 325 24.48 6.30 23.55
C GLU A 325 23.93 7.64 24.01
N ASN A 326 22.60 7.71 24.13
CA ASN A 326 21.91 8.91 24.61
C ASN A 326 22.44 10.20 23.98
N PRO A 327 22.40 10.29 22.64
CA PRO A 327 22.90 11.50 21.99
C PRO A 327 22.10 12.73 22.39
N LYS A 328 22.79 13.86 22.59
CA LYS A 328 22.10 15.14 22.73
C LYS A 328 21.60 15.56 21.34
N LEU A 329 20.29 15.71 21.22
CA LEU A 329 19.67 15.92 19.91
C LEU A 329 19.61 17.39 19.49
N TRP A 330 19.79 17.63 18.19
CA TRP A 330 19.73 18.97 17.62
C TRP A 330 18.31 19.31 17.21
N SER A 331 17.90 20.54 17.51
CA SER A 331 16.65 21.13 17.02
C SER A 331 16.82 22.64 17.03
N ALA A 332 15.84 23.37 16.47
CA ALA A 332 15.88 24.83 16.55
C ALA A 332 15.64 25.32 17.99
N GLU A 333 15.08 24.45 18.83
CA GLU A 333 14.83 24.77 20.24
C GLU A 333 16.10 24.67 21.08
N ILE A 334 16.81 23.55 20.96
CA ILE A 334 18.11 23.37 21.61
C ILE A 334 19.09 22.87 20.57
N PRO A 335 19.93 23.77 20.01
CA PRO A 335 20.83 23.38 18.93
C PRO A 335 22.06 22.63 19.45
N ASN A 336 21.86 21.45 20.01
CA ASN A 336 22.97 20.63 20.49
C ASN A 336 23.86 20.22 19.33
N LEU A 337 25.15 20.52 19.44
CA LEU A 337 26.12 20.14 18.42
C LEU A 337 27.30 19.38 18.99
N TYR A 338 27.77 18.41 18.21
CA TYR A 338 29.04 17.74 18.47
C TYR A 338 30.02 18.19 17.40
N ARG A 339 31.30 17.85 17.60
CA ARG A 339 32.32 18.14 16.61
C ARG A 339 32.86 16.82 16.07
N ALA A 340 32.77 16.66 14.74
CA ALA A 340 33.39 15.53 14.04
C ALA A 340 34.71 15.98 13.44
N VAL A 341 35.79 15.26 13.75
CA VAL A 341 37.10 15.53 13.18
C VAL A 341 37.49 14.34 12.31
N VAL A 342 37.81 14.63 11.05
CA VAL A 342 38.15 13.58 10.10
C VAL A 342 39.66 13.66 9.82
N GLU A 343 40.40 12.70 10.35
CA GLU A 343 41.87 12.69 10.22
C GLU A 343 42.31 11.68 9.18
N LEU A 344 43.03 12.16 8.17
CA LEU A 344 43.73 11.29 7.24
C LEU A 344 45.15 11.12 7.76
N HIS A 345 45.56 9.88 8.01
CA HIS A 345 46.85 9.61 8.63
C HIS A 345 47.46 8.24 8.26
N THR A 346 48.71 8.05 8.66
CA THR A 346 49.41 6.78 8.50
C THR A 346 49.03 5.83 9.62
N ALA A 347 49.34 4.55 9.44
CA ALA A 347 49.03 3.51 10.43
C ALA A 347 49.54 3.83 11.84
N ASP A 348 50.75 4.38 11.95
CA ASP A 348 51.26 4.75 13.27
C ASP A 348 51.03 6.21 13.70
N GLY A 349 50.07 6.86 13.05
CA GLY A 349 49.56 8.13 13.57
C GLY A 349 50.23 9.41 13.13
N THR A 350 50.91 9.39 11.99
CA THR A 350 51.41 10.64 11.41
C THR A 350 50.26 11.26 10.62
N LEU A 351 49.87 12.47 11.01
CA LEU A 351 48.76 13.16 10.37
C LEU A 351 49.15 13.71 9.01
N ILE A 352 48.30 13.46 8.02
CA ILE A 352 48.45 14.05 6.70
C ILE A 352 47.65 15.37 6.65
N GLU A 353 46.37 15.29 6.99
CA GLU A 353 45.52 16.47 7.10
C GLU A 353 44.26 16.13 7.90
N ALA A 354 43.57 17.17 8.36
CA ALA A 354 42.29 16.98 9.02
C ALA A 354 41.24 17.92 8.45
N GLU A 355 40.03 17.40 8.30
CA GLU A 355 38.85 18.22 8.04
C GLU A 355 37.89 17.99 9.19
N ALA A 356 36.85 18.81 9.28
CA ALA A 356 35.94 18.73 10.39
C ALA A 356 34.61 19.40 10.05
N CYS A 357 33.57 19.05 10.80
CA CYS A 357 32.30 19.77 10.70
C CYS A 357 31.59 19.72 12.04
N ASP A 358 30.60 20.60 12.20
CA ASP A 358 29.66 20.50 13.31
C ASP A 358 28.61 19.43 12.98
N VAL A 359 28.31 18.57 13.95
CA VAL A 359 27.33 17.51 13.77
C VAL A 359 26.14 17.74 14.70
N GLY A 360 24.95 17.77 14.11
CA GLY A 360 23.72 17.80 14.89
C GLY A 360 23.00 16.48 14.75
N PHE A 361 22.81 15.77 15.86
CA PHE A 361 22.08 14.51 15.86
C PHE A 361 20.59 14.79 15.78
N ARG A 362 20.03 14.56 14.60
CA ARG A 362 18.60 14.74 14.39
C ARG A 362 18.14 13.91 13.21
N GLU A 363 16.91 13.43 13.31
CA GLU A 363 16.27 12.68 12.25
C GLU A 363 15.11 13.50 11.68
N VAL A 364 15.08 13.61 10.36
CA VAL A 364 13.99 14.26 9.64
C VAL A 364 13.32 13.19 8.81
N ARG A 365 12.02 13.00 9.01
CA ARG A 365 11.27 12.01 8.23
C ARG A 365 9.80 12.37 8.11
N ILE A 366 9.18 11.88 7.04
CA ILE A 366 7.75 12.05 6.87
C ILE A 366 7.11 10.70 7.11
N GLU A 367 6.20 10.66 8.08
CA GLU A 367 5.50 9.44 8.41
C GLU A 367 4.04 9.72 8.67
N ASN A 368 3.19 8.95 7.99
CA ASN A 368 1.74 9.04 8.15
C ASN A 368 1.23 10.45 7.82
N GLY A 369 1.90 11.10 6.87
CA GLY A 369 1.52 12.44 6.43
C GLY A 369 2.05 13.60 7.24
N LEU A 370 2.96 13.33 8.19
CA LEU A 370 3.54 14.37 9.03
C LEU A 370 5.05 14.47 8.88
N LEU A 371 5.54 15.71 8.79
CA LEU A 371 6.98 15.95 8.89
C LEU A 371 7.42 15.86 10.36
N LEU A 372 8.29 14.89 10.65
CA LEU A 372 8.78 14.67 12.01
C LEU A 372 10.24 15.03 12.17
N LEU A 373 10.54 15.77 13.23
CA LEU A 373 11.91 15.98 13.64
C LEU A 373 12.09 15.28 14.97
N ASN A 374 12.99 14.32 15.01
CA ASN A 374 13.22 13.52 16.22
C ASN A 374 11.93 12.90 16.73
N GLY A 375 11.10 12.45 15.79
CA GLY A 375 9.84 11.76 16.08
C GLY A 375 8.66 12.64 16.44
N LYS A 376 8.84 13.96 16.41
CA LYS A 376 7.80 14.92 16.79
C LYS A 376 7.38 15.79 15.59
N PRO A 377 6.06 16.02 15.42
CA PRO A 377 5.60 16.82 14.28
C PRO A 377 5.96 18.29 14.42
N LEU A 378 6.71 18.80 13.45
CA LEU A 378 7.11 20.20 13.43
C LEU A 378 5.95 21.14 13.18
N LEU A 379 6.09 22.36 13.69
CA LEU A 379 5.28 23.48 13.26
C LEU A 379 6.26 24.57 12.83
N ILE A 380 6.31 24.80 11.52
CA ILE A 380 7.28 25.71 10.92
C ILE A 380 6.83 27.18 11.03
N ARG A 381 7.57 27.92 11.83
CA ARG A 381 7.42 29.38 11.94
C ARG A 381 8.52 29.94 11.06
N GLY A 382 8.26 29.92 9.75
CA GLY A 382 9.30 30.22 8.78
C GLY A 382 9.17 31.58 8.12
N VAL A 383 10.28 32.00 7.51
CA VAL A 383 10.33 33.20 6.70
C VAL A 383 11.29 32.94 5.53
N ASN A 384 10.98 33.52 4.37
CA ASN A 384 11.90 33.54 3.25
C ASN A 384 12.89 34.67 3.45
N ARG A 385 14.17 34.41 3.18
CA ARG A 385 15.19 35.44 3.33
C ARG A 385 16.14 35.44 2.14
N HIS A 386 16.07 36.52 1.36
CA HIS A 386 17.06 36.82 0.33
C HIS A 386 18.32 37.36 0.99
N GLU A 387 19.45 37.24 0.29
CA GLU A 387 20.69 37.88 0.72
C GLU A 387 20.71 39.31 0.19
N HIS A 388 20.35 40.26 1.05
CA HIS A 388 20.24 41.66 0.64
C HIS A 388 20.80 42.62 1.68
N HIS A 389 21.58 43.58 1.20
CA HIS A 389 22.10 44.66 2.01
C HIS A 389 21.89 45.99 1.28
N PRO A 390 21.31 47.01 1.96
CA PRO A 390 20.95 48.27 1.28
C PRO A 390 22.16 49.03 0.71
N LEU A 391 23.34 48.83 1.29
CA LEU A 391 24.55 49.49 0.82
C LEU A 391 25.40 48.59 -0.06
N HIS A 392 25.59 47.34 0.37
CA HIS A 392 26.50 46.41 -0.31
C HIS A 392 25.83 45.50 -1.34
N GLY A 393 24.51 45.63 -1.48
CA GLY A 393 23.77 44.86 -2.47
C GLY A 393 23.58 43.42 -2.06
N GLN A 394 24.22 42.51 -2.77
CA GLN A 394 24.01 41.08 -2.51
C GLN A 394 25.22 40.40 -1.84
N VAL A 395 26.15 41.24 -1.38
CA VAL A 395 27.26 40.81 -0.55
C VAL A 395 26.77 40.62 0.88
N MET A 396 27.08 39.47 1.45
CA MET A 396 26.72 39.18 2.83
C MET A 396 27.94 39.21 3.73
N ASP A 397 27.76 39.72 4.93
CA ASP A 397 28.79 39.72 5.96
C ASP A 397 28.22 39.05 7.21
N GLU A 398 29.11 38.60 8.09
CA GLU A 398 28.71 37.94 9.33
C GLU A 398 27.80 38.79 10.22
N GLN A 399 28.11 40.08 10.34
CA GLN A 399 27.34 40.98 11.21
C GLN A 399 25.87 41.06 10.81
N THR A 400 25.64 41.26 9.51
CA THR A 400 24.29 41.30 8.96
C THR A 400 23.57 39.97 9.16
N MET A 401 24.27 38.87 8.89
CA MET A 401 23.72 37.51 9.05
C MET A 401 23.34 37.23 10.51
N VAL A 402 24.24 37.57 11.43
CA VAL A 402 23.94 37.44 12.86
C VAL A 402 22.76 38.32 13.28
N GLN A 403 22.76 39.57 12.82
CA GLN A 403 21.67 40.49 13.12
C GLN A 403 20.31 39.90 12.68
N ASP A 404 20.26 39.32 11.48
CA ASP A 404 19.04 38.70 10.98
C ASP A 404 18.58 37.53 11.84
N ILE A 405 19.49 36.59 12.09
CA ILE A 405 19.18 35.42 12.93
C ILE A 405 18.64 35.82 14.31
N LEU A 406 19.30 36.78 14.97
CA LEU A 406 18.84 37.29 16.25
C LEU A 406 17.42 37.84 16.19
N LEU A 407 17.15 38.69 15.20
CA LEU A 407 15.83 39.28 15.03
C LEU A 407 14.77 38.22 14.74
N MET A 408 15.14 37.23 13.93
CA MET A 408 14.23 36.15 13.56
C MET A 408 13.83 35.36 14.81
N LYS A 409 14.83 34.92 15.59
CA LYS A 409 14.59 34.18 16.82
C LYS A 409 13.87 34.99 17.89
N GLN A 410 14.23 36.27 18.03
CA GLN A 410 13.55 37.17 18.96
C GLN A 410 12.05 37.36 18.61
N ASN A 411 11.71 37.13 17.35
CA ASN A 411 10.32 37.25 16.87
C ASN A 411 9.66 35.90 16.57
N ASN A 412 10.15 34.87 17.25
CA ASN A 412 9.54 33.54 17.27
C ASN A 412 9.53 32.79 15.94
N PHE A 413 10.53 33.06 15.11
CA PHE A 413 10.77 32.25 13.93
C PHE A 413 11.71 31.10 14.29
N ASN A 414 11.43 29.92 13.75
CA ASN A 414 12.32 28.76 13.94
C ASN A 414 12.86 28.21 12.63
N ALA A 415 12.52 28.86 11.51
CA ALA A 415 12.89 28.31 10.21
C ALA A 415 13.08 29.37 9.14
N VAL A 416 13.96 29.08 8.19
CA VAL A 416 14.26 29.99 7.10
C VAL A 416 14.36 29.23 5.77
N ARG A 417 13.89 29.87 4.70
CA ARG A 417 14.06 29.34 3.34
C ARG A 417 15.08 30.17 2.58
N CYS A 418 16.05 29.50 1.99
CA CYS A 418 17.08 30.13 1.16
C CYS A 418 16.51 30.51 -0.20
N SER A 419 15.59 31.47 -0.21
CA SER A 419 14.97 31.94 -1.44
C SER A 419 15.95 32.80 -2.25
N HIS A 420 16.32 32.39 -3.47
CA HIS A 420 16.00 31.10 -4.08
C HIS A 420 17.31 30.55 -4.66
N TYR A 421 18.26 30.25 -3.79
CA TYR A 421 19.62 29.87 -4.21
C TYR A 421 20.39 29.42 -2.98
N PRO A 422 21.44 28.62 -3.16
CA PRO A 422 22.30 28.31 -2.02
C PRO A 422 22.91 29.59 -1.49
N ASN A 423 23.00 29.70 -0.17
CA ASN A 423 23.48 30.91 0.49
C ASN A 423 24.99 30.93 0.67
N HIS A 424 25.49 32.10 1.05
CA HIS A 424 26.83 32.25 1.61
C HIS A 424 27.07 31.12 2.64
N PRO A 425 28.23 30.44 2.56
CA PRO A 425 28.45 29.24 3.39
C PRO A 425 28.36 29.46 4.90
N LEU A 426 28.71 30.65 5.38
CA LEU A 426 28.61 30.96 6.81
C LEU A 426 27.16 30.93 7.32
N TRP A 427 26.19 31.24 6.45
CA TRP A 427 24.77 31.19 6.82
C TRP A 427 24.37 29.86 7.50
N TYR A 428 24.79 28.76 6.91
CA TYR A 428 24.47 27.42 7.41
C TYR A 428 25.16 27.12 8.74
N THR A 429 26.39 27.61 8.89
CA THR A 429 27.13 27.44 10.12
C THR A 429 26.41 28.17 11.26
N LEU A 430 25.92 29.36 10.97
CA LEU A 430 25.21 30.16 11.96
C LEU A 430 23.85 29.56 12.32
N CYS A 431 23.15 29.01 11.33
CA CYS A 431 21.87 28.34 11.59
C CYS A 431 22.08 27.05 12.37
N ASP A 432 23.17 26.34 12.08
CA ASP A 432 23.59 25.18 12.87
C ASP A 432 23.74 25.55 14.35
N ARG A 433 24.41 26.66 14.60
CA ARG A 433 24.81 27.03 15.97
C ARG A 433 23.71 27.76 16.74
N TYR A 434 22.99 28.66 16.07
CA TYR A 434 21.88 29.37 16.71
C TYR A 434 20.59 28.55 16.76
N GLY A 435 20.41 27.64 15.81
CA GLY A 435 19.23 26.79 15.76
C GLY A 435 18.09 27.38 14.95
N LEU A 436 18.17 27.24 13.63
CA LEU A 436 17.06 27.48 12.72
C LEU A 436 16.98 26.33 11.74
N TYR A 437 15.77 25.92 11.39
CA TYR A 437 15.55 24.93 10.35
C TYR A 437 15.72 25.59 8.98
N VAL A 438 16.44 24.94 8.08
CA VAL A 438 16.76 25.55 6.79
C VAL A 438 16.24 24.72 5.61
N VAL A 439 15.56 25.40 4.68
CA VAL A 439 15.27 24.85 3.38
C VAL A 439 16.37 25.35 2.45
N ASP A 440 17.21 24.42 1.99
CA ASP A 440 18.28 24.73 1.06
C ASP A 440 17.79 24.52 -0.36
N GLU A 441 17.95 25.54 -1.19
CA GLU A 441 17.25 25.60 -2.47
C GLU A 441 18.20 25.84 -3.63
N ALA A 442 18.07 25.03 -4.68
CA ALA A 442 18.91 25.16 -5.87
C ALA A 442 18.68 26.49 -6.59
N ASN A 443 19.74 27.04 -7.17
CA ASN A 443 19.69 28.31 -7.91
C ASN A 443 19.05 28.10 -9.29
N ILE A 444 17.77 27.78 -9.30
CA ILE A 444 17.01 27.54 -10.53
C ILE A 444 15.64 28.22 -10.46
N GLU A 445 15.47 29.29 -11.23
CA GLU A 445 14.18 29.90 -11.45
C GLU A 445 14.06 30.38 -12.90
N THR A 446 12.99 29.94 -13.56
CA THR A 446 12.73 30.29 -14.96
C THR A 446 11.34 30.91 -15.10
N HIS A 447 10.96 31.76 -14.15
CA HIS A 447 9.62 32.33 -14.07
C HIS A 447 9.17 32.94 -15.39
N GLY A 448 10.07 33.70 -16.03
CA GLY A 448 9.74 34.45 -17.24
C GLY A 448 9.57 33.68 -18.54
N MET A 449 9.81 32.37 -18.50
CA MET A 449 9.60 31.52 -19.68
C MET A 449 8.10 31.31 -19.94
N VAL A 450 7.75 31.10 -21.21
CA VAL A 450 6.37 30.82 -21.59
C VAL A 450 6.30 29.51 -22.39
N PRO A 451 5.67 28.46 -21.83
CA PRO A 451 5.14 28.42 -20.47
C PRO A 451 6.30 28.26 -19.47
N MET A 452 5.99 28.25 -18.18
CA MET A 452 7.06 28.31 -17.17
C MET A 452 8.05 27.13 -17.24
N ASN A 453 7.61 25.99 -17.77
CA ASN A 453 8.47 24.82 -17.82
C ASN A 453 9.20 24.59 -19.15
N ARG A 454 9.31 25.62 -19.99
CA ARG A 454 9.90 25.45 -21.32
C ARG A 454 11.32 24.90 -21.27
N LEU A 455 12.10 25.34 -20.29
CA LEU A 455 13.48 24.89 -20.16
C LEU A 455 13.60 23.64 -19.29
N THR A 456 12.85 23.60 -18.19
CA THR A 456 12.93 22.52 -17.22
C THR A 456 12.31 21.21 -17.71
N ASP A 457 11.52 21.28 -18.78
CA ASP A 457 11.02 20.06 -19.40
C ASP A 457 11.88 19.63 -20.60
N ASP A 458 12.90 20.44 -20.89
CA ASP A 458 13.76 20.22 -22.05
C ASP A 458 15.03 19.50 -21.62
N PRO A 459 15.26 18.27 -22.12
CA PRO A 459 16.45 17.49 -21.74
C PRO A 459 17.76 18.19 -22.08
N ARG A 460 17.75 19.12 -23.03
CA ARG A 460 18.93 19.90 -23.36
C ARG A 460 19.40 20.77 -22.17
N TRP A 461 18.46 21.16 -21.31
CA TRP A 461 18.78 21.97 -20.12
C TRP A 461 18.96 21.14 -18.85
N LEU A 462 18.90 19.82 -18.97
CA LEU A 462 19.12 18.92 -17.83
C LEU A 462 20.53 19.01 -17.23
N PRO A 463 21.59 19.05 -18.05
CA PRO A 463 22.95 19.21 -17.49
C PRO A 463 23.15 20.48 -16.65
N ALA A 464 22.74 21.64 -17.18
CA ALA A 464 22.85 22.90 -16.42
C ALA A 464 22.05 22.86 -15.13
N MET A 465 20.83 22.34 -15.20
CA MET A 465 19.99 22.16 -14.00
C MET A 465 20.58 21.18 -13.00
N SER A 466 21.10 20.05 -13.49
CA SER A 466 21.66 19.01 -12.61
C SER A 466 22.80 19.54 -11.74
N GLU A 467 23.68 20.35 -12.33
CA GLU A 467 24.80 20.93 -11.59
C GLU A 467 24.36 21.91 -10.50
N ARG A 468 23.22 22.57 -10.70
CA ARG A 468 22.74 23.49 -9.67
C ARG A 468 22.16 22.75 -8.47
N VAL A 469 21.61 21.56 -8.73
CA VAL A 469 21.07 20.70 -7.68
C VAL A 469 22.18 19.87 -7.02
N THR A 470 22.94 19.14 -7.82
CA THR A 470 23.95 18.20 -7.31
C THR A 470 25.09 18.88 -6.57
N ARG A 471 25.53 20.04 -7.05
CA ARG A 471 26.66 20.74 -6.42
C ARG A 471 26.24 21.43 -5.13
N MET A 472 24.94 21.73 -5.00
CA MET A 472 24.37 22.21 -3.75
C MET A 472 24.38 21.11 -2.69
N VAL A 473 23.86 19.94 -3.03
CA VAL A 473 23.80 18.82 -2.10
C VAL A 473 25.21 18.44 -1.62
N GLN A 474 26.15 18.36 -2.56
CA GLN A 474 27.55 18.01 -2.26
C GLN A 474 28.21 19.01 -1.32
N ARG A 475 27.79 20.27 -1.38
CA ARG A 475 28.33 21.30 -0.52
C ARG A 475 27.71 21.31 0.89
N ASP A 476 26.40 21.14 0.99
CA ASP A 476 25.66 21.44 2.22
C ASP A 476 25.10 20.25 3.02
N ARG A 477 25.35 19.04 2.53
CA ARG A 477 24.71 17.83 3.06
C ARG A 477 25.08 17.46 4.50
N ASN A 478 26.15 18.04 5.02
CA ASN A 478 26.59 17.75 6.39
C ASN A 478 26.06 18.74 7.43
N HIS A 479 25.37 19.80 6.98
CA HIS A 479 24.79 20.79 7.88
C HIS A 479 23.48 20.28 8.50
N PRO A 480 23.46 20.13 9.84
CA PRO A 480 22.25 19.70 10.53
C PRO A 480 21.05 20.65 10.32
N SER A 481 21.31 21.95 10.17
CA SER A 481 20.22 22.94 10.04
C SER A 481 19.40 22.73 8.77
N VAL A 482 20.06 22.26 7.71
CA VAL A 482 19.37 21.93 6.47
C VAL A 482 18.54 20.67 6.74
N ILE A 483 17.22 20.83 6.71
CA ILE A 483 16.30 19.70 6.92
C ILE A 483 15.56 19.29 5.66
N ILE A 484 15.48 20.20 4.69
CA ILE A 484 14.74 19.98 3.43
C ILE A 484 15.50 20.56 2.23
N TRP A 485 15.60 19.79 1.15
CA TRP A 485 16.11 20.29 -0.14
C TRP A 485 15.00 20.82 -1.01
N SER A 486 15.24 21.93 -1.69
CA SER A 486 14.31 22.44 -2.70
C SER A 486 14.96 22.47 -4.09
N LEU A 487 14.16 22.16 -5.11
CA LEU A 487 14.64 22.09 -6.49
C LEU A 487 14.68 23.46 -7.19
N GLY A 488 14.38 24.51 -6.43
CA GLY A 488 14.29 25.84 -7.00
C GLY A 488 12.88 26.36 -6.86
N THR A 489 12.51 27.30 -7.72
CA THR A 489 11.23 27.96 -7.63
C THR A 489 10.72 28.42 -8.99
N GLU A 490 9.40 28.54 -9.13
CA GLU A 490 8.79 29.11 -10.32
C GLU A 490 9.45 28.68 -11.62
N SER A 491 9.51 27.37 -11.87
CA SER A 491 10.07 26.89 -13.12
C SER A 491 9.17 25.84 -13.72
N GLY A 492 7.88 25.95 -13.42
CA GLY A 492 6.88 24.97 -13.84
C GLY A 492 7.22 23.59 -13.31
N HIS A 493 6.61 22.56 -13.90
CA HIS A 493 6.99 21.19 -13.61
C HIS A 493 7.42 20.50 -14.89
N GLY A 494 8.70 20.13 -14.94
CA GLY A 494 9.26 19.47 -16.11
C GLY A 494 9.91 18.16 -15.73
N ALA A 495 10.18 17.32 -16.74
CA ALA A 495 10.80 16.02 -16.54
C ALA A 495 12.16 16.12 -15.85
N ASN A 496 12.85 17.24 -16.05
CA ASN A 496 14.13 17.47 -15.38
C ASN A 496 13.97 17.55 -13.86
N HIS A 497 12.86 18.10 -13.39
CA HIS A 497 12.57 18.13 -11.95
C HIS A 497 12.42 16.71 -11.39
N ASP A 498 11.69 15.87 -12.11
CA ASP A 498 11.50 14.48 -11.68
C ASP A 498 12.81 13.70 -11.58
N ALA A 499 13.66 13.85 -12.59
CA ALA A 499 14.98 13.22 -12.59
C ALA A 499 15.83 13.65 -11.39
N LEU A 500 15.87 14.95 -11.13
CA LEU A 500 16.69 15.51 -10.05
C LEU A 500 16.10 15.26 -8.66
N TYR A 501 14.77 15.22 -8.57
CA TYR A 501 14.10 14.80 -7.36
C TYR A 501 14.58 13.40 -6.95
N ARG A 502 14.53 12.46 -7.90
CA ARG A 502 14.99 11.08 -7.65
C ARG A 502 16.47 10.99 -7.31
N TRP A 503 17.31 11.78 -8.00
CA TRP A 503 18.74 11.84 -7.69
C TRP A 503 18.99 12.16 -6.22
N ILE A 504 18.29 13.18 -5.69
CA ILE A 504 18.47 13.57 -4.29
C ILE A 504 17.99 12.47 -3.34
N LYS A 505 16.82 11.91 -3.62
CA LYS A 505 16.24 10.83 -2.82
C LYS A 505 17.20 9.65 -2.74
N SER A 506 17.89 9.39 -3.85
CA SER A 506 18.86 8.31 -3.95
C SER A 506 20.16 8.63 -3.20
N VAL A 507 20.63 9.86 -3.34
CA VAL A 507 21.93 10.29 -2.79
C VAL A 507 21.86 10.68 -1.30
N ASP A 508 20.72 11.23 -0.89
CA ASP A 508 20.55 11.64 0.50
C ASP A 508 19.13 11.32 0.97
N PRO A 509 18.91 10.10 1.49
CA PRO A 509 17.58 9.72 2.00
C PRO A 509 17.22 10.39 3.33
N SER A 510 18.16 11.18 3.89
CA SER A 510 17.95 11.78 5.21
C SER A 510 17.01 12.99 5.23
N ARG A 511 16.77 13.58 4.06
CA ARG A 511 15.98 14.81 3.96
C ARG A 511 14.87 14.71 2.92
N PRO A 512 13.68 15.24 3.24
CA PRO A 512 12.64 15.39 2.24
C PRO A 512 13.05 16.36 1.15
N VAL A 513 12.49 16.17 -0.04
CA VAL A 513 12.69 17.07 -1.17
C VAL A 513 11.36 17.75 -1.47
N GLN A 514 11.38 19.07 -1.59
CA GLN A 514 10.19 19.79 -1.99
C GLN A 514 10.44 20.65 -3.22
N TYR A 515 9.35 21.01 -3.89
CA TYR A 515 9.37 21.89 -5.05
C TYR A 515 7.93 22.29 -5.35
N GLU A 516 7.68 23.60 -5.47
CA GLU A 516 6.32 24.13 -5.62
C GLU A 516 5.77 24.18 -7.05
N GLY A 517 6.65 24.20 -8.04
CA GLY A 517 6.22 24.42 -9.44
C GLY A 517 5.28 23.38 -10.00
N GLY A 518 4.37 23.83 -10.86
CA GLY A 518 3.39 22.94 -11.50
C GLY A 518 2.22 22.57 -10.61
N GLY A 519 1.99 23.36 -9.56
CA GLY A 519 0.79 23.21 -8.76
C GLY A 519 1.00 22.75 -7.33
N ALA A 520 2.26 22.73 -6.89
CA ALA A 520 2.63 22.54 -5.48
C ALA A 520 2.46 21.11 -4.92
N ASP A 521 1.91 20.20 -5.73
CA ASP A 521 1.65 18.84 -5.26
C ASP A 521 2.00 17.77 -6.29
N THR A 522 2.98 18.09 -7.13
CA THR A 522 3.44 17.19 -8.21
C THR A 522 4.20 15.99 -7.67
N THR A 523 4.65 15.13 -8.58
CA THR A 523 5.44 13.95 -8.26
C THR A 523 6.88 14.31 -7.86
N ALA A 524 7.24 15.59 -8.00
CA ALA A 524 8.57 16.07 -7.64
C ALA A 524 8.63 16.76 -6.26
N THR A 525 7.65 16.47 -5.40
CA THR A 525 7.62 17.05 -4.04
C THR A 525 7.06 16.09 -2.96
N ASP A 526 7.78 16.00 -1.84
CA ASP A 526 7.37 15.18 -0.69
C ASP A 526 6.38 15.92 0.21
N ILE A 527 6.28 17.23 0.00
CA ILE A 527 5.50 18.12 0.84
C ILE A 527 4.65 18.99 -0.09
N ILE A 528 3.36 19.13 0.24
CA ILE A 528 2.49 20.05 -0.51
C ILE A 528 2.94 21.44 -0.07
N CYS A 529 3.56 22.18 -0.99
CA CYS A 529 4.24 23.42 -0.61
C CYS A 529 3.78 24.65 -1.40
N PRO A 530 2.49 25.03 -1.28
CA PRO A 530 1.94 26.08 -2.13
C PRO A 530 2.46 27.48 -1.77
N MET A 531 2.27 28.42 -2.70
CA MET A 531 2.59 29.82 -2.46
C MET A 531 1.28 30.60 -2.46
N TYR A 532 1.00 31.25 -1.33
CA TYR A 532 -0.15 32.15 -1.17
C TYR A 532 -1.51 31.45 -1.36
N ALA A 533 -1.54 30.13 -1.09
CA ALA A 533 -2.81 29.44 -0.96
C ALA A 533 -3.47 29.99 0.30
N ARG A 534 -4.76 30.23 0.22
CA ARG A 534 -5.49 30.88 1.31
C ARG A 534 -6.04 29.83 2.28
N VAL A 535 -6.48 30.28 3.45
CA VAL A 535 -6.89 29.36 4.51
C VAL A 535 -8.19 28.64 4.16
N ASP A 536 -9.22 29.42 3.84
CA ASP A 536 -10.58 28.90 3.61
C ASP A 536 -11.04 29.06 2.16
N GLU A 537 -10.47 30.03 1.46
CA GLU A 537 -10.88 30.38 0.10
C GLU A 537 -10.08 29.66 -0.98
N ASP A 538 -10.76 28.88 -1.80
CA ASP A 538 -10.20 28.30 -3.02
C ASP A 538 -9.92 29.36 -4.09
N GLN A 539 -8.80 29.22 -4.78
CA GLN A 539 -8.54 29.98 -6.01
C GLN A 539 -8.32 28.96 -7.11
N PRO A 540 -9.40 28.55 -7.77
CA PRO A 540 -9.31 27.40 -8.68
C PRO A 540 -8.79 27.76 -10.08
N PHE A 541 -7.56 28.28 -10.17
CA PHE A 541 -6.92 28.55 -11.47
C PHE A 541 -6.89 27.28 -12.31
N PRO A 542 -7.01 27.41 -13.64
CA PRO A 542 -6.78 26.24 -14.49
C PRO A 542 -5.37 25.67 -14.28
N ALA A 543 -5.29 24.33 -14.26
CA ALA A 543 -4.03 23.57 -14.24
C ALA A 543 -3.21 23.65 -12.95
N VAL A 544 -3.14 24.84 -12.36
CA VAL A 544 -2.40 25.04 -11.12
C VAL A 544 -3.26 25.73 -10.05
N PRO A 545 -4.38 25.09 -9.64
CA PRO A 545 -5.23 25.75 -8.65
C PRO A 545 -4.54 25.90 -7.30
N LYS A 546 -4.88 26.95 -6.56
CA LYS A 546 -4.44 27.09 -5.18
C LYS A 546 -5.65 26.83 -4.29
N TRP A 547 -5.77 25.59 -3.85
CA TRP A 547 -6.88 25.20 -2.98
C TRP A 547 -6.71 25.82 -1.61
N SER A 548 -7.84 26.08 -0.96
CA SER A 548 -7.86 26.32 0.47
C SER A 548 -6.94 25.28 1.11
N ILE A 549 -6.04 25.71 1.99
CA ILE A 549 -5.04 24.77 2.53
C ILE A 549 -5.71 23.62 3.30
N LYS A 550 -6.83 23.91 3.95
CA LYS A 550 -7.58 22.91 4.71
C LYS A 550 -8.20 21.87 3.76
N LYS A 551 -8.69 22.36 2.63
CA LYS A 551 -9.25 21.50 1.57
C LYS A 551 -8.17 20.66 0.89
N TRP A 552 -7.02 21.28 0.63
CA TRP A 552 -5.93 20.64 -0.11
C TRP A 552 -5.48 19.33 0.55
N LEU A 553 -5.42 19.32 1.88
CA LEU A 553 -4.97 18.16 2.64
C LEU A 553 -5.79 16.89 2.40
N SER A 554 -7.09 17.07 2.20
CA SER A 554 -8.01 15.94 2.16
C SER A 554 -8.54 15.62 0.77
N LEU A 555 -7.91 16.20 -0.26
CA LEU A 555 -8.30 15.86 -1.63
C LEU A 555 -8.14 14.36 -1.81
N PRO A 556 -9.04 13.73 -2.58
CA PRO A 556 -9.01 12.27 -2.71
C PRO A 556 -7.60 11.76 -3.02
N GLY A 557 -7.11 10.83 -2.21
CA GLY A 557 -5.79 10.21 -2.42
C GLY A 557 -4.59 10.95 -1.83
N GLU A 558 -4.80 12.18 -1.35
CA GLU A 558 -3.71 12.98 -0.81
C GLU A 558 -3.40 12.62 0.65
N THR A 559 -2.12 12.47 0.96
CA THR A 559 -1.69 12.10 2.31
C THR A 559 -0.51 12.93 2.84
N ARG A 560 0.10 13.76 1.99
CA ARG A 560 1.31 14.50 2.34
C ARG A 560 1.09 15.64 3.34
N PRO A 561 2.15 16.05 4.07
CA PRO A 561 2.07 17.26 4.88
C PRO A 561 1.99 18.52 3.99
N LEU A 562 1.40 19.59 4.51
CA LEU A 562 1.35 20.85 3.78
C LEU A 562 2.10 21.93 4.55
N ILE A 563 3.10 22.50 3.91
CA ILE A 563 3.86 23.63 4.48
C ILE A 563 4.02 24.65 3.35
N LEU A 564 3.42 25.83 3.51
CA LEU A 564 3.51 26.85 2.45
C LEU A 564 4.95 27.31 2.31
N CYS A 565 5.50 27.26 1.10
CA CYS A 565 6.85 27.76 0.89
C CYS A 565 6.85 29.30 0.86
N GLU A 566 5.67 29.88 0.57
CA GLU A 566 5.44 31.33 0.64
C GLU A 566 4.00 31.62 1.05
N TYR A 567 3.82 32.52 2.01
CA TYR A 567 2.49 33.01 2.38
C TYR A 567 2.58 34.36 3.08
N ALA A 568 1.43 35.01 3.25
CA ALA A 568 1.34 36.29 3.97
C ALA A 568 2.35 37.28 3.40
N HIS A 569 2.10 37.69 2.17
CA HIS A 569 2.96 38.61 1.44
C HIS A 569 3.02 39.96 2.17
N ALA A 570 4.17 40.25 2.76
CA ALA A 570 4.34 41.36 3.71
C ALA A 570 4.75 42.68 3.07
N MET A 571 4.13 42.99 1.93
CA MET A 571 4.46 44.17 1.15
C MET A 571 3.74 45.41 1.68
N GLY A 572 4.53 46.35 2.22
CA GLY A 572 3.98 47.58 2.77
C GLY A 572 3.12 47.33 3.98
N ASN A 573 2.01 48.04 4.05
CA ASN A 573 1.03 47.85 5.12
C ASN A 573 0.29 46.54 4.87
N SER A 574 0.77 45.46 5.48
CA SER A 574 0.29 44.12 5.14
C SER A 574 0.26 43.17 6.35
N LEU A 575 0.13 41.87 6.07
CA LEU A 575 -0.09 40.82 7.07
C LEU A 575 -1.51 40.81 7.65
N GLY A 576 -2.45 41.47 6.98
CA GLY A 576 -3.86 41.30 7.30
C GLY A 576 -4.22 39.84 7.11
N GLY A 577 -4.90 39.26 8.10
CA GLY A 577 -5.34 37.86 8.02
C GLY A 577 -4.30 36.84 8.47
N PHE A 578 -3.19 37.31 9.04
CA PHE A 578 -2.12 36.43 9.51
C PHE A 578 -2.60 35.44 10.58
N ALA A 579 -3.46 35.91 11.47
CA ALA A 579 -3.97 35.08 12.56
C ALA A 579 -4.81 33.90 12.06
N LYS A 580 -5.43 34.06 10.90
CA LYS A 580 -6.23 32.99 10.31
C LYS A 580 -5.36 31.79 9.93
N TYR A 581 -4.19 32.07 9.37
CA TYR A 581 -3.21 31.01 9.07
C TYR A 581 -2.81 30.24 10.33
N TRP A 582 -2.45 30.97 11.38
CA TRP A 582 -1.97 30.34 12.62
C TRP A 582 -3.04 29.53 13.37
N GLN A 583 -4.29 30.00 13.35
CA GLN A 583 -5.39 29.19 13.90
C GLN A 583 -5.50 27.85 13.16
N ALA A 584 -5.38 27.88 11.84
CA ALA A 584 -5.49 26.66 11.02
C ALA A 584 -4.28 25.75 11.22
N PHE A 585 -3.09 26.36 11.25
CA PHE A 585 -1.87 25.60 11.55
C PHE A 585 -2.03 24.82 12.84
N ARG A 586 -2.53 25.48 13.88
CA ARG A 586 -2.66 24.84 15.20
C ARG A 586 -3.76 23.77 15.25
N GLN A 587 -4.85 23.99 14.52
CA GLN A 587 -5.96 23.05 14.52
C GLN A 587 -5.70 21.76 13.72
N TYR A 588 -5.06 21.88 12.55
CA TYR A 588 -4.87 20.74 11.64
C TYR A 588 -3.48 20.15 11.76
N PRO A 589 -3.37 18.90 12.24
CA PRO A 589 -2.04 18.29 12.38
C PRO A 589 -1.17 18.40 11.10
N ARG A 590 -1.74 18.07 9.95
CA ARG A 590 -0.96 18.07 8.71
C ARG A 590 -0.72 19.46 8.08
N LEU A 591 -1.33 20.50 8.63
CA LEU A 591 -0.93 21.87 8.27
C LEU A 591 0.24 22.26 9.18
N GLN A 592 1.45 22.16 8.66
CA GLN A 592 2.63 22.32 9.53
C GLN A 592 3.39 23.64 9.36
N GLY A 593 2.67 24.67 8.92
CA GLY A 593 3.21 26.01 8.92
C GLY A 593 3.52 26.53 7.53
N GLY A 594 4.52 27.38 7.45
CA GLY A 594 4.90 28.00 6.20
C GLY A 594 6.00 29.02 6.39
N PHE A 595 6.42 29.62 5.28
CA PHE A 595 7.48 30.62 5.28
C PHE A 595 6.93 31.92 4.74
N VAL A 596 6.87 32.93 5.60
CA VAL A 596 6.44 34.28 5.21
C VAL A 596 7.29 34.82 4.06
N TRP A 597 6.64 35.53 3.14
CA TRP A 597 7.33 36.32 2.13
C TRP A 597 7.21 37.82 2.44
N ASP A 598 8.30 38.47 2.85
CA ASP A 598 9.58 37.81 3.17
C ASP A 598 10.27 38.57 4.29
N TRP A 599 11.57 38.32 4.48
CA TRP A 599 12.27 38.90 5.63
C TRP A 599 12.54 40.40 5.53
N VAL A 600 13.24 40.83 4.48
CA VAL A 600 13.75 42.19 4.41
C VAL A 600 13.42 42.88 3.07
N ASP A 601 12.94 44.13 3.15
CA ASP A 601 12.77 44.98 1.97
C ASP A 601 14.05 45.02 1.15
N GLN A 602 13.92 44.79 -0.16
CA GLN A 602 15.06 44.93 -1.07
C GLN A 602 15.19 46.37 -1.59
N SER A 603 15.20 47.34 -0.68
CA SER A 603 15.46 48.72 -1.06
C SER A 603 16.98 48.98 -1.03
N LEU A 604 17.42 49.94 -1.83
CA LEU A 604 18.84 50.31 -1.91
C LEU A 604 19.02 51.79 -1.61
N ILE A 605 20.13 52.15 -0.98
CA ILE A 605 20.41 53.53 -0.60
C ILE A 605 20.95 54.34 -1.78
N LYS A 606 20.24 55.42 -2.11
CA LYS A 606 20.75 56.47 -3.00
C LYS A 606 20.91 57.75 -2.19
N TYR A 607 21.65 58.72 -2.73
CA TYR A 607 21.92 59.98 -2.03
C TYR A 607 21.44 61.17 -2.85
N ASP A 608 20.79 62.13 -2.20
CA ASP A 608 20.32 63.33 -2.90
C ASP A 608 21.43 64.37 -3.05
N GLU A 609 21.10 65.52 -3.62
CA GLU A 609 22.07 66.59 -3.88
C GLU A 609 22.81 67.09 -2.64
N ASN A 610 22.16 66.98 -1.47
CA ASN A 610 22.77 67.35 -0.20
C ASN A 610 23.58 66.22 0.42
N GLY A 611 23.61 65.06 -0.25
CA GLY A 611 24.32 63.88 0.24
C GLY A 611 23.57 63.13 1.33
N ASN A 612 22.26 63.32 1.39
CA ASN A 612 21.42 62.63 2.36
C ASN A 612 20.85 61.35 1.77
N PRO A 613 20.97 60.23 2.51
CA PRO A 613 20.54 58.93 2.00
C PRO A 613 19.02 58.79 1.91
N TRP A 614 18.56 58.10 0.89
CA TRP A 614 17.15 57.69 0.81
C TRP A 614 16.99 56.29 0.26
N SER A 615 15.83 55.68 0.50
CA SER A 615 15.58 54.30 0.08
C SER A 615 14.98 54.25 -1.31
N ALA A 616 15.66 53.51 -2.18
CA ALA A 616 15.28 53.41 -3.59
C ALA A 616 14.74 52.03 -3.95
N TYR A 617 13.86 52.00 -4.94
CA TYR A 617 13.35 50.75 -5.47
C TYR A 617 13.39 50.70 -7.00
N GLY A 618 12.65 49.77 -7.61
CA GLY A 618 12.68 49.59 -9.06
C GLY A 618 12.49 50.88 -9.84
N GLY A 619 13.38 51.12 -10.80
CA GLY A 619 13.30 52.31 -11.67
C GLY A 619 14.13 53.49 -11.21
N ASP A 620 14.57 53.48 -9.96
CA ASP A 620 15.31 54.62 -9.38
C ASP A 620 16.76 54.70 -9.83
N PHE A 621 17.20 53.75 -10.63
CA PHE A 621 18.57 53.74 -11.15
C PHE A 621 18.56 53.90 -12.66
N GLY A 622 17.40 54.25 -13.20
CA GLY A 622 17.20 54.36 -14.64
C GLY A 622 16.84 53.02 -15.27
N ASP A 623 16.81 51.97 -14.44
CA ASP A 623 16.49 50.62 -14.90
C ASP A 623 15.07 50.54 -15.46
N THR A 624 14.97 50.03 -16.68
CA THR A 624 13.71 49.96 -17.40
C THR A 624 13.76 48.85 -18.48
N PRO A 625 12.72 48.01 -18.57
CA PRO A 625 11.54 47.92 -17.70
C PRO A 625 11.92 47.56 -16.26
N ASN A 626 11.06 47.94 -15.32
CA ASN A 626 11.27 47.65 -13.90
C ASN A 626 9.92 47.39 -13.23
N ASP A 627 9.96 46.75 -12.06
CA ASP A 627 8.72 46.46 -11.32
C ASP A 627 8.55 47.26 -10.02
N ARG A 628 9.12 48.46 -10.01
CA ARG A 628 8.84 49.47 -9.00
C ARG A 628 9.04 48.96 -7.56
N GLN A 629 8.05 49.19 -6.70
CA GLN A 629 8.17 48.85 -5.28
C GLN A 629 8.02 47.37 -4.93
N PHE A 630 7.77 46.54 -5.96
CA PHE A 630 7.50 45.12 -5.74
C PHE A 630 8.71 44.31 -5.20
N CYS A 631 9.86 44.97 -5.11
CA CYS A 631 11.04 44.40 -4.46
C CYS A 631 11.04 44.60 -2.94
N MET A 632 10.03 45.30 -2.43
CA MET A 632 9.93 45.57 -0.99
C MET A 632 8.73 44.84 -0.40
N ASN A 633 9.01 43.65 0.15
CA ASN A 633 7.99 42.73 0.65
C ASN A 633 8.31 42.29 2.08
N GLY A 634 9.22 43.01 2.72
CA GLY A 634 9.80 42.54 3.98
C GLY A 634 9.02 42.82 5.25
N LEU A 635 9.30 42.01 6.27
CA LEU A 635 8.84 42.28 7.63
C LEU A 635 9.70 43.35 8.30
N VAL A 636 10.92 43.54 7.79
CA VAL A 636 11.81 44.59 8.26
C VAL A 636 12.27 45.45 7.08
N PHE A 637 12.57 46.72 7.36
CA PHE A 637 13.21 47.62 6.41
C PHE A 637 14.60 47.10 6.07
N ALA A 638 15.17 47.59 4.97
CA ALA A 638 16.48 47.14 4.53
C ALA A 638 17.56 47.27 5.63
N ASP A 639 17.40 48.25 6.53
CA ASP A 639 18.37 48.46 7.61
C ASP A 639 18.01 47.66 8.87
N ARG A 640 16.99 46.80 8.72
CA ARG A 640 16.56 45.83 9.75
C ARG A 640 15.70 46.42 10.87
N THR A 641 15.24 47.66 10.67
CA THR A 641 14.21 48.26 11.51
C THR A 641 12.91 47.52 11.20
N PRO A 642 12.19 47.07 12.25
CA PRO A 642 10.95 46.34 12.01
C PRO A 642 9.87 47.19 11.37
N HIS A 643 9.11 46.58 10.45
CA HIS A 643 7.80 47.07 10.06
C HIS A 643 6.84 46.69 11.19
N PRO A 644 5.68 47.38 11.31
CA PRO A 644 4.68 46.98 12.30
C PRO A 644 4.27 45.51 12.24
N ALA A 645 4.19 44.94 11.03
CA ALA A 645 3.76 43.54 10.84
C ALA A 645 4.59 42.51 11.61
N LEU A 646 5.87 42.82 11.84
CA LEU A 646 6.76 41.89 12.54
C LEU A 646 6.18 41.44 13.88
N THR A 647 5.59 42.39 14.62
CA THR A 647 5.04 42.08 15.95
C THR A 647 3.80 41.19 15.87
N GLU A 648 3.00 41.36 14.81
CA GLU A 648 1.88 40.44 14.54
C GLU A 648 2.38 39.01 14.29
N ALA A 649 3.46 38.87 13.51
CA ALA A 649 4.11 37.58 13.33
C ALA A 649 4.64 36.98 14.64
N LYS A 650 5.36 37.79 15.43
CA LYS A 650 5.88 37.35 16.72
C LYS A 650 4.78 36.79 17.63
N HIS A 651 3.67 37.52 17.72
CA HIS A 651 2.55 37.14 18.57
C HIS A 651 1.87 35.85 18.11
N GLN A 652 1.62 35.74 16.80
CA GLN A 652 0.95 34.56 16.26
C GLN A 652 1.85 33.32 16.29
N GLN A 653 3.16 33.55 16.25
CA GLN A 653 4.14 32.47 16.27
C GLN A 653 4.63 32.11 17.67
N GLN A 654 3.94 32.63 18.69
CA GLN A 654 4.26 32.36 20.10
C GLN A 654 4.33 30.85 20.38
N PHE A 655 5.20 30.46 21.30
CA PHE A 655 5.36 29.05 21.66
C PHE A 655 4.56 28.67 22.90
N PHE A 656 3.89 29.65 23.51
CA PHE A 656 3.00 29.38 24.64
C PHE A 656 1.57 29.85 24.32
N GLN A 657 0.62 28.95 24.55
CA GLN A 657 -0.80 29.26 24.34
C GLN A 657 -1.48 29.42 25.69
N PHE A 658 -2.54 30.22 25.74
CA PHE A 658 -3.20 30.53 27.01
C PHE A 658 -4.70 30.40 26.95
N ARG A 659 -5.29 29.87 28.02
CA ARG A 659 -6.74 29.91 28.21
C ARG A 659 -7.03 30.47 29.60
N LEU A 660 -8.16 31.16 29.71
CA LEU A 660 -8.62 31.66 31.01
C LEU A 660 -9.95 31.03 31.38
N SER A 661 -10.04 30.56 32.62
CA SER A 661 -11.28 30.04 33.19
C SER A 661 -11.35 30.45 34.65
N GLY A 662 -12.25 31.37 34.97
CA GLY A 662 -12.37 31.90 36.32
C GLY A 662 -11.12 32.65 36.74
N GLN A 663 -10.48 32.15 37.79
CA GLN A 663 -9.24 32.73 38.30
C GLN A 663 -8.00 31.96 37.77
N THR A 664 -8.25 30.95 36.94
CA THR A 664 -7.19 30.04 36.47
C THR A 664 -6.74 30.32 35.03
N ILE A 665 -5.44 30.57 34.88
CA ILE A 665 -4.80 30.64 33.57
C ILE A 665 -4.16 29.29 33.26
N GLU A 666 -4.51 28.74 32.10
CA GLU A 666 -3.91 27.51 31.63
C GLU A 666 -2.83 27.84 30.60
N VAL A 667 -1.60 27.48 30.89
CA VAL A 667 -0.50 27.70 29.96
C VAL A 667 -0.12 26.40 29.27
N THR A 668 -0.15 26.41 27.94
CA THR A 668 0.21 25.25 27.14
C THR A 668 1.49 25.54 26.35
N SER A 669 2.45 24.62 26.44
CA SER A 669 3.70 24.75 25.70
C SER A 669 3.59 24.13 24.31
N GLU A 670 4.08 24.85 23.31
CA GLU A 670 4.18 24.31 21.96
C GLU A 670 5.60 23.87 21.62
N TYR A 671 6.51 24.00 22.57
CA TYR A 671 7.84 23.42 22.41
C TYR A 671 7.73 21.90 22.34
N LEU A 672 8.52 21.29 21.46
CA LEU A 672 8.48 19.85 21.25
C LEU A 672 9.54 19.14 22.09
N PHE A 673 10.62 19.86 22.42
CA PHE A 673 11.76 19.22 23.09
C PHE A 673 12.15 19.88 24.41
N ARG A 674 12.09 21.20 24.46
CA ARG A 674 12.58 21.90 25.63
C ARG A 674 11.50 22.19 26.67
N HIS A 675 11.90 22.10 27.93
CA HIS A 675 11.13 22.51 29.09
C HIS A 675 11.26 24.03 29.23
N SER A 676 10.28 24.66 29.88
CA SER A 676 10.31 26.12 30.04
C SER A 676 11.25 26.58 31.15
N ASP A 677 12.55 26.33 30.97
CA ASP A 677 13.55 26.57 32.03
C ASP A 677 14.13 28.00 32.06
N ASN A 678 13.62 28.87 31.20
CA ASN A 678 14.05 30.27 31.19
C ASN A 678 12.85 31.19 30.93
N GLU A 679 11.80 30.98 31.72
CA GLU A 679 10.53 31.65 31.51
C GLU A 679 9.82 31.90 32.84
N LEU A 680 9.30 33.11 33.00
CA LEU A 680 8.35 33.39 34.07
C LEU A 680 7.13 34.12 33.51
N LEU A 681 5.98 33.92 34.13
CA LEU A 681 4.76 34.57 33.70
C LEU A 681 4.48 35.79 34.55
N HIS A 682 4.50 36.96 33.91
CA HIS A 682 4.07 38.19 34.54
C HIS A 682 2.62 38.43 34.16
N TRP A 683 1.81 38.79 35.15
CA TRP A 683 0.41 39.13 34.91
C TRP A 683 0.10 40.51 35.48
N MET A 684 -0.84 41.21 34.85
CA MET A 684 -1.24 42.54 35.27
C MET A 684 -2.73 42.72 35.00
N VAL A 685 -3.43 43.29 35.98
CA VAL A 685 -4.81 43.70 35.81
C VAL A 685 -4.90 45.22 35.89
N ALA A 686 -5.56 45.83 34.90
CA ALA A 686 -5.74 47.27 34.87
C ALA A 686 -7.19 47.64 34.60
N LEU A 687 -7.63 48.75 35.17
CA LEU A 687 -8.96 49.29 34.88
C LEU A 687 -8.82 50.46 33.92
N ASP A 688 -9.22 50.24 32.67
CA ASP A 688 -9.05 51.25 31.61
C ASP A 688 -7.66 51.91 31.69
N GLY A 689 -6.62 51.08 31.76
CA GLY A 689 -5.23 51.55 31.76
C GLY A 689 -4.60 51.86 33.11
N LYS A 690 -5.42 51.87 34.17
CA LYS A 690 -4.93 52.15 35.52
C LYS A 690 -4.63 50.84 36.22
N PRO A 691 -3.33 50.59 36.52
CA PRO A 691 -2.92 49.32 37.12
C PRO A 691 -3.58 49.08 38.47
N LEU A 692 -4.15 47.89 38.63
CA LEU A 692 -4.89 47.50 39.82
C LEU A 692 -4.08 46.50 40.65
N ALA A 693 -3.60 45.45 40.00
CA ALA A 693 -2.76 44.43 40.62
C ALA A 693 -1.81 43.80 39.59
N SER A 694 -0.68 43.29 40.07
CA SER A 694 0.26 42.55 39.22
C SER A 694 1.04 41.56 40.05
N GLY A 695 1.53 40.52 39.39
CA GLY A 695 2.39 39.52 40.04
C GLY A 695 3.22 38.75 39.04
N GLU A 696 4.03 37.82 39.57
CA GLU A 696 4.88 36.94 38.78
C GLU A 696 4.74 35.50 39.25
N VAL A 697 4.78 34.57 38.31
CA VAL A 697 4.80 33.13 38.63
C VAL A 697 5.80 32.45 37.69
N PRO A 698 6.74 31.66 38.23
CA PRO A 698 7.63 30.87 37.38
C PRO A 698 6.87 29.89 36.49
N LEU A 699 7.31 29.77 35.23
CA LEU A 699 6.78 28.76 34.33
C LEU A 699 7.58 27.46 34.42
N ASP A 700 6.87 26.36 34.61
CA ASP A 700 7.45 25.04 34.74
C ASP A 700 6.59 24.10 33.88
N VAL A 701 6.71 24.24 32.55
CA VAL A 701 5.89 23.48 31.60
C VAL A 701 6.76 22.58 30.73
N ALA A 702 6.45 21.29 30.74
CA ALA A 702 7.12 20.31 29.88
C ALA A 702 6.78 20.56 28.40
N PRO A 703 7.60 20.04 27.47
CA PRO A 703 7.22 20.18 26.06
C PRO A 703 5.84 19.57 25.79
N GLN A 704 4.98 20.33 25.10
CA GLN A 704 3.57 19.95 24.86
C GLN A 704 2.74 19.81 26.13
N GLY A 705 3.29 20.26 27.26
CA GLY A 705 2.61 20.13 28.55
C GLY A 705 1.71 21.30 28.89
N LYS A 706 1.10 21.23 30.07
CA LYS A 706 0.20 22.27 30.57
C LYS A 706 0.53 22.61 32.02
N GLN A 707 0.33 23.87 32.37
CA GLN A 707 0.46 24.35 33.74
C GLN A 707 -0.73 25.24 34.08
N LEU A 708 -1.29 25.05 35.27
CA LEU A 708 -2.42 25.84 35.73
C LEU A 708 -1.97 26.84 36.79
N ILE A 709 -2.24 28.11 36.52
CA ILE A 709 -1.87 29.19 37.43
C ILE A 709 -3.13 29.86 37.98
N GLU A 710 -3.30 29.75 39.29
CA GLU A 710 -4.43 30.34 39.99
C GLU A 710 -4.06 31.76 40.42
N LEU A 711 -4.78 32.74 39.86
CA LEU A 711 -4.59 34.14 40.26
C LEU A 711 -5.19 34.39 41.63
N PRO A 712 -4.54 35.27 42.43
CA PRO A 712 -5.12 35.65 43.73
C PRO A 712 -6.43 36.44 43.55
N GLU A 713 -7.24 36.46 44.60
CA GLU A 713 -8.50 37.20 44.58
C GLU A 713 -8.22 38.67 44.33
N LEU A 714 -8.64 39.16 43.16
CA LEU A 714 -8.39 40.53 42.76
C LEU A 714 -9.34 41.49 43.47
N PRO A 715 -8.82 42.65 43.93
CA PRO A 715 -9.67 43.64 44.57
C PRO A 715 -10.71 44.20 43.60
N GLN A 716 -11.90 44.51 44.10
CA GLN A 716 -12.95 45.10 43.26
C GLN A 716 -12.61 46.54 42.91
N PRO A 717 -12.80 46.92 41.63
CA PRO A 717 -12.51 48.26 41.13
C PRO A 717 -13.28 49.35 41.86
N GLU A 718 -12.62 50.49 42.07
CA GLU A 718 -13.19 51.61 42.81
C GLU A 718 -14.14 52.47 41.96
N SER A 719 -14.18 52.21 40.66
CA SER A 719 -15.01 52.98 39.74
C SER A 719 -15.48 52.17 38.52
N ALA A 720 -16.16 52.84 37.61
CA ALA A 720 -16.69 52.23 36.39
C ALA A 720 -15.58 51.97 35.37
N GLY A 721 -15.85 51.07 34.43
CA GLY A 721 -14.92 50.77 33.36
C GLY A 721 -14.65 49.30 33.19
N GLN A 722 -13.80 48.97 32.21
CA GLN A 722 -13.44 47.58 31.90
C GLN A 722 -12.10 47.18 32.51
N LEU A 723 -12.12 46.09 33.29
CA LEU A 723 -10.90 45.44 33.78
C LEU A 723 -10.30 44.55 32.68
N TRP A 724 -9.00 44.70 32.47
CA TRP A 724 -8.26 43.91 31.48
C TRP A 724 -7.15 43.14 32.18
N LEU A 725 -7.03 41.86 31.84
CA LEU A 725 -5.89 41.04 32.28
C LEU A 725 -4.91 40.91 31.12
N THR A 726 -3.64 41.23 31.39
CA THR A 726 -2.57 41.01 30.42
C THR A 726 -1.55 40.07 31.04
N VAL A 727 -1.12 39.06 30.27
CA VAL A 727 -0.01 38.20 30.67
C VAL A 727 1.13 38.27 29.66
N ARG A 728 2.36 38.24 30.16
CA ARG A 728 3.57 38.25 29.33
C ARG A 728 4.47 37.12 29.82
N VAL A 729 5.05 36.37 28.89
CA VAL A 729 6.13 35.44 29.22
C VAL A 729 7.45 36.18 29.08
N VAL A 730 8.21 36.22 30.17
CA VAL A 730 9.50 36.92 30.24
C VAL A 730 10.64 35.91 30.44
N GLN A 731 11.75 36.14 29.74
CA GLN A 731 12.95 35.31 29.89
C GLN A 731 13.92 36.04 30.82
N PRO A 732 14.03 35.60 32.09
CA PRO A 732 14.91 36.29 33.03
C PRO A 732 16.35 36.38 32.53
N ASN A 733 16.87 35.29 31.99
CA ASN A 733 18.28 35.23 31.57
C ASN A 733 18.53 35.52 30.10
N ALA A 734 19.67 36.13 29.83
CA ALA A 734 20.14 36.32 28.48
C ALA A 734 20.41 34.95 27.85
N THR A 735 20.23 34.87 26.53
CA THR A 735 20.59 33.67 25.77
C THR A 735 21.57 34.09 24.68
N ALA A 736 21.99 33.14 23.85
CA ALA A 736 22.81 33.44 22.68
C ALA A 736 22.08 34.38 21.70
N TRP A 737 20.75 34.34 21.72
CA TRP A 737 19.93 35.05 20.73
C TRP A 737 19.05 36.17 21.31
N SER A 738 19.02 36.31 22.64
CA SER A 738 18.16 37.30 23.32
C SER A 738 18.77 37.88 24.59
N GLU A 739 18.36 39.10 24.92
CA GLU A 739 18.78 39.80 26.13
C GLU A 739 17.95 39.39 27.34
N ALA A 740 18.47 39.67 28.54
CA ALA A 740 17.73 39.46 29.79
C ALA A 740 16.45 40.27 29.77
N GLY A 741 15.34 39.67 30.21
CA GLY A 741 14.04 40.35 30.23
C GLY A 741 13.27 40.31 28.91
N HIS A 742 13.75 39.53 27.95
CA HIS A 742 13.10 39.35 26.64
C HIS A 742 11.68 38.82 26.78
N ILE A 743 10.73 39.49 26.11
CA ILE A 743 9.33 39.05 26.08
C ILE A 743 9.11 38.13 24.88
N SER A 744 8.67 36.90 25.15
CA SER A 744 8.53 35.90 24.10
C SER A 744 7.07 35.64 23.70
N ALA A 745 6.14 36.01 24.59
CA ALA A 745 4.72 35.72 24.40
C ALA A 745 3.84 36.58 25.28
N TRP A 746 2.65 36.92 24.78
CA TRP A 746 1.67 37.66 25.56
C TRP A 746 0.25 37.33 25.16
N GLN A 747 -0.70 37.70 26.02
CA GLN A 747 -2.12 37.52 25.75
C GLN A 747 -2.92 38.43 26.69
N GLN A 748 -4.12 38.81 26.24
CA GLN A 748 -5.01 39.68 26.99
C GLN A 748 -6.43 39.11 27.05
N TRP A 749 -7.14 39.40 28.14
CA TRP A 749 -8.56 39.09 28.26
C TRP A 749 -9.30 40.22 28.98
N ARG A 750 -10.56 40.42 28.60
CA ARG A 750 -11.46 41.25 29.38
C ARG A 750 -11.87 40.48 30.63
N LEU A 751 -11.82 41.13 31.79
CA LEU A 751 -12.36 40.52 33.00
C LEU A 751 -13.70 41.21 33.29
N ALA A 752 -14.03 41.47 34.55
CA ALA A 752 -15.29 42.12 34.90
C ALA A 752 -15.39 43.54 34.30
N GLU A 753 -16.59 43.91 33.88
CA GLU A 753 -16.89 45.26 33.42
C GLU A 753 -17.99 45.88 34.28
N ASN A 754 -17.78 47.11 34.71
CA ASN A 754 -18.81 47.87 35.39
C ASN A 754 -19.15 49.09 34.55
N LEU A 755 -20.29 49.02 33.85
CA LEU A 755 -20.73 50.09 32.97
C LEU A 755 -21.11 51.32 33.79
N SER A 756 -20.69 52.50 33.32
CA SER A 756 -20.99 53.74 34.01
C SER A 756 -22.47 54.08 33.91
N VAL A 757 -23.09 54.29 35.08
CA VAL A 757 -24.51 54.63 35.15
C VAL A 757 -24.74 56.03 35.73
N THR A 758 -23.67 56.74 36.07
CA THR A 758 -23.79 58.05 36.70
C THR A 758 -23.76 59.15 35.64
N LEU A 759 -24.79 59.99 35.64
CA LEU A 759 -24.89 61.11 34.70
C LEU A 759 -23.92 62.22 35.07
N PRO A 760 -23.36 62.93 34.06
CA PRO A 760 -22.46 64.06 34.31
C PRO A 760 -23.15 65.15 35.14
N ALA A 761 -22.37 65.80 36.01
CA ALA A 761 -22.87 66.90 36.84
C ALA A 761 -23.49 67.99 35.97
N ALA A 762 -24.75 68.29 36.23
CA ALA A 762 -25.52 69.28 35.46
C ALA A 762 -24.83 70.65 35.49
N SER A 763 -24.68 71.24 34.31
CA SER A 763 -24.01 72.53 34.17
C SER A 763 -25.01 73.68 34.33
N HIS A 764 -24.50 74.83 34.78
CA HIS A 764 -25.30 76.04 34.92
C HIS A 764 -25.47 76.73 33.57
N ALA A 765 -24.40 76.75 32.78
CA ALA A 765 -24.37 77.47 31.51
C ALA A 765 -25.19 76.80 30.41
N ILE A 766 -25.69 77.63 29.49
CA ILE A 766 -26.43 77.17 28.32
C ILE A 766 -25.77 77.79 27.08
N PRO A 767 -25.36 76.94 26.11
CA PRO A 767 -24.69 77.47 24.92
C PRO A 767 -25.63 78.33 24.09
N HIS A 768 -25.09 79.39 23.51
CA HIS A 768 -25.87 80.35 22.73
C HIS A 768 -25.64 80.19 21.24
N LEU A 769 -26.74 80.06 20.51
CA LEU A 769 -26.73 79.92 19.06
C LEU A 769 -26.88 81.27 18.36
N THR A 770 -25.94 81.55 17.46
CA THR A 770 -25.96 82.75 16.63
C THR A 770 -26.10 82.36 15.16
N THR A 771 -27.04 82.97 14.45
CA THR A 771 -27.35 82.57 13.07
C THR A 771 -27.10 83.67 12.05
N SER A 772 -26.31 83.33 11.03
CA SER A 772 -26.16 84.19 9.85
C SER A 772 -26.59 83.41 8.61
N GLU A 773 -26.53 84.07 7.46
CA GLU A 773 -26.84 83.45 6.19
C GLU A 773 -25.87 82.30 5.87
N MET A 774 -24.61 82.45 6.29
CA MET A 774 -23.55 81.52 5.89
C MET A 774 -23.07 80.60 7.03
N ASP A 775 -23.49 80.87 8.25
CA ASP A 775 -23.00 80.15 9.43
C ASP A 775 -24.02 79.94 10.54
N PHE A 776 -23.87 78.82 11.24
CA PHE A 776 -24.42 78.65 12.58
C PHE A 776 -23.21 78.65 13.52
N CYS A 777 -23.16 79.63 14.43
CA CYS A 777 -22.13 79.64 15.45
C CYS A 777 -22.73 79.36 16.82
N ILE A 778 -21.96 78.67 17.66
CA ILE A 778 -22.38 78.34 19.00
C ILE A 778 -21.29 78.82 19.92
N GLU A 779 -21.67 79.46 21.02
CA GLU A 779 -20.69 79.96 21.96
C GLU A 779 -21.00 79.52 23.39
N LEU A 780 -19.94 79.17 24.12
CA LEU A 780 -20.05 78.79 25.52
C LEU A 780 -18.74 79.14 26.21
N GLY A 781 -18.78 80.12 27.11
CA GLY A 781 -17.56 80.59 27.79
C GLY A 781 -16.52 80.99 26.77
N ASN A 782 -15.30 80.47 26.93
CA ASN A 782 -14.21 80.75 25.99
C ASN A 782 -14.19 79.87 24.73
N LYS A 783 -15.29 79.15 24.50
CA LYS A 783 -15.36 78.22 23.37
C LYS A 783 -16.39 78.62 22.32
N ARG A 784 -16.06 78.38 21.06
CA ARG A 784 -16.95 78.69 19.94
C ARG A 784 -16.84 77.61 18.86
N TRP A 785 -17.99 77.24 18.29
CA TRP A 785 -18.09 76.30 17.18
C TRP A 785 -18.77 76.99 15.99
N GLN A 786 -18.23 76.82 14.79
CA GLN A 786 -18.83 77.41 13.59
C GLN A 786 -19.16 76.34 12.55
N PHE A 787 -20.43 76.29 12.14
CA PHE A 787 -20.89 75.40 11.09
C PHE A 787 -21.25 76.20 9.83
N ASN A 788 -20.54 75.93 8.75
CA ASN A 788 -20.77 76.57 7.45
C ASN A 788 -22.08 76.07 6.84
N ARG A 789 -23.01 76.99 6.61
CA ARG A 789 -24.35 76.65 6.11
C ARG A 789 -24.39 76.28 4.62
N GLN A 790 -23.34 76.60 3.87
CA GLN A 790 -23.24 76.19 2.47
C GLN A 790 -22.64 74.79 2.31
N SER A 791 -21.60 74.49 3.08
CA SER A 791 -20.98 73.17 3.02
C SER A 791 -21.65 72.14 3.94
N GLY A 792 -22.13 72.62 5.08
CA GLY A 792 -22.79 71.77 6.08
C GLY A 792 -21.84 71.09 7.05
N PHE A 793 -20.57 71.53 7.04
CA PHE A 793 -19.56 70.97 7.93
C PHE A 793 -19.13 71.97 8.99
N LEU A 794 -18.56 71.46 10.07
CA LEU A 794 -17.89 72.27 11.08
C LEU A 794 -16.60 72.80 10.45
N SER A 795 -16.58 74.11 10.19
CA SER A 795 -15.48 74.75 9.49
C SER A 795 -14.42 75.31 10.44
N GLN A 796 -14.84 75.64 11.67
CA GLN A 796 -13.93 76.18 12.66
C GLN A 796 -14.39 75.95 14.10
N MET A 797 -13.43 75.88 15.00
CA MET A 797 -13.67 75.88 16.44
C MET A 797 -12.63 76.79 17.08
N TRP A 798 -13.02 77.42 18.18
CA TRP A 798 -12.15 78.35 18.90
C TRP A 798 -12.03 77.96 20.36
N ILE A 799 -10.78 77.97 20.85
CA ILE A 799 -10.51 77.91 22.28
C ILE A 799 -9.91 79.26 22.61
N GLY A 800 -10.56 79.99 23.52
CA GLY A 800 -10.31 81.41 23.66
C GLY A 800 -10.88 82.02 22.39
N ASP A 801 -10.00 82.52 21.54
CA ASP A 801 -10.38 82.94 20.19
C ASP A 801 -9.29 82.53 19.21
N LYS A 802 -8.59 81.45 19.55
CA LYS A 802 -7.56 80.88 18.70
C LYS A 802 -8.19 79.75 17.90
N LYS A 803 -7.94 79.76 16.59
CA LYS A 803 -8.54 78.79 15.67
C LYS A 803 -7.98 77.39 15.90
N GLN A 804 -8.86 76.39 15.91
CA GLN A 804 -8.44 75.00 16.12
C GLN A 804 -8.23 74.21 14.82
N LEU A 805 -8.93 74.61 13.76
CA LEU A 805 -8.89 73.86 12.50
C LEU A 805 -8.21 74.64 11.36
N LEU A 806 -7.53 73.90 10.48
CA LEU A 806 -7.02 74.45 9.23
C LEU A 806 -7.87 74.01 8.04
N THR A 807 -8.50 72.84 8.18
CA THR A 807 -9.44 72.28 7.21
C THR A 807 -10.68 71.85 8.00
N PRO A 808 -11.89 72.04 7.44
CA PRO A 808 -13.13 71.60 8.09
C PRO A 808 -13.21 70.10 8.41
N LEU A 809 -14.04 69.77 9.39
CA LEU A 809 -14.32 68.39 9.75
C LEU A 809 -15.31 67.81 8.74
N ARG A 810 -14.80 66.94 7.87
CA ARG A 810 -15.60 66.37 6.78
C ARG A 810 -15.56 64.84 6.81
N ASP A 811 -16.58 64.20 6.25
CA ASP A 811 -16.59 62.74 6.06
C ASP A 811 -15.49 62.35 5.09
N GLN A 812 -14.92 61.16 5.33
CA GLN A 812 -13.95 60.56 4.41
C GLN A 812 -14.28 59.08 4.27
N PHE A 813 -14.31 58.61 3.02
CA PHE A 813 -14.65 57.23 2.67
C PHE A 813 -13.54 56.52 1.89
N THR A 814 -12.41 57.20 1.74
CA THR A 814 -11.26 56.70 0.99
C THR A 814 -9.99 56.68 1.82
N ARG A 815 -8.99 55.93 1.35
CA ARG A 815 -7.68 55.93 1.95
C ARG A 815 -6.63 56.01 0.86
N ALA A 816 -5.48 56.60 1.20
CA ALA A 816 -4.31 56.54 0.32
C ALA A 816 -4.00 55.05 0.14
N PRO A 817 -4.05 54.56 -1.11
CA PRO A 817 -4.07 53.11 -1.34
C PRO A 817 -2.83 52.37 -0.86
N LEU A 818 -3.06 51.28 -0.14
CA LEU A 818 -1.98 50.38 0.27
C LEU A 818 -1.44 49.64 -0.95
N ASP A 819 -0.27 49.05 -0.83
CA ASP A 819 0.23 48.19 -1.90
C ASP A 819 -0.76 47.07 -2.22
N ASN A 820 -1.40 46.54 -1.18
CA ASN A 820 -2.45 45.52 -1.35
C ASN A 820 -3.69 46.04 -2.09
N ASP A 821 -4.02 47.31 -1.89
CA ASP A 821 -5.12 47.96 -2.63
C ASP A 821 -4.79 48.08 -4.12
N ILE A 822 -3.56 48.42 -4.44
CA ILE A 822 -3.12 48.64 -5.81
C ILE A 822 -3.03 47.31 -6.57
N GLY A 823 -2.55 46.28 -5.87
CA GLY A 823 -2.60 44.92 -6.38
C GLY A 823 -1.92 44.68 -7.72
N VAL A 824 -0.68 45.12 -7.85
CA VAL A 824 0.12 44.76 -9.03
C VAL A 824 1.46 44.10 -8.63
N SER A 825 1.79 43.01 -9.31
CA SER A 825 3.08 42.32 -9.16
C SER A 825 4.05 42.78 -10.24
N GLU A 826 3.49 43.39 -11.29
CA GLU A 826 4.25 43.94 -12.42
C GLU A 826 3.74 45.36 -12.73
N ALA A 827 4.68 46.27 -12.98
CA ALA A 827 4.37 47.69 -13.22
C ALA A 827 3.47 47.97 -14.43
N THR A 828 3.47 47.05 -15.40
CA THR A 828 2.73 47.22 -16.66
C THR A 828 1.21 47.00 -16.52
N ARG A 829 0.80 46.23 -15.52
CA ARG A 829 -0.60 45.83 -15.36
C ARG A 829 -1.50 46.89 -14.72
N ILE A 830 -2.59 47.21 -15.42
CA ILE A 830 -3.65 48.07 -14.89
C ILE A 830 -4.88 47.17 -14.66
N ASP A 831 -4.94 46.56 -13.48
CA ASP A 831 -5.94 45.54 -13.15
C ASP A 831 -7.24 46.15 -12.67
N PRO A 832 -8.34 45.98 -13.43
CA PRO A 832 -9.65 46.53 -13.07
C PRO A 832 -10.25 45.90 -11.81
N ASN A 833 -9.77 44.71 -11.45
CA ASN A 833 -10.25 43.97 -10.28
C ASN A 833 -9.71 44.51 -8.95
N ALA A 834 -8.54 45.14 -8.99
CA ALA A 834 -7.90 45.69 -7.79
C ALA A 834 -8.81 46.69 -7.07
N TRP A 835 -8.71 46.73 -5.74
CA TRP A 835 -9.53 47.62 -4.93
C TRP A 835 -9.38 49.09 -5.34
N VAL A 836 -8.14 49.54 -5.53
CA VAL A 836 -7.91 50.93 -5.92
C VAL A 836 -8.64 51.27 -7.24
N GLU A 837 -8.65 50.33 -8.18
CA GLU A 837 -9.25 50.56 -9.48
C GLU A 837 -10.78 50.57 -9.43
N ARG A 838 -11.34 49.69 -8.60
CA ARG A 838 -12.77 49.69 -8.34
C ARG A 838 -13.22 51.00 -7.68
N TRP A 839 -12.41 51.50 -6.74
CA TRP A 839 -12.71 52.76 -6.06
C TRP A 839 -12.64 53.94 -7.03
N LYS A 840 -11.57 54.00 -7.81
CA LYS A 840 -11.41 55.05 -8.83
C LYS A 840 -12.53 55.04 -9.86
N ALA A 841 -12.86 53.87 -10.42
CA ALA A 841 -13.94 53.74 -11.41
C ALA A 841 -15.32 54.15 -10.88
N ALA A 842 -15.56 53.93 -9.59
CA ALA A 842 -16.84 54.28 -8.97
C ALA A 842 -16.89 55.74 -8.54
N GLY A 843 -15.75 56.43 -8.62
CA GLY A 843 -15.68 57.85 -8.30
C GLY A 843 -15.48 58.18 -6.83
N HIS A 844 -15.06 57.18 -6.05
CA HIS A 844 -14.87 57.35 -4.59
C HIS A 844 -13.88 58.47 -4.28
N TYR A 845 -12.82 58.59 -5.08
CA TYR A 845 -11.84 59.65 -4.88
C TYR A 845 -12.29 60.99 -5.47
N GLN A 846 -13.27 60.96 -6.37
CA GLN A 846 -13.77 62.16 -7.06
C GLN A 846 -15.03 62.76 -6.44
N ALA A 847 -15.74 61.96 -5.66
CA ALA A 847 -17.06 62.32 -5.16
C ALA A 847 -17.06 63.58 -4.33
N GLU A 848 -17.99 64.48 -4.64
CA GLU A 848 -18.15 65.74 -3.94
C GLU A 848 -19.37 65.67 -3.03
N ALA A 849 -19.24 66.21 -1.82
CA ALA A 849 -20.37 66.30 -0.90
C ALA A 849 -21.41 67.29 -1.40
N ALA A 850 -22.67 66.84 -1.43
CA ALA A 850 -23.79 67.70 -1.78
C ALA A 850 -24.69 67.83 -0.56
N LEU A 851 -24.93 69.07 -0.14
CA LEU A 851 -25.69 69.34 1.09
C LEU A 851 -27.18 69.14 0.90
N LEU A 852 -27.78 68.34 1.77
CA LEU A 852 -29.21 68.05 1.70
C LEU A 852 -29.96 68.73 2.84
N GLN A 853 -29.29 68.91 3.97
CA GLN A 853 -29.92 69.45 5.17
C GLN A 853 -28.87 70.05 6.11
N CYS A 854 -29.20 71.20 6.68
CA CYS A 854 -28.41 71.83 7.73
C CYS A 854 -29.33 72.70 8.57
N THR A 855 -29.70 72.18 9.75
CA THR A 855 -30.61 72.88 10.65
C THR A 855 -29.98 73.05 12.03
N ALA A 856 -30.45 74.05 12.77
CA ALA A 856 -29.98 74.28 14.13
C ALA A 856 -31.16 74.54 15.06
N ASP A 857 -31.18 73.83 16.18
CA ASP A 857 -32.22 73.99 17.19
C ASP A 857 -31.61 74.27 18.55
N THR A 858 -32.27 75.12 19.33
CA THR A 858 -31.86 75.38 20.72
C THR A 858 -32.67 74.51 21.66
N LEU A 859 -31.97 73.73 22.49
CA LEU A 859 -32.60 72.84 23.46
C LEU A 859 -32.44 73.45 24.85
N ALA A 860 -32.96 72.75 25.87
CA ALA A 860 -32.93 73.24 27.25
C ALA A 860 -31.53 73.64 27.71
N ASP A 861 -30.56 72.74 27.50
CA ASP A 861 -29.18 72.98 27.93
C ASP A 861 -28.15 72.73 26.81
N ALA A 862 -28.61 72.77 25.56
CA ALA A 862 -27.74 72.44 24.43
C ALA A 862 -28.16 73.10 23.11
N VAL A 863 -27.24 73.12 22.15
CA VAL A 863 -27.57 73.44 20.76
C VAL A 863 -27.38 72.19 19.90
N LEU A 864 -28.39 71.88 19.09
CA LEU A 864 -28.38 70.72 18.23
C LEU A 864 -28.31 71.11 16.75
N ILE A 865 -27.24 70.69 16.09
CA ILE A 865 -27.06 70.91 14.66
C ILE A 865 -27.30 69.58 13.95
N THR A 866 -28.18 69.59 12.95
CA THR A 866 -28.49 68.40 12.17
C THR A 866 -28.08 68.62 10.72
N THR A 867 -27.30 67.68 10.18
CA THR A 867 -26.88 67.77 8.78
C THR A 867 -27.14 66.48 7.99
N ALA A 868 -27.19 66.62 6.67
CA ALA A 868 -27.27 65.48 5.76
C ALA A 868 -26.58 65.80 4.42
N HIS A 869 -25.69 64.92 4.00
CA HIS A 869 -24.95 65.06 2.74
C HIS A 869 -25.08 63.80 1.90
N ALA A 870 -25.02 63.98 0.58
CA ALA A 870 -24.94 62.87 -0.35
C ALA A 870 -23.68 63.04 -1.21
N TRP A 871 -22.92 61.95 -1.37
CA TRP A 871 -21.76 61.93 -2.26
C TRP A 871 -22.13 61.25 -3.56
N GLN A 872 -22.04 62.01 -4.64
CA GLN A 872 -22.48 61.54 -5.93
C GLN A 872 -21.32 61.53 -6.91
N HIS A 873 -21.39 60.63 -7.88
CA HIS A 873 -20.46 60.63 -8.98
C HIS A 873 -21.22 60.36 -10.26
N GLN A 874 -21.25 61.38 -11.12
CA GLN A 874 -21.96 61.32 -12.40
C GLN A 874 -23.38 60.77 -12.25
N GLY A 875 -24.14 61.36 -11.33
CA GLY A 875 -25.54 61.02 -11.13
C GLY A 875 -25.81 59.88 -10.16
N LYS A 876 -24.75 59.20 -9.72
CA LYS A 876 -24.90 58.06 -8.82
C LYS A 876 -24.60 58.47 -7.37
N THR A 877 -25.58 58.28 -6.50
CA THR A 877 -25.37 58.49 -5.06
C THR A 877 -24.58 57.33 -4.46
N LEU A 878 -23.33 57.61 -4.10
CA LEU A 878 -22.44 56.63 -3.51
C LEU A 878 -22.74 56.45 -2.02
N PHE A 879 -22.75 57.57 -1.30
CA PHE A 879 -22.92 57.57 0.15
C PHE A 879 -23.90 58.65 0.62
N ILE A 880 -24.59 58.38 1.72
CA ILE A 880 -25.34 59.41 2.44
C ILE A 880 -24.80 59.46 3.86
N SER A 881 -24.48 60.66 4.33
CA SER A 881 -24.09 60.86 5.73
C SER A 881 -25.11 61.74 6.44
N ARG A 882 -25.67 61.22 7.53
CA ARG A 882 -26.57 61.97 8.39
C ARG A 882 -25.95 62.12 9.78
N LYS A 883 -25.87 63.36 10.26
CA LYS A 883 -25.20 63.66 11.52
C LYS A 883 -26.04 64.55 12.45
N THR A 884 -25.80 64.42 13.74
CA THR A 884 -26.22 65.42 14.71
C THR A 884 -25.00 65.83 15.52
N TYR A 885 -24.89 67.12 15.81
CA TYR A 885 -23.88 67.63 16.72
C TYR A 885 -24.61 68.26 17.88
N ARG A 886 -24.39 67.72 19.09
CA ARG A 886 -25.03 68.26 20.28
C ARG A 886 -23.98 68.90 21.17
N ILE A 887 -24.04 70.23 21.28
CA ILE A 887 -23.15 70.98 22.14
C ILE A 887 -23.89 71.40 23.42
N ASP A 888 -23.44 70.86 24.56
CA ASP A 888 -24.10 71.12 25.84
C ASP A 888 -23.35 72.16 26.68
N GLY A 889 -23.89 72.44 27.87
CA GLY A 889 -23.35 73.46 28.76
C GLY A 889 -22.00 73.12 29.38
N SER A 890 -21.61 71.85 29.32
CA SER A 890 -20.32 71.43 29.85
C SER A 890 -19.19 71.56 28.82
N GLY A 891 -19.53 71.98 27.60
CA GLY A 891 -18.54 72.23 26.55
C GLY A 891 -18.23 71.05 25.65
N GLN A 892 -18.93 69.94 25.86
CA GLN A 892 -18.74 68.74 25.07
C GLN A 892 -19.61 68.76 23.80
N MET A 893 -19.01 68.35 22.70
CA MET A 893 -19.73 68.21 21.46
C MET A 893 -19.90 66.73 21.14
N ALA A 894 -21.14 66.25 21.21
CA ALA A 894 -21.46 64.86 20.86
C ALA A 894 -21.89 64.76 19.41
N ILE A 895 -21.10 64.02 18.62
CA ILE A 895 -21.36 63.80 17.20
C ILE A 895 -21.90 62.39 16.94
N THR A 896 -23.07 62.33 16.32
CA THR A 896 -23.69 61.06 15.96
C THR A 896 -23.71 60.97 14.45
N VAL A 897 -23.15 59.89 13.91
CA VAL A 897 -23.01 59.74 12.46
C VAL A 897 -23.68 58.46 11.99
N ASP A 898 -24.55 58.60 11.00
CA ASP A 898 -25.18 57.46 10.36
C ASP A 898 -24.96 57.54 8.87
N VAL A 899 -24.27 56.54 8.33
CA VAL A 899 -23.91 56.49 6.92
C VAL A 899 -24.67 55.37 6.17
N GLU A 900 -25.19 55.70 4.99
CA GLU A 900 -25.74 54.73 4.05
C GLU A 900 -24.74 54.58 2.92
N VAL A 901 -24.48 53.33 2.54
CA VAL A 901 -23.57 53.02 1.45
C VAL A 901 -24.33 52.23 0.40
N ALA A 902 -24.37 52.75 -0.83
CA ALA A 902 -25.08 52.08 -1.93
C ALA A 902 -24.54 50.66 -2.09
N SER A 903 -25.45 49.68 -2.06
CA SER A 903 -25.07 48.27 -2.06
C SER A 903 -24.24 47.87 -3.27
N ASP A 904 -24.42 48.61 -4.37
CA ASP A 904 -23.78 48.30 -5.65
C ASP A 904 -22.51 49.12 -5.94
N THR A 905 -22.12 49.97 -4.99
CA THR A 905 -20.81 50.61 -5.07
C THR A 905 -19.78 49.71 -4.38
N PRO A 906 -18.53 49.69 -4.88
CA PRO A 906 -17.50 48.90 -4.21
C PRO A 906 -17.39 49.31 -2.74
N HIS A 907 -17.30 48.32 -1.86
CA HIS A 907 -17.24 48.58 -0.43
C HIS A 907 -16.10 49.56 -0.13
N PRO A 908 -16.40 50.62 0.65
CA PRO A 908 -15.45 51.70 0.89
C PRO A 908 -14.28 51.31 1.81
N ALA A 909 -13.16 52.00 1.64
CA ALA A 909 -11.94 51.79 2.42
C ALA A 909 -12.12 52.14 3.89
N ARG A 910 -12.99 53.11 4.17
CA ARG A 910 -13.22 53.57 5.54
C ARG A 910 -14.53 54.34 5.63
N ILE A 911 -15.04 54.45 6.84
CA ILE A 911 -16.18 55.32 7.13
C ILE A 911 -15.79 56.13 8.35
N GLY A 912 -15.42 57.38 8.11
CA GLY A 912 -14.93 58.25 9.17
C GLY A 912 -15.00 59.73 8.84
N LEU A 913 -14.29 60.51 9.65
CA LEU A 913 -14.19 61.95 9.51
C LEU A 913 -12.73 62.32 9.50
N ASN A 914 -12.40 63.44 8.85
CA ASN A 914 -11.05 63.97 8.93
C ASN A 914 -11.02 65.49 8.97
N CYS A 915 -9.93 66.02 9.53
CA CYS A 915 -9.69 67.45 9.58
C CYS A 915 -8.21 67.67 9.78
N GLN A 916 -7.73 68.84 9.36
CA GLN A 916 -6.39 69.28 9.69
C GLN A 916 -6.49 70.20 10.90
N LEU A 917 -5.92 69.75 12.02
CA LEU A 917 -5.87 70.57 13.23
C LEU A 917 -4.77 71.60 13.10
N ALA A 918 -4.96 72.76 13.73
CA ALA A 918 -3.95 73.80 13.77
C ALA A 918 -2.79 73.44 14.71
N GLN A 919 -3.12 72.66 15.74
CA GLN A 919 -2.15 72.20 16.75
C GLN A 919 -1.12 71.23 16.16
N VAL A 920 0.15 71.49 16.46
CA VAL A 920 1.20 70.51 16.33
C VAL A 920 1.73 70.30 17.75
N ALA A 921 1.42 69.14 18.33
CA ALA A 921 1.85 68.81 19.69
C ALA A 921 2.87 67.67 19.70
N GLU A 922 3.66 67.59 20.77
CA GLU A 922 4.75 66.62 20.82
C GLU A 922 4.31 65.18 21.01
N ARG A 923 3.22 64.97 21.73
CA ARG A 923 2.82 63.62 22.18
C ARG A 923 1.41 63.25 21.73
N VAL A 924 1.18 61.96 21.57
CA VAL A 924 -0.16 61.43 21.35
C VAL A 924 -0.43 60.41 22.45
N ASN A 925 -1.56 60.56 23.12
CA ASN A 925 -1.96 59.72 24.24
C ASN A 925 -3.31 59.10 23.92
N TRP A 926 -3.41 57.78 23.97
CA TRP A 926 -4.69 57.13 23.71
C TRP A 926 -4.98 55.90 24.58
N LEU A 927 -6.27 55.69 24.85
CA LEU A 927 -6.74 54.48 25.49
C LEU A 927 -7.33 53.59 24.40
N GLY A 928 -6.58 52.57 24.02
CA GLY A 928 -6.98 51.69 22.92
C GLY A 928 -5.93 50.64 22.61
N LEU A 929 -6.00 50.09 21.41
CA LEU A 929 -5.06 49.05 20.98
C LEU A 929 -3.74 49.66 20.56
N GLY A 930 -2.64 49.07 21.02
CA GLY A 930 -1.32 49.53 20.65
C GLY A 930 -0.19 48.78 21.34
N PRO A 931 1.01 49.39 21.39
CA PRO A 931 1.28 50.77 20.97
C PRO A 931 1.46 50.94 19.45
N GLN A 932 1.80 49.86 18.75
CA GLN A 932 2.10 49.95 17.31
C GLN A 932 0.86 50.01 16.42
N GLU A 933 1.09 50.50 15.20
CA GLU A 933 0.12 50.44 14.11
C GLU A 933 -0.62 49.10 14.07
N ASN A 934 -1.95 49.16 14.04
CA ASN A 934 -2.79 47.96 13.93
C ASN A 934 -4.08 48.24 13.15
N TYR A 935 -4.51 47.25 12.37
CA TYR A 935 -5.67 47.36 11.48
C TYR A 935 -6.64 46.23 11.81
N PRO A 936 -7.92 46.34 11.36
CA PRO A 936 -8.92 45.36 11.79
C PRO A 936 -8.52 43.90 11.61
N ASP A 937 -7.87 43.57 10.49
CA ASP A 937 -7.38 42.19 10.26
C ASP A 937 -5.92 42.01 10.66
N ARG A 938 -5.32 43.02 11.27
CA ARG A 938 -3.98 42.88 11.83
C ARG A 938 -3.87 43.60 13.18
N LEU A 939 -4.63 43.12 14.17
CA LEU A 939 -4.62 43.73 15.49
C LEU A 939 -4.45 42.76 16.67
N THR A 940 -4.23 41.48 16.38
CA THR A 940 -4.12 40.48 17.46
C THR A 940 -2.92 40.75 18.39
N ALA A 941 -1.84 41.29 17.84
CA ALA A 941 -0.62 41.56 18.63
C ALA A 941 -0.76 42.79 19.52
N ALA A 942 -1.63 43.73 19.12
CA ALA A 942 -1.84 44.96 19.85
C ALA A 942 -2.54 44.66 21.17
N CYS A 943 -2.21 45.42 22.21
CA CYS A 943 -2.88 45.30 23.51
C CYS A 943 -3.69 46.55 23.84
N PHE A 944 -4.79 46.35 24.55
CA PHE A 944 -5.59 47.46 25.05
C PHE A 944 -4.95 48.00 26.33
N ASP A 945 -4.68 49.29 26.33
CA ASP A 945 -4.07 49.98 27.47
C ASP A 945 -3.97 51.48 27.16
N ARG A 946 -3.38 52.22 28.10
CA ARG A 946 -3.10 53.63 27.93
C ARG A 946 -1.71 53.77 27.30
N TRP A 947 -1.67 54.26 26.07
CA TRP A 947 -0.40 54.44 25.35
C TRP A 947 -0.08 55.92 25.19
N ASP A 948 1.22 56.23 25.18
CA ASP A 948 1.69 57.61 25.03
C ASP A 948 2.97 57.57 24.21
N LEU A 949 2.93 58.18 23.02
CA LEU A 949 4.04 58.16 22.07
C LEU A 949 4.29 59.55 21.48
N PRO A 950 5.55 59.82 21.05
CA PRO A 950 5.76 61.03 20.26
C PRO A 950 4.97 60.94 18.97
N LEU A 951 4.53 62.08 18.45
CA LEU A 951 3.74 62.13 17.23
C LEU A 951 4.37 61.35 16.07
N SER A 952 5.70 61.43 15.96
CA SER A 952 6.40 60.78 14.85
C SER A 952 6.21 59.25 14.83
N ASP A 953 6.05 58.64 16.01
CA ASP A 953 5.78 57.19 16.12
C ASP A 953 4.39 56.79 15.65
N MET A 954 3.54 57.78 15.40
CA MET A 954 2.18 57.54 14.93
C MET A 954 2.12 57.53 13.41
N TYR A 955 3.30 57.61 12.80
CA TYR A 955 3.46 57.47 11.36
C TYR A 955 4.40 56.31 11.08
N THR A 956 3.99 55.42 10.17
CA THR A 956 4.84 54.32 9.76
C THR A 956 5.52 54.66 8.43
N PRO A 957 6.85 54.75 8.43
CA PRO A 957 7.57 55.18 7.23
C PRO A 957 7.76 54.09 6.16
N TYR A 958 6.65 53.55 5.65
CA TYR A 958 6.71 52.66 4.49
C TYR A 958 7.39 53.40 3.35
N VAL A 959 8.35 52.74 2.68
CA VAL A 959 9.12 53.39 1.61
C VAL A 959 8.22 53.90 0.47
N PHE A 960 7.23 53.09 0.10
CA PHE A 960 6.11 53.56 -0.72
C PHE A 960 4.97 54.01 0.20
N PRO A 961 4.68 55.32 0.23
CA PRO A 961 3.70 55.89 1.16
C PRO A 961 2.26 55.48 0.87
N SER A 962 1.52 55.24 1.95
CA SER A 962 0.10 54.87 1.89
C SER A 962 -0.57 55.22 3.21
N GLU A 963 -1.87 54.95 3.32
CA GLU A 963 -2.56 54.92 4.60
C GLU A 963 -1.70 54.13 5.57
N ASN A 964 -1.48 54.69 6.75
CA ASN A 964 -0.55 54.13 7.72
C ASN A 964 -0.83 54.66 9.12
N GLY A 965 -0.37 53.93 10.13
CA GLY A 965 -0.41 54.42 11.49
C GLY A 965 -1.73 54.26 12.22
N LEU A 966 -2.72 53.60 11.60
CA LEU A 966 -3.99 53.38 12.29
C LEU A 966 -3.81 52.63 13.62
N ARG A 967 -4.63 52.99 14.60
CA ARG A 967 -4.79 52.23 15.83
C ARG A 967 -6.28 52.00 15.99
N CYS A 968 -6.65 50.79 16.38
CA CYS A 968 -8.06 50.40 16.45
C CYS A 968 -8.54 50.29 17.89
N GLY A 969 -9.83 50.05 18.08
CA GLY A 969 -10.42 49.80 19.40
C GLY A 969 -10.09 50.88 20.40
N THR A 970 -10.13 52.13 19.95
CA THR A 970 -9.75 53.27 20.77
C THR A 970 -11.00 53.94 21.38
N ARG A 971 -10.97 54.12 22.70
CA ARG A 971 -12.07 54.69 23.44
C ARG A 971 -11.80 56.15 23.82
N GLU A 972 -10.53 56.54 23.80
CA GLU A 972 -10.12 57.88 24.18
C GLU A 972 -8.82 58.26 23.49
N LEU A 973 -8.82 59.42 22.86
CA LEU A 973 -7.63 59.97 22.20
C LEU A 973 -7.38 61.38 22.71
N ASN A 974 -6.12 61.67 23.04
CA ASN A 974 -5.70 62.98 23.54
C ASN A 974 -4.58 63.57 22.71
N TYR A 975 -4.78 64.80 22.22
CA TYR A 975 -3.78 65.50 21.45
C TYR A 975 -3.89 66.98 21.72
N GLY A 976 -2.83 67.55 22.27
CA GLY A 976 -2.84 68.93 22.75
C GLY A 976 -3.97 69.15 23.75
N PRO A 977 -4.82 70.16 23.51
CA PRO A 977 -5.95 70.42 24.39
C PRO A 977 -7.16 69.54 24.08
N HIS A 978 -7.10 68.78 22.98
CA HIS A 978 -8.27 68.03 22.50
C HIS A 978 -8.40 66.64 23.10
N GLN A 979 -9.66 66.23 23.33
CA GLN A 979 -9.98 64.85 23.65
C GLN A 979 -11.15 64.36 22.79
N TRP A 980 -10.98 63.17 22.20
CA TRP A 980 -12.04 62.46 21.52
C TRP A 980 -12.36 61.16 22.26
N ARG A 981 -13.63 60.92 22.52
CA ARG A 981 -14.07 59.69 23.17
C ARG A 981 -15.15 58.99 22.35
N GLY A 982 -15.17 57.67 22.43
CA GLY A 982 -16.13 56.84 21.68
C GLY A 982 -15.59 55.44 21.52
N ASP A 983 -15.78 54.87 20.34
CA ASP A 983 -15.20 53.57 19.99
C ASP A 983 -14.80 53.59 18.52
N PHE A 984 -13.56 53.98 18.28
CA PHE A 984 -13.15 54.35 16.94
C PHE A 984 -11.74 53.88 16.58
N GLN A 985 -11.40 54.01 15.31
CA GLN A 985 -10.03 53.82 14.87
C GLN A 985 -9.54 55.22 14.47
N PHE A 986 -8.25 55.45 14.62
CA PHE A 986 -7.69 56.74 14.23
C PHE A 986 -6.29 56.57 13.70
N ASN A 987 -5.89 57.50 12.83
CA ASN A 987 -4.48 57.78 12.62
C ASN A 987 -4.24 59.28 12.73
N ILE A 988 -3.01 59.66 13.04
CA ILE A 988 -2.70 61.06 13.32
C ILE A 988 -1.27 61.35 12.87
N SER A 989 -1.11 62.35 12.00
CA SER A 989 0.19 62.67 11.40
C SER A 989 0.20 64.03 10.71
N ARG A 990 1.39 64.45 10.28
CA ARG A 990 1.59 65.69 9.53
C ARG A 990 1.37 65.50 8.03
N TYR A 991 0.90 64.32 7.63
CA TYR A 991 0.71 64.02 6.20
C TYR A 991 -0.75 63.72 5.89
N SER A 992 -1.31 64.43 4.93
CA SER A 992 -2.69 64.21 4.50
C SER A 992 -2.78 62.93 3.69
N GLN A 993 -3.96 62.34 3.64
CA GLN A 993 -4.22 61.19 2.77
C GLN A 993 -3.87 61.52 1.32
N GLN A 994 -4.24 62.73 0.91
CA GLN A 994 -3.93 63.21 -0.43
C GLN A 994 -2.42 63.19 -0.73
N GLN A 995 -1.61 63.74 0.17
CA GLN A 995 -0.16 63.76 -0.05
C GLN A 995 0.39 62.34 -0.16
N LEU A 996 -0.05 61.48 0.75
CA LEU A 996 0.40 60.09 0.80
C LEU A 996 0.12 59.34 -0.49
N MET A 997 -1.07 59.56 -1.06
CA MET A 997 -1.44 58.88 -2.31
C MET A 997 -0.77 59.48 -3.55
N GLU A 998 -0.37 60.75 -3.46
CA GLU A 998 0.30 61.45 -4.56
C GLU A 998 1.81 61.23 -4.57
N THR A 999 2.35 60.76 -3.45
CA THR A 999 3.80 60.66 -3.28
C THR A 999 4.29 59.21 -3.39
N SER A 1000 5.36 59.01 -4.15
CA SER A 1000 5.86 57.68 -4.48
C SER A 1000 6.95 57.18 -3.55
N HIS A 1001 7.68 58.10 -2.92
CA HIS A 1001 8.80 57.77 -2.03
C HIS A 1001 8.67 58.54 -0.71
N ARG A 1002 8.95 57.86 0.40
CA ARG A 1002 8.80 58.45 1.72
C ARG A 1002 9.69 59.67 1.96
N HIS A 1003 10.85 59.71 1.30
CA HIS A 1003 11.79 60.83 1.48
C HIS A 1003 11.30 62.09 0.74
N LEU A 1004 10.26 61.96 -0.07
CA LEU A 1004 9.69 63.09 -0.78
C LEU A 1004 8.52 63.76 -0.06
N LEU A 1005 8.07 63.14 1.03
CA LEU A 1005 7.00 63.70 1.87
C LEU A 1005 7.45 64.95 2.63
N HIS A 1006 6.53 65.88 2.84
CA HIS A 1006 6.82 67.09 3.60
C HIS A 1006 5.74 67.31 4.66
N ALA A 1007 6.17 67.58 5.89
CA ALA A 1007 5.23 67.89 6.96
C ALA A 1007 4.33 69.06 6.57
N GLU A 1008 3.02 68.85 6.64
CA GLU A 1008 2.05 69.90 6.33
C GLU A 1008 1.82 70.81 7.55
N GLU A 1009 1.05 71.87 7.37
CA GLU A 1009 0.98 72.95 8.35
C GLU A 1009 0.52 72.54 9.75
N GLY A 1010 -0.53 71.75 9.85
CA GLY A 1010 -1.00 71.33 11.15
C GLY A 1010 -0.81 69.84 11.38
N THR A 1011 -1.85 69.19 11.90
CA THR A 1011 -1.84 67.76 12.12
C THR A 1011 -3.11 67.18 11.52
N TRP A 1012 -2.95 66.31 10.54
CA TRP A 1012 -4.09 65.64 9.95
C TRP A 1012 -4.57 64.52 10.86
N LEU A 1013 -5.85 64.58 11.20
CA LEU A 1013 -6.48 63.55 12.00
C LEU A 1013 -7.56 62.85 11.17
N ASN A 1014 -7.47 61.52 11.15
CA ASN A 1014 -8.52 60.69 10.58
C ASN A 1014 -9.12 59.86 11.72
N ILE A 1015 -10.38 60.10 12.04
CA ILE A 1015 -11.11 59.32 13.04
C ILE A 1015 -12.14 58.51 12.28
N ASP A 1016 -11.99 57.19 12.33
CA ASP A 1016 -12.88 56.29 11.61
C ASP A 1016 -13.82 55.56 12.57
N GLY A 1017 -15.10 55.51 12.21
CA GLY A 1017 -16.03 54.60 12.88
C GLY A 1017 -15.69 53.18 12.46
N PHE A 1018 -15.35 53.03 11.18
CA PHE A 1018 -15.09 51.71 10.58
C PHE A 1018 -13.98 51.83 9.55
N HIS A 1019 -13.18 50.78 9.42
CA HIS A 1019 -12.06 50.76 8.49
C HIS A 1019 -11.88 49.37 7.88
N MET A 1020 -11.72 49.32 6.57
CA MET A 1020 -11.54 48.07 5.83
C MET A 1020 -10.25 47.35 6.23
N GLY A 1021 -10.27 46.02 6.11
CA GLY A 1021 -9.05 45.23 6.28
C GLY A 1021 -7.97 45.62 5.29
N ILE A 1022 -6.73 45.30 5.62
CA ILE A 1022 -5.59 45.60 4.76
C ILE A 1022 -5.22 44.43 3.84
N GLY A 1023 -5.64 43.22 4.21
CA GLY A 1023 -5.33 42.01 3.44
C GLY A 1023 -3.85 41.68 3.38
N GLY A 1024 -3.45 40.92 2.35
CA GLY A 1024 -2.06 40.51 2.23
C GLY A 1024 -1.81 39.06 1.90
N ASP A 1025 -2.86 38.23 1.80
CA ASP A 1025 -2.68 36.82 1.41
C ASP A 1025 -1.86 36.74 0.14
N ASP A 1026 -2.09 37.70 -0.75
CA ASP A 1026 -1.09 38.09 -1.74
C ASP A 1026 -1.25 39.59 -1.99
N SER A 1027 -0.40 40.17 -2.82
CA SER A 1027 -0.45 41.60 -3.11
C SER A 1027 -0.72 41.90 -4.58
N TRP A 1028 -1.34 40.95 -5.29
CA TRP A 1028 -1.61 41.14 -6.72
C TRP A 1028 -3.04 40.72 -7.11
N SER A 1029 -3.89 40.57 -6.10
CA SER A 1029 -5.32 40.29 -6.28
C SER A 1029 -6.02 40.73 -5.01
N PRO A 1030 -7.34 41.01 -5.06
CA PRO A 1030 -8.03 41.40 -3.83
C PRO A 1030 -7.85 40.31 -2.76
N SER A 1031 -7.31 40.69 -1.60
CA SER A 1031 -6.96 39.71 -0.58
C SER A 1031 -7.62 39.97 0.77
N VAL A 1032 -8.50 40.98 0.82
CA VAL A 1032 -9.21 41.31 2.05
C VAL A 1032 -10.42 40.40 2.20
N SER A 1033 -10.46 39.69 3.33
CA SER A 1033 -11.48 38.70 3.58
C SER A 1033 -12.84 39.35 3.82
N ALA A 1034 -13.91 38.70 3.37
CA ALA A 1034 -15.27 39.27 3.40
C ALA A 1034 -15.68 39.86 4.75
N GLU A 1035 -15.26 39.22 5.84
CA GLU A 1035 -15.61 39.70 7.18
C GLU A 1035 -14.92 41.03 7.53
N PHE A 1036 -13.92 41.44 6.74
CA PHE A 1036 -13.24 42.71 6.97
C PHE A 1036 -13.53 43.78 5.92
N GLN A 1037 -14.47 43.48 5.02
CA GLN A 1037 -14.94 44.46 4.05
C GLN A 1037 -16.13 45.21 4.63
N LEU A 1038 -16.26 46.49 4.29
CA LEU A 1038 -17.33 47.33 4.83
C LEU A 1038 -18.59 47.21 3.97
N SER A 1039 -19.32 46.12 4.20
CA SER A 1039 -20.42 45.70 3.33
C SER A 1039 -21.79 45.74 4.00
N ALA A 1040 -21.87 46.25 5.23
CA ALA A 1040 -23.12 46.24 5.99
C ALA A 1040 -24.20 47.19 5.46
N GLY A 1041 -23.82 48.13 4.61
CA GLY A 1041 -24.78 49.05 3.98
C GLY A 1041 -25.14 50.24 4.82
N ARG A 1042 -25.42 50.00 6.10
CA ARG A 1042 -25.71 51.08 7.06
C ARG A 1042 -24.72 51.03 8.21
N TYR A 1043 -24.16 52.19 8.56
CA TYR A 1043 -23.11 52.28 9.58
C TYR A 1043 -23.37 53.39 10.59
N HIS A 1044 -23.18 53.07 11.86
CA HIS A 1044 -23.39 54.02 12.94
C HIS A 1044 -22.14 54.17 13.81
N TYR A 1045 -21.77 55.42 14.11
CA TYR A 1045 -20.75 55.67 15.11
C TYR A 1045 -20.98 57.01 15.81
N GLN A 1046 -20.50 57.12 17.03
CA GLN A 1046 -20.69 58.33 17.82
C GLN A 1046 -19.39 58.74 18.50
N LEU A 1047 -19.15 60.05 18.55
CA LEU A 1047 -17.91 60.62 19.09
C LEU A 1047 -18.22 61.81 19.99
N VAL A 1048 -17.46 61.94 21.05
CA VAL A 1048 -17.51 63.16 21.86
C VAL A 1048 -16.17 63.89 21.73
N TRP A 1049 -16.25 65.15 21.33
CA TRP A 1049 -15.10 66.03 21.21
C TRP A 1049 -15.17 67.09 22.30
N CYS A 1050 -14.14 67.16 23.13
CA CYS A 1050 -14.09 68.20 24.17
C CYS A 1050 -12.66 68.70 24.37
N GLN A 1051 -12.51 69.72 25.20
CA GLN A 1051 -11.21 70.17 25.66
C GLN A 1051 -10.95 69.59 27.06
N LYS A 1052 -9.71 69.18 27.31
CA LYS A 1052 -9.29 68.78 28.65
C LYS A 1052 -8.38 69.84 29.25
N VAL B 38 -42.71 -26.21 31.04
CA VAL B 38 -41.46 -26.08 30.23
C VAL B 38 -41.27 -24.63 29.78
N VAL B 39 -42.33 -24.03 29.27
CA VAL B 39 -42.31 -22.65 28.77
C VAL B 39 -42.00 -21.65 29.89
N LEU B 40 -42.74 -21.74 30.99
CA LEU B 40 -42.47 -20.92 32.19
C LEU B 40 -41.16 -21.29 32.87
N GLN B 41 -40.78 -22.56 32.78
CA GLN B 41 -39.56 -23.08 33.40
C GLN B 41 -38.28 -22.60 32.71
N ARG B 42 -38.28 -22.58 31.38
CA ARG B 42 -37.07 -22.24 30.64
C ARG B 42 -36.74 -20.74 30.60
N ARG B 43 -37.75 -19.89 30.82
CA ARG B 43 -37.56 -18.43 30.78
C ARG B 43 -36.59 -18.04 29.66
N ASP B 44 -36.98 -18.35 28.41
CA ASP B 44 -36.14 -18.10 27.23
C ASP B 44 -35.93 -16.61 26.98
N TRP B 45 -36.81 -15.80 27.55
CA TRP B 45 -36.74 -14.34 27.44
C TRP B 45 -35.77 -13.70 28.45
N GLU B 46 -35.01 -14.54 29.15
CA GLU B 46 -33.93 -14.07 30.03
C GLU B 46 -32.65 -14.86 29.73
N ASN B 47 -32.46 -15.14 28.44
CA ASN B 47 -31.33 -15.94 27.97
C ASN B 47 -30.90 -15.45 26.59
N PRO B 48 -29.79 -14.70 26.52
CA PRO B 48 -29.32 -14.17 25.24
C PRO B 48 -28.83 -15.27 24.30
N GLY B 49 -28.64 -16.47 24.84
CA GLY B 49 -28.27 -17.63 24.03
C GLY B 49 -29.44 -18.17 23.21
N VAL B 50 -30.65 -17.93 23.70
CA VAL B 50 -31.88 -18.36 23.02
C VAL B 50 -32.62 -17.14 22.47
N THR B 51 -32.51 -16.94 21.16
CA THR B 51 -33.14 -15.82 20.49
C THR B 51 -34.33 -16.32 19.67
N GLN B 52 -34.42 -17.64 19.56
CA GLN B 52 -35.51 -18.27 18.82
C GLN B 52 -35.55 -19.77 19.14
N LEU B 53 -36.73 -20.34 18.98
CA LEU B 53 -36.88 -21.80 18.93
C LEU B 53 -37.75 -22.16 17.74
N ASN B 54 -37.26 -23.10 16.92
CA ASN B 54 -38.00 -23.60 15.74
C ASN B 54 -38.34 -22.54 14.69
N ARG B 55 -37.61 -21.43 14.69
CA ARG B 55 -37.79 -20.39 13.68
C ARG B 55 -37.12 -20.80 12.37
N LEU B 56 -37.81 -20.55 11.26
CA LEU B 56 -37.28 -20.84 9.93
C LEU B 56 -36.20 -19.84 9.52
N ALA B 57 -35.37 -20.24 8.56
CA ALA B 57 -34.31 -19.38 8.03
C ALA B 57 -34.90 -18.13 7.41
N ALA B 58 -34.21 -17.00 7.59
CA ALA B 58 -34.57 -15.74 6.95
C ALA B 58 -34.27 -15.81 5.46
N HIS B 59 -34.92 -14.94 4.69
CA HIS B 59 -34.86 -14.98 3.23
C HIS B 59 -35.48 -13.69 2.69
N PRO B 60 -35.28 -13.41 1.38
CA PRO B 60 -35.94 -12.27 0.76
C PRO B 60 -37.45 -12.48 0.62
N PRO B 61 -38.22 -11.40 0.39
CA PRO B 61 -39.68 -11.50 0.33
C PRO B 61 -40.17 -12.58 -0.64
N PHE B 62 -40.96 -13.52 -0.11
CA PHE B 62 -41.56 -14.60 -0.90
C PHE B 62 -43.06 -14.36 -1.07
N ALA B 63 -43.61 -14.90 -2.16
CA ALA B 63 -45.08 -14.95 -2.35
C ALA B 63 -45.54 -16.30 -2.91
N SER B 64 -44.59 -17.16 -3.29
CA SER B 64 -44.89 -18.48 -3.84
C SER B 64 -45.97 -18.42 -4.93
N TRP B 65 -45.74 -17.61 -5.95
CA TRP B 65 -46.61 -17.56 -7.10
C TRP B 65 -46.61 -18.91 -7.80
N ARG B 66 -47.75 -19.31 -8.34
CA ARG B 66 -47.85 -20.53 -9.16
C ARG B 66 -48.24 -20.15 -10.58
N ASN B 67 -48.07 -18.86 -10.87
CA ASN B 67 -48.32 -18.29 -12.19
C ASN B 67 -47.19 -17.31 -12.45
N SER B 68 -46.46 -17.53 -13.53
CA SER B 68 -45.23 -16.79 -13.82
C SER B 68 -45.47 -15.33 -14.17
N GLU B 69 -46.60 -15.06 -14.81
CA GLU B 69 -47.00 -13.71 -15.16
C GLU B 69 -47.38 -12.90 -13.92
N GLU B 70 -47.97 -13.57 -12.93
CA GLU B 70 -48.27 -12.93 -11.66
C GLU B 70 -46.97 -12.51 -10.97
N ALA B 71 -45.96 -13.37 -11.06
CA ALA B 71 -44.63 -13.06 -10.53
C ALA B 71 -44.01 -11.86 -11.25
N ARG B 72 -44.08 -11.86 -12.58
CA ARG B 72 -43.53 -10.76 -13.39
C ARG B 72 -44.15 -9.40 -13.05
N THR B 73 -45.48 -9.35 -12.94
CA THR B 73 -46.21 -8.09 -12.81
C THR B 73 -46.46 -7.71 -11.35
N ASP B 74 -45.98 -8.56 -10.43
CA ASP B 74 -46.11 -8.32 -8.99
C ASP B 74 -47.58 -8.26 -8.52
N ARG B 75 -48.42 -9.12 -9.08
CA ARG B 75 -49.81 -9.21 -8.67
C ARG B 75 -49.89 -9.96 -7.34
N PRO B 76 -51.01 -9.82 -6.62
CA PRO B 76 -51.19 -10.59 -5.39
C PRO B 76 -51.08 -12.09 -5.64
N SER B 77 -50.68 -12.81 -4.60
CA SER B 77 -50.57 -14.26 -4.68
C SER B 77 -51.59 -14.95 -3.78
N GLN B 78 -52.35 -15.88 -4.35
CA GLN B 78 -53.27 -16.71 -3.58
C GLN B 78 -52.56 -17.50 -2.47
N GLN B 79 -51.26 -17.77 -2.65
CA GLN B 79 -50.45 -18.52 -1.70
C GLN B 79 -49.92 -17.68 -0.55
N LEU B 80 -50.14 -16.36 -0.61
CA LEU B 80 -49.76 -15.46 0.48
C LEU B 80 -51.00 -14.75 1.04
N ARG B 81 -51.48 -15.23 2.19
CA ARG B 81 -52.69 -14.71 2.83
C ARG B 81 -52.36 -13.78 4.00
N SER B 82 -53.09 -12.67 4.12
CA SER B 82 -52.94 -11.80 5.27
C SER B 82 -53.83 -12.25 6.43
N LEU B 83 -53.28 -12.28 7.63
CA LEU B 83 -54.05 -12.53 8.85
C LEU B 83 -54.31 -11.27 9.65
N ASN B 84 -54.09 -10.12 9.01
CA ASN B 84 -54.39 -8.82 9.61
C ASN B 84 -55.90 -8.65 9.79
N GLY B 85 -56.28 -7.87 10.80
CA GLY B 85 -57.68 -7.59 11.06
C GLY B 85 -57.96 -7.76 12.53
N GLU B 86 -59.18 -8.20 12.84
CA GLU B 86 -59.60 -8.32 14.24
C GLU B 86 -59.12 -9.60 14.88
N TRP B 87 -58.43 -9.45 16.02
CA TRP B 87 -57.93 -10.55 16.83
C TRP B 87 -58.55 -10.42 18.22
N ARG B 88 -58.31 -11.41 19.06
CA ARG B 88 -58.65 -11.32 20.47
C ARG B 88 -57.40 -10.99 21.27
N PHE B 89 -57.57 -10.15 22.29
CA PHE B 89 -56.44 -9.67 23.09
C PHE B 89 -56.79 -9.62 24.57
N ALA B 90 -55.87 -10.08 25.41
CA ALA B 90 -55.96 -9.90 26.85
C ALA B 90 -54.61 -9.45 27.39
N TRP B 91 -54.63 -8.54 28.35
CA TRP B 91 -53.42 -8.01 28.98
C TRP B 91 -53.21 -8.65 30.36
N PHE B 92 -51.97 -9.07 30.62
CA PHE B 92 -51.58 -9.63 31.91
C PHE B 92 -50.31 -8.96 32.44
N PRO B 93 -50.14 -8.91 33.78
CA PRO B 93 -48.98 -8.20 34.36
C PRO B 93 -47.67 -8.97 34.24
N ALA B 94 -47.77 -10.29 34.06
CA ALA B 94 -46.62 -11.19 33.95
C ALA B 94 -47.04 -12.45 33.20
N PRO B 95 -46.07 -13.19 32.60
CA PRO B 95 -46.41 -14.46 31.96
C PRO B 95 -46.93 -15.54 32.91
N GLU B 96 -46.53 -15.47 34.19
CA GLU B 96 -47.04 -16.38 35.22
C GLU B 96 -48.53 -16.17 35.52
N ALA B 97 -49.07 -15.02 35.12
CA ALA B 97 -50.48 -14.70 35.37
C ALA B 97 -51.41 -15.22 34.28
N VAL B 98 -50.84 -15.72 33.18
CA VAL B 98 -51.63 -16.22 32.05
C VAL B 98 -52.23 -17.60 32.39
N PRO B 99 -53.57 -17.72 32.33
CA PRO B 99 -54.22 -19.02 32.58
C PRO B 99 -53.98 -20.02 31.45
N GLU B 100 -53.85 -21.30 31.84
CA GLU B 100 -53.60 -22.42 30.93
C GLU B 100 -54.71 -22.60 29.89
N SER B 101 -55.95 -22.31 30.30
CA SER B 101 -57.13 -22.46 29.46
C SER B 101 -57.08 -21.63 28.17
N TRP B 102 -56.31 -20.55 28.20
CA TRP B 102 -56.14 -19.64 27.06
C TRP B 102 -55.47 -20.32 25.86
N LEU B 103 -54.64 -21.33 26.11
CA LEU B 103 -53.98 -22.08 25.03
C LEU B 103 -54.99 -22.81 24.14
N GLU B 104 -56.14 -23.17 24.72
CA GLU B 104 -57.13 -23.97 24.00
C GLU B 104 -58.49 -23.30 23.82
N CYS B 105 -58.76 -22.26 24.61
CA CYS B 105 -60.06 -21.61 24.58
C CYS B 105 -59.94 -20.09 24.74
N ASP B 106 -60.76 -19.35 23.98
CA ASP B 106 -60.84 -17.89 24.09
C ASP B 106 -61.18 -17.46 25.51
N LEU B 107 -60.51 -16.42 26.01
CA LEU B 107 -60.84 -15.85 27.30
C LEU B 107 -62.07 -14.96 27.16
N PRO B 108 -63.09 -15.18 28.02
CA PRO B 108 -64.31 -14.37 27.99
C PRO B 108 -64.04 -12.90 28.30
N GLU B 109 -63.01 -12.62 29.09
CA GLU B 109 -62.67 -11.25 29.46
C GLU B 109 -61.79 -10.54 28.41
N ALA B 110 -61.32 -11.30 27.42
CA ALA B 110 -60.51 -10.74 26.33
C ALA B 110 -61.32 -9.75 25.49
N ASP B 111 -60.62 -8.79 24.89
CA ASP B 111 -61.24 -7.83 23.99
C ASP B 111 -60.97 -8.22 22.54
N THR B 112 -61.69 -7.59 21.63
CA THR B 112 -61.45 -7.74 20.19
C THR B 112 -60.74 -6.49 19.70
N VAL B 113 -59.54 -6.67 19.14
CA VAL B 113 -58.70 -5.54 18.74
C VAL B 113 -58.14 -5.73 17.34
N VAL B 114 -57.78 -4.62 16.70
CA VAL B 114 -57.12 -4.63 15.40
C VAL B 114 -55.64 -4.99 15.55
N VAL B 115 -55.18 -5.89 14.69
CA VAL B 115 -53.77 -6.28 14.55
C VAL B 115 -53.41 -6.03 13.08
N PRO B 116 -52.24 -5.41 12.81
CA PRO B 116 -51.18 -4.99 13.73
C PRO B 116 -51.50 -3.78 14.59
N SER B 117 -50.97 -3.78 15.81
CA SER B 117 -51.13 -2.68 16.75
C SER B 117 -50.08 -2.74 17.84
N ASN B 118 -49.86 -1.60 18.50
CA ASN B 118 -49.18 -1.59 19.78
C ASN B 118 -50.24 -1.47 20.87
N TRP B 119 -50.16 -2.32 21.89
CA TRP B 119 -51.21 -2.36 22.90
C TRP B 119 -51.29 -1.11 23.79
N GLN B 120 -50.22 -0.33 23.83
CA GLN B 120 -50.23 0.97 24.47
C GLN B 120 -51.17 1.95 23.74
N MET B 121 -51.28 1.79 22.43
CA MET B 121 -52.12 2.68 21.63
C MET B 121 -53.60 2.41 21.84
N HIS B 122 -53.91 1.26 22.44
CA HIS B 122 -55.29 0.90 22.74
C HIS B 122 -55.58 1.15 24.23
N GLY B 123 -54.55 1.62 24.93
CA GLY B 123 -54.69 2.01 26.34
C GLY B 123 -54.54 0.94 27.38
N TYR B 124 -53.98 -0.22 27.02
CA TYR B 124 -53.81 -1.31 27.98
C TYR B 124 -52.73 -1.06 29.03
N ASP B 125 -51.62 -0.45 28.60
CA ASP B 125 -50.66 0.14 29.54
C ASP B 125 -50.02 1.36 28.89
N ALA B 126 -49.11 2.02 29.62
CA ALA B 126 -48.54 3.27 29.15
C ALA B 126 -47.35 3.05 28.20
N PRO B 127 -47.29 3.84 27.12
CA PRO B 127 -46.04 3.88 26.37
C PRO B 127 -45.03 4.68 27.20
N ILE B 128 -43.75 4.32 27.11
CA ILE B 128 -42.70 5.00 27.90
C ILE B 128 -41.76 5.72 26.95
N TYR B 129 -41.58 7.03 27.14
CA TYR B 129 -40.51 7.72 26.44
C TYR B 129 -39.27 7.95 27.29
N THR B 130 -38.23 7.17 27.01
CA THR B 130 -36.92 7.38 27.59
C THR B 130 -35.87 7.35 26.47
N ASN B 131 -34.87 8.21 26.60
CA ASN B 131 -33.81 8.36 25.61
C ASN B 131 -32.69 7.33 25.82
N VAL B 132 -31.82 7.57 26.78
CA VAL B 132 -30.64 6.74 27.00
C VAL B 132 -30.86 5.70 28.09
N THR B 133 -31.35 6.13 29.25
CA THR B 133 -31.59 5.24 30.38
C THR B 133 -32.61 4.17 29.99
N TYR B 134 -32.22 2.91 30.16
CA TYR B 134 -33.11 1.77 29.94
C TYR B 134 -34.39 1.91 30.76
N PRO B 135 -35.54 1.52 30.16
CA PRO B 135 -36.83 1.58 30.85
C PRO B 135 -36.94 0.50 31.94
N ILE B 136 -35.99 -0.43 31.97
CA ILE B 136 -35.93 -1.48 32.97
C ILE B 136 -34.60 -1.39 33.72
N THR B 137 -34.54 -1.94 34.92
CA THR B 137 -33.29 -2.01 35.68
C THR B 137 -32.21 -2.73 34.87
N VAL B 138 -31.01 -2.14 34.82
CA VAL B 138 -29.91 -2.73 34.06
C VAL B 138 -29.31 -3.91 34.82
N ASN B 139 -29.78 -5.11 34.50
CA ASN B 139 -29.32 -6.33 35.14
C ASN B 139 -29.30 -7.50 34.14
N PRO B 140 -28.51 -7.36 33.06
CA PRO B 140 -28.54 -8.34 31.97
C PRO B 140 -28.13 -9.74 32.45
N PRO B 141 -28.82 -10.79 31.96
CA PRO B 141 -29.89 -10.77 30.96
C PRO B 141 -31.32 -10.68 31.52
N PHE B 142 -31.45 -10.35 32.81
CA PHE B 142 -32.75 -10.38 33.49
C PHE B 142 -33.64 -9.18 33.20
N VAL B 143 -34.95 -9.44 33.22
CA VAL B 143 -35.96 -8.40 33.04
C VAL B 143 -36.89 -8.38 34.25
N PRO B 144 -37.71 -7.32 34.43
CA PRO B 144 -38.58 -7.31 35.61
C PRO B 144 -39.52 -8.53 35.67
N THR B 145 -39.79 -9.02 36.88
CA THR B 145 -40.79 -10.08 37.07
C THR B 145 -42.18 -9.54 36.70
N GLU B 146 -42.41 -8.25 36.96
CA GLU B 146 -43.58 -7.53 36.44
C GLU B 146 -43.31 -7.22 34.96
N ASN B 147 -43.75 -8.13 34.09
CA ASN B 147 -43.44 -8.07 32.67
C ASN B 147 -44.76 -8.05 31.90
N PRO B 148 -45.22 -6.86 31.49
CA PRO B 148 -46.50 -6.78 30.78
C PRO B 148 -46.56 -7.76 29.60
N THR B 149 -47.61 -8.57 29.58
CA THR B 149 -47.72 -9.71 28.70
C THR B 149 -48.99 -9.55 27.88
N GLY B 150 -48.85 -9.60 26.56
CA GLY B 150 -49.98 -9.45 25.65
C GLY B 150 -50.40 -10.78 25.07
N CYS B 151 -51.61 -11.20 25.41
CA CYS B 151 -52.13 -12.47 24.93
C CYS B 151 -53.02 -12.27 23.72
N TYR B 152 -52.43 -12.50 22.55
CA TYR B 152 -53.12 -12.36 21.27
C TYR B 152 -53.62 -13.73 20.82
N SER B 153 -54.81 -13.77 20.23
CA SER B 153 -55.32 -15.03 19.68
C SER B 153 -56.19 -14.81 18.45
N LEU B 154 -56.19 -15.79 17.56
CA LEU B 154 -56.97 -15.73 16.34
C LEU B 154 -57.58 -17.07 15.99
N THR B 155 -58.88 -17.05 15.73
CA THR B 155 -59.59 -18.17 15.15
C THR B 155 -59.77 -17.87 13.66
N PHE B 156 -59.25 -18.75 12.83
CA PHE B 156 -59.24 -18.56 11.38
C PHE B 156 -59.44 -19.88 10.65
N ASN B 157 -59.88 -19.78 9.40
CA ASN B 157 -60.08 -20.96 8.55
C ASN B 157 -58.83 -21.27 7.72
N VAL B 158 -58.49 -22.56 7.63
CA VAL B 158 -57.48 -23.04 6.70
C VAL B 158 -58.13 -24.08 5.80
N ASP B 159 -57.99 -23.88 4.48
CA ASP B 159 -58.55 -24.80 3.51
C ASP B 159 -57.72 -26.09 3.41
N GLU B 160 -58.42 -27.22 3.30
CA GLU B 160 -57.80 -28.55 3.19
C GLU B 160 -56.67 -28.63 2.15
N SER B 161 -56.86 -27.94 1.02
CA SER B 161 -55.88 -27.93 -0.08
C SER B 161 -54.49 -27.46 0.35
N TRP B 162 -54.46 -26.60 1.37
CA TRP B 162 -53.21 -26.09 1.92
C TRP B 162 -52.46 -27.13 2.75
N LEU B 163 -53.20 -28.12 3.24
CA LEU B 163 -52.62 -29.14 4.13
C LEU B 163 -52.37 -30.48 3.46
N GLN B 164 -53.03 -30.72 2.32
CA GLN B 164 -52.89 -31.99 1.60
C GLN B 164 -51.52 -32.14 0.96
N GLU B 165 -50.89 -31.02 0.61
CA GLU B 165 -49.53 -31.00 0.05
C GLU B 165 -48.81 -29.70 0.42
N GLY B 166 -47.49 -29.73 0.34
CA GLY B 166 -46.67 -28.55 0.58
C GLY B 166 -46.55 -28.12 2.03
N GLN B 167 -46.09 -26.88 2.20
CA GLN B 167 -45.71 -26.34 3.51
C GLN B 167 -46.48 -25.05 3.77
N THR B 168 -47.14 -24.98 4.92
CA THR B 168 -47.84 -23.77 5.34
C THR B 168 -47.09 -23.15 6.50
N ARG B 169 -46.58 -21.93 6.30
CA ARG B 169 -45.87 -21.21 7.35
C ARG B 169 -46.63 -19.97 7.78
N ILE B 170 -46.41 -19.54 9.03
CA ILE B 170 -46.90 -18.25 9.49
C ILE B 170 -45.73 -17.28 9.57
N ILE B 171 -45.98 -16.03 9.21
CA ILE B 171 -44.96 -14.99 9.20
C ILE B 171 -45.40 -13.82 10.06
N PHE B 172 -44.64 -13.56 11.13
CA PHE B 172 -44.84 -12.38 11.95
C PHE B 172 -43.79 -11.35 11.60
N ASP B 173 -44.18 -10.31 10.84
CA ASP B 173 -43.22 -9.31 10.38
C ASP B 173 -42.59 -8.48 11.49
N GLY B 174 -43.31 -8.35 12.61
CA GLY B 174 -42.82 -7.57 13.74
C GLY B 174 -43.58 -7.85 15.01
N VAL B 175 -42.87 -8.40 16.00
CA VAL B 175 -43.42 -8.64 17.33
C VAL B 175 -42.44 -8.08 18.36
N ASN B 176 -42.92 -7.20 19.23
CA ASN B 176 -42.09 -6.44 20.18
C ASN B 176 -42.44 -6.85 21.62
N SER B 177 -41.51 -7.44 22.39
CA SER B 177 -40.11 -7.69 22.02
C SER B 177 -39.77 -9.16 21.87
N ALA B 178 -40.61 -10.03 22.42
CA ALA B 178 -40.44 -11.48 22.31
C ALA B 178 -41.80 -12.15 22.40
N PHE B 179 -41.88 -13.40 21.95
CA PHE B 179 -43.14 -14.13 21.96
C PHE B 179 -42.99 -15.64 21.84
N HIS B 180 -43.92 -16.34 22.48
CA HIS B 180 -44.13 -17.76 22.27
C HIS B 180 -45.38 -17.92 21.41
N LEU B 181 -45.39 -18.96 20.58
CA LEU B 181 -46.50 -19.24 19.68
C LEU B 181 -47.05 -20.64 19.91
N TRP B 182 -48.38 -20.74 20.02
CA TRP B 182 -49.07 -22.02 20.05
C TRP B 182 -50.04 -22.08 18.89
N CYS B 183 -50.31 -23.29 18.40
CA CYS B 183 -51.31 -23.49 17.35
C CYS B 183 -52.17 -24.68 17.72
N ASN B 184 -53.48 -24.44 17.79
CA ASN B 184 -54.45 -25.43 18.28
C ASN B 184 -54.03 -26.08 19.62
N GLY B 185 -53.39 -25.28 20.47
CA GLY B 185 -52.99 -25.72 21.81
C GLY B 185 -51.59 -26.30 21.91
N ARG B 186 -50.95 -26.56 20.77
CA ARG B 186 -49.62 -27.15 20.76
C ARG B 186 -48.58 -26.05 20.55
N TRP B 187 -47.49 -26.13 21.31
CA TRP B 187 -46.44 -25.11 21.24
C TRP B 187 -45.63 -25.26 19.96
N VAL B 188 -45.46 -24.15 19.25
CA VAL B 188 -44.76 -24.14 17.97
C VAL B 188 -43.34 -23.64 18.13
N GLY B 189 -43.18 -22.42 18.65
CA GLY B 189 -41.86 -21.85 18.82
C GLY B 189 -41.78 -20.51 19.50
N TYR B 190 -40.62 -19.88 19.36
CA TYR B 190 -40.27 -18.67 20.08
C TYR B 190 -39.45 -17.76 19.17
N GLY B 191 -39.57 -16.45 19.35
CA GLY B 191 -38.80 -15.50 18.55
C GLY B 191 -38.43 -14.22 19.26
N GLN B 192 -37.23 -13.70 18.96
CA GLN B 192 -36.79 -12.38 19.42
C GLN B 192 -36.38 -11.51 18.21
N ASP B 193 -35.99 -10.27 18.48
CA ASP B 193 -35.77 -9.19 17.48
C ASP B 193 -37.08 -8.65 16.98
N SER B 194 -37.44 -7.48 17.49
CA SER B 194 -38.73 -6.84 17.26
C SER B 194 -38.92 -6.37 15.82
N ARG B 195 -37.86 -6.35 15.02
CA ARG B 195 -37.88 -5.59 13.77
C ARG B 195 -37.59 -6.39 12.51
N LEU B 196 -37.52 -7.71 12.66
CA LEU B 196 -37.40 -8.64 11.53
C LEU B 196 -38.45 -9.74 11.63
N PRO B 197 -38.87 -10.31 10.48
CA PRO B 197 -39.92 -11.32 10.50
C PRO B 197 -39.50 -12.60 11.20
N SER B 198 -40.42 -13.18 11.97
CA SER B 198 -40.23 -14.51 12.55
C SER B 198 -41.19 -15.46 11.86
N GLU B 199 -40.64 -16.53 11.29
CA GLU B 199 -41.43 -17.49 10.52
C GLU B 199 -41.39 -18.90 11.12
N PHE B 200 -42.53 -19.59 11.10
CA PHE B 200 -42.66 -20.92 11.69
C PHE B 200 -43.50 -21.84 10.81
N ASP B 201 -43.03 -23.07 10.64
CA ASP B 201 -43.75 -24.05 9.83
C ASP B 201 -44.91 -24.63 10.65
N LEU B 202 -46.14 -24.38 10.18
CA LEU B 202 -47.35 -24.82 10.86
C LEU B 202 -48.00 -26.06 10.22
N SER B 203 -47.32 -26.66 9.24
CA SER B 203 -47.87 -27.76 8.45
C SER B 203 -48.44 -28.90 9.28
N ALA B 204 -47.72 -29.29 10.34
CA ALA B 204 -48.11 -30.41 11.20
C ALA B 204 -49.04 -30.00 12.34
N PHE B 205 -49.33 -28.71 12.46
CA PHE B 205 -50.14 -28.19 13.57
C PHE B 205 -51.59 -27.88 13.17
N LEU B 206 -51.78 -27.57 11.89
CA LEU B 206 -53.09 -27.13 11.42
C LEU B 206 -54.02 -28.28 11.08
N ARG B 207 -55.32 -28.00 11.14
CA ARG B 207 -56.36 -28.91 10.69
C ARG B 207 -57.21 -28.23 9.61
N ALA B 208 -57.86 -29.02 8.76
CA ALA B 208 -58.83 -28.48 7.81
C ALA B 208 -59.94 -27.79 8.57
N GLY B 209 -60.31 -26.60 8.13
CA GLY B 209 -61.36 -25.81 8.80
C GLY B 209 -60.82 -24.85 9.84
N GLU B 210 -61.48 -24.81 11.00
CA GLU B 210 -61.21 -23.83 12.04
C GLU B 210 -59.95 -24.15 12.84
N ASN B 211 -59.08 -23.16 12.98
CA ASN B 211 -57.84 -23.26 13.76
C ASN B 211 -57.73 -22.08 14.72
N ARG B 212 -56.95 -22.25 15.79
CA ARG B 212 -56.70 -21.15 16.72
C ARG B 212 -55.21 -20.94 17.02
N LEU B 213 -54.75 -19.71 16.82
CA LEU B 213 -53.39 -19.30 17.21
C LEU B 213 -53.42 -18.67 18.58
N ALA B 214 -52.40 -18.96 19.39
CA ALA B 214 -52.21 -18.29 20.67
C ALA B 214 -50.81 -17.68 20.70
N VAL B 215 -50.72 -16.36 20.86
CA VAL B 215 -49.44 -15.66 20.85
C VAL B 215 -49.24 -14.89 22.15
N MET B 216 -48.24 -15.29 22.92
CA MET B 216 -47.91 -14.60 24.16
C MET B 216 -46.71 -13.68 23.92
N VAL B 217 -46.99 -12.38 23.91
CA VAL B 217 -45.98 -11.37 23.61
C VAL B 217 -45.51 -10.74 24.92
N LEU B 218 -44.20 -10.83 25.17
CA LEU B 218 -43.60 -10.24 26.35
C LEU B 218 -43.05 -8.85 26.02
N ARG B 219 -43.42 -7.86 26.82
CA ARG B 219 -42.93 -6.50 26.62
C ARG B 219 -41.41 -6.42 26.76
N TRP B 220 -40.88 -7.05 27.81
CA TRP B 220 -39.43 -7.07 28.06
C TRP B 220 -38.81 -8.47 27.87
N SER B 221 -37.58 -8.49 27.35
CA SER B 221 -36.81 -9.74 27.17
C SER B 221 -35.33 -9.38 27.14
N ASP B 222 -34.47 -10.40 27.10
CA ASP B 222 -33.03 -10.16 26.94
C ASP B 222 -32.75 -9.36 25.63
N GLY B 223 -33.67 -9.45 24.69
CA GLY B 223 -33.62 -8.66 23.45
C GLY B 223 -33.72 -7.17 23.67
N SER B 224 -34.44 -6.75 24.73
CA SER B 224 -34.61 -5.33 25.08
C SER B 224 -33.27 -4.64 25.40
N TYR B 225 -32.28 -5.44 25.82
CA TYR B 225 -30.94 -4.91 26.06
C TYR B 225 -30.27 -4.43 24.78
N LEU B 226 -30.74 -4.95 23.65
CA LEU B 226 -30.23 -4.57 22.33
C LEU B 226 -31.19 -3.62 21.61
N GLU B 227 -32.19 -3.12 22.33
CA GLU B 227 -33.23 -2.28 21.72
C GLU B 227 -33.44 -0.98 22.51
N ASP B 228 -32.36 -0.29 22.82
CA ASP B 228 -32.42 0.93 23.60
C ASP B 228 -32.43 2.20 22.75
N GLN B 229 -33.15 2.18 21.63
CA GLN B 229 -33.31 3.35 20.77
C GLN B 229 -34.06 4.48 21.49
N ASP B 230 -33.65 5.72 21.19
CA ASP B 230 -34.30 6.93 21.69
C ASP B 230 -35.66 7.10 21.00
N MET B 231 -36.67 6.44 21.55
CA MET B 231 -38.03 6.44 21.00
C MET B 231 -39.00 5.93 22.05
N TRP B 232 -40.29 6.05 21.79
CA TRP B 232 -41.29 5.45 22.67
C TRP B 232 -41.04 3.96 22.79
N ARG B 233 -41.11 3.47 24.02
CA ARG B 233 -41.00 2.04 24.28
C ARG B 233 -42.41 1.45 24.33
N MET B 234 -42.74 0.66 23.30
CA MET B 234 -44.05 0.05 23.15
C MET B 234 -43.88 -1.45 22.98
N SER B 235 -44.95 -2.15 22.61
CA SER B 235 -44.90 -3.60 22.43
C SER B 235 -46.15 -4.13 21.73
N GLY B 236 -46.10 -5.42 21.38
CA GLY B 236 -47.23 -6.09 20.73
C GLY B 236 -46.93 -6.59 19.32
N ILE B 237 -47.96 -7.09 18.65
CA ILE B 237 -47.85 -7.54 17.26
C ILE B 237 -48.08 -6.32 16.35
N PHE B 238 -47.00 -5.60 16.04
CA PHE B 238 -47.11 -4.26 15.46
C PHE B 238 -46.85 -4.17 13.95
N ARG B 239 -46.45 -5.29 13.35
CA ARG B 239 -46.36 -5.41 11.89
C ARG B 239 -47.22 -6.57 11.40
N ASP B 240 -47.37 -6.68 10.08
CA ASP B 240 -48.27 -7.64 9.44
C ASP B 240 -48.06 -9.09 9.87
N VAL B 241 -49.16 -9.84 9.93
CA VAL B 241 -49.11 -11.28 10.11
C VAL B 241 -49.63 -11.90 8.83
N SER B 242 -48.97 -12.95 8.33
CA SER B 242 -49.40 -13.59 7.11
C SER B 242 -49.16 -15.10 7.10
N LEU B 243 -49.90 -15.80 6.25
CA LEU B 243 -49.69 -17.23 5.97
C LEU B 243 -49.16 -17.42 4.56
N LEU B 244 -48.11 -18.22 4.41
CA LEU B 244 -47.51 -18.47 3.11
C LEU B 244 -47.48 -19.97 2.81
N HIS B 245 -48.07 -20.37 1.69
CA HIS B 245 -47.98 -21.76 1.25
C HIS B 245 -46.86 -21.95 0.23
N LYS B 246 -45.95 -22.89 0.50
CA LYS B 246 -44.88 -23.24 -0.44
C LYS B 246 -44.99 -24.72 -0.78
N PRO B 247 -44.61 -25.10 -2.02
CA PRO B 247 -44.52 -26.54 -2.29
C PRO B 247 -43.38 -27.15 -1.50
N THR B 248 -43.44 -28.46 -1.24
CA THR B 248 -42.36 -29.17 -0.55
C THR B 248 -41.02 -28.96 -1.26
N THR B 249 -41.06 -29.06 -2.59
CA THR B 249 -39.91 -28.72 -3.43
C THR B 249 -40.03 -27.24 -3.77
N GLN B 250 -39.09 -26.44 -3.25
CA GLN B 250 -39.27 -24.99 -3.20
C GLN B 250 -38.00 -24.19 -3.42
N ILE B 251 -38.19 -22.94 -3.87
CA ILE B 251 -37.16 -21.92 -3.83
C ILE B 251 -37.04 -21.48 -2.38
N SER B 252 -35.87 -21.74 -1.79
CA SER B 252 -35.68 -21.40 -0.38
C SER B 252 -34.92 -20.10 -0.18
N ASP B 253 -34.20 -19.66 -1.23
CA ASP B 253 -33.39 -18.45 -1.17
C ASP B 253 -32.96 -18.08 -2.59
N PHE B 254 -32.76 -16.79 -2.83
CA PHE B 254 -32.13 -16.32 -4.08
C PHE B 254 -31.44 -14.97 -3.89
N HIS B 255 -30.25 -14.84 -4.46
CA HIS B 255 -29.49 -13.60 -4.38
C HIS B 255 -29.24 -13.07 -5.77
N VAL B 256 -29.45 -11.78 -5.95
CA VAL B 256 -29.22 -11.13 -7.24
C VAL B 256 -28.06 -10.14 -7.12
N ALA B 257 -27.06 -10.31 -7.97
CA ALA B 257 -25.97 -9.33 -8.10
C ALA B 257 -25.91 -8.77 -9.52
N THR B 258 -25.48 -7.51 -9.63
CA THR B 258 -25.19 -6.89 -10.93
C THR B 258 -23.79 -6.29 -10.92
N ARG B 259 -22.93 -6.77 -11.82
CA ARG B 259 -21.59 -6.20 -11.99
C ARG B 259 -21.39 -5.60 -13.39
N PHE B 260 -20.44 -4.68 -13.50
CA PHE B 260 -20.36 -3.81 -14.67
C PHE B 260 -18.95 -3.72 -15.23
N ASN B 261 -18.84 -3.33 -16.50
CA ASN B 261 -17.55 -2.93 -17.06
C ASN B 261 -17.27 -1.47 -16.67
N ASP B 262 -16.10 -0.95 -17.07
CA ASP B 262 -15.65 0.38 -16.62
C ASP B 262 -16.61 1.54 -16.92
N ASP B 263 -17.27 1.53 -18.08
CA ASP B 263 -18.15 2.64 -18.46
C ASP B 263 -19.64 2.33 -18.31
N PHE B 264 -19.94 1.20 -17.67
CA PHE B 264 -21.32 0.81 -17.34
C PHE B 264 -22.21 0.56 -18.57
N SER B 265 -21.58 0.22 -19.69
CA SER B 265 -22.29 -0.08 -20.93
C SER B 265 -22.61 -1.57 -21.05
N ARG B 266 -22.09 -2.36 -20.12
CA ARG B 266 -22.37 -3.80 -20.08
C ARG B 266 -22.46 -4.26 -18.63
N ALA B 267 -23.41 -5.13 -18.36
CA ALA B 267 -23.57 -5.70 -17.03
C ALA B 267 -23.79 -7.19 -17.10
N VAL B 268 -23.40 -7.88 -16.04
CA VAL B 268 -23.78 -9.26 -15.84
C VAL B 268 -24.70 -9.32 -14.63
N LEU B 269 -25.89 -9.85 -14.82
CA LEU B 269 -26.76 -10.16 -13.69
C LEU B 269 -26.48 -11.60 -13.28
N GLU B 270 -26.09 -11.77 -12.02
CA GLU B 270 -25.83 -13.08 -11.47
C GLU B 270 -26.89 -13.40 -10.42
N ALA B 271 -27.60 -14.51 -10.61
CA ALA B 271 -28.64 -14.93 -9.68
C ALA B 271 -28.32 -16.30 -9.08
N GLU B 272 -28.03 -16.34 -7.78
CA GLU B 272 -27.82 -17.60 -7.08
C GLU B 272 -29.13 -18.07 -6.48
N VAL B 273 -29.49 -19.32 -6.75
CA VAL B 273 -30.80 -19.85 -6.34
C VAL B 273 -30.61 -21.13 -5.53
N GLN B 274 -31.31 -21.21 -4.39
CA GLN B 274 -31.23 -22.35 -3.49
C GLN B 274 -32.61 -23.02 -3.38
N MET B 275 -32.62 -24.34 -3.30
CA MET B 275 -33.88 -25.08 -3.14
C MET B 275 -33.89 -25.91 -1.86
N CYS B 276 -35.09 -26.24 -1.40
CA CYS B 276 -35.30 -27.24 -0.36
C CYS B 276 -36.30 -28.27 -0.90
N GLY B 277 -36.28 -29.47 -0.33
CA GLY B 277 -37.10 -30.55 -0.84
C GLY B 277 -36.25 -31.60 -1.55
N GLU B 278 -36.90 -32.55 -2.20
CA GLU B 278 -36.19 -33.65 -2.83
C GLU B 278 -35.60 -33.22 -4.17
N LEU B 279 -34.29 -33.41 -4.32
CA LEU B 279 -33.61 -33.14 -5.57
C LEU B 279 -33.91 -34.22 -6.60
N ARG B 280 -34.23 -33.79 -7.82
CA ARG B 280 -34.42 -34.72 -8.94
C ARG B 280 -33.70 -34.16 -10.16
N ASP B 281 -33.24 -35.05 -11.04
CA ASP B 281 -32.52 -34.66 -12.26
C ASP B 281 -33.36 -33.81 -13.23
N TYR B 282 -34.67 -33.93 -13.15
CA TYR B 282 -35.56 -33.17 -14.05
C TYR B 282 -35.85 -31.75 -13.56
N LEU B 283 -35.37 -31.40 -12.37
CA LEU B 283 -35.59 -30.05 -11.83
C LEU B 283 -34.74 -29.03 -12.56
N ARG B 284 -35.29 -27.82 -12.72
CA ARG B 284 -34.60 -26.74 -13.40
C ARG B 284 -34.91 -25.42 -12.74
N VAL B 285 -33.99 -24.47 -12.86
CA VAL B 285 -34.25 -23.09 -12.52
C VAL B 285 -34.11 -22.23 -13.76
N THR B 286 -35.12 -21.40 -14.01
CA THR B 286 -35.03 -20.36 -15.04
C THR B 286 -35.09 -18.99 -14.35
N VAL B 287 -34.12 -18.14 -14.66
CA VAL B 287 -34.16 -16.74 -14.27
C VAL B 287 -34.30 -15.89 -15.53
N SER B 288 -35.37 -15.11 -15.58
CA SER B 288 -35.58 -14.22 -16.72
C SER B 288 -35.64 -12.78 -16.23
N LEU B 289 -35.10 -11.88 -17.05
CA LEU B 289 -35.00 -10.47 -16.70
C LEU B 289 -35.85 -9.64 -17.65
N TRP B 290 -36.72 -8.80 -17.08
CA TRP B 290 -37.67 -8.03 -17.86
C TRP B 290 -37.46 -6.54 -17.70
N GLN B 291 -37.62 -5.80 -18.80
CA GLN B 291 -37.80 -4.36 -18.73
C GLN B 291 -39.19 -4.03 -19.24
N GLY B 292 -40.07 -3.63 -18.32
CA GLY B 292 -41.49 -3.48 -18.64
C GLY B 292 -42.04 -4.83 -19.09
N GLU B 293 -42.63 -4.87 -20.29
CA GLU B 293 -43.14 -6.13 -20.83
C GLU B 293 -42.17 -6.85 -21.78
N THR B 294 -40.95 -6.34 -21.87
CA THR B 294 -39.92 -6.91 -22.74
C THR B 294 -38.94 -7.78 -21.96
N GLN B 295 -38.85 -9.06 -22.31
CA GLN B 295 -37.82 -9.93 -21.73
C GLN B 295 -36.49 -9.63 -22.41
N VAL B 296 -35.49 -9.24 -21.62
CA VAL B 296 -34.20 -8.83 -22.18
C VAL B 296 -33.13 -9.91 -22.08
N ALA B 297 -33.35 -10.87 -21.19
CA ALA B 297 -32.39 -11.95 -20.94
C ALA B 297 -33.06 -13.09 -20.18
N SER B 298 -32.55 -14.30 -20.39
CA SER B 298 -33.06 -15.49 -19.71
C SER B 298 -31.99 -16.56 -19.65
N GLY B 299 -31.99 -17.33 -18.56
CA GLY B 299 -31.07 -18.46 -18.41
C GLY B 299 -31.74 -19.62 -17.69
N THR B 300 -31.43 -20.84 -18.12
CA THR B 300 -31.97 -22.05 -17.51
C THR B 300 -30.85 -23.04 -17.22
N ALA B 301 -30.95 -23.72 -16.07
CA ALA B 301 -29.95 -24.71 -15.66
C ALA B 301 -30.57 -25.68 -14.65
N PRO B 302 -30.04 -26.92 -14.61
CA PRO B 302 -30.39 -27.83 -13.52
C PRO B 302 -29.65 -27.42 -12.27
N PHE B 303 -30.04 -27.99 -11.12
CA PHE B 303 -29.31 -27.73 -9.89
C PHE B 303 -27.94 -28.39 -9.89
N GLY B 304 -27.03 -27.84 -9.10
CA GLY B 304 -25.66 -28.35 -9.03
C GLY B 304 -24.70 -27.22 -9.30
N GLY B 305 -24.16 -26.64 -8.23
CA GLY B 305 -23.21 -25.54 -8.37
C GLY B 305 -21.83 -26.06 -8.73
N GLU B 306 -20.92 -25.13 -9.03
CA GLU B 306 -19.53 -25.46 -9.33
C GLU B 306 -18.81 -26.08 -8.12
N ILE B 307 -17.68 -26.73 -8.37
CA ILE B 307 -16.86 -27.29 -7.30
C ILE B 307 -16.35 -26.15 -6.41
N ILE B 308 -16.51 -26.34 -5.10
CA ILE B 308 -16.21 -25.30 -4.12
C ILE B 308 -15.03 -25.68 -3.23
N ASP B 309 -14.93 -26.97 -2.89
CA ASP B 309 -13.83 -27.48 -2.10
C ASP B 309 -13.61 -28.97 -2.38
N GLU B 310 -12.77 -29.60 -1.57
CA GLU B 310 -12.42 -31.01 -1.71
C GLU B 310 -13.65 -31.93 -1.70
N ARG B 311 -14.73 -31.48 -1.08
CA ARG B 311 -15.95 -32.28 -0.94
C ARG B 311 -17.00 -32.02 -2.04
N GLY B 312 -16.62 -31.26 -3.08
CA GLY B 312 -17.52 -30.99 -4.21
C GLY B 312 -18.19 -29.63 -4.13
N GLY B 313 -19.49 -29.60 -4.44
CA GLY B 313 -20.24 -28.35 -4.49
C GLY B 313 -21.63 -28.49 -3.90
N TYR B 314 -22.42 -27.40 -3.98
CA TYR B 314 -23.81 -27.42 -3.55
C TYR B 314 -24.70 -28.07 -4.62
N ALA B 315 -25.19 -29.28 -4.34
CA ALA B 315 -26.11 -29.97 -5.24
C ALA B 315 -27.50 -29.30 -5.26
N ASP B 316 -27.77 -28.50 -4.23
CA ASP B 316 -29.08 -27.86 -4.03
C ASP B 316 -29.09 -26.37 -4.36
N ARG B 317 -28.11 -25.94 -5.17
CA ARG B 317 -28.02 -24.55 -5.59
C ARG B 317 -27.58 -24.46 -7.05
N VAL B 318 -27.89 -23.33 -7.66
CA VAL B 318 -27.43 -23.05 -9.02
C VAL B 318 -27.27 -21.54 -9.15
N THR B 319 -26.32 -21.14 -9.98
CA THR B 319 -26.11 -19.74 -10.30
C THR B 319 -26.33 -19.51 -11.79
N LEU B 320 -27.23 -18.58 -12.09
CA LEU B 320 -27.50 -18.18 -13.47
C LEU B 320 -26.81 -16.86 -13.71
N ARG B 321 -26.21 -16.72 -14.89
CA ARG B 321 -25.54 -15.48 -15.28
C ARG B 321 -26.15 -14.95 -16.57
N LEU B 322 -26.62 -13.71 -16.53
CA LEU B 322 -27.28 -13.10 -17.68
C LEU B 322 -26.53 -11.86 -18.12
N ASN B 323 -26.20 -11.78 -19.41
CA ASN B 323 -25.56 -10.61 -19.97
C ASN B 323 -26.58 -9.55 -20.33
N VAL B 324 -26.30 -8.29 -19.97
CA VAL B 324 -27.17 -7.18 -20.28
C VAL B 324 -26.37 -6.03 -20.90
N GLU B 325 -26.67 -5.70 -22.15
CA GLU B 325 -26.00 -4.62 -22.86
C GLU B 325 -26.72 -3.31 -22.61
N ASN B 326 -25.96 -2.26 -22.32
CA ASN B 326 -26.50 -0.92 -22.08
C ASN B 326 -27.65 -0.89 -21.07
N PRO B 327 -27.43 -1.48 -19.88
CA PRO B 327 -28.55 -1.48 -18.94
C PRO B 327 -28.95 -0.06 -18.57
N LYS B 328 -30.25 0.13 -18.32
CA LYS B 328 -30.74 1.36 -17.76
C LYS B 328 -30.42 1.31 -16.28
N LEU B 329 -29.65 2.30 -15.82
CA LEU B 329 -29.08 2.26 -14.48
C LEU B 329 -30.01 2.86 -13.44
N TRP B 330 -29.96 2.30 -12.24
CA TRP B 330 -30.74 2.78 -11.12
C TRP B 330 -29.98 3.85 -10.32
N SER B 331 -30.67 4.95 -10.01
CA SER B 331 -30.22 5.94 -9.05
C SER B 331 -31.44 6.56 -8.37
N ALA B 332 -31.23 7.40 -7.36
CA ALA B 332 -32.32 8.19 -6.79
C ALA B 332 -32.78 9.26 -7.79
N GLU B 333 -31.92 9.60 -8.75
CA GLU B 333 -32.26 10.56 -9.81
C GLU B 333 -33.21 9.95 -10.83
N ILE B 334 -32.87 8.76 -11.33
CA ILE B 334 -33.69 7.98 -12.27
C ILE B 334 -33.76 6.55 -11.74
N PRO B 335 -34.84 6.20 -11.02
CA PRO B 335 -34.92 4.85 -10.44
C PRO B 335 -35.38 3.78 -11.43
N ASN B 336 -34.61 3.60 -12.50
CA ASN B 336 -34.85 2.56 -13.48
C ASN B 336 -34.87 1.19 -12.81
N LEU B 337 -35.91 0.41 -13.09
CA LEU B 337 -36.02 -0.94 -12.54
C LEU B 337 -36.30 -1.97 -13.63
N TYR B 338 -35.67 -3.13 -13.47
CA TYR B 338 -35.98 -4.32 -14.23
C TYR B 338 -36.72 -5.27 -13.29
N ARG B 339 -37.30 -6.34 -13.84
CA ARG B 339 -37.90 -7.38 -13.01
C ARG B 339 -37.17 -8.70 -13.24
N ALA B 340 -36.73 -9.33 -12.16
CA ALA B 340 -36.16 -10.68 -12.24
C ALA B 340 -37.17 -11.68 -11.73
N VAL B 341 -37.48 -12.68 -12.57
CA VAL B 341 -38.39 -13.75 -12.18
C VAL B 341 -37.59 -15.05 -12.04
N VAL B 342 -37.76 -15.72 -10.90
CA VAL B 342 -37.07 -16.98 -10.61
C VAL B 342 -38.10 -18.11 -10.62
N GLU B 343 -38.00 -18.98 -11.61
CA GLU B 343 -38.95 -20.10 -11.76
C GLU B 343 -38.31 -21.43 -11.41
N LEU B 344 -38.95 -22.15 -10.50
CA LEU B 344 -38.59 -23.54 -10.25
C LEU B 344 -39.54 -24.36 -11.10
N HIS B 345 -38.98 -25.21 -11.97
CA HIS B 345 -39.81 -26.00 -12.88
C HIS B 345 -39.17 -27.34 -13.24
N THR B 346 -39.92 -28.17 -13.96
CA THR B 346 -39.42 -29.41 -14.51
C THR B 346 -38.86 -29.17 -15.91
N ALA B 347 -37.97 -30.04 -16.34
CA ALA B 347 -37.36 -29.97 -17.66
C ALA B 347 -38.39 -29.81 -18.79
N ASP B 348 -39.52 -30.53 -18.69
CA ASP B 348 -40.56 -30.46 -19.72
C ASP B 348 -41.50 -29.25 -19.62
N GLY B 349 -41.23 -28.34 -18.70
CA GLY B 349 -41.91 -27.05 -18.68
C GLY B 349 -43.06 -26.84 -17.70
N THR B 350 -43.21 -27.77 -16.77
CA THR B 350 -44.22 -27.64 -15.72
C THR B 350 -43.68 -26.76 -14.59
N LEU B 351 -44.36 -25.64 -14.31
CA LEU B 351 -43.97 -24.73 -13.24
C LEU B 351 -44.28 -25.33 -11.87
N ILE B 352 -43.32 -25.26 -10.96
CA ILE B 352 -43.51 -25.64 -9.56
C ILE B 352 -43.90 -24.40 -8.77
N GLU B 353 -43.05 -23.39 -8.81
CA GLU B 353 -43.37 -22.09 -8.22
C GLU B 353 -42.46 -21.00 -8.76
N ALA B 354 -42.89 -19.75 -8.59
CA ALA B 354 -42.09 -18.60 -8.98
C ALA B 354 -41.95 -17.61 -7.85
N GLU B 355 -40.75 -17.04 -7.75
CA GLU B 355 -40.50 -15.88 -6.92
C GLU B 355 -39.92 -14.79 -7.82
N ALA B 356 -39.82 -13.56 -7.30
CA ALA B 356 -39.41 -12.42 -8.12
C ALA B 356 -38.97 -11.23 -7.31
N CYS B 357 -38.25 -10.31 -7.94
CA CYS B 357 -37.90 -9.05 -7.29
C CYS B 357 -37.65 -7.96 -8.31
N ASP B 358 -37.77 -6.71 -7.87
CA ASP B 358 -37.33 -5.57 -8.66
C ASP B 358 -35.81 -5.51 -8.61
N VAL B 359 -35.20 -5.31 -9.77
CA VAL B 359 -33.74 -5.20 -9.88
C VAL B 359 -33.35 -3.79 -10.32
N GLY B 360 -32.45 -3.16 -9.57
CA GLY B 360 -31.89 -1.88 -9.98
C GLY B 360 -30.43 -2.08 -10.35
N PHE B 361 -30.07 -1.81 -11.60
CA PHE B 361 -28.67 -1.94 -12.02
C PHE B 361 -27.83 -0.77 -11.50
N ARG B 362 -27.11 -1.03 -10.41
CA ARG B 362 -26.27 0.01 -9.81
C ARG B 362 -25.06 -0.61 -9.13
N GLU B 363 -23.95 0.12 -9.17
CA GLU B 363 -22.73 -0.27 -8.47
C GLU B 363 -22.45 0.73 -7.36
N VAL B 364 -22.18 0.22 -6.15
CA VAL B 364 -21.75 1.05 -5.03
C VAL B 364 -20.33 0.67 -4.67
N ARG B 365 -19.42 1.65 -4.63
CA ARG B 365 -18.04 1.38 -4.25
C ARG B 365 -17.33 2.60 -3.65
N ILE B 366 -16.37 2.33 -2.79
CA ILE B 366 -15.51 3.37 -2.28
C ILE B 366 -14.16 3.26 -2.99
N GLU B 367 -13.78 4.34 -3.66
CA GLU B 367 -12.53 4.38 -4.39
C GLU B 367 -11.85 5.70 -4.17
N ASN B 368 -10.58 5.64 -3.77
CA ASN B 368 -9.75 6.81 -3.57
C ASN B 368 -10.37 7.78 -2.56
N GLY B 369 -11.04 7.22 -1.55
CA GLY B 369 -11.65 8.00 -0.47
C GLY B 369 -13.03 8.56 -0.75
N LEU B 370 -13.63 8.18 -1.88
CA LEU B 370 -14.97 8.67 -2.28
C LEU B 370 -15.97 7.54 -2.44
N LEU B 371 -17.17 7.75 -1.90
CA LEU B 371 -18.32 6.87 -2.15
C LEU B 371 -18.88 7.14 -3.55
N LEU B 372 -18.84 6.12 -4.40
CA LEU B 372 -19.31 6.24 -5.78
C LEU B 372 -20.55 5.42 -6.01
N LEU B 373 -21.50 5.99 -6.72
CA LEU B 373 -22.62 5.23 -7.26
C LEU B 373 -22.54 5.31 -8.78
N ASN B 374 -22.48 4.16 -9.43
CA ASN B 374 -22.27 4.09 -10.87
C ASN B 374 -21.12 5.00 -11.33
N GLY B 375 -20.03 4.98 -10.55
CA GLY B 375 -18.80 5.65 -10.93
C GLY B 375 -18.70 7.12 -10.57
N LYS B 376 -19.77 7.70 -10.02
CA LYS B 376 -19.84 9.14 -9.70
C LYS B 376 -19.99 9.38 -8.19
N PRO B 377 -19.32 10.43 -7.67
CA PRO B 377 -19.36 10.66 -6.22
C PRO B 377 -20.71 11.20 -5.73
N LEU B 378 -21.34 10.46 -4.81
CA LEU B 378 -22.63 10.86 -4.26
C LEU B 378 -22.51 12.10 -3.39
N LEU B 379 -23.60 12.87 -3.34
CA LEU B 379 -23.79 13.88 -2.31
C LEU B 379 -25.08 13.54 -1.59
N ILE B 380 -24.95 13.01 -0.38
CA ILE B 380 -26.09 12.53 0.39
C ILE B 380 -26.87 13.67 1.06
N ARG B 381 -28.08 13.87 0.55
CA ARG B 381 -29.06 14.80 1.11
C ARG B 381 -30.02 13.90 1.87
N GLY B 382 -29.60 13.51 3.07
CA GLY B 382 -30.27 12.43 3.76
C GLY B 382 -31.00 12.88 5.01
N VAL B 383 -31.88 12.00 5.50
CA VAL B 383 -32.54 12.22 6.77
C VAL B 383 -32.71 10.89 7.47
N ASN B 384 -32.61 10.90 8.80
CA ASN B 384 -33.02 9.76 9.61
C ASN B 384 -34.54 9.72 9.74
N ARG B 385 -35.12 8.53 9.61
CA ARG B 385 -36.56 8.37 9.74
C ARG B 385 -36.93 7.17 10.61
N HIS B 386 -37.52 7.46 11.76
CA HIS B 386 -38.16 6.46 12.61
C HIS B 386 -39.53 6.11 12.02
N GLU B 387 -39.99 4.90 12.32
CA GLU B 387 -41.35 4.49 11.96
C GLU B 387 -42.29 4.95 13.07
N HIS B 388 -42.98 6.06 12.84
CA HIS B 388 -43.81 6.65 13.87
C HIS B 388 -45.11 7.23 13.34
N HIS B 389 -46.19 6.95 14.06
CA HIS B 389 -47.50 7.49 13.74
C HIS B 389 -48.15 8.01 15.03
N PRO B 390 -48.66 9.25 15.02
CA PRO B 390 -49.20 9.84 16.25
C PRO B 390 -50.42 9.10 16.84
N LEU B 391 -51.18 8.41 15.98
CA LEU B 391 -52.34 7.62 16.42
C LEU B 391 -52.03 6.14 16.59
N HIS B 392 -51.29 5.56 15.64
CA HIS B 392 -51.05 4.12 15.64
C HIS B 392 -49.71 3.71 16.24
N GLY B 393 -48.93 4.68 16.69
CA GLY B 393 -47.65 4.40 17.35
C GLY B 393 -46.59 3.96 16.36
N GLN B 394 -46.20 2.69 16.42
CA GLN B 394 -45.10 2.18 15.59
C GLN B 394 -45.58 1.23 14.49
N VAL B 395 -46.90 1.16 14.32
CA VAL B 395 -47.51 0.47 13.19
C VAL B 395 -47.41 1.39 11.96
N MET B 396 -46.83 0.84 10.89
CA MET B 396 -46.68 1.59 9.64
C MET B 396 -47.69 1.15 8.61
N ASP B 397 -48.19 2.12 7.84
CA ASP B 397 -49.12 1.87 6.73
C ASP B 397 -48.55 2.50 5.47
N GLU B 398 -49.00 1.99 4.31
CA GLU B 398 -48.52 2.44 3.01
C GLU B 398 -48.70 3.95 2.78
N GLN B 399 -49.87 4.46 3.15
CA GLN B 399 -50.23 5.87 2.93
C GLN B 399 -49.26 6.83 3.64
N THR B 400 -48.93 6.52 4.89
CA THR B 400 -47.97 7.31 5.64
C THR B 400 -46.57 7.21 5.02
N MET B 401 -46.18 5.99 4.62
CA MET B 401 -44.88 5.77 3.98
C MET B 401 -44.74 6.58 2.69
N VAL B 402 -45.75 6.53 1.83
CA VAL B 402 -45.76 7.26 0.57
C VAL B 402 -45.73 8.77 0.80
N GLN B 403 -46.52 9.22 1.79
CA GLN B 403 -46.56 10.62 2.16
C GLN B 403 -45.17 11.13 2.57
N ASP B 404 -44.48 10.35 3.38
CA ASP B 404 -43.11 10.67 3.80
C ASP B 404 -42.13 10.78 2.61
N ILE B 405 -42.15 9.78 1.74
CA ILE B 405 -41.25 9.76 0.57
C ILE B 405 -41.50 10.94 -0.37
N LEU B 406 -42.77 11.27 -0.58
CA LEU B 406 -43.15 12.38 -1.44
C LEU B 406 -42.62 13.69 -0.89
N LEU B 407 -42.86 13.92 0.40
CA LEU B 407 -42.38 15.11 1.08
C LEU B 407 -40.85 15.19 1.10
N MET B 408 -40.20 14.04 1.26
CA MET B 408 -38.74 13.98 1.27
C MET B 408 -38.18 14.40 -0.09
N LYS B 409 -38.64 13.76 -1.16
CA LYS B 409 -38.19 14.07 -2.51
C LYS B 409 -38.54 15.49 -2.92
N GLN B 410 -39.73 15.96 -2.53
CA GLN B 410 -40.17 17.33 -2.81
C GLN B 410 -39.31 18.37 -2.10
N ASN B 411 -38.65 17.95 -1.01
CA ASN B 411 -37.75 18.82 -0.27
C ASN B 411 -36.27 18.48 -0.47
N ASN B 412 -35.98 17.90 -1.63
CA ASN B 412 -34.62 17.66 -2.11
C ASN B 412 -33.77 16.69 -1.29
N PHE B 413 -34.43 15.76 -0.59
CA PHE B 413 -33.74 14.61 -0.01
C PHE B 413 -33.62 13.50 -1.04
N ASN B 414 -32.45 12.85 -1.05
CA ASN B 414 -32.21 11.69 -1.91
C ASN B 414 -31.85 10.42 -1.12
N ALA B 415 -31.91 10.49 0.20
CA ALA B 415 -31.42 9.41 1.05
C ALA B 415 -32.09 9.34 2.40
N VAL B 416 -32.26 8.11 2.90
CA VAL B 416 -32.87 7.90 4.21
C VAL B 416 -32.09 6.85 5.01
N ARG B 417 -31.95 7.09 6.30
CA ARG B 417 -31.37 6.10 7.20
C ARG B 417 -32.46 5.46 8.04
N CYS B 418 -32.45 4.13 8.08
CA CYS B 418 -33.40 3.35 8.84
C CYS B 418 -33.01 3.33 10.32
N SER B 419 -33.18 4.47 10.96
CA SER B 419 -32.82 4.63 12.37
C SER B 419 -33.88 4.00 13.25
N HIS B 420 -33.54 3.00 14.06
CA HIS B 420 -32.26 2.29 14.05
C HIS B 420 -32.57 0.78 14.07
N TYR B 421 -33.18 0.31 12.97
CA TYR B 421 -33.69 -1.06 12.88
C TYR B 421 -34.14 -1.30 11.46
N PRO B 422 -34.24 -2.57 11.05
CA PRO B 422 -34.83 -2.84 9.76
C PRO B 422 -36.30 -2.40 9.74
N ASN B 423 -36.72 -1.81 8.62
CA ASN B 423 -38.07 -1.28 8.50
C ASN B 423 -39.08 -2.31 8.00
N HIS B 424 -40.35 -1.95 8.11
CA HIS B 424 -41.45 -2.61 7.40
C HIS B 424 -41.00 -2.89 5.98
N PRO B 425 -41.25 -4.12 5.47
CA PRO B 425 -40.66 -4.53 4.18
C PRO B 425 -41.11 -3.69 2.98
N LEU B 426 -42.29 -3.08 3.07
CA LEU B 426 -42.80 -2.24 2.00
C LEU B 426 -41.94 -0.97 1.81
N TRP B 427 -41.34 -0.48 2.90
CA TRP B 427 -40.47 0.69 2.84
C TRP B 427 -39.42 0.61 1.72
N TYR B 428 -38.75 -0.53 1.63
CA TYR B 428 -37.66 -0.74 0.67
C TYR B 428 -38.18 -0.81 -0.77
N THR B 429 -39.34 -1.43 -0.94
CA THR B 429 -40.03 -1.49 -2.23
C THR B 429 -40.35 -0.08 -2.72
N LEU B 430 -40.85 0.76 -1.83
CA LEU B 430 -41.17 2.14 -2.16
C LEU B 430 -39.90 2.97 -2.46
N CYS B 431 -38.83 2.72 -1.71
CA CYS B 431 -37.56 3.39 -1.98
C CYS B 431 -36.93 2.97 -3.31
N ASP B 432 -37.02 1.68 -3.65
CA ASP B 432 -36.60 1.15 -4.95
C ASP B 432 -37.28 1.91 -6.10
N ARG B 433 -38.61 2.03 -5.99
CA ARG B 433 -39.46 2.56 -7.05
C ARG B 433 -39.49 4.08 -7.15
N TYR B 434 -39.56 4.77 -6.01
CA TYR B 434 -39.53 6.24 -6.00
C TYR B 434 -38.11 6.81 -6.12
N GLY B 435 -37.12 6.02 -5.69
CA GLY B 435 -35.71 6.44 -5.78
C GLY B 435 -35.19 7.22 -4.57
N LEU B 436 -34.82 6.49 -3.52
CA LEU B 436 -34.08 7.04 -2.39
C LEU B 436 -32.97 6.06 -2.04
N TYR B 437 -31.80 6.60 -1.74
CA TYR B 437 -30.68 5.80 -1.22
C TYR B 437 -30.98 5.44 0.23
N VAL B 438 -30.81 4.16 0.58
CA VAL B 438 -31.17 3.67 1.91
C VAL B 438 -29.98 3.13 2.68
N VAL B 439 -29.82 3.58 3.92
CA VAL B 439 -28.94 2.91 4.87
C VAL B 439 -29.80 1.98 5.70
N ASP B 440 -29.59 0.68 5.52
CA ASP B 440 -30.34 -0.34 6.24
C ASP B 440 -29.57 -0.73 7.50
N GLU B 441 -30.22 -0.62 8.65
CA GLU B 441 -29.53 -0.67 9.93
C GLU B 441 -30.02 -1.81 10.83
N ALA B 442 -29.08 -2.58 11.39
CA ALA B 442 -29.41 -3.68 12.31
C ALA B 442 -30.06 -3.14 13.58
N ASN B 443 -31.02 -3.89 14.10
CA ASN B 443 -31.73 -3.53 15.34
C ASN B 443 -30.85 -3.80 16.57
N ILE B 444 -29.81 -2.99 16.73
CA ILE B 444 -28.86 -3.10 17.86
C ILE B 444 -28.53 -1.72 18.37
N GLU B 445 -28.99 -1.42 19.58
CA GLU B 445 -28.55 -0.25 20.30
C GLU B 445 -28.54 -0.55 21.79
N THR B 446 -27.38 -0.33 22.41
CA THR B 446 -27.17 -0.61 23.82
C THR B 446 -26.70 0.65 24.56
N HIS B 447 -27.32 1.79 24.21
CA HIS B 447 -26.87 3.12 24.67
C HIS B 447 -26.74 3.25 26.18
N GLY B 448 -27.69 2.65 26.90
CA GLY B 448 -27.73 2.79 28.35
C GLY B 448 -26.75 1.95 29.13
N MET B 449 -25.99 1.09 28.44
CA MET B 449 -24.94 0.30 29.10
C MET B 449 -23.80 1.21 29.58
N VAL B 450 -23.08 0.76 30.61
CA VAL B 450 -21.91 1.46 31.14
C VAL B 450 -20.74 0.45 31.24
N PRO B 451 -19.68 0.63 30.42
CA PRO B 451 -19.59 1.59 29.31
C PRO B 451 -20.49 1.12 28.17
N MET B 452 -20.57 1.92 27.11
CA MET B 452 -21.51 1.64 26.03
C MET B 452 -21.27 0.30 25.30
N ASN B 453 -20.03 -0.21 25.36
CA ASN B 453 -19.70 -1.47 24.67
C ASN B 453 -19.72 -2.69 25.57
N ARG B 454 -20.33 -2.58 26.75
CA ARG B 454 -20.29 -3.68 27.72
C ARG B 454 -20.82 -5.01 27.13
N LEU B 455 -21.89 -4.93 26.35
CA LEU B 455 -22.45 -6.14 25.73
C LEU B 455 -21.76 -6.50 24.41
N THR B 456 -21.46 -5.48 23.61
CA THR B 456 -20.95 -5.69 22.25
C THR B 456 -19.50 -6.14 22.22
N ASP B 457 -18.81 -6.05 23.35
CA ASP B 457 -17.45 -6.56 23.46
C ASP B 457 -17.46 -7.96 24.08
N ASP B 458 -18.64 -8.39 24.52
CA ASP B 458 -18.81 -9.66 25.22
C ASP B 458 -19.23 -10.78 24.25
N PRO B 459 -18.37 -11.80 24.06
CA PRO B 459 -18.67 -12.90 23.14
C PRO B 459 -19.96 -13.65 23.44
N ARG B 460 -20.45 -13.54 24.68
CA ARG B 460 -21.73 -14.11 25.08
C ARG B 460 -22.91 -13.46 24.37
N TRP B 461 -22.74 -12.21 23.94
CA TRP B 461 -23.80 -11.49 23.25
C TRP B 461 -23.61 -11.49 21.73
N LEU B 462 -22.54 -12.14 21.26
CA LEU B 462 -22.26 -12.26 19.83
C LEU B 462 -23.34 -13.05 19.06
N PRO B 463 -23.82 -14.19 19.60
CA PRO B 463 -24.91 -14.86 18.85
C PRO B 463 -26.16 -14.00 18.65
N ALA B 464 -26.60 -13.31 19.70
CA ALA B 464 -27.80 -12.46 19.62
C ALA B 464 -27.61 -11.27 18.69
N MET B 465 -26.42 -10.65 18.72
CA MET B 465 -26.10 -9.56 17.83
C MET B 465 -25.98 -10.04 16.39
N SER B 466 -25.36 -11.20 16.19
CA SER B 466 -25.15 -11.73 14.84
C SER B 466 -26.47 -11.97 14.11
N GLU B 467 -27.48 -12.48 14.80
CA GLU B 467 -28.79 -12.70 14.20
C GLU B 467 -29.46 -11.39 13.76
N ARG B 468 -29.20 -10.32 14.50
CA ARG B 468 -29.77 -9.04 14.15
C ARG B 468 -29.13 -8.47 12.87
N VAL B 469 -27.88 -8.81 12.64
CA VAL B 469 -27.18 -8.41 11.43
C VAL B 469 -27.47 -9.36 10.26
N THR B 470 -27.24 -10.66 10.48
CA THR B 470 -27.30 -11.65 9.40
C THR B 470 -28.71 -11.79 8.82
N ARG B 471 -29.73 -11.74 9.67
CA ARG B 471 -31.11 -11.89 9.21
C ARG B 471 -31.63 -10.65 8.47
N MET B 472 -31.08 -9.48 8.79
CA MET B 472 -31.36 -8.27 8.02
C MET B 472 -30.81 -8.40 6.61
N VAL B 473 -29.54 -8.81 6.51
CA VAL B 473 -28.88 -8.95 5.21
C VAL B 473 -29.62 -9.99 4.35
N GLN B 474 -29.92 -11.14 4.94
CA GLN B 474 -30.64 -12.21 4.25
C GLN B 474 -32.00 -11.74 3.71
N ARG B 475 -32.62 -10.80 4.42
CA ARG B 475 -33.93 -10.30 4.04
C ARG B 475 -33.90 -9.23 2.94
N ASP B 476 -32.93 -8.30 3.04
CA ASP B 476 -32.99 -7.05 2.28
C ASP B 476 -31.93 -6.89 1.18
N ARG B 477 -31.08 -7.90 1.01
CA ARG B 477 -29.90 -7.78 0.15
C ARG B 477 -30.18 -7.65 -1.34
N ASN B 478 -31.43 -7.92 -1.75
CA ASN B 478 -31.81 -7.78 -3.16
C ASN B 478 -32.41 -6.42 -3.52
N HIS B 479 -32.59 -5.54 -2.53
CA HIS B 479 -33.15 -4.21 -2.79
C HIS B 479 -32.07 -3.26 -3.30
N PRO B 480 -32.27 -2.70 -4.51
CA PRO B 480 -31.27 -1.76 -5.05
C PRO B 480 -31.17 -0.46 -4.25
N SER B 481 -32.27 -0.04 -3.61
CA SER B 481 -32.28 1.17 -2.79
C SER B 481 -31.34 1.10 -1.60
N VAL B 482 -31.17 -0.10 -1.03
CA VAL B 482 -30.18 -0.30 0.04
C VAL B 482 -28.77 -0.24 -0.57
N ILE B 483 -28.02 0.80 -0.21
CA ILE B 483 -26.67 0.99 -0.74
C ILE B 483 -25.58 0.82 0.32
N ILE B 484 -25.98 0.90 1.60
CA ILE B 484 -25.03 0.83 2.73
C ILE B 484 -25.68 0.03 3.86
N TRP B 485 -24.89 -0.86 4.46
CA TRP B 485 -25.31 -1.59 5.67
C TRP B 485 -24.79 -0.89 6.91
N SER B 486 -25.59 -0.88 7.96
CA SER B 486 -25.19 -0.35 9.24
C SER B 486 -25.31 -1.39 10.35
N LEU B 487 -24.31 -1.43 11.22
CA LEU B 487 -24.25 -2.42 12.30
C LEU B 487 -25.12 -2.05 13.50
N GLY B 488 -25.83 -0.93 13.41
CA GLY B 488 -26.64 -0.45 14.51
C GLY B 488 -26.21 0.94 14.92
N THR B 489 -26.45 1.29 16.18
CA THR B 489 -26.11 2.62 16.67
C THR B 489 -25.83 2.61 18.17
N GLU B 490 -25.02 3.56 18.63
CA GLU B 490 -24.79 3.80 20.05
C GLU B 490 -24.63 2.53 20.85
N SER B 491 -23.67 1.69 20.48
CA SER B 491 -23.38 0.50 21.26
C SER B 491 -21.89 0.40 21.52
N GLY B 492 -21.22 1.56 21.50
CA GLY B 492 -19.77 1.63 21.66
C GLY B 492 -19.11 0.89 20.51
N HIS B 493 -17.87 0.43 20.72
CA HIS B 493 -17.23 -0.42 19.73
C HIS B 493 -16.69 -1.66 20.44
N GLY B 494 -17.31 -2.80 20.16
CA GLY B 494 -16.88 -4.09 20.71
C GLY B 494 -16.33 -5.01 19.64
N ALA B 495 -15.62 -6.06 20.06
CA ALA B 495 -15.12 -7.09 19.16
C ALA B 495 -16.23 -7.70 18.30
N ASN B 496 -17.43 -7.78 18.85
CA ASN B 496 -18.58 -8.33 18.10
C ASN B 496 -18.87 -7.52 16.84
N HIS B 497 -18.74 -6.19 16.91
CA HIS B 497 -18.88 -5.32 15.73
C HIS B 497 -17.87 -5.67 14.65
N ASP B 498 -16.61 -5.89 15.04
CA ASP B 498 -15.55 -6.24 14.09
C ASP B 498 -15.84 -7.56 13.38
N ALA B 499 -16.30 -8.55 14.14
CA ALA B 499 -16.68 -9.86 13.59
C ALA B 499 -17.80 -9.72 12.56
N LEU B 500 -18.81 -8.93 12.91
CA LEU B 500 -19.99 -8.77 12.05
C LEU B 500 -19.74 -7.85 10.86
N TYR B 501 -18.87 -6.86 11.04
CA TYR B 501 -18.41 -6.04 9.92
C TYR B 501 -17.82 -6.97 8.84
N ARG B 502 -16.90 -7.84 9.27
CA ARG B 502 -16.25 -8.78 8.36
C ARG B 502 -17.21 -9.79 7.74
N TRP B 503 -18.17 -10.27 8.54
CA TRP B 503 -19.20 -11.16 8.00
C TRP B 503 -19.91 -10.53 6.80
N ILE B 504 -20.30 -9.26 6.92
CA ILE B 504 -20.99 -8.57 5.82
C ILE B 504 -20.08 -8.38 4.61
N LYS B 505 -18.86 -7.90 4.85
CA LYS B 505 -17.85 -7.70 3.79
C LYS B 505 -17.65 -8.98 2.97
N SER B 506 -17.69 -10.12 3.65
CA SER B 506 -17.48 -11.42 3.04
C SER B 506 -18.73 -11.91 2.28
N VAL B 507 -19.90 -11.71 2.87
CA VAL B 507 -21.16 -12.21 2.30
C VAL B 507 -21.74 -11.29 1.21
N ASP B 508 -21.56 -9.98 1.37
CA ASP B 508 -22.08 -9.03 0.40
C ASP B 508 -21.08 -7.91 0.13
N PRO B 509 -20.19 -8.13 -0.86
CA PRO B 509 -19.15 -7.15 -1.20
C PRO B 509 -19.69 -5.92 -1.94
N SER B 510 -20.95 -5.99 -2.36
CA SER B 510 -21.56 -4.93 -3.19
C SER B 510 -21.94 -3.65 -2.43
N ARG B 511 -21.89 -3.67 -1.09
CA ARG B 511 -22.32 -2.52 -0.28
C ARG B 511 -21.33 -2.21 0.85
N PRO B 512 -20.93 -0.92 1.00
CA PRO B 512 -20.10 -0.53 2.14
C PRO B 512 -20.82 -0.81 3.46
N VAL B 513 -20.04 -1.00 4.52
CA VAL B 513 -20.57 -1.15 5.87
C VAL B 513 -20.15 0.05 6.69
N GLN B 514 -21.09 0.65 7.41
CA GLN B 514 -20.74 1.72 8.32
C GLN B 514 -21.26 1.45 9.72
N TYR B 515 -20.65 2.13 10.68
CA TYR B 515 -21.03 2.06 12.09
C TYR B 515 -20.35 3.20 12.84
N GLU B 516 -21.13 3.94 13.62
CA GLU B 516 -20.60 5.14 14.30
C GLU B 516 -19.93 4.89 15.66
N GLY B 517 -20.35 3.85 16.37
CA GLY B 517 -19.94 3.66 17.76
C GLY B 517 -18.44 3.64 17.95
N GLY B 518 -17.99 4.08 19.13
CA GLY B 518 -16.57 4.07 19.47
C GLY B 518 -15.74 5.12 18.76
N GLY B 519 -16.37 6.19 18.30
CA GLY B 519 -15.66 7.36 17.77
C GLY B 519 -15.76 7.61 16.27
N ALA B 520 -16.67 6.90 15.61
CA ALA B 520 -17.08 7.17 14.21
C ALA B 520 -16.09 6.78 13.12
N ASP B 521 -14.89 6.37 13.52
CA ASP B 521 -13.84 6.05 12.55
C ASP B 521 -13.06 4.79 12.90
N THR B 522 -13.73 3.85 13.58
CA THR B 522 -13.13 2.57 13.98
C THR B 522 -12.88 1.65 12.79
N THR B 523 -12.32 0.47 13.08
CA THR B 523 -12.03 -0.56 12.07
C THR B 523 -13.30 -1.28 11.64
N ALA B 524 -14.44 -0.90 12.22
CA ALA B 524 -15.72 -1.50 11.89
C ALA B 524 -16.55 -0.62 10.95
N THR B 525 -15.92 0.36 10.32
CA THR B 525 -16.63 1.26 9.41
C THR B 525 -15.82 1.67 8.18
N ASP B 526 -16.46 1.57 7.02
CA ASP B 526 -15.88 1.98 5.74
C ASP B 526 -16.00 3.48 5.53
N ILE B 527 -16.86 4.11 6.32
CA ILE B 527 -17.19 5.53 6.17
C ILE B 527 -17.07 6.20 7.53
N ILE B 528 -16.39 7.35 7.57
CA ILE B 528 -16.36 8.15 8.79
C ILE B 528 -17.76 8.71 8.94
N CYS B 529 -18.47 8.28 9.96
CA CYS B 529 -19.89 8.58 10.06
C CYS B 529 -20.28 9.20 11.39
N PRO B 530 -19.74 10.40 11.70
CA PRO B 530 -20.01 10.96 13.03
C PRO B 530 -21.45 11.43 13.23
N MET B 531 -21.81 11.62 14.50
CA MET B 531 -23.10 12.19 14.85
C MET B 531 -22.85 13.55 15.49
N TYR B 532 -23.37 14.61 14.85
CA TYR B 532 -23.32 15.99 15.37
C TYR B 532 -21.91 16.56 15.51
N ALA B 533 -20.98 16.05 14.71
CA ALA B 533 -19.67 16.70 14.56
C ALA B 533 -19.92 18.00 13.84
N ARG B 534 -19.24 19.05 14.26
CA ARG B 534 -19.51 20.38 13.71
C ARG B 534 -18.62 20.65 12.51
N VAL B 535 -18.92 21.72 11.77
CA VAL B 535 -18.19 22.01 10.54
C VAL B 535 -16.75 22.47 10.83
N ASP B 536 -16.60 23.49 11.66
CA ASP B 536 -15.30 24.11 11.92
C ASP B 536 -14.79 23.88 13.33
N GLU B 537 -15.71 23.67 14.26
CA GLU B 537 -15.39 23.60 15.67
C GLU B 537 -15.15 22.16 16.11
N ASP B 538 -14.02 21.91 16.77
CA ASP B 538 -13.70 20.61 17.35
C ASP B 538 -14.45 20.44 18.67
N GLN B 539 -14.85 19.21 18.96
CA GLN B 539 -15.29 18.87 20.32
C GLN B 539 -14.44 17.70 20.81
N PRO B 540 -13.31 18.00 21.46
CA PRO B 540 -12.34 16.96 21.75
C PRO B 540 -12.66 16.13 23.00
N PHE B 541 -13.78 15.43 22.99
CA PHE B 541 -14.12 14.53 24.10
C PHE B 541 -13.05 13.46 24.28
N PRO B 542 -12.74 13.09 25.53
CA PRO B 542 -11.82 11.97 25.72
C PRO B 542 -12.34 10.70 25.05
N ALA B 543 -11.42 9.95 24.44
CA ALA B 543 -11.68 8.64 23.81
C ALA B 543 -12.47 8.69 22.51
N VAL B 544 -13.56 9.47 22.50
CA VAL B 544 -14.45 9.55 21.34
C VAL B 544 -14.68 11.00 20.89
N PRO B 545 -13.60 11.72 20.51
CA PRO B 545 -13.79 13.13 20.13
C PRO B 545 -14.62 13.29 18.86
N LYS B 546 -15.32 14.43 18.76
CA LYS B 546 -15.98 14.82 17.51
C LYS B 546 -15.21 15.96 16.88
N TRP B 547 -14.31 15.63 15.95
CA TRP B 547 -13.53 16.62 15.25
C TRP B 547 -14.41 17.41 14.29
N SER B 548 -14.04 18.67 14.07
CA SER B 548 -14.52 19.40 12.91
C SER B 548 -14.44 18.46 11.71
N ILE B 549 -15.52 18.38 10.93
CA ILE B 549 -15.58 17.40 9.84
C ILE B 549 -14.51 17.66 8.77
N LYS B 550 -14.19 18.94 8.57
CA LYS B 550 -13.12 19.35 7.66
C LYS B 550 -11.75 18.86 8.15
N LYS B 551 -11.52 18.98 9.46
CA LYS B 551 -10.29 18.49 10.09
C LYS B 551 -10.20 16.96 10.11
N TRP B 552 -11.35 16.31 10.33
CA TRP B 552 -11.40 14.85 10.47
C TRP B 552 -10.86 14.09 9.26
N LEU B 553 -11.21 14.59 8.07
CA LEU B 553 -10.82 14.00 6.80
C LEU B 553 -9.31 13.84 6.64
N SER B 554 -8.55 14.80 7.14
CA SER B 554 -7.11 14.85 6.88
C SER B 554 -6.25 14.53 8.10
N LEU B 555 -6.86 13.93 9.11
CA LEU B 555 -6.08 13.39 10.22
C LEU B 555 -5.03 12.42 9.67
N PRO B 556 -3.82 12.42 10.27
CA PRO B 556 -2.72 11.59 9.74
C PRO B 556 -3.19 10.18 9.44
N GLY B 557 -2.95 9.75 8.20
CA GLY B 557 -3.32 8.40 7.75
C GLY B 557 -4.76 8.18 7.32
N GLU B 558 -5.64 9.14 7.58
CA GLU B 558 -7.06 9.00 7.24
C GLU B 558 -7.31 9.21 5.75
N THR B 559 -8.11 8.32 5.16
CA THR B 559 -8.39 8.35 3.71
C THR B 559 -9.88 8.20 3.33
N ARG B 560 -10.71 7.77 4.28
CA ARG B 560 -12.11 7.41 4.00
C ARG B 560 -13.02 8.63 3.74
N PRO B 561 -14.18 8.40 3.07
CA PRO B 561 -15.16 9.48 2.96
C PRO B 561 -15.86 9.73 4.29
N LEU B 562 -16.39 10.93 4.47
CA LEU B 562 -17.11 11.27 5.70
C LEU B 562 -18.56 11.63 5.34
N ILE B 563 -19.50 10.89 5.95
CA ILE B 563 -20.92 11.15 5.77
C ILE B 563 -21.54 11.05 7.15
N LEU B 564 -22.04 12.17 7.67
CA LEU B 564 -22.60 12.22 9.01
C LEU B 564 -23.82 11.32 9.06
N CYS B 565 -23.86 10.37 10.00
CA CYS B 565 -25.06 9.54 10.11
C CYS B 565 -26.17 10.31 10.83
N GLU B 566 -25.79 11.37 11.55
CA GLU B 566 -26.73 12.28 12.22
C GLU B 566 -26.11 13.66 12.32
N TYR B 567 -26.87 14.68 11.94
CA TYR B 567 -26.41 16.06 12.06
C TYR B 567 -27.61 17.00 11.99
N ALA B 568 -27.38 18.27 12.33
CA ALA B 568 -28.43 19.29 12.31
C ALA B 568 -29.68 18.79 13.05
N HIS B 569 -29.54 18.67 14.37
CA HIS B 569 -30.61 18.19 15.25
C HIS B 569 -31.79 19.18 15.19
N ALA B 570 -32.90 18.72 14.64
CA ALA B 570 -34.02 19.58 14.26
C ALA B 570 -35.08 19.72 15.35
N MET B 571 -34.63 19.82 16.59
CA MET B 571 -35.51 19.87 17.75
C MET B 571 -36.11 21.26 17.97
N GLY B 572 -37.43 21.37 17.78
CA GLY B 572 -38.13 22.63 18.00
C GLY B 572 -37.68 23.67 17.00
N ASN B 573 -37.45 24.89 17.49
CA ASN B 573 -36.95 25.96 16.65
C ASN B 573 -35.47 25.74 16.44
N SER B 574 -35.11 25.10 15.32
CA SER B 574 -33.73 24.65 15.13
C SER B 574 -33.30 24.69 13.66
N LEU B 575 -32.17 24.03 13.38
CA LEU B 575 -31.50 24.02 12.07
C LEU B 575 -30.71 25.29 11.78
N GLY B 576 -30.42 26.05 12.84
CA GLY B 576 -29.47 27.16 12.76
C GLY B 576 -28.11 26.63 12.34
N GLY B 577 -27.47 27.31 11.41
CA GLY B 577 -26.16 26.90 10.90
C GLY B 577 -26.22 25.80 9.85
N PHE B 578 -27.42 25.47 9.38
CA PHE B 578 -27.57 24.38 8.40
C PHE B 578 -26.79 24.67 7.11
N ALA B 579 -26.81 25.93 6.67
CA ALA B 579 -26.10 26.37 5.47
C ALA B 579 -24.59 26.14 5.57
N LYS B 580 -24.05 26.22 6.78
CA LYS B 580 -22.62 26.00 7.01
C LYS B 580 -22.17 24.58 6.61
N TYR B 581 -23.00 23.58 6.93
CA TYR B 581 -22.76 22.20 6.50
C TYR B 581 -22.71 22.05 4.98
N TRP B 582 -23.67 22.66 4.29
CA TRP B 582 -23.78 22.53 2.84
C TRP B 582 -22.70 23.24 2.05
N GLN B 583 -22.23 24.39 2.55
CA GLN B 583 -21.07 25.04 1.96
C GLN B 583 -19.86 24.09 2.02
N ALA B 584 -19.66 23.45 3.16
CA ALA B 584 -18.54 22.53 3.36
C ALA B 584 -18.70 21.25 2.54
N PHE B 585 -19.92 20.70 2.50
CA PHE B 585 -20.21 19.52 1.69
C PHE B 585 -19.81 19.80 0.23
N ARG B 586 -20.15 21.00 -0.25
CA ARG B 586 -19.88 21.36 -1.65
C ARG B 586 -18.41 21.65 -1.92
N GLN B 587 -17.71 22.21 -0.94
CA GLN B 587 -16.29 22.56 -1.13
C GLN B 587 -15.36 21.36 -1.07
N TYR B 588 -15.67 20.40 -0.20
CA TYR B 588 -14.78 19.27 0.08
C TYR B 588 -15.27 17.99 -0.59
N PRO B 589 -14.51 17.46 -1.57
CA PRO B 589 -14.91 16.22 -2.24
C PRO B 589 -15.25 15.07 -1.29
N ARG B 590 -14.41 14.82 -0.28
CA ARG B 590 -14.63 13.69 0.65
C ARG B 590 -15.68 13.95 1.75
N LEU B 591 -16.20 15.17 1.83
CA LEU B 591 -17.39 15.41 2.66
C LEU B 591 -18.61 15.15 1.80
N GLN B 592 -19.19 13.96 1.90
CA GLN B 592 -20.24 13.58 0.97
C GLN B 592 -21.64 13.66 1.54
N GLY B 593 -21.80 14.48 2.59
CA GLY B 593 -23.12 14.83 3.10
C GLY B 593 -23.43 14.26 4.45
N GLY B 594 -24.72 13.97 4.67
CA GLY B 594 -25.18 13.42 5.96
C GLY B 594 -26.67 13.18 6.04
N PHE B 595 -27.10 12.65 7.18
CA PHE B 595 -28.53 12.39 7.44
C PHE B 595 -29.00 13.26 8.60
N VAL B 596 -29.94 14.18 8.29
CA VAL B 596 -30.51 15.07 9.30
C VAL B 596 -31.19 14.26 10.41
N TRP B 597 -31.03 14.69 11.66
CA TRP B 597 -31.83 14.11 12.74
C TRP B 597 -32.93 15.08 13.17
N ASP B 598 -34.21 14.75 12.93
CA ASP B 598 -34.65 13.64 12.09
C ASP B 598 -35.92 14.03 11.31
N TRP B 599 -36.61 13.05 10.71
CA TRP B 599 -37.73 13.37 9.84
C TRP B 599 -38.96 13.89 10.59
N VAL B 600 -39.46 13.11 11.55
CA VAL B 600 -40.81 13.35 12.09
C VAL B 600 -40.87 13.35 13.63
N ASP B 601 -41.51 14.36 14.20
CA ASP B 601 -41.75 14.44 15.65
C ASP B 601 -42.38 13.14 16.13
N GLN B 602 -41.82 12.54 17.18
CA GLN B 602 -42.45 11.39 17.82
C GLN B 602 -43.45 11.83 18.90
N SER B 603 -44.39 12.69 18.51
CA SER B 603 -45.46 13.06 19.43
C SER B 603 -46.65 12.10 19.30
N LEU B 604 -47.39 11.94 20.39
CA LEU B 604 -48.57 11.07 20.38
C LEU B 604 -49.84 11.85 20.68
N ILE B 605 -50.97 11.37 20.18
CA ILE B 605 -52.24 12.04 20.38
C ILE B 605 -52.93 11.63 21.68
N LYS B 606 -53.32 12.65 22.46
CA LYS B 606 -54.19 12.47 23.62
C LYS B 606 -55.39 13.39 23.44
N TYR B 607 -56.41 13.24 24.27
CA TYR B 607 -57.66 13.98 24.08
C TYR B 607 -58.08 14.66 25.37
N ASP B 608 -58.58 15.89 25.27
CA ASP B 608 -59.14 16.58 26.44
C ASP B 608 -60.58 16.13 26.73
N GLU B 609 -61.20 16.74 27.74
CA GLU B 609 -62.57 16.37 28.15
C GLU B 609 -63.63 16.55 27.06
N ASN B 610 -63.36 17.44 26.11
CA ASN B 610 -64.28 17.65 24.98
C ASN B 610 -63.96 16.77 23.76
N GLY B 611 -62.95 15.91 23.87
CA GLY B 611 -62.54 15.06 22.76
C GLY B 611 -61.65 15.75 21.74
N ASN B 612 -61.12 16.92 22.10
CA ASN B 612 -60.15 17.61 21.24
C ASN B 612 -58.78 16.96 21.37
N PRO B 613 -58.16 16.59 20.23
CA PRO B 613 -56.85 15.96 20.28
C PRO B 613 -55.73 16.96 20.56
N TRP B 614 -54.72 16.53 21.33
CA TRP B 614 -53.49 17.30 21.50
C TRP B 614 -52.22 16.45 21.43
N SER B 615 -51.11 17.10 21.11
CA SER B 615 -49.81 16.42 20.95
C SER B 615 -49.09 16.25 22.29
N ALA B 616 -48.78 14.99 22.59
CA ALA B 616 -48.17 14.61 23.85
C ALA B 616 -46.72 14.17 23.64
N TYR B 617 -45.91 14.34 24.68
CA TYR B 617 -44.55 13.84 24.65
C TYR B 617 -44.23 13.10 25.95
N GLY B 618 -42.95 12.84 26.21
CA GLY B 618 -42.56 12.01 27.34
C GLY B 618 -43.16 12.51 28.65
N GLY B 619 -43.65 11.59 29.46
CA GLY B 619 -44.24 11.95 30.74
C GLY B 619 -45.75 12.13 30.73
N ASP B 620 -46.31 12.41 29.55
CA ASP B 620 -47.74 12.71 29.42
C ASP B 620 -48.66 11.51 29.60
N PHE B 621 -48.08 10.31 29.69
CA PHE B 621 -48.84 9.07 29.89
C PHE B 621 -48.60 8.50 31.29
N GLY B 622 -48.01 9.30 32.16
CA GLY B 622 -47.66 8.86 33.51
C GLY B 622 -46.40 8.01 33.51
N ASP B 623 -45.75 7.94 32.35
CA ASP B 623 -44.48 7.23 32.19
C ASP B 623 -43.36 7.97 32.92
N THR B 624 -42.67 7.24 33.79
CA THR B 624 -41.58 7.80 34.60
C THR B 624 -40.59 6.72 35.02
N PRO B 625 -39.27 7.02 34.95
CA PRO B 625 -38.66 8.23 34.39
C PRO B 625 -38.93 8.41 32.89
N ASN B 626 -38.84 9.64 32.42
CA ASN B 626 -39.06 9.97 31.02
C ASN B 626 -38.15 11.11 30.57
N ASP B 627 -37.98 11.28 29.26
CA ASP B 627 -37.17 12.38 28.74
C ASP B 627 -37.96 13.46 28.00
N ARG B 628 -39.20 13.67 28.45
CA ARG B 628 -40.00 14.83 28.07
C ARG B 628 -40.06 15.06 26.56
N GLN B 629 -39.74 16.29 26.12
CA GLN B 629 -39.92 16.67 24.72
C GLN B 629 -38.78 16.20 23.79
N PHE B 630 -37.82 15.46 24.34
CA PHE B 630 -36.66 15.02 23.56
C PHE B 630 -36.96 13.99 22.47
N CYS B 631 -38.20 13.49 22.45
CA CYS B 631 -38.69 12.61 21.40
C CYS B 631 -39.11 13.40 20.15
N MET B 632 -39.17 14.72 20.25
CA MET B 632 -39.63 15.54 19.12
C MET B 632 -38.46 16.30 18.51
N ASN B 633 -37.91 15.74 17.42
CA ASN B 633 -36.69 16.24 16.78
C ASN B 633 -36.88 16.42 15.28
N GLY B 634 -38.13 16.43 14.83
CA GLY B 634 -38.41 16.30 13.40
C GLY B 634 -38.41 17.59 12.60
N LEU B 635 -38.20 17.44 11.29
CA LEU B 635 -38.45 18.51 10.32
C LEU B 635 -39.94 18.68 10.04
N VAL B 636 -40.72 17.64 10.33
CA VAL B 636 -42.18 17.71 10.23
C VAL B 636 -42.82 17.35 11.56
N PHE B 637 -44.00 17.91 11.83
CA PHE B 637 -44.84 17.51 12.95
C PHE B 637 -45.31 16.07 12.71
N ALA B 638 -45.81 15.41 13.76
CA ALA B 638 -46.25 14.01 13.64
C ALA B 638 -47.29 13.77 12.54
N ASP B 639 -48.19 14.73 12.31
CA ASP B 639 -49.19 14.62 11.23
C ASP B 639 -48.64 14.99 9.85
N ARG B 640 -47.31 15.18 9.78
CA ARG B 640 -46.57 15.48 8.55
C ARG B 640 -46.70 16.92 8.02
N THR B 641 -47.29 17.80 8.85
CA THR B 641 -47.22 19.25 8.63
C THR B 641 -45.76 19.68 8.86
N PRO B 642 -45.19 20.42 7.90
CA PRO B 642 -43.78 20.85 7.98
C PRO B 642 -43.50 21.87 9.09
N HIS B 643 -42.36 21.72 9.74
CA HIS B 643 -41.77 22.80 10.55
C HIS B 643 -41.13 23.81 9.58
N PRO B 644 -40.94 25.06 10.01
CA PRO B 644 -40.21 26.01 9.17
C PRO B 644 -38.84 25.51 8.68
N ALA B 645 -38.12 24.76 9.52
CA ALA B 645 -36.78 24.24 9.17
C ALA B 645 -36.71 23.42 7.87
N LEU B 646 -37.83 22.79 7.47
CA LEU B 646 -37.89 21.99 6.25
C LEU B 646 -37.55 22.80 4.98
N THR B 647 -38.05 24.04 4.92
CA THR B 647 -37.74 24.89 3.76
C THR B 647 -36.25 25.27 3.70
N GLU B 648 -35.59 25.41 4.84
CA GLU B 648 -34.15 25.63 4.89
C GLU B 648 -33.40 24.41 4.32
N ALA B 649 -33.81 23.22 4.73
CA ALA B 649 -33.26 21.98 4.19
C ALA B 649 -33.45 21.87 2.67
N LYS B 650 -34.67 22.09 2.20
CA LYS B 650 -34.97 22.05 0.77
C LYS B 650 -34.05 22.97 -0.04
N HIS B 651 -33.91 24.21 0.41
CA HIS B 651 -33.07 25.22 -0.25
C HIS B 651 -31.59 24.84 -0.28
N GLN B 652 -31.03 24.45 0.86
CA GLN B 652 -29.61 24.09 0.93
C GLN B 652 -29.26 22.79 0.16
N GLN B 653 -30.24 21.91 0.02
CA GLN B 653 -30.07 20.63 -0.68
C GLN B 653 -30.45 20.72 -2.16
N GLN B 654 -30.65 21.95 -2.65
CA GLN B 654 -30.97 22.20 -4.05
C GLN B 654 -29.96 21.52 -4.98
N PHE B 655 -30.42 21.12 -6.15
CA PHE B 655 -29.59 20.39 -7.10
C PHE B 655 -29.05 21.29 -8.21
N PHE B 656 -29.44 22.56 -8.17
CA PHE B 656 -28.94 23.57 -9.10
C PHE B 656 -28.28 24.70 -8.31
N GLN B 657 -27.08 25.07 -8.72
CA GLN B 657 -26.30 26.13 -8.07
C GLN B 657 -26.21 27.33 -9.02
N PHE B 658 -26.16 28.54 -8.45
CA PHE B 658 -26.22 29.75 -9.26
C PHE B 658 -25.11 30.76 -8.92
N ARG B 659 -24.59 31.39 -9.96
CA ARG B 659 -23.73 32.55 -9.82
C ARG B 659 -24.20 33.64 -10.78
N LEU B 660 -24.01 34.89 -10.37
CA LEU B 660 -24.37 36.04 -11.18
C LEU B 660 -23.15 36.90 -11.44
N SER B 661 -22.98 37.31 -12.70
CA SER B 661 -21.93 38.23 -13.08
C SER B 661 -22.48 39.19 -14.14
N GLY B 662 -22.69 40.44 -13.72
CA GLY B 662 -23.30 41.45 -14.60
C GLY B 662 -24.68 41.03 -15.08
N GLN B 663 -24.77 40.71 -16.36
CA GLN B 663 -26.04 40.30 -16.99
C GLN B 663 -26.25 38.78 -16.96
N THR B 664 -25.20 38.03 -16.66
CA THR B 664 -25.19 36.58 -16.87
C THR B 664 -25.49 35.77 -15.61
N ILE B 665 -26.47 34.88 -15.71
CA ILE B 665 -26.72 33.85 -14.70
C ILE B 665 -26.02 32.57 -15.14
N GLU B 666 -25.19 32.03 -14.26
CA GLU B 666 -24.57 30.74 -14.48
C GLU B 666 -25.28 29.68 -13.65
N VAL B 667 -25.86 28.69 -14.32
CA VAL B 667 -26.55 27.60 -13.64
C VAL B 667 -25.67 26.36 -13.70
N THR B 668 -25.37 25.80 -12.53
CA THR B 668 -24.58 24.56 -12.44
C THR B 668 -25.46 23.42 -11.93
N SER B 669 -25.43 22.29 -12.63
CA SER B 669 -26.20 21.12 -12.21
C SER B 669 -25.43 20.25 -11.23
N GLU B 670 -26.08 19.84 -10.15
CA GLU B 670 -25.47 18.87 -9.23
C GLU B 670 -26.06 17.48 -9.39
N TYR B 671 -26.81 17.27 -10.45
CA TYR B 671 -27.21 15.91 -10.84
C TYR B 671 -26.02 15.14 -11.40
N LEU B 672 -25.98 13.85 -11.15
CA LEU B 672 -24.88 13.01 -11.60
C LEU B 672 -25.21 12.27 -12.89
N PHE B 673 -26.49 12.02 -13.11
CA PHE B 673 -26.91 11.11 -14.17
C PHE B 673 -27.91 11.70 -15.15
N ARG B 674 -28.76 12.59 -14.67
CA ARG B 674 -29.83 13.13 -15.53
C ARG B 674 -29.55 14.52 -16.05
N HIS B 675 -29.98 14.76 -17.29
CA HIS B 675 -30.08 16.09 -17.87
C HIS B 675 -31.28 16.80 -17.24
N SER B 676 -31.29 18.13 -17.32
CA SER B 676 -32.38 18.92 -16.75
C SER B 676 -33.59 18.97 -17.70
N ASP B 677 -34.19 17.80 -17.93
CA ASP B 677 -35.23 17.67 -18.95
C ASP B 677 -36.66 17.87 -18.44
N ASN B 678 -36.80 18.48 -17.27
CA ASN B 678 -38.10 18.85 -16.71
C ASN B 678 -37.89 20.08 -15.84
N GLU B 679 -37.25 21.09 -16.41
CA GLU B 679 -36.83 22.27 -15.65
C GLU B 679 -36.85 23.52 -16.52
N LEU B 680 -37.40 24.60 -15.98
CA LEU B 680 -37.24 25.88 -16.62
C LEU B 680 -36.94 26.96 -15.58
N LEU B 681 -36.11 27.92 -15.95
CA LEU B 681 -35.73 28.98 -15.03
C LEU B 681 -36.66 30.20 -15.16
N HIS B 682 -37.43 30.47 -14.10
CA HIS B 682 -38.20 31.70 -13.97
C HIS B 682 -37.32 32.74 -13.28
N TRP B 683 -37.25 33.95 -13.85
CA TRP B 683 -36.55 35.07 -13.22
C TRP B 683 -37.48 36.26 -13.08
N MET B 684 -37.30 37.03 -12.00
CA MET B 684 -38.08 38.23 -11.76
C MET B 684 -37.25 39.30 -11.04
N VAL B 685 -37.39 40.55 -11.48
CA VAL B 685 -36.73 41.68 -10.85
C VAL B 685 -37.80 42.58 -10.25
N ALA B 686 -37.66 42.88 -8.97
CA ALA B 686 -38.60 43.74 -8.27
C ALA B 686 -37.87 44.85 -7.54
N LEU B 687 -38.50 46.02 -7.50
CA LEU B 687 -38.02 47.13 -6.69
C LEU B 687 -38.86 47.15 -5.42
N ASP B 688 -38.20 46.92 -4.28
CA ASP B 688 -38.86 46.87 -2.98
C ASP B 688 -40.23 46.18 -3.06
N GLY B 689 -40.25 44.98 -3.64
CA GLY B 689 -41.48 44.18 -3.75
C GLY B 689 -42.34 44.41 -4.99
N LYS B 690 -42.11 45.52 -5.69
CA LYS B 690 -42.90 45.87 -6.88
C LYS B 690 -42.26 45.29 -8.14
N PRO B 691 -42.97 44.36 -8.82
CA PRO B 691 -42.43 43.70 -10.02
C PRO B 691 -42.05 44.72 -11.10
N LEU B 692 -40.87 44.57 -11.66
CA LEU B 692 -40.37 45.47 -12.70
C LEU B 692 -40.26 44.72 -14.03
N ALA B 693 -39.66 43.54 -13.98
CA ALA B 693 -39.51 42.68 -15.15
C ALA B 693 -39.48 41.22 -14.72
N SER B 694 -39.92 40.33 -15.61
CA SER B 694 -39.86 38.90 -15.38
C SER B 694 -39.72 38.18 -16.71
N GLY B 695 -39.42 36.88 -16.64
CA GLY B 695 -39.22 36.07 -17.84
C GLY B 695 -38.88 34.63 -17.53
N GLU B 696 -38.85 33.81 -18.58
CA GLU B 696 -38.57 32.38 -18.49
C GLU B 696 -37.51 31.99 -19.49
N VAL B 697 -36.69 31.02 -19.12
CA VAL B 697 -35.69 30.43 -20.00
C VAL B 697 -35.67 28.93 -19.69
N PRO B 698 -35.76 28.08 -20.73
CA PRO B 698 -35.65 26.64 -20.49
C PRO B 698 -34.25 26.26 -20.03
N LEU B 699 -34.16 25.33 -19.09
CA LEU B 699 -32.85 24.83 -18.65
C LEU B 699 -32.44 23.60 -19.45
N ASP B 700 -31.21 23.61 -19.94
CA ASP B 700 -30.69 22.50 -20.72
C ASP B 700 -29.27 22.20 -20.25
N VAL B 701 -29.19 21.64 -19.03
CA VAL B 701 -27.91 21.40 -18.37
C VAL B 701 -27.65 19.90 -18.24
N ALA B 702 -26.48 19.47 -18.72
CA ALA B 702 -25.99 18.10 -18.54
C ALA B 702 -25.66 17.85 -17.07
N PRO B 703 -25.66 16.57 -16.63
CA PRO B 703 -25.20 16.30 -15.27
C PRO B 703 -23.83 16.91 -15.02
N GLN B 704 -23.69 17.62 -13.91
CA GLN B 704 -22.43 18.30 -13.55
C GLN B 704 -22.05 19.46 -14.48
N GLY B 705 -22.94 19.79 -15.42
CA GLY B 705 -22.64 20.80 -16.44
C GLY B 705 -23.03 22.21 -16.02
N LYS B 706 -22.77 23.15 -16.93
CA LYS B 706 -23.12 24.55 -16.71
C LYS B 706 -23.89 25.09 -17.89
N GLN B 707 -24.80 26.02 -17.61
CA GLN B 707 -25.51 26.75 -18.65
C GLN B 707 -25.42 28.23 -18.32
N LEU B 708 -25.16 29.04 -19.34
CA LEU B 708 -25.07 30.49 -19.16
C LEU B 708 -26.31 31.17 -19.70
N ILE B 709 -26.98 31.92 -18.83
CA ILE B 709 -28.21 32.62 -19.21
C ILE B 709 -27.99 34.14 -19.16
N GLU B 710 -28.15 34.77 -20.32
CA GLU B 710 -27.97 36.21 -20.46
C GLU B 710 -29.30 36.93 -20.28
N LEU B 711 -29.43 37.66 -19.18
CA LEU B 711 -30.62 38.47 -18.94
C LEU B 711 -30.67 39.66 -19.90
N PRO B 712 -31.89 40.03 -20.36
CA PRO B 712 -32.05 41.18 -21.25
C PRO B 712 -31.75 42.50 -20.54
N GLU B 713 -31.69 43.58 -21.31
CA GLU B 713 -31.53 44.92 -20.74
C GLU B 713 -32.72 45.24 -19.85
N LEU B 714 -32.43 45.58 -18.60
CA LEU B 714 -33.46 45.92 -17.63
C LEU B 714 -33.69 47.42 -17.60
N PRO B 715 -34.96 47.85 -17.77
CA PRO B 715 -35.26 49.29 -17.68
C PRO B 715 -34.97 49.81 -16.28
N GLN B 716 -34.24 50.92 -16.20
CA GLN B 716 -33.92 51.51 -14.91
C GLN B 716 -35.18 52.04 -14.23
N PRO B 717 -35.36 51.74 -12.94
CA PRO B 717 -36.55 52.16 -12.22
C PRO B 717 -36.55 53.66 -11.94
N GLU B 718 -37.74 54.25 -11.84
CA GLU B 718 -37.87 55.67 -11.59
C GLU B 718 -37.49 55.99 -10.15
N SER B 719 -38.21 55.38 -9.20
CA SER B 719 -38.01 55.70 -7.78
C SER B 719 -36.78 55.04 -7.17
N ALA B 720 -36.42 55.52 -5.98
CA ALA B 720 -35.29 55.01 -5.21
C ALA B 720 -35.61 53.66 -4.59
N GLY B 721 -34.58 52.94 -4.18
CA GLY B 721 -34.76 51.63 -3.53
C GLY B 721 -33.83 50.56 -4.07
N GLN B 722 -33.94 49.36 -3.50
CA GLN B 722 -33.06 48.26 -3.86
C GLN B 722 -33.75 47.32 -4.85
N LEU B 723 -33.11 47.09 -5.99
CA LEU B 723 -33.60 46.08 -6.93
C LEU B 723 -33.17 44.71 -6.45
N TRP B 724 -34.09 43.76 -6.49
CA TRP B 724 -33.81 42.37 -6.12
C TRP B 724 -34.12 41.47 -7.29
N LEU B 725 -33.19 40.57 -7.59
CA LEU B 725 -33.37 39.52 -8.59
C LEU B 725 -33.69 38.19 -7.89
N THR B 726 -34.78 37.56 -8.28
CA THR B 726 -35.11 36.23 -7.81
C THR B 726 -35.16 35.29 -9.00
N VAL B 727 -34.48 34.16 -8.89
CA VAL B 727 -34.65 33.08 -9.87
C VAL B 727 -35.26 31.86 -9.18
N ARG B 728 -36.13 31.17 -9.90
CA ARG B 728 -36.73 29.92 -9.41
C ARG B 728 -36.65 28.87 -10.51
N VAL B 729 -36.32 27.64 -10.12
CA VAL B 729 -36.37 26.50 -11.05
C VAL B 729 -37.72 25.81 -10.88
N VAL B 730 -38.47 25.75 -11.98
CA VAL B 730 -39.82 25.17 -11.97
C VAL B 730 -39.84 23.91 -12.83
N GLN B 731 -40.54 22.89 -12.34
CA GLN B 731 -40.76 21.66 -13.10
C GLN B 731 -42.13 21.72 -13.76
N PRO B 732 -42.16 21.96 -15.09
CA PRO B 732 -43.43 22.10 -15.82
C PRO B 732 -44.27 20.82 -15.84
N ASN B 733 -43.60 19.67 -15.87
CA ASN B 733 -44.29 18.38 -15.97
C ASN B 733 -44.37 17.66 -14.65
N ALA B 734 -45.52 17.04 -14.38
CA ALA B 734 -45.72 16.20 -13.21
C ALA B 734 -44.78 14.99 -13.26
N THR B 735 -44.41 14.49 -12.09
CA THR B 735 -43.60 13.28 -11.96
C THR B 735 -44.34 12.31 -11.04
N ALA B 736 -43.74 11.13 -10.78
CA ALA B 736 -44.25 10.23 -9.76
C ALA B 736 -44.27 10.86 -8.36
N TRP B 737 -43.42 11.87 -8.15
CA TRP B 737 -43.20 12.40 -6.80
C TRP B 737 -43.57 13.89 -6.67
N SER B 738 -43.99 14.52 -7.76
CA SER B 738 -44.32 15.95 -7.74
C SER B 738 -45.37 16.37 -8.76
N GLU B 739 -46.11 17.42 -8.42
CA GLU B 739 -47.11 18.03 -9.30
C GLU B 739 -46.46 18.98 -10.29
N ALA B 740 -47.11 19.18 -11.44
CA ALA B 740 -46.70 20.19 -12.42
C ALA B 740 -46.56 21.55 -11.73
N GLY B 741 -45.52 22.29 -12.06
CA GLY B 741 -45.26 23.58 -11.44
C GLY B 741 -44.44 23.54 -10.16
N HIS B 742 -44.03 22.34 -9.73
CA HIS B 742 -43.19 22.16 -8.54
C HIS B 742 -41.92 23.02 -8.63
N ILE B 743 -41.68 23.83 -7.60
CA ILE B 743 -40.43 24.62 -7.49
C ILE B 743 -39.36 23.80 -6.76
N SER B 744 -38.22 23.61 -7.42
CA SER B 744 -37.17 22.73 -6.89
C SER B 744 -35.96 23.49 -6.37
N ALA B 745 -35.84 24.76 -6.76
CA ALA B 745 -34.66 25.56 -6.46
C ALA B 745 -34.95 27.06 -6.61
N TRP B 746 -34.27 27.86 -5.81
CA TRP B 746 -34.37 29.31 -5.94
C TRP B 746 -33.12 30.00 -5.40
N GLN B 747 -32.94 31.25 -5.80
CA GLN B 747 -31.83 32.08 -5.32
C GLN B 747 -32.18 33.56 -5.56
N GLN B 748 -31.55 34.44 -4.79
CA GLN B 748 -31.78 35.88 -4.87
C GLN B 748 -30.46 36.65 -4.84
N TRP B 749 -30.45 37.77 -5.56
CA TRP B 749 -29.33 38.70 -5.54
C TRP B 749 -29.86 40.11 -5.45
N ARG B 750 -29.11 40.97 -4.75
CA ARG B 750 -29.29 42.40 -4.84
C ARG B 750 -28.72 42.86 -6.17
N LEU B 751 -29.48 43.66 -6.91
CA LEU B 751 -28.98 44.30 -8.12
C LEU B 751 -28.67 45.76 -7.77
N ALA B 752 -28.98 46.69 -8.68
CA ALA B 752 -28.71 48.10 -8.44
C ALA B 752 -29.51 48.63 -7.27
N GLU B 753 -28.89 49.54 -6.51
CA GLU B 753 -29.59 50.30 -5.49
C GLU B 753 -29.47 51.79 -5.82
N ASN B 754 -30.58 52.49 -5.74
CA ASN B 754 -30.58 53.94 -5.85
C ASN B 754 -31.03 54.50 -4.52
N LEU B 755 -30.09 55.11 -3.79
CA LEU B 755 -30.37 55.66 -2.47
C LEU B 755 -31.31 56.86 -2.57
N SER B 756 -32.20 56.98 -1.60
CA SER B 756 -33.16 58.08 -1.55
C SER B 756 -32.45 59.35 -1.07
N VAL B 757 -32.35 60.34 -1.98
CA VAL B 757 -31.68 61.62 -1.69
C VAL B 757 -32.64 62.80 -1.65
N THR B 758 -33.75 62.68 -2.37
CA THR B 758 -34.74 63.75 -2.42
C THR B 758 -35.48 63.82 -1.09
N LEU B 759 -35.09 64.79 -0.27
CA LEU B 759 -35.69 65.00 1.04
C LEU B 759 -37.18 65.31 0.91
N PRO B 760 -38.04 64.54 1.62
CA PRO B 760 -39.49 64.71 1.50
C PRO B 760 -39.94 66.13 1.87
N ALA B 761 -40.89 66.66 1.10
CA ALA B 761 -41.44 68.00 1.34
C ALA B 761 -41.98 68.10 2.77
N ALA B 762 -41.37 68.99 3.56
CA ALA B 762 -41.70 69.14 4.98
C ALA B 762 -43.14 69.62 5.19
N SER B 763 -43.87 68.89 6.04
CA SER B 763 -45.25 69.23 6.37
C SER B 763 -45.32 70.53 7.18
N HIS B 764 -46.48 71.17 7.16
CA HIS B 764 -46.65 72.48 7.79
C HIS B 764 -46.99 72.36 9.28
N ALA B 765 -47.43 71.17 9.69
CA ALA B 765 -47.88 70.92 11.07
C ALA B 765 -46.72 70.82 12.07
N ILE B 766 -46.97 71.27 13.31
CA ILE B 766 -45.97 71.24 14.38
C ILE B 766 -46.56 70.54 15.62
N PRO B 767 -45.90 69.46 16.10
CA PRO B 767 -46.38 68.82 17.32
C PRO B 767 -46.14 69.71 18.54
N HIS B 768 -47.01 69.59 19.54
CA HIS B 768 -46.85 70.36 20.77
C HIS B 768 -46.51 69.47 21.97
N LEU B 769 -45.62 69.97 22.82
CA LEU B 769 -45.22 69.28 24.05
C LEU B 769 -46.02 69.80 25.25
N THR B 770 -46.70 68.88 25.93
CA THR B 770 -47.36 69.17 27.19
C THR B 770 -46.62 68.46 28.33
N THR B 771 -46.12 69.25 29.29
CA THR B 771 -45.35 68.69 30.40
C THR B 771 -46.11 68.77 31.72
N SER B 772 -46.20 67.62 32.39
CA SER B 772 -46.64 67.55 33.76
C SER B 772 -45.54 66.86 34.57
N GLU B 773 -45.76 66.69 35.86
CA GLU B 773 -44.76 66.05 36.72
C GLU B 773 -44.56 64.58 36.36
N MET B 774 -45.65 63.91 35.99
CA MET B 774 -45.62 62.47 35.71
C MET B 774 -45.46 62.11 34.23
N ASP B 775 -45.69 63.06 33.33
CA ASP B 775 -45.75 62.74 31.89
C ASP B 775 -45.22 63.82 30.94
N PHE B 776 -44.67 63.35 29.82
CA PHE B 776 -44.46 64.18 28.65
C PHE B 776 -45.48 63.73 27.62
N CYS B 777 -46.39 64.63 27.23
CA CYS B 777 -47.40 64.32 26.23
C CYS B 777 -47.15 65.10 24.95
N ILE B 778 -47.14 64.39 23.83
CA ILE B 778 -46.96 65.02 22.52
C ILE B 778 -48.29 64.99 21.79
N GLU B 779 -48.69 66.15 21.27
CA GLU B 779 -49.95 66.28 20.58
C GLU B 779 -49.73 66.79 19.16
N LEU B 780 -50.32 66.08 18.21
CA LEU B 780 -50.34 66.48 16.82
C LEU B 780 -51.73 66.22 16.26
N GLY B 781 -52.45 67.29 15.95
CA GLY B 781 -53.86 67.19 15.59
C GLY B 781 -54.59 66.53 16.75
N ASN B 782 -55.15 65.34 16.50
CA ASN B 782 -55.81 64.56 17.56
C ASN B 782 -55.00 63.33 17.99
N LYS B 783 -53.76 63.22 17.53
CA LYS B 783 -52.87 62.13 17.92
C LYS B 783 -52.13 62.49 19.20
N ARG B 784 -52.02 61.52 20.10
CA ARG B 784 -51.30 61.73 21.34
C ARG B 784 -50.26 60.63 21.62
N TRP B 785 -49.09 61.06 22.05
CA TRP B 785 -48.03 60.16 22.52
C TRP B 785 -47.75 60.49 23.99
N GLN B 786 -47.91 59.50 24.86
CA GLN B 786 -47.69 59.69 26.29
C GLN B 786 -46.43 58.96 26.76
N PHE B 787 -45.48 59.73 27.30
CA PHE B 787 -44.27 59.19 27.89
C PHE B 787 -44.33 59.38 29.40
N ASN B 788 -44.27 58.26 30.13
CA ASN B 788 -44.27 58.28 31.59
C ASN B 788 -42.90 58.73 32.11
N ARG B 789 -42.90 59.71 33.00
CA ARG B 789 -41.65 60.27 33.52
C ARG B 789 -41.06 59.50 34.71
N GLN B 790 -41.88 58.68 35.38
CA GLN B 790 -41.39 57.79 36.43
C GLN B 790 -40.64 56.61 35.81
N SER B 791 -41.19 56.05 34.73
CA SER B 791 -40.66 54.82 34.13
C SER B 791 -39.73 55.08 32.96
N GLY B 792 -39.97 56.17 32.24
CA GLY B 792 -39.16 56.55 31.08
C GLY B 792 -39.55 55.90 29.77
N PHE B 793 -40.72 55.27 29.76
CA PHE B 793 -41.22 54.57 28.56
C PHE B 793 -42.45 55.23 27.95
N LEU B 794 -42.59 55.06 26.64
CA LEU B 794 -43.86 55.33 25.96
C LEU B 794 -44.92 54.40 26.53
N SER B 795 -45.82 54.97 27.32
CA SER B 795 -46.79 54.19 28.08
C SER B 795 -48.13 54.11 27.38
N GLN B 796 -48.45 55.09 26.55
CA GLN B 796 -49.69 55.08 25.78
C GLN B 796 -49.62 55.94 24.53
N MET B 797 -50.37 55.53 23.52
CA MET B 797 -50.63 56.33 22.33
C MET B 797 -52.13 56.37 22.04
N TRP B 798 -52.60 57.51 21.54
CA TRP B 798 -54.02 57.70 21.22
C TRP B 798 -54.21 58.22 19.79
N ILE B 799 -55.16 57.60 19.09
CA ILE B 799 -55.72 58.16 17.86
C ILE B 799 -57.13 58.63 18.21
N GLY B 800 -57.27 59.92 18.48
CA GLY B 800 -58.52 60.45 19.00
C GLY B 800 -58.79 59.87 20.38
N ASP B 801 -59.84 59.06 20.48
CA ASP B 801 -60.25 58.45 21.75
C ASP B 801 -59.81 56.99 21.89
N LYS B 802 -59.21 56.44 20.85
CA LYS B 802 -58.81 55.04 20.82
C LYS B 802 -57.39 54.80 21.38
N LYS B 803 -57.32 53.94 22.42
CA LYS B 803 -56.06 53.52 23.02
C LYS B 803 -55.30 52.60 22.06
N GLN B 804 -53.98 52.72 22.05
CA GLN B 804 -53.16 51.91 21.12
C GLN B 804 -52.37 50.79 21.82
N LEU B 805 -52.10 50.97 23.11
CA LEU B 805 -51.26 50.04 23.86
C LEU B 805 -51.95 49.46 25.08
N LEU B 806 -51.67 48.18 25.34
CA LEU B 806 -52.10 47.52 26.58
C LEU B 806 -50.94 47.44 27.59
N THR B 807 -49.71 47.44 27.07
CA THR B 807 -48.50 47.44 27.88
C THR B 807 -47.54 48.44 27.26
N PRO B 808 -46.78 49.19 28.08
CA PRO B 808 -45.80 50.16 27.57
C PRO B 808 -44.76 49.54 26.62
N LEU B 809 -44.20 50.38 25.76
CA LEU B 809 -43.12 49.97 24.87
C LEU B 809 -41.81 49.93 25.66
N ARG B 810 -41.27 48.72 25.87
CA ARG B 810 -40.09 48.55 26.71
C ARG B 810 -38.99 47.76 25.99
N ASP B 811 -37.74 47.96 26.38
CA ASP B 811 -36.65 47.14 25.87
C ASP B 811 -36.85 45.69 26.30
N GLN B 812 -36.42 44.78 25.44
CA GLN B 812 -36.42 43.36 25.76
C GLN B 812 -35.09 42.73 25.32
N PHE B 813 -34.50 41.94 26.23
CA PHE B 813 -33.21 41.30 25.98
C PHE B 813 -33.27 39.79 26.12
N THR B 814 -34.49 39.27 26.31
CA THR B 814 -34.69 37.86 26.58
C THR B 814 -35.65 37.24 25.58
N ARG B 815 -35.53 35.94 25.38
CA ARG B 815 -36.54 35.20 24.63
C ARG B 815 -37.04 34.01 25.44
N ALA B 816 -38.26 33.57 25.15
CA ALA B 816 -38.75 32.31 25.71
C ALA B 816 -37.81 31.24 25.17
N PRO B 817 -37.15 30.48 26.08
CA PRO B 817 -36.03 29.63 25.64
C PRO B 817 -36.42 28.53 24.64
N LEU B 818 -35.63 28.43 23.58
CA LEU B 818 -35.79 27.37 22.58
C LEU B 818 -35.29 26.07 23.17
N ASP B 819 -35.63 24.95 22.56
CA ASP B 819 -35.06 23.67 22.99
C ASP B 819 -33.53 23.67 22.95
N ASN B 820 -32.94 24.37 21.98
CA ASN B 820 -31.49 24.52 21.91
C ASN B 820 -30.90 25.40 23.01
N ASP B 821 -31.68 26.35 23.51
CA ASP B 821 -31.28 27.20 24.65
C ASP B 821 -31.26 26.41 25.97
N ILE B 822 -32.20 25.47 26.11
CA ILE B 822 -32.35 24.67 27.32
C ILE B 822 -31.29 23.58 27.40
N GLY B 823 -30.99 23.00 26.24
CA GLY B 823 -29.81 22.16 26.06
C GLY B 823 -29.64 20.97 26.99
N VAL B 824 -30.68 20.15 27.09
CA VAL B 824 -30.59 18.86 27.78
C VAL B 824 -31.16 17.73 26.92
N SER B 825 -30.43 16.61 26.88
CA SER B 825 -30.90 15.41 26.18
C SER B 825 -31.63 14.46 27.13
N GLU B 826 -31.51 14.74 28.42
CA GLU B 826 -32.16 13.96 29.47
C GLU B 826 -32.88 14.90 30.44
N ALA B 827 -34.07 14.49 30.89
CA ALA B 827 -34.97 15.35 31.68
C ALA B 827 -34.44 15.79 33.05
N THR B 828 -33.59 14.97 33.66
CA THR B 828 -33.15 15.22 35.04
C THR B 828 -31.88 16.09 35.19
N ARG B 829 -31.38 16.62 34.08
CA ARG B 829 -30.15 17.42 34.11
C ARG B 829 -30.37 18.94 34.14
N ILE B 830 -29.88 19.57 35.20
CA ILE B 830 -29.83 21.02 35.33
C ILE B 830 -28.41 21.45 34.96
N ASP B 831 -28.26 21.95 33.72
CA ASP B 831 -26.96 22.15 33.11
C ASP B 831 -26.53 23.61 33.10
N PRO B 832 -25.55 23.98 33.96
CA PRO B 832 -25.13 25.38 34.14
C PRO B 832 -24.53 26.02 32.88
N ASN B 833 -24.09 25.18 31.93
CA ASN B 833 -23.50 25.66 30.69
C ASN B 833 -24.52 26.05 29.60
N ALA B 834 -25.75 25.54 29.72
CA ALA B 834 -26.81 25.88 28.77
C ALA B 834 -27.10 27.39 28.75
N TRP B 835 -27.40 27.92 27.57
CA TRP B 835 -27.70 29.34 27.39
C TRP B 835 -28.78 29.85 28.37
N VAL B 836 -29.86 29.10 28.54
CA VAL B 836 -30.94 29.51 29.43
C VAL B 836 -30.44 29.65 30.87
N GLU B 837 -29.58 28.73 31.30
CA GLU B 837 -29.09 28.73 32.67
C GLU B 837 -28.11 29.88 32.90
N ARG B 838 -27.33 30.20 31.89
CA ARG B 838 -26.45 31.37 31.93
C ARG B 838 -27.27 32.65 32.02
N TRP B 839 -28.34 32.73 31.22
CA TRP B 839 -29.23 33.90 31.24
C TRP B 839 -29.95 34.05 32.57
N LYS B 840 -30.47 32.93 33.08
CA LYS B 840 -31.17 32.92 34.37
C LYS B 840 -30.25 33.35 35.51
N ALA B 841 -29.05 32.78 35.56
CA ALA B 841 -28.10 33.05 36.65
C ALA B 841 -27.53 34.46 36.59
N ALA B 842 -27.47 35.03 35.39
CA ALA B 842 -27.03 36.42 35.22
C ALA B 842 -28.15 37.44 35.53
N GLY B 843 -29.37 36.93 35.74
CA GLY B 843 -30.50 37.77 36.10
C GLY B 843 -31.22 38.42 34.92
N HIS B 844 -31.04 37.85 33.72
CA HIS B 844 -31.63 38.41 32.51
C HIS B 844 -33.15 38.45 32.54
N TYR B 845 -33.77 37.40 33.05
CA TYR B 845 -35.23 37.32 33.09
C TYR B 845 -35.81 38.12 34.26
N GLN B 846 -34.95 38.45 35.24
CA GLN B 846 -35.37 39.18 36.43
C GLN B 846 -34.97 40.66 36.39
N ALA B 847 -34.24 41.07 35.35
CA ALA B 847 -33.67 42.42 35.28
C ALA B 847 -34.75 43.50 35.38
N GLU B 848 -34.52 44.48 36.25
CA GLU B 848 -35.42 45.61 36.44
C GLU B 848 -34.83 46.86 35.82
N ALA B 849 -35.66 47.62 35.12
CA ALA B 849 -35.23 48.87 34.49
C ALA B 849 -35.15 50.00 35.52
N ALA B 850 -34.01 50.68 35.52
CA ALA B 850 -33.82 51.85 36.34
C ALA B 850 -33.66 53.06 35.42
N LEU B 851 -34.51 54.06 35.61
CA LEU B 851 -34.46 55.26 34.80
C LEU B 851 -33.25 56.12 35.17
N LEU B 852 -32.42 56.43 34.20
CA LEU B 852 -31.26 57.29 34.43
C LEU B 852 -31.55 58.73 33.98
N GLN B 853 -32.35 58.88 32.93
CA GLN B 853 -32.62 60.18 32.33
C GLN B 853 -33.92 60.14 31.54
N CYS B 854 -34.70 61.21 31.64
CA CYS B 854 -35.89 61.39 30.82
C CYS B 854 -36.09 62.89 30.60
N THR B 855 -35.81 63.34 29.38
CA THR B 855 -35.94 64.76 29.05
C THR B 855 -36.79 64.95 27.79
N ALA B 856 -37.29 66.17 27.63
CA ALA B 856 -38.10 66.54 26.48
C ALA B 856 -37.65 67.90 25.97
N ASP B 857 -37.56 68.03 24.66
CA ASP B 857 -37.15 69.28 24.01
C ASP B 857 -38.06 69.56 22.84
N THR B 858 -38.32 70.84 22.58
CA THR B 858 -39.02 71.26 21.38
C THR B 858 -38.01 71.64 20.31
N LEU B 859 -38.22 71.13 19.10
CA LEU B 859 -37.43 71.52 17.92
C LEU B 859 -38.31 72.38 17.02
N ALA B 860 -37.72 72.90 15.94
CA ALA B 860 -38.47 73.76 15.00
C ALA B 860 -39.69 73.06 14.40
N ASP B 861 -39.58 71.76 14.14
CA ASP B 861 -40.65 71.00 13.47
C ASP B 861 -40.95 69.67 14.15
N ALA B 862 -40.48 69.49 15.39
CA ALA B 862 -40.61 68.22 16.10
C ALA B 862 -40.46 68.35 17.60
N VAL B 863 -40.91 67.33 18.32
CA VAL B 863 -40.62 67.18 19.75
C VAL B 863 -39.67 66.00 19.95
N LEU B 864 -38.62 66.24 20.74
CA LEU B 864 -37.58 65.25 20.97
C LEU B 864 -37.59 64.76 22.41
N ILE B 865 -37.78 63.45 22.60
CA ILE B 865 -37.72 62.83 23.91
C ILE B 865 -36.46 61.97 24.03
N THR B 866 -35.66 62.25 25.06
CA THR B 866 -34.43 61.51 25.30
C THR B 866 -34.53 60.72 26.60
N THR B 867 -34.22 59.42 26.54
CA THR B 867 -34.21 58.57 27.73
C THR B 867 -32.95 57.72 27.83
N ALA B 868 -32.56 57.38 29.06
CA ALA B 868 -31.56 56.35 29.32
C ALA B 868 -32.04 55.47 30.47
N HIS B 869 -31.82 54.17 30.32
CA HIS B 869 -32.16 53.18 31.33
C HIS B 869 -30.99 52.25 31.58
N ALA B 870 -30.85 51.82 32.83
CA ALA B 870 -29.94 50.74 33.18
C ALA B 870 -30.75 49.53 33.65
N TRP B 871 -30.48 48.37 33.06
CA TRP B 871 -31.01 47.10 33.56
C TRP B 871 -29.99 46.46 34.46
N GLN B 872 -30.43 46.14 35.68
CA GLN B 872 -29.53 45.67 36.69
C GLN B 872 -30.06 44.44 37.39
N HIS B 873 -29.13 43.63 37.88
CA HIS B 873 -29.48 42.51 38.70
C HIS B 873 -28.63 42.57 39.95
N GLN B 874 -29.30 42.80 41.08
CA GLN B 874 -28.65 42.83 42.40
C GLN B 874 -27.35 43.63 42.41
N GLY B 875 -27.41 44.85 41.89
CA GLY B 875 -26.28 45.77 41.92
C GLY B 875 -25.41 45.80 40.67
N LYS B 876 -25.56 44.78 39.82
CA LYS B 876 -24.74 44.65 38.61
C LYS B 876 -25.50 45.16 37.39
N THR B 877 -24.90 46.08 36.65
CA THR B 877 -25.50 46.59 35.42
C THR B 877 -25.27 45.60 34.27
N LEU B 878 -26.38 45.14 33.69
CA LEU B 878 -26.35 44.21 32.57
C LEU B 878 -26.34 44.94 31.24
N PHE B 879 -27.31 45.84 31.06
CA PHE B 879 -27.50 46.60 29.84
C PHE B 879 -27.87 48.04 30.14
N ILE B 880 -27.43 48.93 29.26
CA ILE B 880 -27.85 50.33 29.28
C ILE B 880 -28.49 50.63 27.93
N SER B 881 -29.67 51.24 27.96
CA SER B 881 -30.39 51.61 26.75
C SER B 881 -30.56 53.12 26.68
N ARG B 882 -30.00 53.72 25.65
CA ARG B 882 -30.16 55.16 25.41
C ARG B 882 -31.03 55.35 24.18
N LYS B 883 -32.09 56.13 24.34
CA LYS B 883 -33.07 56.33 23.28
C LYS B 883 -33.38 57.79 23.02
N THR B 884 -33.72 58.08 21.76
CA THR B 884 -34.36 59.34 21.40
C THR B 884 -35.62 59.02 20.58
N TYR B 885 -36.71 59.69 20.92
CA TYR B 885 -37.95 59.61 20.17
C TYR B 885 -38.22 60.96 19.55
N ARG B 886 -38.29 61.00 18.22
CA ARG B 886 -38.53 62.25 17.52
C ARG B 886 -39.87 62.18 16.78
N ILE B 887 -40.85 62.93 17.28
CA ILE B 887 -42.17 63.01 16.64
C ILE B 887 -42.24 64.31 15.84
N ASP B 888 -42.46 64.18 14.54
CA ASP B 888 -42.52 65.34 13.63
C ASP B 888 -43.95 65.66 13.18
N GLY B 889 -44.08 66.69 12.33
CA GLY B 889 -45.37 67.14 11.83
C GLY B 889 -46.11 66.21 10.90
N SER B 890 -45.41 65.21 10.36
CA SER B 890 -46.05 64.20 9.52
C SER B 890 -46.58 63.04 10.38
N GLY B 891 -46.44 63.15 11.70
CA GLY B 891 -46.93 62.14 12.63
C GLY B 891 -46.07 60.89 12.71
N GLN B 892 -44.82 60.99 12.26
CA GLN B 892 -43.87 59.88 12.36
C GLN B 892 -43.08 59.99 13.65
N MET B 893 -42.92 58.86 14.34
CA MET B 893 -42.09 58.79 15.53
C MET B 893 -40.80 58.02 15.20
N ALA B 894 -39.69 58.76 15.11
CA ALA B 894 -38.39 58.13 14.88
C ALA B 894 -37.73 57.76 16.21
N ILE B 895 -37.59 56.45 16.45
CA ILE B 895 -36.94 55.95 17.66
C ILE B 895 -35.51 55.53 17.33
N THR B 896 -34.55 56.12 18.03
CA THR B 896 -33.16 55.72 17.95
C THR B 896 -32.82 55.01 19.25
N VAL B 897 -32.22 53.82 19.14
CA VAL B 897 -31.87 53.01 20.30
C VAL B 897 -30.40 52.61 20.24
N ASP B 898 -29.64 53.00 21.26
CA ASP B 898 -28.25 52.58 21.41
C ASP B 898 -28.08 51.82 22.73
N VAL B 899 -27.62 50.58 22.63
CA VAL B 899 -27.52 49.71 23.80
C VAL B 899 -26.07 49.33 24.10
N GLU B 900 -25.70 49.42 25.38
CA GLU B 900 -24.44 48.89 25.89
C GLU B 900 -24.73 47.58 26.62
N VAL B 901 -23.94 46.54 26.31
CA VAL B 901 -24.06 45.25 26.99
C VAL B 901 -22.76 44.98 27.72
N ALA B 902 -22.83 44.78 29.03
CA ALA B 902 -21.62 44.49 29.82
C ALA B 902 -20.91 43.26 29.26
N SER B 903 -19.59 43.38 29.06
CA SER B 903 -18.81 42.31 28.42
C SER B 903 -18.81 40.98 29.18
N ASP B 904 -19.02 41.06 30.49
CA ASP B 904 -18.96 39.89 31.37
C ASP B 904 -20.33 39.25 31.65
N THR B 905 -21.39 39.81 31.06
CA THR B 905 -22.69 39.14 31.10
C THR B 905 -22.79 38.22 29.88
N PRO B 906 -23.48 37.06 30.03
CA PRO B 906 -23.68 36.21 28.85
C PRO B 906 -24.43 36.96 27.77
N HIS B 907 -24.02 36.75 26.52
CA HIS B 907 -24.58 37.48 25.39
C HIS B 907 -26.10 37.28 25.38
N PRO B 908 -26.86 38.38 25.28
CA PRO B 908 -28.32 38.32 25.39
C PRO B 908 -28.97 37.65 24.18
N ALA B 909 -30.14 37.05 24.39
CA ALA B 909 -30.89 36.37 23.32
C ALA B 909 -31.37 37.33 22.23
N ARG B 910 -31.63 38.58 22.62
CA ARG B 910 -32.07 39.59 21.68
C ARG B 910 -31.77 41.00 22.16
N ILE B 911 -31.79 41.95 21.24
CA ILE B 911 -31.75 43.36 21.59
C ILE B 911 -32.87 44.05 20.81
N GLY B 912 -33.97 44.34 21.51
CA GLY B 912 -35.14 44.90 20.85
C GLY B 912 -36.12 45.61 21.77
N LEU B 913 -37.29 45.89 21.22
CA LEU B 913 -38.40 46.47 21.98
C LEU B 913 -39.59 45.54 21.93
N ASN B 914 -40.47 45.67 22.91
CA ASN B 914 -41.73 44.92 22.91
C ASN B 914 -42.87 45.72 23.52
N CYS B 915 -44.08 45.39 23.11
CA CYS B 915 -45.30 45.97 23.65
C CYS B 915 -46.50 45.10 23.29
N GLN B 916 -47.53 45.16 24.13
CA GLN B 916 -48.81 44.54 23.82
C GLN B 916 -49.71 45.59 23.18
N LEU B 917 -49.99 45.43 21.90
CA LEU B 917 -50.86 46.35 21.17
C LEU B 917 -52.32 46.08 21.53
N ALA B 918 -53.14 47.12 21.52
CA ALA B 918 -54.57 46.98 21.83
C ALA B 918 -55.30 46.22 20.72
N GLN B 919 -54.86 46.48 19.48
CA GLN B 919 -55.49 45.97 18.25
C GLN B 919 -55.31 44.46 18.02
N VAL B 920 -56.35 43.84 17.46
CA VAL B 920 -56.25 42.49 16.91
C VAL B 920 -56.69 42.58 15.45
N ALA B 921 -55.74 42.46 14.53
CA ALA B 921 -56.05 42.52 13.12
C ALA B 921 -55.89 41.15 12.46
N GLU B 922 -56.48 40.99 11.26
CA GLU B 922 -56.50 39.71 10.57
C GLU B 922 -55.20 39.40 9.83
N ARG B 923 -54.59 40.43 9.23
CA ARG B 923 -53.47 40.25 8.32
C ARG B 923 -52.19 40.91 8.81
N VAL B 924 -51.05 40.36 8.41
CA VAL B 924 -49.74 40.93 8.69
C VAL B 924 -49.00 41.07 7.35
N ASN B 925 -48.56 42.29 7.07
CA ASN B 925 -47.93 42.63 5.80
C ASN B 925 -46.53 43.17 6.04
N TRP B 926 -45.55 42.63 5.32
CA TRP B 926 -44.16 43.09 5.52
C TRP B 926 -43.28 43.01 4.29
N LEU B 927 -42.38 43.99 4.19
CA LEU B 927 -41.33 43.96 3.18
C LEU B 927 -40.07 43.44 3.87
N GLY B 928 -39.68 42.22 3.55
CA GLY B 928 -38.55 41.59 4.23
C GLY B 928 -38.44 40.12 3.91
N LEU B 929 -37.70 39.39 4.74
CA LEU B 929 -37.47 37.97 4.52
C LEU B 929 -38.70 37.18 4.95
N GLY B 930 -39.12 36.27 4.09
CA GLY B 930 -40.28 35.41 4.33
C GLY B 930 -40.49 34.46 3.17
N PRO B 931 -41.70 33.85 3.09
CA PRO B 931 -42.83 34.10 3.97
C PRO B 931 -42.75 33.40 5.32
N GLN B 932 -42.01 32.30 5.40
CA GLN B 932 -41.95 31.51 6.63
C GLN B 932 -41.01 32.09 7.68
N GLU B 933 -41.18 31.63 8.91
CA GLU B 933 -40.28 31.88 10.04
C GLU B 933 -38.80 31.77 9.63
N ASN B 934 -38.00 32.75 10.02
CA ASN B 934 -36.57 32.73 9.73
C ASN B 934 -35.77 33.51 10.78
N TYR B 935 -34.63 32.93 11.18
CA TYR B 935 -33.74 33.46 12.21
C TYR B 935 -32.36 33.72 11.61
N PRO B 936 -31.50 34.50 12.30
CA PRO B 936 -30.24 34.91 11.67
C PRO B 936 -29.38 33.78 11.10
N ASP B 937 -29.29 32.65 11.80
CA ASP B 937 -28.55 31.48 11.30
C ASP B 937 -29.42 30.48 10.53
N ARG B 938 -30.67 30.84 10.30
CA ARG B 938 -31.58 30.03 9.47
C ARG B 938 -32.50 30.94 8.67
N LEU B 939 -31.93 31.65 7.71
CA LEU B 939 -32.73 32.56 6.87
C LEU B 939 -32.34 32.49 5.38
N THR B 940 -31.45 31.57 5.01
CA THR B 940 -31.00 31.47 3.60
C THR B 940 -32.14 31.10 2.64
N ALA B 941 -33.05 30.26 3.11
CA ALA B 941 -34.22 29.85 2.30
C ALA B 941 -35.25 30.98 2.12
N ALA B 942 -35.32 31.88 3.10
CA ALA B 942 -36.27 33.01 3.05
C ALA B 942 -35.89 33.97 1.94
N CYS B 943 -36.91 34.54 1.29
CA CYS B 943 -36.67 35.52 0.22
C CYS B 943 -37.15 36.91 0.62
N PHE B 944 -36.43 37.92 0.14
CA PHE B 944 -36.84 39.30 0.33
C PHE B 944 -37.94 39.65 -0.67
N ASP B 945 -39.10 40.00 -0.14
CA ASP B 945 -40.21 40.46 -0.97
C ASP B 945 -41.28 41.03 -0.07
N ARG B 946 -42.42 41.40 -0.66
CA ARG B 946 -43.57 41.88 0.07
C ARG B 946 -44.45 40.68 0.40
N TRP B 947 -44.58 40.38 1.69
CA TRP B 947 -45.37 39.22 2.12
C TRP B 947 -46.63 39.67 2.86
N ASP B 948 -47.68 38.85 2.78
CA ASP B 948 -48.95 39.13 3.43
C ASP B 948 -49.59 37.82 3.89
N LEU B 949 -49.63 37.63 5.21
CA LEU B 949 -50.16 36.40 5.79
C LEU B 949 -51.24 36.71 6.84
N PRO B 950 -52.12 35.73 7.12
CA PRO B 950 -52.99 35.86 8.30
C PRO B 950 -52.17 35.83 9.59
N LEU B 951 -52.65 36.47 10.65
CA LEU B 951 -51.90 36.58 11.90
C LEU B 951 -51.47 35.21 12.43
N SER B 952 -52.35 34.23 12.33
CA SER B 952 -52.06 32.87 12.82
C SER B 952 -50.81 32.23 12.19
N ASP B 953 -50.50 32.58 10.94
CA ASP B 953 -49.31 32.08 10.25
C ASP B 953 -47.99 32.70 10.73
N MET B 954 -48.10 33.75 11.54
CA MET B 954 -46.92 34.43 12.11
C MET B 954 -46.55 33.82 13.46
N TYR B 955 -47.24 32.74 13.80
CA TYR B 955 -46.96 31.94 14.97
C TYR B 955 -46.70 30.49 14.53
N THR B 956 -45.60 29.92 15.00
CA THR B 956 -45.26 28.51 14.71
C THR B 956 -45.63 27.62 15.91
N PRO B 957 -46.52 26.64 15.67
CA PRO B 957 -47.05 25.83 16.76
C PRO B 957 -46.15 24.67 17.18
N TYR B 958 -44.91 24.98 17.58
CA TYR B 958 -44.02 23.99 18.16
C TYR B 958 -44.71 23.38 19.37
N VAL B 959 -44.75 22.06 19.44
CA VAL B 959 -45.45 21.37 20.54
C VAL B 959 -44.96 21.86 21.92
N PHE B 960 -43.65 21.92 22.11
CA PHE B 960 -43.06 22.63 23.25
C PHE B 960 -42.87 24.10 22.86
N PRO B 961 -43.67 25.01 23.45
CA PRO B 961 -43.65 26.43 23.06
C PRO B 961 -42.35 27.16 23.42
N SER B 962 -41.92 28.07 22.56
CA SER B 962 -40.73 28.88 22.75
C SER B 962 -40.88 30.16 21.91
N GLU B 963 -39.86 31.01 21.94
CA GLU B 963 -39.71 32.06 20.92
C GLU B 963 -39.90 31.42 19.53
N ASN B 964 -40.75 32.04 18.71
CA ASN B 964 -41.09 31.53 17.39
C ASN B 964 -41.57 32.64 16.47
N GLY B 965 -41.66 32.33 15.18
CA GLY B 965 -42.30 33.22 14.22
C GLY B 965 -41.52 34.44 13.78
N LEU B 966 -40.26 34.57 14.21
CA LEU B 966 -39.44 35.69 13.78
C LEU B 966 -39.28 35.72 12.27
N ARG B 967 -39.23 36.93 11.73
CA ARG B 967 -38.86 37.19 10.35
C ARG B 967 -37.76 38.26 10.38
N CYS B 968 -36.70 38.06 9.61
CA CYS B 968 -35.52 38.92 9.68
C CYS B 968 -35.40 39.85 8.48
N GLY B 969 -34.46 40.80 8.55
CA GLY B 969 -34.19 41.69 7.42
C GLY B 969 -35.43 42.39 6.91
N THR B 970 -36.28 42.80 7.83
CA THR B 970 -37.55 43.44 7.49
C THR B 970 -37.38 44.96 7.51
N ARG B 971 -37.80 45.60 6.41
CA ARG B 971 -37.67 47.05 6.23
C ARG B 971 -38.97 47.80 6.49
N GLU B 972 -40.09 47.09 6.47
CA GLU B 972 -41.41 47.66 6.69
C GLU B 972 -42.36 46.59 7.20
N LEU B 973 -43.08 46.91 8.28
CA LEU B 973 -44.10 46.01 8.83
C LEU B 973 -45.43 46.77 8.95
N ASN B 974 -46.53 46.13 8.55
CA ASN B 974 -47.87 46.71 8.59
C ASN B 974 -48.83 45.81 9.36
N TYR B 975 -49.52 46.37 10.34
CA TYR B 975 -50.49 45.63 11.14
C TYR B 975 -51.58 46.57 11.68
N GLY B 976 -52.82 46.35 11.27
CA GLY B 976 -53.93 47.24 11.65
C GLY B 976 -53.66 48.65 11.20
N PRO B 977 -53.69 49.62 12.14
CA PRO B 977 -53.40 51.01 11.80
C PRO B 977 -51.90 51.37 11.84
N HIS B 978 -51.04 50.39 12.15
CA HIS B 978 -49.62 50.67 12.38
C HIS B 978 -48.69 50.37 11.21
N GLN B 979 -47.65 51.19 11.06
CA GLN B 979 -46.51 50.89 10.21
C GLN B 979 -45.20 51.17 10.93
N TRP B 980 -44.31 50.18 10.92
CA TRP B 980 -42.94 50.35 11.41
C TRP B 980 -41.97 50.23 10.25
N ARG B 981 -41.05 51.16 10.14
CA ARG B 981 -40.01 51.10 9.10
C ARG B 981 -38.63 51.11 9.75
N GLY B 982 -37.66 50.49 9.08
CA GLY B 982 -36.30 50.42 9.61
C GLY B 982 -35.57 49.24 9.00
N ASP B 983 -34.83 48.53 9.83
CA ASP B 983 -34.12 47.32 9.44
C ASP B 983 -34.04 46.43 10.67
N PHE B 984 -35.08 45.64 10.85
CA PHE B 984 -35.27 44.90 12.10
C PHE B 984 -35.68 43.46 11.87
N GLN B 985 -35.74 42.71 12.96
CA GLN B 985 -36.37 41.40 12.99
C GLN B 985 -37.61 41.55 13.86
N PHE B 986 -38.64 40.77 13.59
CA PHE B 986 -39.86 40.90 14.37
C PHE B 986 -40.61 39.59 14.49
N ASN B 987 -41.36 39.45 15.56
CA ASN B 987 -42.45 38.48 15.59
C ASN B 987 -43.69 39.15 16.17
N ILE B 988 -44.84 38.56 15.88
CA ILE B 988 -46.12 39.18 16.20
C ILE B 988 -47.17 38.08 16.41
N SER B 989 -47.83 38.10 17.57
CA SER B 989 -48.72 37.01 17.96
C SER B 989 -49.57 37.40 19.17
N ARG B 990 -50.50 36.52 19.52
CA ARG B 990 -51.36 36.71 20.68
C ARG B 990 -50.77 36.10 21.96
N TYR B 991 -49.49 35.70 21.89
CA TYR B 991 -48.81 35.07 23.02
C TYR B 991 -47.58 35.85 23.43
N SER B 992 -47.51 36.25 24.70
CA SER B 992 -46.35 36.94 25.22
C SER B 992 -45.20 35.97 25.38
N GLN B 993 -43.98 36.51 25.37
CA GLN B 993 -42.79 35.73 25.67
C GLN B 993 -42.92 35.06 27.04
N GLN B 994 -43.57 35.74 27.97
CA GLN B 994 -43.78 35.20 29.32
C GLN B 994 -44.66 33.96 29.31
N GLN B 995 -45.78 34.00 28.59
CA GLN B 995 -46.65 32.81 28.52
C GLN B 995 -45.94 31.64 27.83
N LEU B 996 -45.30 31.94 26.70
CA LEU B 996 -44.53 30.94 25.94
C LEU B 996 -43.48 30.23 26.80
N MET B 997 -42.75 30.98 27.62
CA MET B 997 -41.73 30.39 28.48
C MET B 997 -42.30 29.67 29.69
N GLU B 998 -43.55 29.98 30.04
CA GLU B 998 -44.21 29.36 31.20
C GLU B 998 -45.04 28.12 30.84
N THR B 999 -45.35 27.94 29.57
CA THR B 999 -46.23 26.87 29.12
C THR B 999 -45.46 25.73 28.46
N SER B 1000 -45.74 24.50 28.89
CA SER B 1000 -45.03 23.31 28.42
C SER B 1000 -45.59 22.70 27.14
N HIS B 1001 -46.86 22.93 26.86
CA HIS B 1001 -47.54 22.36 25.68
C HIS B 1001 -48.34 23.42 24.92
N ARG B 1002 -48.29 23.35 23.59
CA ARG B 1002 -48.98 24.32 22.75
C ARG B 1002 -50.50 24.37 22.99
N HIS B 1003 -51.14 23.22 23.24
CA HIS B 1003 -52.60 23.20 23.41
C HIS B 1003 -53.05 23.96 24.65
N LEU B 1004 -52.08 24.23 25.54
CA LEU B 1004 -52.35 24.92 26.81
C LEU B 1004 -52.26 26.44 26.70
N LEU B 1005 -51.78 26.94 25.56
CA LEU B 1005 -51.66 28.37 25.29
C LEU B 1005 -53.03 29.04 25.12
N HIS B 1006 -53.17 30.25 25.67
CA HIS B 1006 -54.38 31.05 25.47
C HIS B 1006 -54.04 32.38 24.83
N ALA B 1007 -54.82 32.77 23.82
CA ALA B 1007 -54.64 34.07 23.19
C ALA B 1007 -54.82 35.15 24.25
N GLU B 1008 -53.94 36.14 24.25
CA GLU B 1008 -54.03 37.23 25.22
C GLU B 1008 -54.78 38.40 24.59
N GLU B 1009 -55.16 39.36 25.43
CA GLU B 1009 -55.82 40.58 24.95
C GLU B 1009 -54.85 41.31 24.00
N GLY B 1010 -55.36 41.78 22.88
CA GLY B 1010 -54.54 42.49 21.90
C GLY B 1010 -53.46 41.61 21.27
N THR B 1011 -52.39 42.24 20.80
CA THR B 1011 -51.34 41.56 20.06
C THR B 1011 -49.94 41.90 20.59
N TRP B 1012 -49.17 40.88 20.95
CA TRP B 1012 -47.79 41.06 21.40
C TRP B 1012 -46.85 41.22 20.22
N LEU B 1013 -46.12 42.33 20.21
CA LEU B 1013 -45.16 42.63 19.16
C LEU B 1013 -43.76 42.71 19.73
N ASN B 1014 -42.85 41.95 19.12
CA ASN B 1014 -41.43 42.01 19.44
C ASN B 1014 -40.68 42.50 18.20
N ILE B 1015 -40.05 43.67 18.32
CA ILE B 1015 -39.27 44.23 17.23
C ILE B 1015 -37.82 44.28 17.69
N ASP B 1016 -36.96 43.52 17.01
CA ASP B 1016 -35.56 43.38 17.40
C ASP B 1016 -34.63 44.10 16.44
N GLY B 1017 -33.73 44.92 16.96
CA GLY B 1017 -32.61 45.36 16.14
C GLY B 1017 -31.73 44.16 15.85
N PHE B 1018 -31.58 43.30 16.86
CA PHE B 1018 -30.69 42.14 16.78
C PHE B 1018 -31.28 40.94 17.53
N HIS B 1019 -31.08 39.75 16.96
CA HIS B 1019 -31.56 38.52 17.56
C HIS B 1019 -30.47 37.45 17.44
N MET B 1020 -30.24 36.73 18.52
CA MET B 1020 -29.23 35.69 18.57
C MET B 1020 -29.62 34.50 17.70
N GLY B 1021 -28.62 33.81 17.16
CA GLY B 1021 -28.87 32.58 16.40
C GLY B 1021 -29.62 31.56 17.24
N ILE B 1022 -30.23 30.59 16.56
CA ILE B 1022 -30.99 29.55 17.23
C ILE B 1022 -30.16 28.30 17.48
N GLY B 1023 -29.09 28.13 16.70
CA GLY B 1023 -28.23 26.95 16.79
C GLY B 1023 -28.93 25.67 16.40
N GLY B 1024 -28.40 24.54 16.87
CA GLY B 1024 -28.95 23.24 16.52
C GLY B 1024 -27.98 22.18 16.03
N ASP B 1025 -26.68 22.48 16.00
CA ASP B 1025 -25.70 21.45 15.65
C ASP B 1025 -25.93 20.23 16.55
N ASP B 1026 -26.26 20.50 17.80
CA ASP B 1026 -26.96 19.55 18.66
C ASP B 1026 -27.90 20.33 19.56
N SER B 1027 -28.68 19.63 20.37
CA SER B 1027 -29.61 20.30 21.29
C SER B 1027 -29.32 19.97 22.76
N TRP B 1028 -28.06 19.65 23.07
CA TRP B 1028 -27.69 19.33 24.46
C TRP B 1028 -26.37 19.97 24.91
N SER B 1029 -25.94 20.97 24.16
CA SER B 1029 -24.79 21.79 24.50
C SER B 1029 -24.95 23.09 23.71
N PRO B 1030 -24.31 24.20 24.16
CA PRO B 1030 -24.40 25.43 23.39
C PRO B 1030 -23.94 25.19 21.95
N SER B 1031 -24.77 25.59 20.98
CA SER B 1031 -24.51 25.27 19.58
C SER B 1031 -24.64 26.48 18.65
N VAL B 1032 -24.88 27.65 19.23
CA VAL B 1032 -24.97 28.88 18.45
C VAL B 1032 -23.55 29.36 18.16
N SER B 1033 -23.24 29.47 16.87
CA SER B 1033 -21.89 29.83 16.43
C SER B 1033 -21.53 31.26 16.84
N ALA B 1034 -20.24 31.51 17.06
CA ALA B 1034 -19.80 32.81 17.59
C ALA B 1034 -20.33 34.01 16.80
N GLU B 1035 -20.34 33.89 15.48
CA GLU B 1035 -20.80 34.99 14.63
C GLU B 1035 -22.31 35.29 14.76
N PHE B 1036 -23.04 34.40 15.42
CA PHE B 1036 -24.48 34.62 15.64
C PHE B 1036 -24.85 34.90 17.10
N GLN B 1037 -23.84 35.07 17.95
CA GLN B 1037 -24.04 35.52 19.33
C GLN B 1037 -23.95 37.04 19.38
N LEU B 1038 -24.71 37.67 20.26
CA LEU B 1038 -24.73 39.13 20.35
C LEU B 1038 -23.62 39.63 21.29
N SER B 1039 -22.40 39.65 20.77
CA SER B 1039 -21.19 39.85 21.56
C SER B 1039 -20.46 41.17 21.29
N ALA B 1040 -21.05 42.03 20.44
CA ALA B 1040 -20.39 43.26 20.02
C ALA B 1040 -20.20 44.31 21.12
N GLY B 1041 -20.99 44.23 22.17
CA GLY B 1041 -20.89 45.15 23.30
C GLY B 1041 -21.72 46.42 23.16
N ARG B 1042 -21.70 47.01 21.98
CA ARG B 1042 -22.53 48.18 21.67
C ARG B 1042 -23.34 47.97 20.41
N TYR B 1043 -24.63 48.31 20.48
CA TYR B 1043 -25.58 48.05 19.40
C TYR B 1043 -26.45 49.26 19.08
N HIS B 1044 -26.66 49.48 17.80
CA HIS B 1044 -27.48 50.60 17.34
C HIS B 1044 -28.56 50.09 16.40
N TYR B 1045 -29.79 50.53 16.63
CA TYR B 1045 -30.86 50.35 15.65
C TYR B 1045 -31.86 51.49 15.68
N GLN B 1046 -32.52 51.73 14.55
CA GLN B 1046 -33.51 52.79 14.46
C GLN B 1046 -34.80 52.33 13.81
N LEU B 1047 -35.91 52.84 14.33
CA LEU B 1047 -37.26 52.51 13.87
C LEU B 1047 -38.06 53.78 13.65
N VAL B 1048 -38.97 53.75 12.67
CA VAL B 1048 -40.00 54.78 12.53
C VAL B 1048 -41.36 54.12 12.76
N TRP B 1049 -42.09 54.62 13.76
CA TRP B 1049 -43.47 54.19 14.02
C TRP B 1049 -44.41 55.29 13.53
N CYS B 1050 -45.41 54.91 12.73
CA CYS B 1050 -46.42 55.86 12.27
C CYS B 1050 -47.73 55.14 11.94
N GLN B 1051 -48.80 55.91 11.76
CA GLN B 1051 -50.06 55.37 11.28
C GLN B 1051 -50.02 55.29 9.76
N LYS B 1052 -50.58 54.22 9.20
CA LYS B 1052 -50.70 54.12 7.74
C LYS B 1052 -52.14 54.28 7.27
N VAL C 38 -38.65 -31.99 31.18
CA VAL C 38 -38.14 -30.74 30.55
C VAL C 38 -36.84 -31.02 29.79
N VAL C 39 -35.92 -31.71 30.47
CA VAL C 39 -34.61 -32.05 29.93
C VAL C 39 -34.73 -32.92 28.68
N LEU C 40 -35.52 -33.99 28.76
CA LEU C 40 -35.79 -34.85 27.61
C LEU C 40 -36.66 -34.14 26.56
N GLN C 41 -37.54 -33.25 27.02
CA GLN C 41 -38.42 -32.50 26.13
C GLN C 41 -37.70 -31.47 25.26
N ARG C 42 -36.75 -30.75 25.84
CA ARG C 42 -36.04 -29.70 25.10
C ARG C 42 -35.03 -30.24 24.10
N ARG C 43 -34.54 -31.46 24.33
CA ARG C 43 -33.55 -32.10 23.43
C ARG C 43 -32.48 -31.09 23.01
N ASP C 44 -31.79 -30.52 23.99
CA ASP C 44 -30.80 -29.47 23.75
C ASP C 44 -29.62 -29.95 22.88
N TRP C 45 -29.43 -31.28 22.85
CA TRP C 45 -28.36 -31.91 22.06
C TRP C 45 -28.73 -32.08 20.58
N GLU C 46 -29.90 -31.58 20.19
CA GLU C 46 -30.28 -31.53 18.77
C GLU C 46 -30.62 -30.10 18.35
N ASN C 47 -29.91 -29.15 18.93
CA ASN C 47 -30.14 -27.74 18.68
C ASN C 47 -28.80 -27.00 18.71
N PRO C 48 -28.31 -26.56 17.54
CA PRO C 48 -27.01 -25.89 17.51
C PRO C 48 -27.06 -24.48 18.10
N GLY C 49 -28.27 -24.00 18.38
CA GLY C 49 -28.47 -22.73 19.07
C GLY C 49 -28.29 -22.84 20.58
N VAL C 50 -28.34 -24.07 21.12
CA VAL C 50 -28.09 -24.32 22.54
C VAL C 50 -26.80 -25.13 22.70
N THR C 51 -25.74 -24.43 23.09
CA THR C 51 -24.41 -25.05 23.27
C THR C 51 -24.05 -25.16 24.75
N GLN C 52 -24.90 -24.55 25.59
CA GLN C 52 -24.73 -24.59 27.04
C GLN C 52 -25.97 -24.03 27.71
N LEU C 53 -26.12 -24.34 29.01
CA LEU C 53 -27.10 -23.70 29.86
C LEU C 53 -26.47 -23.50 31.23
N ASN C 54 -26.51 -22.26 31.72
CA ASN C 54 -25.96 -21.90 33.04
C ASN C 54 -24.44 -22.08 33.18
N ARG C 55 -23.75 -22.15 32.05
CA ARG C 55 -22.28 -22.27 32.06
C ARG C 55 -21.63 -20.93 32.38
N LEU C 56 -20.62 -20.96 33.25
CA LEU C 56 -19.86 -19.75 33.57
C LEU C 56 -18.96 -19.34 32.41
N ALA C 57 -18.62 -18.05 32.36
CA ALA C 57 -17.73 -17.50 31.34
C ALA C 57 -16.35 -18.18 31.40
N ALA C 58 -15.73 -18.32 30.22
CA ALA C 58 -14.38 -18.86 30.12
C ALA C 58 -13.34 -17.87 30.62
N HIS C 59 -12.16 -18.38 31.02
CA HIS C 59 -11.12 -17.56 31.64
C HIS C 59 -9.79 -18.33 31.63
N PRO C 60 -8.66 -17.64 31.89
CA PRO C 60 -7.38 -18.33 32.04
C PRO C 60 -7.36 -19.23 33.29
N PRO C 61 -6.43 -20.19 33.35
CA PRO C 61 -6.38 -21.12 34.50
C PRO C 61 -6.39 -20.40 35.86
N PHE C 62 -7.35 -20.77 36.72
CA PHE C 62 -7.48 -20.19 38.06
C PHE C 62 -7.17 -21.23 39.14
N ALA C 63 -6.72 -20.77 40.30
CA ALA C 63 -6.47 -21.64 41.46
C ALA C 63 -6.94 -21.00 42.76
N SER C 64 -7.29 -19.72 42.70
CA SER C 64 -7.73 -18.94 43.86
C SER C 64 -6.85 -19.15 45.10
N TRP C 65 -5.55 -18.89 44.95
CA TRP C 65 -4.65 -18.90 46.10
C TRP C 65 -5.08 -17.83 47.10
N ARG C 66 -4.99 -18.17 48.38
CA ARG C 66 -5.26 -17.19 49.45
C ARG C 66 -3.94 -16.87 50.12
N ASN C 67 -2.87 -17.27 49.46
CA ASN C 67 -1.51 -16.97 49.88
C ASN C 67 -0.68 -16.63 48.64
N SER C 68 -0.15 -15.40 48.62
CA SER C 68 0.60 -14.87 47.48
C SER C 68 1.88 -15.65 47.17
N GLU C 69 2.53 -16.15 48.20
CA GLU C 69 3.77 -16.92 48.02
C GLU C 69 3.46 -18.24 47.33
N GLU C 70 2.35 -18.88 47.72
CA GLU C 70 1.89 -20.11 47.06
C GLU C 70 1.60 -19.87 45.58
N ALA C 71 1.00 -18.71 45.29
CA ALA C 71 0.75 -18.28 43.91
C ALA C 71 2.04 -18.06 43.12
N ARG C 72 3.01 -17.41 43.75
CA ARG C 72 4.29 -17.13 43.09
C ARG C 72 5.02 -18.40 42.68
N THR C 73 5.02 -19.39 43.56
CA THR C 73 5.77 -20.63 43.36
C THR C 73 4.96 -21.72 42.67
N ASP C 74 3.71 -21.40 42.33
CA ASP C 74 2.81 -22.34 41.60
C ASP C 74 2.59 -23.65 42.38
N ARG C 75 2.60 -23.57 43.70
CA ARG C 75 2.33 -24.72 44.54
C ARG C 75 0.82 -25.00 44.55
N PRO C 76 0.41 -26.18 45.03
CA PRO C 76 -1.01 -26.47 45.04
C PRO C 76 -1.82 -25.43 45.81
N SER C 77 -3.10 -25.33 45.49
CA SER C 77 -3.97 -24.39 46.17
C SER C 77 -5.02 -25.17 46.93
N GLN C 78 -5.25 -24.80 48.19
CA GLN C 78 -6.32 -25.41 48.99
C GLN C 78 -7.71 -25.17 48.38
N GLN C 79 -7.80 -24.18 47.50
CA GLN C 79 -9.09 -23.78 46.94
C GLN C 79 -9.39 -24.45 45.59
N LEU C 80 -8.46 -25.27 45.11
CA LEU C 80 -8.64 -26.04 43.88
C LEU C 80 -8.49 -27.54 44.17
N ARG C 81 -9.62 -28.25 44.21
CA ARG C 81 -9.66 -29.68 44.55
C ARG C 81 -9.90 -30.52 43.32
N SER C 82 -9.21 -31.66 43.24
CA SER C 82 -9.43 -32.63 42.18
C SER C 82 -10.53 -33.60 42.57
N LEU C 83 -11.47 -33.84 41.64
CA LEU C 83 -12.51 -34.85 41.85
C LEU C 83 -12.26 -36.12 41.07
N ASN C 84 -11.06 -36.24 40.49
CA ASN C 84 -10.67 -37.45 39.76
C ASN C 84 -10.59 -38.64 40.71
N GLY C 85 -10.92 -39.82 40.20
CA GLY C 85 -10.81 -41.03 40.98
C GLY C 85 -11.95 -41.96 40.68
N GLU C 86 -12.42 -42.67 41.70
CA GLU C 86 -13.46 -43.65 41.51
C GLU C 86 -14.84 -42.99 41.55
N TRP C 87 -15.56 -43.16 40.45
CA TRP C 87 -16.91 -42.66 40.27
C TRP C 87 -17.80 -43.86 40.02
N ARG C 88 -19.11 -43.63 40.05
CA ARG C 88 -20.10 -44.64 39.66
C ARG C 88 -20.53 -44.41 38.22
N PHE C 89 -20.75 -45.49 37.48
CA PHE C 89 -21.07 -45.39 36.07
C PHE C 89 -22.00 -46.50 35.60
N ALA C 90 -22.99 -46.10 34.80
CA ALA C 90 -23.91 -47.01 34.16
C ALA C 90 -24.12 -46.56 32.73
N TRP C 91 -24.09 -47.52 31.80
CA TRP C 91 -24.32 -47.26 30.37
C TRP C 91 -25.78 -47.49 29.98
N PHE C 92 -26.33 -46.59 29.17
CA PHE C 92 -27.67 -46.75 28.59
C PHE C 92 -27.67 -46.52 27.07
N PRO C 93 -28.63 -47.12 26.33
CA PRO C 93 -28.62 -47.00 24.86
C PRO C 93 -29.15 -45.65 24.35
N ALA C 94 -29.83 -44.92 25.21
CA ALA C 94 -30.44 -43.62 24.86
C ALA C 94 -30.79 -42.90 26.15
N PRO C 95 -30.86 -41.55 26.12
CA PRO C 95 -31.19 -40.82 27.33
C PRO C 95 -32.60 -41.11 27.86
N GLU C 96 -33.49 -41.56 26.97
CA GLU C 96 -34.85 -42.00 27.33
C GLU C 96 -34.86 -43.25 28.23
N ALA C 97 -33.79 -44.03 28.18
CA ALA C 97 -33.67 -45.26 28.98
C ALA C 97 -33.22 -45.02 30.42
N VAL C 98 -32.78 -43.80 30.73
CA VAL C 98 -32.25 -43.47 32.06
C VAL C 98 -33.38 -43.32 33.09
N PRO C 99 -33.36 -44.13 34.17
CA PRO C 99 -34.40 -44.00 35.20
C PRO C 99 -34.30 -42.71 36.01
N GLU C 100 -35.44 -42.11 36.32
CA GLU C 100 -35.53 -40.89 37.13
C GLU C 100 -34.86 -41.06 38.50
N SER C 101 -34.94 -42.27 39.06
CA SER C 101 -34.36 -42.57 40.38
C SER C 101 -32.85 -42.28 40.45
N TRP C 102 -32.17 -42.38 39.30
CA TRP C 102 -30.73 -42.15 39.19
C TRP C 102 -30.30 -40.73 39.62
N LEU C 103 -31.21 -39.76 39.45
CA LEU C 103 -30.95 -38.38 39.84
C LEU C 103 -30.74 -38.21 41.35
N GLU C 104 -31.43 -39.04 42.14
CA GLU C 104 -31.34 -38.93 43.59
C GLU C 104 -30.60 -40.08 44.27
N CYS C 105 -30.50 -41.21 43.58
CA CYS C 105 -30.00 -42.44 44.17
C CYS C 105 -29.04 -43.22 43.25
N ASP C 106 -27.92 -43.69 43.80
CA ASP C 106 -27.03 -44.58 43.07
C ASP C 106 -27.82 -45.76 42.48
N LEU C 107 -27.52 -46.09 41.23
CA LEU C 107 -28.08 -47.30 40.61
C LEU C 107 -27.26 -48.50 41.06
N PRO C 108 -27.92 -49.54 41.63
CA PRO C 108 -27.20 -50.72 42.12
C PRO C 108 -26.42 -51.46 41.04
N GLU C 109 -26.94 -51.43 39.80
CA GLU C 109 -26.29 -52.09 38.66
C GLU C 109 -25.10 -51.30 38.08
N ALA C 110 -24.88 -50.08 38.55
CA ALA C 110 -23.72 -49.29 38.13
C ALA C 110 -22.40 -49.93 38.55
N ASP C 111 -21.32 -49.60 37.85
CA ASP C 111 -19.99 -50.05 38.21
C ASP C 111 -19.17 -48.90 38.79
N THR C 112 -18.14 -49.24 39.55
CA THR C 112 -17.18 -48.26 40.04
C THR C 112 -16.02 -48.19 39.05
N VAL C 113 -15.85 -47.01 38.45
CA VAL C 113 -14.85 -46.80 37.40
C VAL C 113 -13.98 -45.58 37.67
N VAL C 114 -12.79 -45.58 37.07
CA VAL C 114 -11.88 -44.45 37.17
C VAL C 114 -12.35 -43.34 36.21
N VAL C 115 -12.33 -42.11 36.71
CA VAL C 115 -12.58 -40.91 35.92
C VAL C 115 -11.40 -39.97 36.22
N PRO C 116 -10.80 -39.35 35.18
CA PRO C 116 -11.23 -39.36 33.77
C PRO C 116 -11.01 -40.67 33.00
N SER C 117 -11.88 -40.89 32.02
CA SER C 117 -11.87 -42.08 31.17
C SER C 117 -12.80 -41.91 29.97
N ASN C 118 -12.51 -42.65 28.91
CA ASN C 118 -13.45 -42.88 27.82
C ASN C 118 -14.14 -44.20 28.08
N TRP C 119 -15.46 -44.24 28.00
CA TRP C 119 -16.18 -45.45 28.39
C TRP C 119 -15.97 -46.65 27.46
N GLN C 120 -15.56 -46.35 26.23
CA GLN C 120 -15.15 -47.39 25.28
C GLN C 120 -13.93 -48.16 25.76
N MET C 121 -13.03 -47.49 26.47
CA MET C 121 -11.79 -48.13 26.94
C MET C 121 -12.07 -49.06 28.10
N HIS C 122 -13.25 -48.93 28.70
CA HIS C 122 -13.71 -49.82 29.75
C HIS C 122 -14.60 -50.93 29.19
N GLY C 123 -14.86 -50.86 27.88
CA GLY C 123 -15.57 -51.93 27.17
C GLY C 123 -17.09 -51.86 27.18
N TYR C 124 -17.65 -50.69 27.50
CA TYR C 124 -19.12 -50.54 27.54
C TYR C 124 -19.78 -50.48 26.16
N ASP C 125 -19.06 -49.93 25.19
CA ASP C 125 -19.43 -50.01 23.77
C ASP C 125 -18.17 -49.80 22.93
N ALA C 126 -18.32 -49.87 21.61
CA ALA C 126 -17.18 -49.86 20.70
C ALA C 126 -16.69 -48.45 20.38
N PRO C 127 -15.36 -48.26 20.37
CA PRO C 127 -14.79 -47.08 19.76
C PRO C 127 -14.85 -47.21 18.24
N ILE C 128 -15.13 -46.12 17.54
CA ILE C 128 -15.31 -46.16 16.08
C ILE C 128 -14.17 -45.40 15.40
N TYR C 129 -13.45 -46.06 14.50
CA TYR C 129 -12.49 -45.29 13.70
C TYR C 129 -13.01 -44.99 12.30
N THR C 130 -13.38 -43.74 12.08
CA THR C 130 -13.72 -43.28 10.73
C THR C 130 -12.97 -42.01 10.46
N ASN C 131 -12.56 -41.82 9.21
CA ASN C 131 -11.74 -40.69 8.82
C ASN C 131 -12.63 -39.50 8.49
N VAL C 132 -13.21 -39.51 7.29
CA VAL C 132 -14.04 -38.40 6.79
C VAL C 132 -15.52 -38.59 7.07
N THR C 133 -16.07 -39.73 6.67
CA THR C 133 -17.50 -40.00 6.80
C THR C 133 -17.91 -39.96 8.27
N TYR C 134 -18.92 -39.14 8.58
CA TYR C 134 -19.43 -39.05 9.94
C TYR C 134 -19.84 -40.43 10.44
N PRO C 135 -19.64 -40.71 11.74
CA PRO C 135 -20.09 -41.96 12.35
C PRO C 135 -21.61 -42.02 12.52
N ILE C 136 -22.29 -40.91 12.25
CA ILE C 136 -23.74 -40.84 12.32
C ILE C 136 -24.29 -40.39 10.96
N THR C 137 -25.54 -40.73 10.68
CA THR C 137 -26.21 -40.23 9.46
C THR C 137 -26.16 -38.70 9.44
N VAL C 138 -25.76 -38.15 8.29
CA VAL C 138 -25.64 -36.69 8.13
C VAL C 138 -27.04 -36.09 7.96
N ASN C 139 -27.59 -35.60 9.06
CA ASN C 139 -28.92 -35.00 9.07
C ASN C 139 -28.98 -33.89 10.13
N PRO C 140 -28.17 -32.82 9.94
CA PRO C 140 -28.05 -31.80 10.98
C PRO C 140 -29.37 -31.08 11.22
N PRO C 141 -29.67 -30.73 12.49
CA PRO C 141 -28.81 -30.89 13.66
C PRO C 141 -29.11 -32.17 14.44
N PHE C 142 -29.76 -33.13 13.79
CA PHE C 142 -30.26 -34.33 14.46
C PHE C 142 -29.20 -35.42 14.65
N VAL C 143 -29.36 -36.19 15.71
CA VAL C 143 -28.47 -37.33 15.97
C VAL C 143 -29.34 -38.59 16.11
N PRO C 144 -28.74 -39.79 16.03
CA PRO C 144 -29.57 -41.00 16.13
C PRO C 144 -30.36 -41.07 17.44
N THR C 145 -31.52 -41.71 17.40
CA THR C 145 -32.32 -41.94 18.59
C THR C 145 -31.63 -42.95 19.52
N GLU C 146 -30.93 -43.92 18.94
CA GLU C 146 -30.00 -44.77 19.69
C GLU C 146 -28.73 -43.97 19.92
N ASN C 147 -28.64 -43.35 21.09
CA ASN C 147 -27.56 -42.43 21.41
C ASN C 147 -26.94 -42.87 22.72
N PRO C 148 -25.83 -43.63 22.64
CA PRO C 148 -25.22 -44.14 23.86
C PRO C 148 -25.07 -43.06 24.94
N THR C 149 -25.48 -43.40 26.15
CA THR C 149 -25.58 -42.43 27.22
C THR C 149 -24.82 -42.93 28.44
N GLY C 150 -23.84 -42.15 28.88
CA GLY C 150 -23.04 -42.48 30.04
C GLY C 150 -23.55 -41.78 31.29
N CYS C 151 -24.00 -42.56 32.26
CA CYS C 151 -24.51 -42.01 33.49
C CYS C 151 -23.46 -42.06 34.58
N TYR C 152 -22.82 -40.92 34.82
CA TYR C 152 -21.76 -40.82 35.81
C TYR C 152 -22.30 -40.19 37.08
N SER C 153 -21.81 -40.66 38.22
CA SER C 153 -22.16 -40.06 39.49
C SER C 153 -21.02 -40.15 40.50
N LEU C 154 -20.99 -39.18 41.41
CA LEU C 154 -19.98 -39.11 42.44
C LEU C 154 -20.61 -38.64 43.75
N THR C 155 -20.45 -39.45 44.80
CA THR C 155 -20.74 -39.02 46.15
C THR C 155 -19.42 -38.51 46.73
N PHE C 156 -19.42 -37.24 47.14
CA PHE C 156 -18.21 -36.57 47.60
C PHE C 156 -18.52 -35.62 48.75
N ASN C 157 -17.47 -35.20 49.44
CA ASN C 157 -17.61 -34.30 50.58
C ASN C 157 -17.12 -32.90 50.29
N VAL C 158 -17.81 -31.91 50.86
CA VAL C 158 -17.41 -30.50 50.78
C VAL C 158 -17.29 -29.91 52.19
N ASP C 159 -16.16 -29.28 52.47
CA ASP C 159 -15.93 -28.61 53.77
C ASP C 159 -16.97 -27.51 53.99
N GLU C 160 -17.41 -27.34 55.24
CA GLU C 160 -18.43 -26.34 55.53
C GLU C 160 -17.94 -24.91 55.25
N SER C 161 -16.62 -24.69 55.40
CA SER C 161 -16.02 -23.38 55.15
C SER C 161 -16.21 -22.91 53.70
N TRP C 162 -16.29 -23.85 52.77
CA TRP C 162 -16.51 -23.56 51.35
C TRP C 162 -17.92 -23.00 51.08
N LEU C 163 -18.86 -23.35 51.95
CA LEU C 163 -20.24 -22.96 51.76
C LEU C 163 -20.65 -21.74 52.57
N GLN C 164 -19.91 -21.46 53.64
CA GLN C 164 -20.16 -20.32 54.54
C GLN C 164 -19.79 -18.98 53.92
N GLU C 165 -18.90 -19.03 52.93
CA GLU C 165 -18.49 -17.82 52.21
C GLU C 165 -18.11 -18.16 50.79
N GLY C 166 -18.14 -17.15 49.92
CA GLY C 166 -17.64 -17.26 48.57
C GLY C 166 -18.45 -18.17 47.66
N GLN C 167 -17.78 -18.66 46.62
CA GLN C 167 -18.43 -19.35 45.52
C GLN C 167 -17.73 -20.66 45.23
N THR C 168 -18.50 -21.75 45.19
CA THR C 168 -17.94 -23.07 44.81
C THR C 168 -18.42 -23.45 43.41
N ARG C 169 -17.47 -23.61 42.50
CA ARG C 169 -17.78 -24.04 41.13
C ARG C 169 -17.17 -25.40 40.80
N ILE C 170 -17.80 -26.12 39.87
CA ILE C 170 -17.24 -27.37 39.36
C ILE C 170 -16.71 -27.14 37.95
N ILE C 171 -15.59 -27.76 37.64
CA ILE C 171 -14.96 -27.61 36.35
C ILE C 171 -14.77 -28.97 35.70
N PHE C 172 -15.41 -29.16 34.56
CA PHE C 172 -15.20 -30.33 33.71
C PHE C 172 -14.30 -29.92 32.54
N ASP C 173 -13.04 -30.37 32.56
CA ASP C 173 -12.08 -29.97 31.53
C ASP C 173 -12.37 -30.57 30.14
N GLY C 174 -13.14 -31.65 30.11
CA GLY C 174 -13.49 -32.28 28.85
C GLY C 174 -14.53 -33.35 29.01
N VAL C 175 -15.68 -33.14 28.39
CA VAL C 175 -16.75 -34.13 28.36
C VAL C 175 -17.20 -34.29 26.92
N ASN C 176 -17.23 -35.53 26.45
CA ASN C 176 -17.43 -35.86 25.05
C ASN C 176 -18.76 -36.62 24.89
N SER C 177 -19.75 -36.06 24.18
CA SER C 177 -19.68 -34.76 23.49
C SER C 177 -20.59 -33.68 24.07
N ALA C 178 -21.52 -34.08 24.94
CA ALA C 178 -22.51 -33.16 25.51
C ALA C 178 -23.00 -33.75 26.82
N PHE C 179 -23.43 -32.90 27.75
CA PHE C 179 -23.87 -33.39 29.04
C PHE C 179 -24.80 -32.47 29.79
N HIS C 180 -25.72 -33.06 30.56
CA HIS C 180 -26.49 -32.36 31.58
C HIS C 180 -25.90 -32.70 32.95
N LEU C 181 -25.99 -31.75 33.87
CA LEU C 181 -25.44 -31.89 35.21
C LEU C 181 -26.51 -31.68 36.29
N TRP C 182 -26.58 -32.58 37.26
CA TRP C 182 -27.43 -32.41 38.45
C TRP C 182 -26.55 -32.47 39.70
N CYS C 183 -26.97 -31.75 40.73
CA CYS C 183 -26.31 -31.80 42.03
C CYS C 183 -27.36 -32.00 43.11
N ASN C 184 -27.18 -33.05 43.92
CA ASN C 184 -28.16 -33.41 44.96
C ASN C 184 -29.60 -33.52 44.43
N GLY C 185 -29.74 -34.12 43.25
CA GLY C 185 -31.04 -34.30 42.59
C GLY C 185 -31.55 -33.08 41.83
N ARG C 186 -30.87 -31.95 41.95
CA ARG C 186 -31.32 -30.71 41.31
C ARG C 186 -30.51 -30.37 40.04
N TRP C 187 -31.22 -30.06 38.96
CA TRP C 187 -30.59 -29.74 37.68
C TRP C 187 -29.78 -28.43 37.72
N VAL C 188 -28.55 -28.49 37.24
CA VAL C 188 -27.63 -27.36 37.31
C VAL C 188 -27.46 -26.70 35.94
N GLY C 189 -27.10 -27.51 34.94
CA GLY C 189 -26.84 -26.95 33.63
C GLY C 189 -26.47 -27.97 32.59
N TYR C 190 -25.95 -27.46 31.47
CA TYR C 190 -25.72 -28.24 30.26
C TYR C 190 -24.51 -27.67 29.52
N GLY C 191 -23.74 -28.53 28.85
CA GLY C 191 -22.55 -28.08 28.12
C GLY C 191 -22.21 -28.86 26.87
N GLN C 192 -21.70 -28.17 25.85
CA GLN C 192 -21.15 -28.79 24.64
C GLN C 192 -19.69 -28.34 24.40
N ASP C 193 -19.09 -28.83 23.31
CA ASP C 193 -17.67 -28.70 22.98
C ASP C 193 -16.87 -29.63 23.88
N SER C 194 -16.44 -30.74 23.29
CA SER C 194 -15.74 -31.81 23.99
C SER C 194 -14.36 -31.43 24.54
N ARG C 195 -13.82 -30.31 24.07
CA ARG C 195 -12.38 -30.06 24.26
C ARG C 195 -12.02 -28.81 25.05
N LEU C 196 -13.02 -28.15 25.63
CA LEU C 196 -12.79 -26.98 26.47
C LEU C 196 -13.57 -27.18 27.76
N PRO C 197 -13.11 -26.54 28.85
CA PRO C 197 -13.74 -26.75 30.16
C PRO C 197 -15.14 -26.14 30.26
N SER C 198 -16.04 -26.86 30.91
CA SER C 198 -17.36 -26.31 31.24
C SER C 198 -17.43 -26.11 32.74
N GLU C 199 -17.77 -24.90 33.16
CA GLU C 199 -17.80 -24.55 34.58
C GLU C 199 -19.20 -24.11 35.04
N PHE C 200 -19.58 -24.54 36.24
CA PHE C 200 -20.91 -24.28 36.79
C PHE C 200 -20.82 -23.90 38.25
N ASP C 201 -21.61 -22.91 38.64
CA ASP C 201 -21.66 -22.47 40.03
C ASP C 201 -22.54 -23.44 40.82
N LEU C 202 -21.95 -24.14 41.78
CA LEU C 202 -22.69 -25.08 42.62
C LEU C 202 -23.04 -24.54 44.01
N SER C 203 -22.74 -23.26 44.26
CA SER C 203 -22.91 -22.66 45.58
C SER C 203 -24.29 -22.89 46.19
N ALA C 204 -25.33 -22.76 45.37
CA ALA C 204 -26.72 -22.90 45.86
C ALA C 204 -27.21 -24.35 45.87
N PHE C 205 -26.38 -25.29 45.39
CA PHE C 205 -26.77 -26.70 45.27
C PHE C 205 -26.13 -27.61 46.32
N LEU C 206 -25.04 -27.16 46.92
CA LEU C 206 -24.24 -28.03 47.78
C LEU C 206 -24.64 -27.92 49.25
N ARG C 207 -24.32 -28.97 50.01
CA ARG C 207 -24.45 -28.97 51.47
C ARG C 207 -23.10 -29.34 52.09
N ALA C 208 -22.89 -28.95 53.35
CA ALA C 208 -21.70 -29.39 54.07
C ALA C 208 -21.77 -30.91 54.21
N GLY C 209 -20.63 -31.57 54.03
CA GLY C 209 -20.57 -33.02 54.08
C GLY C 209 -20.84 -33.65 52.72
N GLU C 210 -21.63 -34.72 52.71
CA GLU C 210 -21.85 -35.54 51.51
C GLU C 210 -22.80 -34.92 50.50
N ASN C 211 -22.36 -34.91 49.25
CA ASN C 211 -23.13 -34.43 48.12
C ASN C 211 -23.05 -35.46 47.01
N ARG C 212 -24.04 -35.46 46.12
CA ARG C 212 -24.00 -36.37 44.98
C ARG C 212 -24.19 -35.63 43.64
N LEU C 213 -23.21 -35.81 42.75
CA LEU C 213 -23.31 -35.30 41.38
C LEU C 213 -23.87 -36.39 40.49
N ALA C 214 -24.72 -36.00 39.54
CA ALA C 214 -25.15 -36.89 38.48
C ALA C 214 -24.83 -36.21 37.16
N VAL C 215 -24.09 -36.90 36.30
CA VAL C 215 -23.71 -36.35 35.00
C VAL C 215 -24.22 -37.28 33.90
N MET C 216 -25.10 -36.76 33.05
CA MET C 216 -25.57 -37.54 31.92
C MET C 216 -24.87 -37.10 30.63
N VAL C 217 -23.98 -37.96 30.15
CA VAL C 217 -23.17 -37.70 28.97
C VAL C 217 -23.73 -38.40 27.73
N LEU C 218 -24.04 -37.62 26.70
CA LEU C 218 -24.48 -38.16 25.42
C LEU C 218 -23.28 -38.31 24.48
N ARG C 219 -23.18 -39.48 23.84
CA ARG C 219 -22.13 -39.73 22.86
C ARG C 219 -22.28 -38.83 21.63
N TRP C 220 -23.51 -38.67 21.13
CA TRP C 220 -23.77 -37.81 19.97
C TRP C 220 -24.63 -36.59 20.33
N SER C 221 -24.31 -35.45 19.72
CA SER C 221 -25.06 -34.19 19.87
C SER C 221 -24.86 -33.34 18.61
N ASP C 222 -25.55 -32.20 18.53
CA ASP C 222 -25.32 -31.26 17.42
C ASP C 222 -23.85 -30.81 17.37
N GLY C 223 -23.18 -30.90 18.52
CA GLY C 223 -21.74 -30.67 18.63
C GLY C 223 -20.91 -31.62 17.79
N SER C 224 -21.39 -32.85 17.63
CA SER C 224 -20.69 -33.87 16.82
C SER C 224 -20.48 -33.44 15.35
N TYR C 225 -21.34 -32.55 14.85
CA TYR C 225 -21.20 -32.04 13.48
C TYR C 225 -19.96 -31.15 13.31
N LEU C 226 -19.47 -30.60 14.42
CA LEU C 226 -18.24 -29.79 14.41
C LEU C 226 -17.02 -30.56 14.94
N GLU C 227 -17.19 -31.87 15.11
CA GLU C 227 -16.14 -32.70 15.68
C GLU C 227 -15.86 -33.94 14.82
N ASP C 228 -15.67 -33.72 13.52
CA ASP C 228 -15.40 -34.80 12.57
C ASP C 228 -13.91 -35.05 12.28
N GLN C 229 -13.06 -34.90 13.31
CA GLN C 229 -11.63 -35.20 13.21
C GLN C 229 -11.35 -36.66 12.86
N ASP C 230 -10.30 -36.87 12.06
CA ASP C 230 -9.83 -38.19 11.64
C ASP C 230 -9.15 -38.86 12.85
N MET C 231 -9.94 -39.56 13.64
CA MET C 231 -9.49 -40.15 14.90
C MET C 231 -10.58 -41.10 15.43
N TRP C 232 -10.25 -41.87 16.46
CA TRP C 232 -11.26 -42.70 17.11
C TRP C 232 -12.37 -41.83 17.67
N ARG C 233 -13.61 -42.28 17.49
CA ARG C 233 -14.77 -41.59 18.02
C ARG C 233 -15.11 -42.23 19.35
N MET C 234 -14.85 -41.49 20.43
CA MET C 234 -15.04 -41.96 21.79
C MET C 234 -15.96 -41.01 22.53
N SER C 235 -16.20 -41.26 23.82
CA SER C 235 -17.06 -40.40 24.62
C SER C 235 -16.80 -40.57 26.11
N GLY C 236 -17.34 -39.65 26.91
CA GLY C 236 -17.27 -39.76 28.36
C GLY C 236 -16.58 -38.57 29.00
N ILE C 237 -16.34 -38.68 30.29
CA ILE C 237 -15.67 -37.63 31.03
C ILE C 237 -14.17 -37.94 31.02
N PHE C 238 -13.50 -37.43 29.99
CA PHE C 238 -12.15 -37.88 29.64
C PHE C 238 -11.04 -36.91 30.02
N ARG C 239 -11.41 -35.79 30.65
CA ARG C 239 -10.43 -34.88 31.26
C ARG C 239 -10.82 -34.58 32.70
N ASP C 240 -9.92 -33.91 33.42
CA ASP C 240 -10.06 -33.68 34.86
C ASP C 240 -11.39 -33.04 35.26
N VAL C 241 -11.85 -33.41 36.45
CA VAL C 241 -12.98 -32.76 37.10
C VAL C 241 -12.45 -32.15 38.38
N SER C 242 -12.84 -30.91 38.64
CA SER C 242 -12.29 -30.21 39.78
C SER C 242 -13.31 -29.28 40.42
N LEU C 243 -13.05 -28.91 41.67
CA LEU C 243 -13.87 -27.96 42.38
C LEU C 243 -12.99 -26.76 42.72
N LEU C 244 -13.49 -25.57 42.41
CA LEU C 244 -12.76 -24.33 42.65
C LEU C 244 -13.57 -23.42 43.56
N HIS C 245 -12.95 -22.98 44.66
CA HIS C 245 -13.57 -22.00 45.54
C HIS C 245 -13.01 -20.62 45.27
N LYS C 246 -13.90 -19.67 44.97
CA LYS C 246 -13.52 -18.27 44.76
C LYS C 246 -14.26 -17.40 45.78
N PRO C 247 -13.63 -16.29 46.22
CA PRO C 247 -14.35 -15.33 47.07
C PRO C 247 -15.47 -14.67 46.26
N THR C 248 -16.48 -14.14 46.95
CA THR C 248 -17.56 -13.41 46.30
C THR C 248 -17.01 -12.24 45.48
N THR C 249 -16.13 -11.46 46.11
CA THR C 249 -15.35 -10.44 45.41
C THR C 249 -14.10 -11.11 44.84
N GLN C 250 -13.98 -11.12 43.50
CA GLN C 250 -13.02 -12.01 42.86
C GLN C 250 -12.37 -11.44 41.62
N ILE C 251 -11.21 -11.98 41.27
CA ILE C 251 -10.61 -11.82 39.96
C ILE C 251 -11.39 -12.75 39.02
N SER C 252 -12.02 -12.18 38.01
CA SER C 252 -12.84 -12.97 37.09
C SER C 252 -12.18 -13.20 35.74
N ASP C 253 -11.16 -12.40 35.43
CA ASP C 253 -10.38 -12.53 34.18
C ASP C 253 -9.13 -11.68 34.32
N PHE C 254 -8.05 -12.10 33.64
CA PHE C 254 -6.87 -11.25 33.50
C PHE C 254 -6.14 -11.56 32.21
N HIS C 255 -5.66 -10.52 31.53
CA HIS C 255 -4.93 -10.67 30.28
C HIS C 255 -3.56 -10.05 30.42
N VAL C 256 -2.55 -10.80 30.01
CA VAL C 256 -1.18 -10.36 30.07
C VAL C 256 -0.63 -10.17 28.67
N ALA C 257 -0.08 -8.98 28.41
CA ALA C 257 0.58 -8.68 27.15
C ALA C 257 1.97 -8.16 27.43
N THR C 258 2.91 -8.51 26.57
CA THR C 258 4.26 -7.99 26.63
C THR C 258 4.59 -7.34 25.28
N ARG C 259 4.92 -6.05 25.29
CA ARG C 259 5.37 -5.36 24.08
C ARG C 259 6.75 -4.75 24.26
N PHE C 260 7.43 -4.52 23.14
CA PHE C 260 8.88 -4.29 23.15
C PHE C 260 9.28 -3.08 22.32
N ASN C 261 10.46 -2.54 22.63
CA ASN C 261 11.11 -1.59 21.73
C ASN C 261 11.81 -2.34 20.60
N ASP C 262 12.41 -1.61 19.67
CA ASP C 262 12.95 -2.20 18.43
C ASP C 262 14.08 -3.21 18.60
N ASP C 263 14.92 -3.03 19.61
CA ASP C 263 16.00 -4.00 19.86
C ASP C 263 15.72 -4.97 21.01
N PHE C 264 14.49 -4.94 21.52
CA PHE C 264 14.04 -5.83 22.60
C PHE C 264 14.79 -5.67 23.93
N SER C 265 15.36 -4.48 24.14
CA SER C 265 16.08 -4.20 25.39
C SER C 265 15.17 -3.59 26.46
N ARG C 266 13.94 -3.25 26.06
CA ARG C 266 12.93 -2.76 27.00
C ARG C 266 11.59 -3.38 26.66
N ALA C 267 10.83 -3.72 27.69
CA ALA C 267 9.47 -4.21 27.51
C ALA C 267 8.52 -3.55 28.49
N VAL C 268 7.26 -3.49 28.09
CA VAL C 268 6.18 -3.14 29.01
C VAL C 268 5.29 -4.37 29.15
N LEU C 269 5.09 -4.81 30.38
CA LEU C 269 4.10 -5.83 30.68
C LEU C 269 2.82 -5.12 31.04
N GLU C 270 1.76 -5.42 30.29
CA GLU C 270 0.45 -4.85 30.51
C GLU C 270 -0.50 -5.93 30.99
N ALA C 271 -1.08 -5.73 32.16
CA ALA C 271 -2.01 -6.71 32.72
C ALA C 271 -3.37 -6.08 32.94
N GLU C 272 -4.36 -6.53 32.16
CA GLU C 272 -5.74 -6.11 32.37
C GLU C 272 -6.42 -7.09 33.32
N VAL C 273 -7.00 -6.57 34.39
CA VAL C 273 -7.61 -7.42 35.41
C VAL C 273 -9.06 -7.03 35.61
N GLN C 274 -9.94 -8.02 35.62
CA GLN C 274 -11.36 -7.80 35.78
C GLN C 274 -11.84 -8.46 37.07
N MET C 275 -12.79 -7.82 37.75
CA MET C 275 -13.37 -8.37 38.96
C MET C 275 -14.86 -8.63 38.81
N CYS C 276 -15.39 -9.50 39.68
CA CYS C 276 -16.84 -9.63 39.92
C CYS C 276 -17.10 -9.51 41.43
N GLY C 277 -18.30 -9.07 41.79
CA GLY C 277 -18.63 -8.81 43.19
C GLY C 277 -18.84 -7.33 43.44
N GLU C 278 -18.96 -6.96 44.71
CA GLU C 278 -19.22 -5.57 45.07
C GLU C 278 -17.96 -4.72 44.94
N LEU C 279 -18.07 -3.62 44.21
CA LEU C 279 -16.97 -2.68 44.06
C LEU C 279 -16.90 -1.78 45.29
N ARG C 280 -15.71 -1.67 45.87
CA ARG C 280 -15.48 -0.79 47.00
C ARG C 280 -14.23 0.02 46.71
N ASP C 281 -14.22 1.26 47.21
CA ASP C 281 -13.09 2.17 47.00
C ASP C 281 -11.78 1.66 47.58
N TYR C 282 -11.87 0.83 48.62
CA TYR C 282 -10.67 0.30 49.29
C TYR C 282 -10.05 -0.90 48.58
N LEU C 283 -10.72 -1.39 47.53
CA LEU C 283 -10.19 -2.52 46.76
C LEU C 283 -9.00 -2.11 45.91
N ARG C 284 -8.04 -3.02 45.76
CA ARG C 284 -6.83 -2.77 45.00
C ARG C 284 -6.46 -3.99 44.19
N VAL C 285 -5.76 -3.77 43.08
CA VAL C 285 -5.05 -4.84 42.42
C VAL C 285 -3.56 -4.53 42.40
N THR C 286 -2.76 -5.50 42.83
CA THR C 286 -1.32 -5.46 42.63
C THR C 286 -0.93 -6.56 41.65
N VAL C 287 -0.19 -6.18 40.61
CA VAL C 287 0.46 -7.16 39.74
C VAL C 287 1.95 -7.04 39.98
N SER C 288 2.57 -8.17 40.29
CA SER C 288 4.01 -8.20 40.50
C SER C 288 4.64 -9.23 39.59
N LEU C 289 5.85 -8.93 39.14
CA LEU C 289 6.54 -9.80 38.19
C LEU C 289 7.85 -10.30 38.80
N TRP C 290 8.09 -11.60 38.64
CA TRP C 290 9.21 -12.25 39.30
C TRP C 290 10.09 -13.01 38.31
N GLN C 291 11.40 -12.93 38.50
CA GLN C 291 12.34 -13.73 37.74
C GLN C 291 13.05 -14.62 38.74
N GLY C 292 12.53 -15.83 38.91
CA GLY C 292 12.93 -16.69 40.03
C GLY C 292 12.44 -16.08 41.33
N GLU C 293 13.34 -15.94 42.29
CA GLU C 293 13.04 -15.36 43.60
C GLU C 293 13.14 -13.83 43.61
N THR C 294 13.60 -13.28 42.49
CA THR C 294 13.82 -11.84 42.36
C THR C 294 12.56 -11.19 41.80
N GLN C 295 12.02 -10.22 42.54
CA GLN C 295 10.93 -9.40 42.02
C GLN C 295 11.52 -8.34 41.10
N VAL C 296 11.10 -8.31 39.85
CA VAL C 296 11.63 -7.32 38.91
C VAL C 296 10.78 -6.06 38.84
N ALA C 297 9.49 -6.21 39.11
CA ALA C 297 8.56 -5.07 39.08
C ALA C 297 7.26 -5.38 39.81
N SER C 298 6.59 -4.31 40.25
CA SER C 298 5.31 -4.39 40.94
C SER C 298 4.55 -3.08 40.75
N GLY C 299 3.23 -3.18 40.65
CA GLY C 299 2.38 -2.00 40.51
C GLY C 299 1.01 -2.25 41.11
N THR C 300 0.46 -1.20 41.71
CA THR C 300 -0.82 -1.29 42.39
C THR C 300 -1.74 -0.18 41.90
N ALA C 301 -3.03 -0.49 41.78
CA ALA C 301 -4.04 0.51 41.44
C ALA C 301 -5.39 0.07 41.99
N PRO C 302 -6.29 1.04 42.27
CA PRO C 302 -7.66 0.68 42.55
C PRO C 302 -8.40 0.40 41.24
N PHE C 303 -9.61 -0.14 41.31
CA PHE C 303 -10.40 -0.42 40.10
C PHE C 303 -10.92 0.87 39.46
N GLY C 304 -11.09 0.82 38.14
CA GLY C 304 -11.56 1.98 37.36
C GLY C 304 -10.67 2.17 36.16
N GLY C 305 -11.13 1.71 35.00
CA GLY C 305 -10.35 1.82 33.77
C GLY C 305 -10.48 3.19 33.14
N GLU C 306 -9.68 3.44 32.10
CA GLU C 306 -9.76 4.68 31.33
C GLU C 306 -11.14 4.82 30.68
N ILE C 307 -11.51 6.06 30.35
CA ILE C 307 -12.71 6.32 29.58
C ILE C 307 -12.60 5.63 28.23
N ILE C 308 -13.65 4.87 27.88
CA ILE C 308 -13.71 4.04 26.68
C ILE C 308 -14.62 4.68 25.62
N ASP C 309 -15.78 5.18 26.06
CA ASP C 309 -16.74 5.81 25.17
C ASP C 309 -17.50 6.92 25.88
N GLU C 310 -18.62 7.33 25.27
CA GLU C 310 -19.44 8.42 25.78
C GLU C 310 -20.05 8.06 27.15
N ARG C 311 -20.13 6.77 27.45
CA ARG C 311 -20.72 6.31 28.72
C ARG C 311 -19.67 6.06 29.81
N GLY C 312 -18.42 6.42 29.53
CA GLY C 312 -17.35 6.29 30.50
C GLY C 312 -16.43 5.09 30.26
N GLY C 313 -16.09 4.39 31.35
CA GLY C 313 -15.20 3.24 31.27
C GLY C 313 -15.65 2.06 32.11
N TYR C 314 -14.74 1.09 32.28
CA TYR C 314 -15.03 -0.09 33.10
C TYR C 314 -14.64 0.17 34.55
N ALA C 315 -15.66 0.30 35.40
CA ALA C 315 -15.44 0.50 36.84
C ALA C 315 -14.92 -0.78 37.49
N ASP C 316 -15.19 -1.90 36.84
CA ASP C 316 -14.84 -3.23 37.33
C ASP C 316 -13.57 -3.81 36.68
N ARG C 317 -12.76 -2.94 36.07
CA ARG C 317 -11.49 -3.36 35.48
C ARG C 317 -10.38 -2.38 35.82
N VAL C 318 -9.14 -2.86 35.70
CA VAL C 318 -7.98 -2.00 35.85
C VAL C 318 -6.83 -2.59 35.04
N THR C 319 -5.98 -1.72 34.53
CA THR C 319 -4.81 -2.17 33.79
C THR C 319 -3.56 -1.66 34.47
N LEU C 320 -2.67 -2.60 34.79
CA LEU C 320 -1.37 -2.30 35.37
C LEU C 320 -0.32 -2.41 34.27
N ARG C 321 0.63 -1.48 34.27
CA ARG C 321 1.72 -1.50 33.31
C ARG C 321 3.05 -1.47 34.07
N LEU C 322 3.90 -2.43 33.77
CA LEU C 322 5.19 -2.56 34.43
C LEU C 322 6.32 -2.48 33.40
N ASN C 323 7.33 -1.66 33.69
CA ASN C 323 8.50 -1.55 32.83
C ASN C 323 9.51 -2.62 33.17
N VAL C 324 10.05 -3.25 32.14
CA VAL C 324 11.07 -4.28 32.29
C VAL C 324 12.26 -3.94 31.42
N GLU C 325 13.40 -3.69 32.04
CA GLU C 325 14.64 -3.43 31.33
C GLU C 325 15.39 -4.72 31.06
N ASN C 326 15.91 -4.85 29.84
CA ASN C 326 16.68 -6.03 29.42
C ASN C 326 16.01 -7.36 29.76
N PRO C 327 14.76 -7.55 29.32
CA PRO C 327 14.07 -8.79 29.66
C PRO C 327 14.74 -10.03 29.05
N LYS C 328 14.74 -11.12 29.80
CA LYS C 328 15.18 -12.41 29.29
C LYS C 328 14.05 -12.94 28.42
N LEU C 329 14.30 -13.03 27.12
CA LEU C 329 13.27 -13.35 26.15
C LEU C 329 12.97 -14.85 26.08
N TRP C 330 11.68 -15.16 25.88
CA TRP C 330 11.22 -16.53 25.71
C TRP C 330 11.36 -16.97 24.25
N SER C 331 11.85 -18.20 24.06
CA SER C 331 11.77 -18.88 22.77
C SER C 331 11.81 -20.40 23.05
N ALA C 332 11.66 -21.20 22.01
CA ALA C 332 11.80 -22.64 22.13
C ALA C 332 13.25 -23.05 22.36
N GLU C 333 14.19 -22.16 21.98
CA GLU C 333 15.62 -22.39 22.20
C GLU C 333 16.00 -22.16 23.67
N ILE C 334 15.57 -21.02 24.22
CA ILE C 334 15.75 -20.68 25.64
C ILE C 334 14.41 -20.23 26.20
N PRO C 335 13.67 -21.15 26.84
CA PRO C 335 12.36 -20.79 27.35
C PRO C 335 12.41 -20.03 28.69
N ASN C 336 12.99 -18.82 28.66
CA ASN C 336 13.01 -17.95 29.83
C ASN C 336 11.58 -17.60 30.24
N LEU C 337 11.29 -17.76 31.52
CA LEU C 337 9.98 -17.44 32.05
C LEU C 337 10.08 -16.56 33.29
N TYR C 338 9.12 -15.65 33.40
CA TYR C 338 8.88 -14.86 34.60
C TYR C 338 7.56 -15.35 35.16
N ARG C 339 7.27 -14.95 36.39
CA ARG C 339 6.00 -15.26 37.01
C ARG C 339 5.28 -13.94 37.27
N ALA C 340 4.05 -13.81 36.78
CA ALA C 340 3.22 -12.66 37.11
C ALA C 340 2.22 -13.09 38.18
N VAL C 341 2.16 -12.34 39.29
CA VAL C 341 1.21 -12.64 40.36
C VAL C 341 0.16 -11.52 40.44
N VAL C 342 -1.11 -11.91 40.34
CA VAL C 342 -2.21 -10.95 40.40
C VAL C 342 -2.93 -11.05 41.75
N GLU C 343 -2.77 -10.01 42.57
CA GLU C 343 -3.36 -9.97 43.91
C GLU C 343 -4.55 -9.03 43.98
N LEU C 344 -5.69 -9.57 44.39
CA LEU C 344 -6.84 -8.76 44.74
C LEU C 344 -6.78 -8.57 46.26
N HIS C 345 -6.80 -7.33 46.70
CA HIS C 345 -6.63 -7.02 48.11
C HIS C 345 -7.30 -5.71 48.50
N THR C 346 -7.31 -5.43 49.80
CA THR C 346 -7.84 -4.18 50.32
C THR C 346 -6.66 -3.22 50.55
N ALA C 347 -6.96 -1.93 50.66
CA ALA C 347 -5.93 -0.89 50.83
C ALA C 347 -5.02 -1.10 52.04
N ASP C 348 -5.57 -1.59 53.15
CA ASP C 348 -4.79 -1.85 54.37
C ASP C 348 -3.86 -3.06 54.27
N GLY C 349 -3.99 -3.82 53.19
CA GLY C 349 -3.05 -4.90 52.87
C GLY C 349 -3.58 -6.31 53.07
N THR C 350 -4.90 -6.45 53.17
CA THR C 350 -5.49 -7.77 53.37
C THR C 350 -5.74 -8.42 52.01
N LEU C 351 -5.08 -9.56 51.78
CA LEU C 351 -5.26 -10.32 50.54
C LEU C 351 -6.65 -10.94 50.51
N ILE C 352 -7.32 -10.78 49.37
CA ILE C 352 -8.60 -11.45 49.11
C ILE C 352 -8.30 -12.76 48.39
N GLU C 353 -7.62 -12.68 47.26
CA GLU C 353 -7.14 -13.86 46.55
C GLU C 353 -6.02 -13.48 45.59
N ALA C 354 -5.29 -14.50 45.13
CA ALA C 354 -4.27 -14.31 44.12
C ALA C 354 -4.45 -15.32 43.00
N GLU C 355 -4.24 -14.84 41.78
CA GLU C 355 -4.09 -15.69 40.61
C GLU C 355 -2.70 -15.43 40.04
N ALA C 356 -2.26 -16.26 39.11
CA ALA C 356 -0.91 -16.15 38.59
C ALA C 356 -0.77 -16.88 37.28
N CYS C 357 0.30 -16.58 36.55
CA CYS C 357 0.66 -17.32 35.35
C CYS C 357 2.15 -17.18 35.06
N ASP C 358 2.66 -18.11 34.24
CA ASP C 358 4.00 -17.98 33.69
C ASP C 358 3.96 -16.98 32.54
N VAL C 359 4.96 -16.11 32.48
CA VAL C 359 5.05 -15.10 31.43
C VAL C 359 6.30 -15.34 30.59
N GLY C 360 6.11 -15.46 29.29
CA GLY C 360 7.26 -15.54 28.38
C GLY C 360 7.32 -14.24 27.63
N PHE C 361 8.42 -13.51 27.75
CA PHE C 361 8.60 -12.26 27.03
C PHE C 361 8.98 -12.54 25.59
N ARG C 362 7.99 -12.49 24.69
CA ARG C 362 8.22 -12.75 23.29
C ARG C 362 7.22 -12.00 22.41
N GLU C 363 7.67 -11.60 21.22
CA GLU C 363 6.82 -10.94 20.25
C GLU C 363 6.71 -11.83 19.01
N VAL C 364 5.48 -12.04 18.56
CA VAL C 364 5.22 -12.78 17.33
C VAL C 364 4.64 -11.81 16.31
N ARG C 365 5.31 -11.68 15.17
CA ARG C 365 4.78 -10.80 14.13
C ARG C 365 5.16 -11.27 12.74
N ILE C 366 4.33 -10.88 11.78
CA ILE C 366 4.59 -11.12 10.37
C ILE C 366 4.94 -9.78 9.75
N GLU C 367 6.13 -9.73 9.17
CA GLU C 367 6.61 -8.51 8.55
C GLU C 367 7.35 -8.88 7.28
N ASN C 368 7.02 -8.13 6.22
CA ASN C 368 7.67 -8.29 4.92
C ASN C 368 7.65 -9.74 4.42
N GLY C 369 6.57 -10.45 4.76
CA GLY C 369 6.35 -11.83 4.32
C GLY C 369 6.92 -12.93 5.20
N LEU C 370 7.50 -12.55 6.33
CA LEU C 370 8.16 -13.50 7.24
C LEU C 370 7.54 -13.51 8.63
N LEU C 371 7.28 -14.71 9.15
CA LEU C 371 6.89 -14.87 10.56
C LEU C 371 8.12 -14.73 11.45
N LEU C 372 8.07 -13.72 12.33
CA LEU C 372 9.20 -13.39 13.19
C LEU C 372 8.87 -13.69 14.64
N LEU C 373 9.85 -14.21 15.36
CA LEU C 373 9.76 -14.32 16.82
C LEU C 373 10.90 -13.52 17.38
N ASN C 374 10.60 -12.53 18.22
CA ASN C 374 11.61 -11.61 18.74
C ASN C 374 12.48 -11.05 17.62
N GLY C 375 11.84 -10.70 16.51
CA GLY C 375 12.48 -10.05 15.37
C GLY C 375 13.25 -10.95 14.41
N LYS C 376 13.26 -12.25 14.66
CA LYS C 376 14.02 -13.20 13.85
C LYS C 376 13.11 -14.20 13.14
N PRO C 377 13.44 -14.54 11.87
CA PRO C 377 12.57 -15.44 11.14
C PRO C 377 12.67 -16.90 11.61
N LEU C 378 11.54 -17.45 12.03
CA LEU C 378 11.48 -18.82 12.51
C LEU C 378 11.63 -19.83 11.39
N LEU C 379 12.16 -21.00 11.74
CA LEU C 379 12.08 -22.18 10.91
C LEU C 379 11.40 -23.28 11.73
N ILE C 380 10.14 -23.54 11.40
CA ILE C 380 9.29 -24.44 12.16
C ILE C 380 9.61 -25.90 11.85
N ARG C 381 10.16 -26.57 12.86
CA ARG C 381 10.40 -28.00 12.84
C ARG C 381 9.26 -28.57 13.66
N GLY C 382 8.11 -28.73 13.00
CA GLY C 382 6.89 -29.01 13.74
C GLY C 382 6.31 -30.38 13.51
N VAL C 383 5.34 -30.71 14.36
CA VAL C 383 4.61 -31.94 14.22
C VAL C 383 3.19 -31.73 14.74
N ASN C 384 2.23 -32.40 14.10
CA ASN C 384 0.88 -32.51 14.63
C ASN C 384 0.81 -33.59 15.69
N ARG C 385 0.09 -33.33 16.77
CA ARG C 385 -0.04 -34.29 17.85
C ARG C 385 -1.45 -34.39 18.42
N HIS C 386 -2.12 -35.51 18.13
CA HIS C 386 -3.39 -35.86 18.78
C HIS C 386 -3.13 -36.30 20.22
N GLU C 387 -4.10 -36.10 21.09
CA GLU C 387 -4.02 -36.64 22.45
C GLU C 387 -4.49 -38.10 22.43
N HIS C 388 -3.53 -39.02 22.32
CA HIS C 388 -3.84 -40.44 22.20
C HIS C 388 -2.97 -41.32 23.08
N HIS C 389 -3.62 -42.27 23.76
CA HIS C 389 -2.96 -43.24 24.61
C HIS C 389 -3.53 -44.63 24.27
N PRO C 390 -2.64 -45.61 24.01
CA PRO C 390 -3.11 -46.94 23.58
C PRO C 390 -4.00 -47.66 24.59
N LEU C 391 -3.79 -47.39 25.88
CA LEU C 391 -4.58 -48.02 26.95
C LEU C 391 -5.73 -47.14 27.42
N HIS C 392 -5.49 -45.83 27.51
CA HIS C 392 -6.47 -44.93 28.09
C HIS C 392 -7.24 -44.11 27.06
N GLY C 393 -7.00 -44.39 25.77
CA GLY C 393 -7.72 -43.72 24.69
C GLY C 393 -7.33 -42.26 24.58
N GLN C 394 -8.25 -41.38 24.98
CA GLN C 394 -8.06 -39.95 24.76
C GLN C 394 -7.82 -39.15 26.06
N VAL C 395 -7.63 -39.90 27.15
CA VAL C 395 -7.22 -39.35 28.43
C VAL C 395 -5.71 -39.09 28.41
N MET C 396 -5.34 -37.87 28.77
CA MET C 396 -3.94 -37.46 28.82
C MET C 396 -3.45 -37.33 30.24
N ASP C 397 -2.24 -37.83 30.49
CA ASP C 397 -1.60 -37.71 31.78
C ASP C 397 -0.28 -36.96 31.60
N GLU C 398 0.18 -36.36 32.69
CA GLU C 398 1.43 -35.60 32.71
C GLU C 398 2.65 -36.38 32.21
N GLN C 399 2.81 -37.62 32.66
CA GLN C 399 3.99 -38.38 32.26
C GLN C 399 4.03 -38.73 30.78
N THR C 400 2.88 -38.97 30.16
CA THR C 400 2.79 -39.17 28.71
C THR C 400 3.14 -37.86 27.96
N MET C 401 2.60 -36.75 28.44
CA MET C 401 2.89 -35.42 27.88
C MET C 401 4.39 -35.11 27.92
N VAL C 402 5.01 -35.34 29.08
CA VAL C 402 6.44 -35.10 29.28
C VAL C 402 7.28 -35.99 28.35
N GLN C 403 6.93 -37.27 28.27
CA GLN C 403 7.57 -38.22 27.39
C GLN C 403 7.52 -37.76 25.93
N ASP C 404 6.34 -37.30 25.50
CA ASP C 404 6.17 -36.78 24.14
C ASP C 404 7.08 -35.57 23.89
N ILE C 405 7.04 -34.60 24.80
CA ILE C 405 7.84 -33.38 24.65
C ILE C 405 9.35 -33.67 24.59
N LEU C 406 9.83 -34.51 25.50
CA LEU C 406 11.24 -34.87 25.53
C LEU C 406 11.66 -35.55 24.24
N LEU C 407 10.84 -36.49 23.77
CA LEU C 407 11.11 -37.18 22.50
C LEU C 407 11.12 -36.21 21.34
N MET C 408 10.15 -35.29 21.31
CA MET C 408 10.08 -34.27 20.27
C MET C 408 11.34 -33.40 20.24
N LYS C 409 11.69 -32.83 21.38
CA LYS C 409 12.88 -31.98 21.47
C LYS C 409 14.19 -32.74 21.20
N GLN C 410 14.28 -33.97 21.70
CA GLN C 410 15.44 -34.83 21.43
C GLN C 410 15.59 -35.12 19.94
N ASN C 411 14.49 -35.04 19.20
CA ASN C 411 14.51 -35.27 17.76
C ASN C 411 14.39 -34.00 16.92
N ASN C 412 14.78 -32.88 17.52
CA ASN C 412 14.92 -31.60 16.83
C ASN C 412 13.61 -30.98 16.33
N PHE C 413 12.50 -31.32 16.99
CA PHE C 413 11.26 -30.58 16.80
C PHE C 413 11.25 -29.39 17.74
N ASN C 414 10.71 -28.27 17.27
CA ASN C 414 10.59 -27.07 18.07
C ASN C 414 9.15 -26.55 18.12
N ALA C 415 8.23 -27.30 17.51
CA ALA C 415 6.88 -26.81 17.37
C ALA C 415 5.86 -27.95 17.32
N VAL C 416 4.67 -27.66 17.82
CA VAL C 416 3.59 -28.64 17.83
C VAL C 416 2.26 -27.97 17.47
N ARG C 417 1.45 -28.68 16.69
CA ARG C 417 0.12 -28.24 16.36
C ARG C 417 -0.90 -29.11 17.09
N CYS C 418 -1.79 -28.46 17.82
CA CYS C 418 -2.86 -29.13 18.56
C CYS C 418 -3.96 -29.60 17.61
N SER C 419 -3.66 -30.62 16.83
CA SER C 419 -4.61 -31.16 15.88
C SER C 419 -5.64 -32.06 16.61
N HIS C 420 -6.93 -31.74 16.51
CA HIS C 420 -7.47 -30.50 15.95
C HIS C 420 -8.47 -29.89 16.95
N TYR C 421 -7.96 -29.49 18.11
CA TYR C 421 -8.80 -29.07 19.24
C TYR C 421 -7.91 -28.50 20.33
N PRO C 422 -8.48 -27.66 21.22
CA PRO C 422 -7.69 -27.22 22.36
C PRO C 422 -7.28 -28.41 23.22
N ASN C 423 -6.05 -28.41 23.72
CA ASN C 423 -5.53 -29.55 24.47
C ASN C 423 -5.83 -29.46 25.96
N HIS C 424 -5.56 -30.57 26.66
CA HIS C 424 -5.49 -30.60 28.12
C HIS C 424 -4.67 -29.39 28.60
N PRO C 425 -5.16 -28.67 29.61
CA PRO C 425 -4.52 -27.41 30.01
C PRO C 425 -3.04 -27.52 30.43
N LEU C 426 -2.64 -28.67 30.97
CA LEU C 426 -1.25 -28.87 31.36
C LEU C 426 -0.28 -28.86 30.16
N TRP C 427 -0.78 -29.24 28.99
CA TRP C 427 0.05 -29.25 27.78
C TRP C 427 0.77 -27.92 27.55
N TYR C 428 0.02 -26.82 27.68
CA TYR C 428 0.54 -25.48 27.39
C TYR C 428 1.56 -25.03 28.45
N THR C 429 1.28 -25.36 29.71
CA THR C 429 2.23 -25.14 30.79
C THR C 429 3.56 -25.86 30.52
N LEU C 430 3.48 -27.11 30.09
CA LEU C 430 4.69 -27.87 29.76
C LEU C 430 5.41 -27.31 28.53
N CYS C 431 4.67 -26.88 27.52
CA CYS C 431 5.24 -26.24 26.34
C CYS C 431 5.89 -24.89 26.67
N ASP C 432 5.26 -24.11 27.56
CA ASP C 432 5.85 -22.89 28.09
C ASP C 432 7.23 -23.14 28.71
N ARG C 433 7.33 -24.21 29.50
CA ARG C 433 8.50 -24.47 30.34
C ARG C 433 9.63 -25.22 29.65
N TYR C 434 9.27 -26.20 28.82
CA TYR C 434 10.29 -26.93 28.04
C TYR C 434 10.67 -26.19 26.76
N GLY C 435 9.74 -25.38 26.25
CA GLY C 435 9.99 -24.58 25.06
C GLY C 435 9.60 -25.28 23.77
N LEU C 436 8.33 -25.14 23.40
CA LEU C 436 7.85 -25.51 22.07
C LEU C 436 6.87 -24.45 21.61
N TYR C 437 6.96 -24.12 20.33
CA TYR C 437 5.97 -23.26 19.69
C TYR C 437 4.67 -24.05 19.46
N VAL C 438 3.55 -23.46 19.87
CA VAL C 438 2.24 -24.12 19.82
C VAL C 438 1.27 -23.42 18.88
N VAL C 439 0.64 -24.20 18.00
CA VAL C 439 -0.53 -23.73 17.26
C VAL C 439 -1.74 -24.23 18.03
N ASP C 440 -2.46 -23.31 18.64
CA ASP C 440 -3.70 -23.63 19.36
C ASP C 440 -4.87 -23.59 18.37
N GLU C 441 -5.61 -24.69 18.29
CA GLU C 441 -6.60 -24.86 17.23
C GLU C 441 -8.00 -25.11 17.79
N ALA C 442 -8.98 -24.34 17.31
CA ALA C 442 -10.37 -24.50 17.75
C ALA C 442 -10.91 -25.88 17.39
N ASN C 443 -11.80 -26.40 18.22
CA ASN C 443 -12.41 -27.72 18.00
C ASN C 443 -13.55 -27.62 16.96
N ILE C 444 -13.15 -27.37 15.71
CA ILE C 444 -14.08 -27.30 14.58
C ILE C 444 -13.54 -28.04 13.35
N GLU C 445 -14.15 -29.18 13.05
CA GLU C 445 -13.91 -29.89 11.80
C GLU C 445 -15.21 -30.48 11.29
N THR C 446 -15.55 -30.13 10.06
CA THR C 446 -16.79 -30.57 9.43
C THR C 446 -16.49 -31.31 8.11
N HIS C 447 -15.41 -32.09 8.11
CA HIS C 447 -14.87 -32.73 6.89
C HIS C 447 -15.90 -33.48 6.06
N GLY C 448 -16.83 -34.15 6.73
CA GLY C 448 -17.78 -35.04 6.06
C GLY C 448 -19.00 -34.36 5.47
N MET C 449 -19.10 -33.04 5.63
CA MET C 449 -20.17 -32.27 5.01
C MET C 449 -19.95 -32.19 3.50
N VAL C 450 -21.05 -32.12 2.75
CA VAL C 450 -20.99 -31.90 1.31
C VAL C 450 -21.80 -30.64 0.97
N PRO C 451 -21.14 -29.59 0.42
CA PRO C 451 -19.69 -29.46 0.32
C PRO C 451 -19.10 -29.20 1.71
N MET C 452 -17.78 -29.11 1.82
CA MET C 452 -17.14 -29.04 3.14
C MET C 452 -17.60 -27.85 4.01
N ASN C 453 -17.93 -26.73 3.36
CA ASN C 453 -18.33 -25.52 4.08
C ASN C 453 -19.84 -25.40 4.34
N ARG C 454 -20.58 -26.51 4.23
CA ARG C 454 -22.05 -26.41 4.37
C ARG C 454 -22.50 -25.77 5.68
N LEU C 455 -21.86 -26.12 6.80
CA LEU C 455 -22.20 -25.52 8.09
C LEU C 455 -21.45 -24.20 8.34
N THR C 456 -20.18 -24.15 7.95
CA THR C 456 -19.35 -22.98 8.24
C THR C 456 -19.73 -21.74 7.45
N ASP C 457 -20.51 -21.90 6.39
CA ASP C 457 -21.02 -20.76 5.64
C ASP C 457 -22.43 -20.37 6.08
N ASP C 458 -22.99 -21.17 6.98
CA ASP C 458 -24.37 -21.01 7.44
C ASP C 458 -24.42 -20.20 8.75
N PRO C 459 -25.08 -19.02 8.72
CA PRO C 459 -25.14 -18.19 9.93
C PRO C 459 -25.84 -18.85 11.12
N ARG C 460 -26.69 -19.85 10.87
CA ARG C 460 -27.30 -20.64 11.95
C ARG C 460 -26.25 -21.37 12.80
N TRP C 461 -25.11 -21.70 12.21
CA TRP C 461 -24.05 -22.39 12.94
C TRP C 461 -22.95 -21.46 13.47
N LEU C 462 -23.10 -20.16 13.25
CA LEU C 462 -22.13 -19.19 13.76
C LEU C 462 -22.02 -19.14 15.29
N PRO C 463 -23.16 -19.18 16.02
CA PRO C 463 -23.06 -19.19 17.49
C PRO C 463 -22.23 -20.37 18.05
N ALA C 464 -22.50 -21.58 17.57
CA ALA C 464 -21.76 -22.77 18.01
C ALA C 464 -20.27 -22.71 17.65
N MET C 465 -19.98 -22.23 16.44
CA MET C 465 -18.60 -22.09 16.00
C MET C 465 -17.87 -21.03 16.81
N SER C 466 -18.54 -19.91 17.06
CA SER C 466 -17.91 -18.78 17.73
C SER C 466 -17.45 -19.19 19.12
N GLU C 467 -18.29 -19.96 19.82
CA GLU C 467 -17.97 -20.44 21.16
C GLU C 467 -16.74 -21.34 21.21
N ARG C 468 -16.51 -22.08 20.14
CA ARG C 468 -15.34 -22.96 20.07
C ARG C 468 -14.05 -22.18 19.82
N VAL C 469 -14.19 -21.00 19.23
CA VAL C 469 -13.06 -20.09 19.01
C VAL C 469 -12.83 -19.19 20.21
N THR C 470 -13.86 -18.44 20.61
CA THR C 470 -13.72 -17.40 21.63
C THR C 470 -13.31 -17.98 22.97
N ARG C 471 -13.93 -19.10 23.34
CA ARG C 471 -13.63 -19.76 24.62
C ARG C 471 -12.24 -20.40 24.66
N MET C 472 -11.71 -20.76 23.48
CA MET C 472 -10.31 -21.19 23.38
C MET C 472 -9.37 -20.04 23.65
N VAL C 473 -9.61 -18.91 22.98
CA VAL C 473 -8.78 -17.73 23.14
C VAL C 473 -8.83 -17.20 24.59
N GLN C 474 -10.01 -17.18 25.18
CA GLN C 474 -10.19 -16.72 26.56
C GLN C 474 -9.43 -17.62 27.56
N ARG C 475 -9.32 -18.90 27.24
CA ARG C 475 -8.61 -19.84 28.11
C ARG C 475 -7.09 -19.73 27.99
N ASP C 476 -6.59 -19.65 26.75
CA ASP C 476 -5.19 -19.91 26.46
C ASP C 476 -4.34 -18.68 26.11
N ARG C 477 -4.97 -17.50 26.11
CA ARG C 477 -4.32 -16.28 25.62
C ARG C 477 -3.07 -15.81 26.40
N ASN C 478 -2.90 -16.29 27.62
CA ASN C 478 -1.74 -15.90 28.43
C ASN C 478 -0.51 -16.81 28.28
N HIS C 479 -0.65 -17.92 27.58
CA HIS C 479 0.46 -18.88 27.39
C HIS C 479 1.44 -18.39 26.33
N PRO C 480 2.72 -18.20 26.71
CA PRO C 480 3.73 -17.75 25.76
C PRO C 480 4.00 -18.78 24.66
N SER C 481 3.86 -20.06 24.96
CA SER C 481 4.10 -21.12 23.97
C SER C 481 3.15 -21.04 22.77
N VAL C 482 1.92 -20.58 23.02
CA VAL C 482 0.96 -20.36 21.95
C VAL C 482 1.39 -19.15 21.13
N ILE C 483 1.79 -19.38 19.88
CA ILE C 483 2.24 -18.29 19.01
C ILE C 483 1.29 -18.00 17.83
N ILE C 484 0.45 -18.97 17.48
CA ILE C 484 -0.49 -18.87 16.37
C ILE C 484 -1.85 -19.46 16.77
N TRP C 485 -2.94 -18.75 16.44
CA TRP C 485 -4.28 -19.30 16.58
C TRP C 485 -4.73 -19.96 15.28
N SER C 486 -5.38 -21.11 15.39
CA SER C 486 -6.02 -21.75 14.24
C SER C 486 -7.53 -21.86 14.38
N LEU C 487 -8.24 -21.67 13.28
CA LEU C 487 -9.70 -21.66 13.27
C LEU C 487 -10.31 -23.05 13.18
N GLY C 488 -9.46 -24.06 13.12
CA GLY C 488 -9.92 -25.45 12.99
C GLY C 488 -9.29 -26.09 11.78
N THR C 489 -9.97 -27.06 11.19
CA THR C 489 -9.44 -27.76 10.03
C THR C 489 -10.55 -28.37 9.19
N GLU C 490 -10.27 -28.59 7.92
CA GLU C 490 -11.19 -29.34 7.05
C GLU C 490 -12.64 -28.95 7.22
N SER C 491 -12.93 -27.67 7.12
CA SER C 491 -14.32 -27.21 7.18
C SER C 491 -14.61 -26.27 6.02
N GLY C 492 -13.90 -26.46 4.92
CA GLY C 492 -14.00 -25.58 3.76
C GLY C 492 -13.70 -24.15 4.19
N HIS C 493 -14.26 -23.19 3.45
CA HIS C 493 -14.14 -21.79 3.82
C HIS C 493 -15.51 -21.16 3.78
N GLY C 494 -16.04 -20.84 4.95
CA GLY C 494 -17.34 -20.18 5.07
C GLY C 494 -17.19 -18.79 5.65
N ALA C 495 -18.26 -18.00 5.53
CA ALA C 495 -18.28 -16.64 6.06
C ALA C 495 -18.12 -16.59 7.58
N ASN C 496 -18.47 -17.68 8.26
CA ASN C 496 -18.23 -17.78 9.72
C ASN C 496 -16.75 -17.74 10.05
N HIS C 497 -15.92 -18.33 9.19
CA HIS C 497 -14.45 -18.27 9.36
C HIS C 497 -13.95 -16.84 9.28
N ASP C 498 -14.47 -16.08 8.31
CA ASP C 498 -14.09 -14.67 8.15
C ASP C 498 -14.45 -13.84 9.38
N ALA C 499 -15.66 -14.03 9.89
CA ALA C 499 -16.11 -13.34 11.10
C ALA C 499 -15.23 -13.66 12.30
N LEU C 500 -14.90 -14.94 12.47
CA LEU C 500 -14.14 -15.39 13.63
C LEU C 500 -12.65 -15.07 13.48
N TYR C 501 -12.16 -15.10 12.24
CA TYR C 501 -10.81 -14.62 11.95
C TYR C 501 -10.67 -13.18 12.46
N ARG C 502 -11.66 -12.33 12.11
CA ARG C 502 -11.62 -10.92 12.47
C ARG C 502 -11.77 -10.73 13.97
N TRP C 503 -12.64 -11.51 14.60
CA TRP C 503 -12.79 -11.44 16.05
C TRP C 503 -11.44 -11.62 16.75
N ILE C 504 -10.65 -12.60 16.31
CA ILE C 504 -9.36 -12.85 16.97
C ILE C 504 -8.37 -11.71 16.76
N LYS C 505 -8.22 -11.26 15.51
CA LYS C 505 -7.33 -10.14 15.18
C LYS C 505 -7.67 -8.93 16.05
N SER C 506 -8.97 -8.77 16.32
CA SER C 506 -9.47 -7.66 17.12
C SER C 506 -9.14 -7.85 18.59
N VAL C 507 -9.40 -9.05 19.12
CA VAL C 507 -9.25 -9.33 20.54
C VAL C 507 -7.80 -9.59 20.96
N ASP C 508 -7.01 -10.15 20.06
CA ASP C 508 -5.63 -10.50 20.36
C ASP C 508 -4.69 -10.22 19.18
N PRO C 509 -4.18 -8.97 19.09
CA PRO C 509 -3.27 -8.60 18.00
C PRO C 509 -1.89 -9.29 18.09
N SER C 510 -1.60 -9.93 19.22
CA SER C 510 -0.25 -10.46 19.48
C SER C 510 0.11 -11.76 18.75
N ARG C 511 -0.88 -12.40 18.11
CA ARG C 511 -0.63 -13.68 17.44
C ARG C 511 -1.32 -13.75 16.08
N PRO C 512 -0.61 -14.25 15.04
CA PRO C 512 -1.22 -14.49 13.74
C PRO C 512 -2.32 -15.54 13.83
N VAL C 513 -3.25 -15.49 12.89
CA VAL C 513 -4.33 -16.45 12.79
C VAL C 513 -4.16 -17.18 11.48
N GLN C 514 -4.25 -18.51 11.54
CA GLN C 514 -4.18 -19.32 10.34
C GLN C 514 -5.36 -20.25 10.21
N TYR C 515 -5.61 -20.67 8.98
CA TYR C 515 -6.67 -21.63 8.68
C TYR C 515 -6.47 -22.16 7.26
N GLU C 516 -6.54 -23.47 7.10
CA GLU C 516 -6.22 -24.11 5.81
C GLU C 516 -7.40 -24.27 4.83
N GLY C 517 -8.62 -24.37 5.37
CA GLY C 517 -9.79 -24.67 4.54
C GLY C 517 -9.95 -23.72 3.37
N GLY C 518 -10.59 -24.21 2.30
CA GLY C 518 -10.84 -23.41 1.12
C GLY C 518 -9.63 -23.09 0.26
N GLY C 519 -8.55 -23.86 0.44
CA GLY C 519 -7.38 -23.75 -0.43
C GLY C 519 -6.14 -23.13 0.18
N ALA C 520 -6.09 -23.06 1.50
CA ALA C 520 -4.88 -22.71 2.28
C ALA C 520 -4.39 -21.25 2.20
N ASP C 521 -5.00 -20.44 1.34
CA ASP C 521 -4.55 -19.05 1.16
C ASP C 521 -5.71 -18.06 1.10
N THR C 522 -6.80 -18.37 1.80
CA THR C 522 -7.98 -17.50 1.81
C THR C 522 -7.78 -16.22 2.64
N THR C 523 -8.83 -15.40 2.67
CA THR C 523 -8.87 -14.18 3.47
C THR C 523 -8.94 -14.49 4.97
N ALA C 524 -9.06 -15.77 5.31
CA ALA C 524 -9.16 -16.19 6.70
C ALA C 524 -7.83 -16.71 7.29
N THR C 525 -6.71 -16.44 6.61
CA THR C 525 -5.39 -16.90 7.08
C THR C 525 -4.25 -15.90 6.84
N ASP C 526 -3.44 -15.69 7.88
CA ASP C 526 -2.27 -14.82 7.81
C ASP C 526 -1.09 -15.57 7.24
N ILE C 527 -1.21 -16.89 7.14
CA ILE C 527 -0.12 -17.77 6.75
C ILE C 527 -0.63 -18.73 5.70
N ILE C 528 0.10 -18.88 4.59
CA ILE C 528 -0.26 -19.90 3.60
C ILE C 528 0.08 -21.23 4.25
N CYS C 529 -0.96 -22.00 4.57
CA CYS C 529 -0.78 -23.19 5.41
C CYS C 529 -1.29 -24.48 4.79
N PRO C 530 -0.75 -24.87 3.62
CA PRO C 530 -1.34 -26.02 2.92
C PRO C 530 -1.07 -27.35 3.61
N MET C 531 -1.84 -28.36 3.22
CA MET C 531 -1.61 -29.71 3.69
C MET C 531 -1.14 -30.54 2.51
N TYR C 532 0.03 -31.15 2.65
CA TYR C 532 0.56 -32.09 1.64
C TYR C 532 0.73 -31.49 0.25
N ALA C 533 0.95 -30.17 0.21
CA ALA C 533 1.45 -29.54 -1.00
C ALA C 533 2.88 -30.02 -1.18
N ARG C 534 3.25 -30.36 -2.41
CA ARG C 534 4.56 -30.94 -2.67
C ARG C 534 5.62 -29.86 -2.89
N VAL C 535 6.89 -30.27 -2.92
CA VAL C 535 7.99 -29.30 -3.02
C VAL C 535 8.05 -28.69 -4.41
N ASP C 536 8.11 -29.53 -5.44
CA ASP C 536 8.31 -29.09 -6.82
C ASP C 536 7.10 -29.37 -7.71
N GLU C 537 6.29 -30.34 -7.32
CA GLU C 537 5.17 -30.81 -8.16
C GLU C 537 3.86 -30.12 -7.79
N ASP C 538 3.21 -29.52 -8.79
CA ASP C 538 1.86 -28.94 -8.63
C ASP C 538 0.82 -30.05 -8.57
N GLN C 539 -0.23 -29.82 -7.80
CA GLN C 539 -1.41 -30.68 -7.83
C GLN C 539 -2.62 -29.78 -8.08
N PRO C 540 -2.92 -29.52 -9.36
CA PRO C 540 -3.89 -28.48 -9.68
C PRO C 540 -5.35 -28.94 -9.58
N PHE C 541 -5.78 -29.36 -8.38
CA PHE C 541 -7.19 -29.69 -8.15
C PHE C 541 -8.06 -28.45 -8.40
N PRO C 542 -9.25 -28.62 -9.00
CA PRO C 542 -10.18 -27.51 -9.18
C PRO C 542 -10.56 -26.85 -7.84
N ALA C 543 -10.73 -25.52 -7.87
CA ALA C 543 -11.15 -24.72 -6.72
C ALA C 543 -10.12 -24.64 -5.58
N VAL C 544 -9.53 -25.77 -5.20
CA VAL C 544 -8.56 -25.83 -4.08
C VAL C 544 -7.25 -26.53 -4.48
N PRO C 545 -6.51 -25.93 -5.45
CA PRO C 545 -5.27 -26.58 -5.92
C PRO C 545 -4.19 -26.60 -4.84
N LYS C 546 -3.33 -27.61 -4.88
CA LYS C 546 -2.15 -27.66 -4.00
C LYS C 546 -0.92 -27.41 -4.86
N TRP C 547 -0.51 -26.15 -4.93
CA TRP C 547 0.64 -25.77 -5.75
C TRP C 547 1.93 -26.25 -5.10
N SER C 548 2.95 -26.47 -5.92
CA SER C 548 4.31 -26.57 -5.42
C SER C 548 4.50 -25.44 -4.41
N ILE C 549 5.07 -25.73 -3.25
CA ILE C 549 5.22 -24.71 -2.21
C ILE C 549 6.15 -23.57 -2.66
N LYS C 550 7.17 -23.92 -3.43
CA LYS C 550 8.09 -22.92 -4.02
C LYS C 550 7.36 -21.99 -4.98
N LYS C 551 6.43 -22.55 -5.75
CA LYS C 551 5.63 -21.78 -6.70
C LYS C 551 4.55 -20.96 -5.99
N TRP C 552 3.94 -21.55 -4.96
CA TRP C 552 2.86 -20.89 -4.21
C TRP C 552 3.26 -19.51 -3.70
N LEU C 553 4.46 -19.42 -3.15
CA LEU C 553 4.98 -18.18 -2.55
C LEU C 553 4.96 -16.98 -3.51
N SER C 554 5.26 -17.24 -4.77
CA SER C 554 5.46 -16.16 -5.73
C SER C 554 4.30 -15.99 -6.73
N LEU C 555 3.16 -16.61 -6.44
CA LEU C 555 1.95 -16.40 -7.25
C LEU C 555 1.61 -14.92 -7.29
N PRO C 556 1.06 -14.42 -8.42
CA PRO C 556 0.84 -13.00 -8.56
C PRO C 556 0.12 -12.40 -7.37
N GLY C 557 0.72 -11.39 -6.76
CA GLY C 557 0.12 -10.70 -5.61
C GLY C 557 0.38 -11.30 -4.25
N GLU C 558 0.90 -12.53 -4.19
CA GLU C 558 1.08 -13.22 -2.90
C GLU C 558 2.30 -12.72 -2.14
N THR C 559 2.14 -12.49 -0.83
CA THR C 559 3.25 -11.98 -0.01
C THR C 559 3.45 -12.73 1.31
N ARG C 560 2.51 -13.61 1.66
CA ARG C 560 2.52 -14.22 2.99
C ARG C 560 3.58 -15.33 3.18
N PRO C 561 3.93 -15.63 4.44
CA PRO C 561 4.81 -16.79 4.67
C PRO C 561 4.05 -18.09 4.43
N LEU C 562 4.78 -19.16 4.11
CA LEU C 562 4.17 -20.48 3.92
C LEU C 562 4.72 -21.48 4.92
N ILE C 563 3.83 -22.00 5.76
CA ILE C 563 4.18 -23.03 6.73
C ILE C 563 3.10 -24.10 6.59
N LEU C 564 3.49 -25.31 6.21
CA LEU C 564 2.52 -26.37 5.96
C LEU C 564 1.92 -26.79 7.29
N CYS C 565 0.60 -26.77 7.42
CA CYS C 565 0.00 -27.22 8.68
C CYS C 565 0.07 -28.75 8.79
N GLU C 566 0.22 -29.40 7.63
CA GLU C 566 0.43 -30.85 7.53
C GLU C 566 1.29 -31.16 6.31
N TYR C 567 2.28 -32.02 6.49
CA TYR C 567 3.09 -32.52 5.38
C TYR C 567 3.81 -33.77 5.85
N ALA C 568 4.41 -34.50 4.90
CA ALA C 568 5.18 -35.70 5.18
C ALA C 568 4.35 -36.72 5.98
N HIS C 569 3.33 -37.26 5.31
CA HIS C 569 2.40 -38.19 5.93
C HIS C 569 3.15 -39.48 6.32
N ALA C 570 3.30 -39.70 7.62
CA ALA C 570 4.21 -40.72 8.13
C ALA C 570 3.53 -42.07 8.42
N MET C 571 2.65 -42.48 7.52
CA MET C 571 1.89 -43.72 7.68
C MET C 571 2.72 -44.94 7.30
N GLY C 572 2.98 -45.77 8.32
CA GLY C 572 3.78 -46.97 8.13
C GLY C 572 5.16 -46.64 7.62
N ASN C 573 5.61 -47.38 6.61
CA ASN C 573 6.92 -47.18 6.01
C ASN C 573 6.88 -45.96 5.09
N SER C 574 7.24 -44.80 5.63
CA SER C 574 7.03 -43.53 4.94
C SER C 574 8.13 -42.49 5.26
N LEU C 575 7.87 -41.23 4.95
CA LEU C 575 8.86 -40.13 4.99
C LEU C 575 9.86 -40.17 3.85
N GLY C 576 9.48 -40.83 2.76
CA GLY C 576 10.24 -40.75 1.52
C GLY C 576 10.14 -39.32 1.02
N GLY C 577 11.29 -38.74 0.69
CA GLY C 577 11.34 -37.37 0.17
C GLY C 577 11.32 -36.30 1.25
N PHE C 578 11.50 -36.69 2.51
CA PHE C 578 11.51 -35.73 3.61
C PHE C 578 12.64 -34.71 3.45
N ALA C 579 13.80 -35.18 3.00
CA ALA C 579 14.96 -34.31 2.74
C ALA C 579 14.67 -33.18 1.74
N LYS C 580 13.82 -33.47 0.75
CA LYS C 580 13.45 -32.50 -0.26
C LYS C 580 12.72 -31.29 0.32
N TYR C 581 11.87 -31.52 1.31
CA TYR C 581 11.19 -30.43 2.00
C TYR C 581 12.20 -29.54 2.71
N TRP C 582 13.13 -30.15 3.43
CA TRP C 582 14.10 -29.41 4.24
C TRP C 582 15.10 -28.61 3.42
N GLN C 583 15.52 -29.13 2.28
CA GLN C 583 16.36 -28.35 1.36
C GLN C 583 15.63 -27.06 0.92
N ALA C 584 14.35 -27.19 0.59
CA ALA C 584 13.52 -26.05 0.16
C ALA C 584 13.31 -25.06 1.30
N PHE C 585 13.01 -25.57 2.49
CA PHE C 585 12.84 -24.73 3.68
C PHE C 585 14.08 -23.89 3.91
N ARG C 586 15.27 -24.48 3.76
CA ARG C 586 16.49 -23.74 3.99
C ARG C 586 16.81 -22.71 2.89
N GLN C 587 16.43 -23.03 1.66
CA GLN C 587 16.79 -22.17 0.54
C GLN C 587 15.91 -20.91 0.45
N TYR C 588 14.62 -21.08 0.77
CA TYR C 588 13.62 -20.03 0.58
C TYR C 588 13.26 -19.38 1.90
N PRO C 589 13.61 -18.09 2.08
CA PRO C 589 13.26 -17.43 3.34
C PRO C 589 11.79 -17.56 3.74
N ARG C 590 10.86 -17.40 2.79
CA ARG C 590 9.43 -17.43 3.12
C ARG C 590 8.81 -18.84 3.28
N LEU C 591 9.58 -19.88 2.95
CA LEU C 591 9.20 -21.24 3.32
C LEU C 591 9.72 -21.49 4.73
N GLN C 592 8.84 -21.33 5.72
CA GLN C 592 9.30 -21.35 7.10
C GLN C 592 8.98 -22.65 7.84
N GLY C 593 8.81 -23.72 7.07
CA GLY C 593 8.74 -25.08 7.62
C GLY C 593 7.36 -25.69 7.56
N GLY C 594 7.06 -26.53 8.55
CA GLY C 594 5.77 -27.20 8.60
C GLY C 594 5.61 -28.14 9.77
N PHE C 595 4.41 -28.73 9.86
CA PHE C 595 4.07 -29.68 10.90
C PHE C 595 3.84 -31.07 10.29
N VAL C 596 4.72 -32.01 10.62
CA VAL C 596 4.61 -33.40 10.13
C VAL C 596 3.30 -34.04 10.59
N TRP C 597 2.66 -34.81 9.71
CA TRP C 597 1.52 -35.63 10.11
C TRP C 597 1.90 -37.10 10.20
N ASP C 598 1.96 -37.67 11.41
CA ASP C 598 1.80 -36.94 12.67
C ASP C 598 2.68 -37.58 13.76
N TRP C 599 2.43 -37.26 15.03
CA TRP C 599 3.34 -37.71 16.08
C TRP C 599 3.23 -39.20 16.42
N VAL C 600 2.02 -39.64 16.77
CA VAL C 600 1.85 -40.96 17.35
C VAL C 600 0.73 -41.77 16.69
N ASP C 601 1.04 -42.99 16.28
CA ASP C 601 0.05 -43.96 15.79
C ASP C 601 -1.16 -44.00 16.74
N GLN C 602 -2.37 -43.85 16.19
CA GLN C 602 -3.59 -44.03 16.99
C GLN C 602 -4.02 -45.49 17.05
N SER C 603 -3.11 -46.38 17.45
CA SER C 603 -3.51 -47.78 17.67
C SER C 603 -3.98 -47.98 19.11
N LEU C 604 -4.88 -48.94 19.31
CA LEU C 604 -5.40 -49.24 20.65
C LEU C 604 -5.09 -50.67 21.07
N ILE C 605 -4.95 -50.90 22.37
CA ILE C 605 -4.68 -52.23 22.90
C ILE C 605 -5.94 -53.11 22.97
N LYS C 606 -5.88 -54.26 22.31
CA LYS C 606 -6.84 -55.36 22.54
C LYS C 606 -6.08 -56.56 23.08
N TYR C 607 -6.81 -57.54 23.62
CA TYR C 607 -6.17 -58.72 24.22
C TYR C 607 -6.62 -60.01 23.55
N ASP C 608 -5.66 -60.87 23.17
CA ASP C 608 -5.98 -62.16 22.55
C ASP C 608 -6.37 -63.21 23.61
N GLU C 609 -6.58 -64.45 23.18
CA GLU C 609 -7.07 -65.50 24.10
C GLU C 609 -6.08 -65.83 25.24
N ASN C 610 -4.79 -65.76 24.94
CA ASN C 610 -3.74 -65.84 25.97
C ASN C 610 -3.71 -64.63 26.90
N GLY C 611 -4.56 -63.65 26.62
CA GLY C 611 -4.56 -62.37 27.34
C GLY C 611 -3.42 -61.46 26.91
N ASN C 612 -2.80 -61.78 25.78
CA ASN C 612 -1.67 -60.99 25.27
C ASN C 612 -2.15 -59.74 24.54
N PRO C 613 -1.58 -58.57 24.91
CA PRO C 613 -1.96 -57.32 24.26
C PRO C 613 -1.48 -57.28 22.80
N TRP C 614 -2.33 -56.78 21.91
CA TRP C 614 -1.91 -56.49 20.53
C TRP C 614 -2.43 -55.14 20.06
N SER C 615 -1.76 -54.58 19.05
CA SER C 615 -2.12 -53.26 18.52
C SER C 615 -3.24 -53.35 17.50
N ALA C 616 -4.34 -52.68 17.80
CA ALA C 616 -5.56 -52.75 17.01
C ALA C 616 -5.85 -51.44 16.28
N TYR C 617 -6.51 -51.54 15.13
CA TYR C 617 -6.90 -50.35 14.37
C TYR C 617 -8.37 -50.40 13.96
N GLY C 618 -8.76 -49.52 13.04
CA GLY C 618 -10.16 -49.43 12.60
C GLY C 618 -10.74 -50.78 12.20
N GLY C 619 -11.96 -51.06 12.65
CA GLY C 619 -12.61 -52.33 12.36
C GLY C 619 -12.43 -53.40 13.42
N ASP C 620 -11.32 -53.32 14.16
CA ASP C 620 -10.97 -54.34 15.15
C ASP C 620 -11.88 -54.39 16.39
N PHE C 621 -12.82 -53.45 16.47
CA PHE C 621 -13.79 -53.43 17.57
C PHE C 621 -15.21 -53.72 17.10
N GLY C 622 -15.33 -54.16 15.84
CA GLY C 622 -16.63 -54.38 15.21
C GLY C 622 -17.22 -53.07 14.72
N ASP C 623 -16.43 -52.00 14.83
CA ASP C 623 -16.82 -50.68 14.33
C ASP C 623 -16.91 -50.69 12.81
N THR C 624 -18.08 -50.32 12.30
CA THR C 624 -18.35 -50.35 10.87
C THR C 624 -19.43 -49.33 10.51
N PRO C 625 -19.21 -48.53 9.44
CA PRO C 625 -18.00 -48.49 8.60
C PRO C 625 -16.77 -47.97 9.36
N ASN C 626 -15.59 -48.29 8.85
CA ASN C 626 -14.34 -47.85 9.46
C ASN C 626 -13.30 -47.56 8.39
N ASP C 627 -12.21 -46.91 8.76
CA ASP C 627 -11.14 -46.62 7.80
C ASP C 627 -9.82 -47.33 8.10
N ARG C 628 -9.92 -48.44 8.85
CA ARG C 628 -8.84 -49.40 8.99
C ARG C 628 -7.58 -48.81 9.60
N GLN C 629 -6.44 -49.04 8.94
CA GLN C 629 -5.15 -48.63 9.47
C GLN C 629 -4.85 -47.15 9.26
N PHE C 630 -5.82 -46.41 8.71
CA PHE C 630 -5.60 -44.98 8.43
C PHE C 630 -5.48 -44.06 9.66
N CYS C 631 -5.78 -44.61 10.84
CA CYS C 631 -5.56 -43.93 12.11
C CYS C 631 -4.10 -44.03 12.57
N MET C 632 -3.27 -44.76 11.81
CA MET C 632 -1.86 -44.95 12.18
C MET C 632 -0.94 -44.23 11.21
N ASN C 633 -0.53 -43.02 11.60
CA ASN C 633 0.23 -42.10 10.74
C ASN C 633 1.44 -41.52 11.47
N GLY C 634 1.80 -42.12 12.60
CA GLY C 634 2.79 -41.52 13.51
C GLY C 634 4.25 -41.77 13.24
N LEU C 635 5.10 -40.88 13.75
CA LEU C 635 6.55 -41.08 13.75
C LEU C 635 6.96 -42.05 14.85
N VAL C 636 6.08 -42.22 15.84
CA VAL C 636 6.28 -43.22 16.89
C VAL C 636 5.07 -44.14 16.97
N PHE C 637 5.31 -45.36 17.46
CA PHE C 637 4.24 -46.30 17.79
C PHE C 637 3.45 -45.74 18.97
N ALA C 638 2.26 -46.29 19.23
CA ALA C 638 1.40 -45.80 20.31
C ALA C 638 2.09 -45.79 21.68
N ASP C 639 3.02 -46.72 21.91
CA ASP C 639 3.76 -46.79 23.18
C ASP C 639 5.01 -45.92 23.16
N ARG C 640 5.16 -45.14 22.08
CA ARG C 640 6.20 -44.12 21.96
C ARG C 640 7.57 -44.65 21.54
N THR C 641 7.64 -45.94 21.20
CA THR C 641 8.81 -46.50 20.52
C THR C 641 8.89 -45.85 19.13
N PRO C 642 10.10 -45.39 18.72
CA PRO C 642 10.19 -44.72 17.43
C PRO C 642 10.03 -45.64 16.22
N HIS C 643 9.38 -45.14 15.16
CA HIS C 643 9.45 -45.70 13.82
C HIS C 643 10.82 -45.29 13.26
N PRO C 644 11.33 -46.01 12.25
CA PRO C 644 12.59 -45.58 11.62
C PRO C 644 12.56 -44.16 11.05
N ALA C 645 11.39 -43.71 10.60
CA ALA C 645 11.23 -42.34 10.07
C ALA C 645 11.65 -41.23 11.03
N LEU C 646 11.49 -41.45 12.34
CA LEU C 646 11.86 -40.46 13.35
C LEU C 646 13.31 -39.97 13.24
N THR C 647 14.24 -40.88 12.97
CA THR C 647 15.64 -40.52 12.79
C THR C 647 15.90 -39.67 11.53
N GLU C 648 15.15 -39.95 10.46
CA GLU C 648 15.22 -39.12 9.24
C GLU C 648 14.80 -37.68 9.55
N ALA C 649 13.76 -37.55 10.38
CA ALA C 649 13.26 -36.25 10.82
C ALA C 649 14.29 -35.51 11.67
N LYS C 650 14.87 -36.21 12.64
CA LYS C 650 15.89 -35.63 13.52
C LYS C 650 17.05 -35.05 12.72
N HIS C 651 17.58 -35.85 11.80
CA HIS C 651 18.69 -35.46 10.95
C HIS C 651 18.36 -34.23 10.11
N GLN C 652 17.24 -34.27 9.38
CA GLN C 652 16.84 -33.15 8.54
C GLN C 652 16.52 -31.87 9.30
N GLN C 653 16.12 -32.01 10.56
CA GLN C 653 15.73 -30.88 11.39
C GLN C 653 16.89 -30.39 12.28
N GLN C 654 18.10 -30.87 11.99
CA GLN C 654 19.30 -30.48 12.72
C GLN C 654 19.49 -28.97 12.71
N PHE C 655 20.01 -28.45 13.81
CA PHE C 655 20.18 -27.01 13.99
C PHE C 655 21.58 -26.55 13.62
N PHE C 656 22.42 -27.49 13.19
CA PHE C 656 23.76 -27.17 12.72
C PHE C 656 23.96 -27.71 11.32
N GLN C 657 24.48 -26.86 10.44
CA GLN C 657 24.76 -27.22 9.06
C GLN C 657 26.27 -27.33 8.87
N PHE C 658 26.69 -28.21 7.96
CA PHE C 658 28.12 -28.49 7.78
C PHE C 658 28.53 -28.43 6.33
N ARG C 659 29.73 -27.90 6.10
CA ARG C 659 30.38 -27.98 4.80
C ARG C 659 31.83 -28.39 4.98
N LEU C 660 32.34 -29.14 4.00
CA LEU C 660 33.74 -29.57 3.97
C LEU C 660 34.48 -28.95 2.79
N SER C 661 35.65 -28.39 3.08
CA SER C 661 36.53 -27.86 2.05
C SER C 661 37.97 -28.20 2.42
N GLY C 662 38.54 -29.16 1.69
CA GLY C 662 39.89 -29.65 1.97
C GLY C 662 39.94 -30.36 3.31
N GLN C 663 40.58 -29.71 4.27
CA GLN C 663 40.65 -30.23 5.64
C GLN C 663 39.86 -29.36 6.61
N THR C 664 39.07 -28.43 6.06
CA THR C 664 38.31 -27.50 6.88
C THR C 664 36.83 -27.85 6.92
N ILE C 665 36.33 -28.04 8.14
CA ILE C 665 34.90 -28.18 8.38
C ILE C 665 34.35 -26.83 8.79
N GLU C 666 33.31 -26.39 8.08
CA GLU C 666 32.58 -25.17 8.42
C GLU C 666 31.27 -25.55 9.09
N VAL C 667 31.09 -25.11 10.33
CA VAL C 667 29.86 -25.36 11.07
C VAL C 667 29.04 -24.07 11.06
N THR C 668 27.80 -24.17 10.59
CA THR C 668 26.87 -23.04 10.60
C THR C 668 25.74 -23.32 11.59
N SER C 669 25.47 -22.36 12.47
CA SER C 669 24.39 -22.49 13.43
C SER C 669 23.07 -21.98 12.86
N GLU C 670 21.99 -22.74 13.07
CA GLU C 670 20.67 -22.30 12.66
C GLU C 670 19.83 -21.85 13.85
N TYR C 671 20.47 -21.74 15.01
CA TYR C 671 19.85 -21.11 16.16
C TYR C 671 19.69 -19.63 15.93
N LEU C 672 18.59 -19.08 16.45
CA LEU C 672 18.30 -17.66 16.31
C LEU C 672 18.75 -16.86 17.52
N PHE C 673 18.76 -17.50 18.68
CA PHE C 673 18.98 -16.78 19.93
C PHE C 673 20.14 -17.29 20.79
N ARG C 674 20.38 -18.59 20.79
CA ARG C 674 21.40 -19.14 21.68
C ARG C 674 22.75 -19.36 21.01
N HIS C 675 23.82 -19.14 21.78
CA HIS C 675 25.16 -19.59 21.42
C HIS C 675 25.26 -21.10 21.65
N SER C 676 26.26 -21.74 21.03
CA SER C 676 26.43 -23.18 21.19
C SER C 676 27.19 -23.52 22.48
N ASP C 677 26.56 -23.23 23.62
CA ASP C 677 27.20 -23.37 24.94
C ASP C 677 27.00 -24.74 25.62
N ASN C 678 26.51 -25.72 24.87
CA ASN C 678 26.43 -27.09 25.36
C ASN C 678 26.64 -28.04 24.19
N GLU C 679 27.75 -27.84 23.47
CA GLU C 679 28.00 -28.55 22.23
C GLU C 679 29.50 -28.78 22.04
N LEU C 680 29.85 -29.98 21.61
CA LEU C 680 31.18 -30.23 21.07
C LEU C 680 31.07 -31.10 19.81
N LEU C 681 31.99 -30.89 18.88
CA LEU C 681 32.02 -31.66 17.65
C LEU C 681 32.98 -32.86 17.77
N HIS C 682 32.42 -34.07 17.68
CA HIS C 682 33.20 -35.29 17.56
C HIS C 682 33.43 -35.53 16.07
N TRP C 683 34.65 -35.90 15.69
CA TRP C 683 34.91 -36.28 14.32
C TRP C 683 35.66 -37.60 14.27
N MET C 684 35.40 -38.40 13.24
CA MET C 684 36.08 -39.67 13.06
C MET C 684 36.25 -40.01 11.60
N VAL C 685 37.45 -40.48 11.25
CA VAL C 685 37.75 -40.97 9.90
C VAL C 685 37.94 -42.49 9.97
N ALA C 686 37.26 -43.20 9.09
CA ALA C 686 37.34 -44.66 9.03
C ALA C 686 37.49 -45.14 7.59
N LEU C 687 38.31 -46.18 7.41
CA LEU C 687 38.49 -46.83 6.13
C LEU C 687 37.57 -48.06 6.12
N ASP C 688 36.58 -48.05 5.22
CA ASP C 688 35.56 -49.12 5.19
C ASP C 688 35.19 -49.62 6.60
N GLY C 689 34.82 -48.72 7.50
CA GLY C 689 34.38 -49.09 8.86
C GLY C 689 35.47 -49.24 9.90
N LYS C 690 36.73 -49.32 9.45
CA LYS C 690 37.87 -49.48 10.37
C LYS C 690 38.38 -48.10 10.80
N PRO C 691 38.26 -47.78 12.10
CA PRO C 691 38.66 -46.47 12.62
C PRO C 691 40.13 -46.16 12.34
N LEU C 692 40.40 -44.97 11.80
CA LEU C 692 41.74 -44.56 11.47
C LEU C 692 42.21 -43.44 12.39
N ALA C 693 41.37 -42.42 12.55
CA ALA C 693 41.66 -41.27 13.41
C ALA C 693 40.36 -40.63 13.89
N SER C 694 40.41 -40.02 15.08
CA SER C 694 39.24 -39.33 15.64
C SER C 694 39.67 -38.25 16.62
N GLY C 695 38.74 -37.34 16.93
CA GLY C 695 39.01 -36.25 17.86
C GLY C 695 37.79 -35.43 18.24
N GLU C 696 38.03 -34.44 19.09
CA GLU C 696 36.98 -33.59 19.64
C GLU C 696 37.37 -32.13 19.51
N VAL C 697 36.40 -31.28 19.21
CA VAL C 697 36.60 -29.84 19.15
C VAL C 697 35.39 -29.17 19.83
N PRO C 698 35.65 -28.21 20.73
CA PRO C 698 34.58 -27.40 21.30
C PRO C 698 33.88 -26.56 20.23
N LEU C 699 32.55 -26.52 20.27
CA LEU C 699 31.79 -25.64 19.38
C LEU C 699 31.49 -24.31 20.06
N ASP C 700 31.85 -23.22 19.39
CA ASP C 700 31.66 -21.87 19.90
C ASP C 700 31.09 -21.02 18.76
N VAL C 701 29.82 -21.24 18.45
CA VAL C 701 29.16 -20.62 17.31
C VAL C 701 28.00 -19.74 17.78
N ALA C 702 28.01 -18.48 17.34
CA ALA C 702 26.93 -17.54 17.62
C ALA C 702 25.67 -17.96 16.87
N PRO C 703 24.49 -17.53 17.37
CA PRO C 703 23.28 -17.76 16.59
C PRO C 703 23.47 -17.26 15.15
N GLN C 704 23.13 -18.11 14.19
CA GLN C 704 23.29 -17.83 12.76
C GLN C 704 24.75 -17.63 12.30
N GLY C 705 25.70 -17.88 13.20
CA GLY C 705 27.12 -17.66 12.92
C GLY C 705 27.84 -18.87 12.35
N LYS C 706 29.15 -18.73 12.16
CA LYS C 706 29.98 -19.79 11.58
C LYS C 706 31.22 -20.07 12.41
N GLN C 707 31.69 -21.32 12.34
CA GLN C 707 32.95 -21.71 12.95
C GLN C 707 33.73 -22.60 11.97
N LEU C 708 35.00 -22.27 11.79
CA LEU C 708 35.88 -23.06 10.93
C LEU C 708 36.73 -23.98 11.77
N ILE C 709 36.69 -25.26 11.45
CA ILE C 709 37.45 -26.28 12.17
C ILE C 709 38.46 -26.94 11.23
N GLU C 710 39.74 -26.77 11.53
CA GLU C 710 40.82 -27.37 10.77
C GLU C 710 41.08 -28.77 11.30
N LEU C 711 40.80 -29.79 10.48
CA LEU C 711 41.15 -31.16 10.82
C LEU C 711 42.67 -31.33 10.69
N PRO C 712 43.29 -32.03 11.65
CA PRO C 712 44.74 -32.26 11.58
C PRO C 712 45.10 -33.19 10.43
N GLU C 713 46.38 -33.20 10.04
CA GLU C 713 46.86 -34.09 8.99
C GLU C 713 46.62 -35.54 9.40
N LEU C 714 45.91 -36.27 8.56
CA LEU C 714 45.54 -37.65 8.84
C LEU C 714 46.58 -38.60 8.27
N PRO C 715 46.98 -39.63 9.05
CA PRO C 715 47.85 -40.68 8.49
C PRO C 715 47.18 -41.34 7.29
N GLN C 716 47.97 -41.62 6.26
CA GLN C 716 47.43 -42.23 5.05
C GLN C 716 47.19 -43.72 5.23
N PRO C 717 46.05 -44.22 4.71
CA PRO C 717 45.66 -45.61 4.91
C PRO C 717 46.60 -46.59 4.21
N GLU C 718 46.79 -47.76 4.81
CA GLU C 718 47.60 -48.80 4.21
C GLU C 718 46.87 -49.43 3.02
N SER C 719 45.71 -50.03 3.31
CA SER C 719 44.96 -50.78 2.32
C SER C 719 44.03 -49.94 1.44
N ALA C 720 43.57 -50.54 0.35
CA ALA C 720 42.59 -49.94 -0.54
C ALA C 720 41.24 -49.76 0.16
N GLY C 721 40.40 -48.91 -0.40
CA GLY C 721 39.06 -48.68 0.15
C GLY C 721 38.69 -47.22 0.19
N GLN C 722 37.51 -46.95 0.74
CA GLN C 722 37.00 -45.59 0.84
C GLN C 722 37.09 -45.06 2.27
N LEU C 723 37.78 -43.94 2.44
CA LEU C 723 37.79 -43.24 3.72
C LEU C 723 36.51 -42.44 3.87
N TRP C 724 35.90 -42.50 5.06
CA TRP C 724 34.69 -41.76 5.38
C TRP C 724 34.92 -40.90 6.62
N LEU C 725 34.49 -39.63 6.52
CA LEU C 725 34.50 -38.71 7.64
C LEU C 725 33.10 -38.61 8.24
N THR C 726 32.99 -38.87 9.53
CA THR C 726 31.74 -38.69 10.27
C THR C 726 31.94 -37.63 11.35
N VAL C 727 31.10 -36.60 11.33
CA VAL C 727 31.04 -35.63 12.42
C VAL C 727 29.74 -35.77 13.19
N ARG C 728 29.81 -35.63 14.50
CA ARG C 728 28.63 -35.65 15.38
C ARG C 728 28.71 -34.50 16.38
N VAL C 729 27.59 -33.80 16.59
CA VAL C 729 27.50 -32.78 17.62
C VAL C 729 26.97 -33.45 18.88
N VAL C 730 27.73 -33.34 19.96
CA VAL C 730 27.40 -33.95 21.23
C VAL C 730 27.20 -32.88 22.29
N GLN C 731 26.13 -33.01 23.08
CA GLN C 731 25.90 -32.12 24.20
C GLN C 731 26.44 -32.80 25.45
N PRO C 732 27.56 -32.28 26.01
CA PRO C 732 28.19 -32.90 27.18
C PRO C 732 27.34 -32.84 28.44
N ASN C 733 26.56 -31.78 28.60
CA ASN C 733 25.76 -31.61 29.82
C ASN C 733 24.29 -31.98 29.63
N ALA C 734 23.71 -32.55 30.68
CA ALA C 734 22.27 -32.82 30.71
C ALA C 734 21.51 -31.50 30.72
N THR C 735 20.28 -31.53 30.20
CA THR C 735 19.38 -30.38 30.20
C THR C 735 18.04 -30.86 30.76
N ALA C 736 17.05 -29.98 30.78
CA ALA C 736 15.68 -30.35 31.13
C ALA C 736 15.08 -31.40 30.18
N TRP C 737 15.55 -31.42 28.93
CA TRP C 737 14.93 -32.25 27.89
C TRP C 737 15.85 -33.36 27.36
N SER C 738 17.09 -33.42 27.84
CA SER C 738 18.08 -34.36 27.30
C SER C 738 19.15 -34.84 28.30
N GLU C 739 19.65 -36.06 28.07
CA GLU C 739 20.71 -36.66 28.88
C GLU C 739 22.08 -36.13 28.46
N ALA C 740 23.05 -36.22 29.37
CA ALA C 740 24.45 -35.93 29.04
C ALA C 740 24.90 -36.84 27.92
N GLY C 741 25.64 -36.29 26.96
CA GLY C 741 26.09 -37.06 25.81
C GLY C 741 25.11 -37.12 24.64
N HIS C 742 23.97 -36.46 24.76
CA HIS C 742 22.97 -36.42 23.69
C HIS C 742 23.58 -35.99 22.35
N ILE C 743 23.32 -36.77 21.28
CA ILE C 743 23.76 -36.40 19.93
C ILE C 743 22.62 -35.66 19.22
N SER C 744 22.90 -34.42 18.80
CA SER C 744 21.87 -33.54 18.24
C SER C 744 21.98 -33.36 16.72
N ALA C 745 23.13 -33.73 16.15
CA ALA C 745 23.42 -33.51 14.74
C ALA C 745 24.59 -34.36 14.28
N TRP C 746 24.52 -34.81 13.03
CA TRP C 746 25.61 -35.54 12.40
C TRP C 746 25.67 -35.30 10.89
N GLN C 747 26.79 -35.68 10.28
CA GLN C 747 26.99 -35.54 8.84
C GLN C 747 28.17 -36.42 8.43
N GLN C 748 28.16 -36.87 7.18
CA GLN C 748 29.21 -37.73 6.64
C GLN C 748 29.69 -37.22 5.28
N TRP C 749 30.98 -37.44 5.00
CA TRP C 749 31.54 -37.18 3.68
C TRP C 749 32.49 -38.31 3.31
N ARG C 750 32.56 -38.60 2.02
CA ARG C 750 33.63 -39.44 1.46
C ARG C 750 34.89 -38.59 1.35
N LEU C 751 36.00 -39.11 1.86
CA LEU C 751 37.30 -38.46 1.66
C LEU C 751 38.01 -39.17 0.52
N ALA C 752 39.30 -39.45 0.68
CA ALA C 752 40.07 -40.16 -0.36
C ALA C 752 39.61 -41.60 -0.53
N GLU C 753 39.64 -42.08 -1.76
CA GLU C 753 39.40 -43.48 -2.07
C GLU C 753 40.63 -44.04 -2.78
N ASN C 754 41.07 -45.22 -2.34
CA ASN C 754 42.11 -45.96 -3.04
C ASN C 754 41.49 -47.20 -3.66
N LEU C 755 41.33 -47.18 -4.98
CA LEU C 755 40.77 -48.32 -5.69
C LEU C 755 41.73 -49.50 -5.62
N SER C 756 41.18 -50.70 -5.47
CA SER C 756 41.98 -51.91 -5.36
C SER C 756 42.45 -52.34 -6.76
N VAL C 757 43.77 -52.39 -6.95
CA VAL C 757 44.33 -52.85 -8.23
C VAL C 757 45.12 -54.16 -8.11
N THR C 758 45.41 -54.58 -6.88
CA THR C 758 46.18 -55.79 -6.65
C THR C 758 45.30 -57.01 -6.83
N LEU C 759 45.64 -57.82 -7.83
CA LEU C 759 44.90 -59.04 -8.15
C LEU C 759 45.07 -60.09 -7.05
N PRO C 760 43.97 -60.80 -6.70
CA PRO C 760 44.04 -61.86 -5.69
C PRO C 760 44.96 -63.00 -6.12
N ALA C 761 45.66 -63.61 -5.17
CA ALA C 761 46.53 -64.75 -5.45
C ALA C 761 45.70 -65.95 -5.95
N ALA C 762 46.09 -66.48 -7.10
CA ALA C 762 45.35 -67.57 -7.76
C ALA C 762 45.26 -68.84 -6.92
N SER C 763 44.04 -69.22 -6.54
CA SER C 763 43.78 -70.41 -5.74
C SER C 763 44.10 -71.70 -6.50
N HIS C 764 44.57 -72.70 -5.78
CA HIS C 764 45.06 -73.94 -6.38
C HIS C 764 43.94 -74.87 -6.83
N ALA C 765 42.83 -74.85 -6.11
CA ALA C 765 41.68 -75.70 -6.42
C ALA C 765 40.94 -75.25 -7.68
N ILE C 766 40.36 -76.22 -8.40
CA ILE C 766 39.55 -75.93 -9.59
C ILE C 766 38.20 -76.65 -9.48
N PRO C 767 37.09 -75.89 -9.62
CA PRO C 767 35.74 -76.48 -9.53
C PRO C 767 35.43 -77.43 -10.68
N HIS C 768 34.71 -78.50 -10.36
CA HIS C 768 34.30 -79.49 -11.37
C HIS C 768 32.82 -79.32 -11.71
N LEU C 769 32.49 -79.50 -12.98
CA LEU C 769 31.10 -79.47 -13.44
C LEU C 769 30.54 -80.88 -13.67
N THR C 770 29.50 -81.22 -12.91
CA THR C 770 28.77 -82.47 -13.09
C THR C 770 27.46 -82.19 -13.81
N THR C 771 27.29 -82.79 -14.98
CA THR C 771 26.10 -82.56 -15.78
C THR C 771 25.17 -83.75 -15.76
N SER C 772 23.93 -83.50 -15.33
CA SER C 772 22.85 -84.47 -15.48
C SER C 772 21.76 -83.83 -16.34
N GLU C 773 20.72 -84.60 -16.67
CA GLU C 773 19.64 -84.10 -17.50
C GLU C 773 18.86 -82.98 -16.80
N MET C 774 18.68 -83.12 -15.49
CA MET C 774 17.88 -82.18 -14.71
C MET C 774 18.69 -81.10 -13.99
N ASP C 775 20.01 -81.32 -13.85
CA ASP C 775 20.83 -80.45 -13.01
C ASP C 775 22.24 -80.20 -13.54
N PHE C 776 22.70 -78.96 -13.37
CA PHE C 776 24.11 -78.63 -13.46
C PHE C 776 24.61 -78.53 -12.03
N CYS C 777 25.55 -79.41 -11.66
CA CYS C 777 26.13 -79.38 -10.32
C CYS C 777 27.59 -78.98 -10.39
N ILE C 778 28.00 -78.16 -9.42
CA ILE C 778 29.38 -77.70 -9.35
C ILE C 778 29.95 -78.08 -8.00
N GLU C 779 31.12 -78.70 -8.03
CA GLU C 779 31.75 -79.19 -6.80
C GLU C 779 33.12 -78.57 -6.60
N LEU C 780 33.41 -78.21 -5.36
CA LEU C 780 34.72 -77.75 -4.95
C LEU C 780 34.91 -78.16 -3.50
N GLY C 781 35.70 -79.22 -3.29
CA GLY C 781 35.98 -79.73 -1.95
C GLY C 781 34.75 -80.18 -1.18
N ASN C 782 34.47 -79.51 -0.07
CA ASN C 782 33.26 -79.76 0.71
C ASN C 782 32.13 -78.77 0.38
N LYS C 783 32.03 -78.41 -0.90
CA LYS C 783 31.04 -77.42 -1.34
C LYS C 783 30.39 -77.82 -2.66
N ARG C 784 29.06 -77.69 -2.69
CA ARG C 784 28.29 -78.02 -3.89
C ARG C 784 27.24 -76.96 -4.20
N TRP C 785 27.15 -76.61 -5.47
CA TRP C 785 26.11 -75.74 -5.99
C TRP C 785 25.27 -76.55 -6.96
N GLN C 786 23.95 -76.50 -6.80
CA GLN C 786 23.04 -77.22 -7.69
C GLN C 786 22.15 -76.26 -8.46
N PHE C 787 22.26 -76.30 -9.78
CA PHE C 787 21.43 -75.50 -10.66
C PHE C 787 20.41 -76.39 -11.36
N ASN C 788 19.14 -76.14 -11.08
CA ASN C 788 18.05 -76.87 -11.69
C ASN C 788 17.87 -76.44 -13.15
N ARG C 789 17.98 -77.41 -14.07
CA ARG C 789 17.92 -77.15 -15.52
C ARG C 789 16.50 -76.97 -16.09
N GLN C 790 15.50 -77.35 -15.31
CA GLN C 790 14.12 -77.11 -15.69
C GLN C 790 13.69 -75.70 -15.28
N SER C 791 14.06 -75.31 -14.06
CA SER C 791 13.70 -73.99 -13.52
C SER C 791 14.68 -72.89 -13.93
N GLY C 792 15.97 -73.23 -14.03
CA GLY C 792 17.01 -72.26 -14.38
C GLY C 792 17.55 -71.51 -13.18
N PHE C 793 17.21 -71.98 -11.98
CA PHE C 793 17.70 -71.33 -10.75
C PHE C 793 18.65 -72.21 -9.95
N LEU C 794 19.44 -71.56 -9.09
CA LEU C 794 20.20 -72.23 -8.05
C LEU C 794 19.21 -72.74 -7.01
N SER C 795 19.03 -74.06 -6.97
CA SER C 795 18.00 -74.67 -6.13
C SER C 795 18.53 -75.11 -4.78
N GLN C 796 19.81 -75.48 -4.74
CA GLN C 796 20.44 -75.86 -3.48
C GLN C 796 21.94 -75.57 -3.44
N MET C 797 22.44 -75.38 -2.22
CA MET C 797 23.88 -75.31 -1.96
C MET C 797 24.21 -76.15 -0.75
N TRP C 798 25.35 -76.83 -0.79
CA TRP C 798 25.80 -77.64 0.32
C TRP C 798 27.17 -77.20 0.81
N ILE C 799 27.36 -77.24 2.13
CA ILE C 799 28.67 -77.22 2.74
C ILE C 799 28.75 -78.54 3.50
N GLY C 800 29.45 -79.50 2.91
CA GLY C 800 29.43 -80.88 3.39
C GLY C 800 28.09 -81.51 3.06
N ASP C 801 27.40 -82.01 4.08
CA ASP C 801 26.09 -82.62 3.92
C ASP C 801 24.93 -81.70 4.34
N LYS C 802 25.27 -80.52 4.86
CA LYS C 802 24.26 -79.55 5.30
C LYS C 802 23.75 -78.69 4.13
N LYS C 803 22.43 -78.70 3.95
CA LYS C 803 21.75 -77.85 2.96
C LYS C 803 21.74 -76.38 3.41
N GLN C 804 21.85 -75.47 2.46
CA GLN C 804 21.87 -74.03 2.77
C GLN C 804 20.55 -73.29 2.45
N LEU C 805 19.79 -73.84 1.50
CA LEU C 805 18.56 -73.21 1.00
C LEU C 805 17.29 -74.03 1.28
N LEU C 806 16.22 -73.31 1.60
CA LEU C 806 14.88 -73.89 1.72
C LEU C 806 14.03 -73.57 0.49
N THR C 807 14.33 -72.46 -0.17
CA THR C 807 13.68 -72.04 -1.40
C THR C 807 14.80 -71.65 -2.36
N PRO C 808 14.66 -71.95 -3.67
CA PRO C 808 15.65 -71.55 -4.66
C PRO C 808 15.88 -70.04 -4.73
N LEU C 809 17.06 -69.64 -5.22
CA LEU C 809 17.40 -68.24 -5.41
C LEU C 809 16.79 -67.75 -6.72
N ARG C 810 15.87 -66.80 -6.62
CA ARG C 810 15.04 -66.38 -7.76
C ARG C 810 14.93 -64.85 -7.82
N ASP C 811 14.79 -64.30 -9.02
CA ASP C 811 14.53 -62.88 -9.16
C ASP C 811 13.23 -62.49 -8.46
N GLN C 812 13.21 -61.27 -7.94
CA GLN C 812 12.00 -60.70 -7.37
C GLN C 812 11.87 -59.25 -7.84
N PHE C 813 10.66 -58.89 -8.29
CA PHE C 813 10.38 -57.56 -8.83
C PHE C 813 9.25 -56.87 -8.09
N THR C 814 8.81 -57.49 -7.00
CA THR C 814 7.68 -57.02 -6.22
C THR C 814 8.03 -56.90 -4.75
N ARG C 815 7.26 -56.07 -4.04
CA ARG C 815 7.38 -55.99 -2.60
C ARG C 815 6.00 -56.12 -1.97
N ALA C 816 5.97 -56.58 -0.72
CA ALA C 816 4.75 -56.50 0.09
C ALA C 816 4.39 -55.02 0.22
N PRO C 817 3.21 -54.63 -0.29
CA PRO C 817 2.88 -53.21 -0.47
C PRO C 817 2.89 -52.37 0.81
N LEU C 818 3.55 -51.23 0.74
CA LEU C 818 3.56 -50.28 1.84
C LEU C 818 2.21 -49.59 1.84
N ASP C 819 1.90 -48.90 2.94
CA ASP C 819 0.68 -48.13 3.00
C ASP C 819 0.63 -47.10 1.87
N ASN C 820 1.77 -46.49 1.54
CA ASN C 820 1.87 -45.54 0.44
C ASN C 820 1.63 -46.17 -0.93
N ASP C 821 1.98 -47.45 -1.07
CA ASP C 821 1.70 -48.22 -2.30
C ASP C 821 0.19 -48.47 -2.46
N ILE C 822 -0.50 -48.71 -1.35
CA ILE C 822 -1.94 -49.02 -1.32
C ILE C 822 -2.75 -47.77 -1.64
N GLY C 823 -2.34 -46.65 -1.05
CA GLY C 823 -2.82 -45.33 -1.43
C GLY C 823 -4.32 -45.08 -1.35
N VAL C 824 -4.91 -45.39 -0.21
CA VAL C 824 -6.28 -44.97 0.09
C VAL C 824 -6.38 -44.34 1.48
N SER C 825 -7.19 -43.28 1.59
CA SER C 825 -7.45 -42.61 2.86
C SER C 825 -8.79 -43.08 3.45
N GLU C 826 -9.55 -43.80 2.63
CA GLU C 826 -10.83 -44.38 3.01
C GLU C 826 -10.89 -45.85 2.56
N ALA C 827 -11.43 -46.70 3.42
CA ALA C 827 -11.43 -48.17 3.23
C ALA C 827 -12.29 -48.69 2.08
N THR C 828 -13.28 -47.91 1.63
CA THR C 828 -14.19 -48.33 0.56
C THR C 828 -13.62 -48.09 -0.84
N ARG C 829 -12.52 -47.34 -0.92
CA ARG C 829 -11.93 -46.96 -2.21
C ARG C 829 -10.91 -47.96 -2.76
N ILE C 830 -11.23 -48.54 -3.91
CA ILE C 830 -10.30 -49.40 -4.66
C ILE C 830 -9.82 -48.59 -5.88
N ASP C 831 -8.63 -47.99 -5.72
CA ASP C 831 -8.14 -46.93 -6.60
C ASP C 831 -7.14 -47.44 -7.65
N PRO C 832 -7.52 -47.43 -8.94
CA PRO C 832 -6.68 -47.94 -10.03
C PRO C 832 -5.36 -47.19 -10.25
N ASN C 833 -5.26 -45.98 -9.71
CA ASN C 833 -4.05 -45.17 -9.85
C ASN C 833 -2.96 -45.52 -8.83
N ALA C 834 -3.35 -46.17 -7.73
CA ALA C 834 -2.39 -46.59 -6.70
C ALA C 834 -1.35 -47.57 -7.26
N TRP C 835 -0.13 -47.45 -6.77
CA TRP C 835 0.96 -48.33 -7.22
C TRP C 835 0.60 -49.81 -7.09
N VAL C 836 -0.01 -50.20 -5.97
CA VAL C 836 -0.31 -51.63 -5.76
C VAL C 836 -1.31 -52.15 -6.80
N GLU C 837 -2.29 -51.31 -7.16
CA GLU C 837 -3.29 -51.67 -8.13
C GLU C 837 -2.69 -51.75 -9.52
N ARG C 838 -1.77 -50.85 -9.84
CA ARG C 838 -1.06 -50.88 -11.12
C ARG C 838 -0.22 -52.16 -11.25
N TRP C 839 0.50 -52.50 -10.18
CA TRP C 839 1.32 -53.73 -10.18
C TRP C 839 0.44 -54.98 -10.32
N LYS C 840 -0.65 -55.02 -9.56
CA LYS C 840 -1.60 -56.12 -9.62
C LYS C 840 -2.17 -56.28 -11.02
N ALA C 841 -2.63 -55.18 -11.62
CA ALA C 841 -3.28 -55.21 -12.93
C ALA C 841 -2.32 -55.62 -14.04
N ALA C 842 -1.04 -55.30 -13.87
CA ALA C 842 -0.05 -55.66 -14.87
C ALA C 842 0.48 -57.08 -14.69
N GLY C 843 0.07 -57.74 -13.61
CA GLY C 843 0.43 -59.14 -13.37
C GLY C 843 1.74 -59.34 -12.63
N HIS C 844 2.29 -58.28 -12.04
CA HIS C 844 3.58 -58.35 -11.35
C HIS C 844 3.60 -59.41 -10.24
N TYR C 845 2.51 -59.50 -9.48
CA TYR C 845 2.43 -60.45 -8.38
C TYR C 845 2.18 -61.89 -8.84
N GLN C 846 1.63 -62.05 -10.05
CA GLN C 846 1.35 -63.36 -10.64
C GLN C 846 2.35 -63.79 -11.72
N ALA C 847 3.30 -62.93 -12.04
CA ALA C 847 4.25 -63.18 -13.14
C ALA C 847 4.93 -64.55 -13.05
N GLU C 848 4.96 -65.26 -14.18
CA GLU C 848 5.56 -66.59 -14.25
C GLU C 848 6.89 -66.59 -14.98
N ALA C 849 7.93 -67.08 -14.29
CA ALA C 849 9.26 -67.19 -14.87
C ALA C 849 9.27 -68.28 -15.93
N ALA C 850 9.57 -67.90 -17.16
CA ALA C 850 9.76 -68.85 -18.25
C ALA C 850 11.25 -68.91 -18.59
N LEU C 851 11.79 -70.12 -18.62
CA LEU C 851 13.20 -70.32 -18.90
C LEU C 851 13.49 -70.16 -20.39
N LEU C 852 14.42 -69.28 -20.72
CA LEU C 852 14.82 -69.08 -22.10
C LEU C 852 16.16 -69.74 -22.40
N GLN C 853 17.00 -69.86 -21.39
CA GLN C 853 18.34 -70.44 -21.55
C GLN C 853 18.91 -70.88 -20.21
N CYS C 854 19.57 -72.02 -20.22
CA CYS C 854 20.33 -72.52 -19.08
C CYS C 854 21.48 -73.33 -19.65
N THR C 855 22.68 -72.77 -19.61
CA THR C 855 23.86 -73.42 -20.17
C THR C 855 25.03 -73.42 -19.19
N ALA C 856 25.95 -74.36 -19.38
CA ALA C 856 27.11 -74.49 -18.51
C ALA C 856 28.40 -74.61 -19.33
N ASP C 857 29.40 -73.84 -18.95
CA ASP C 857 30.71 -73.86 -19.60
C ASP C 857 31.82 -74.06 -18.58
N THR C 858 32.90 -74.71 -19.01
CA THR C 858 34.10 -74.82 -18.19
C THR C 858 35.16 -73.85 -18.69
N LEU C 859 35.63 -73.00 -17.79
CA LEU C 859 36.74 -72.09 -18.06
C LEU C 859 38.03 -72.68 -17.51
N ALA C 860 39.14 -71.99 -17.71
CA ALA C 860 40.45 -72.46 -17.22
C ALA C 860 40.48 -72.66 -15.71
N ASP C 861 39.84 -71.76 -14.97
CA ASP C 861 39.87 -71.79 -13.51
C ASP C 861 38.49 -71.66 -12.85
N ALA C 862 37.43 -71.78 -13.65
CA ALA C 862 36.07 -71.58 -13.17
C ALA C 862 35.01 -72.33 -13.97
N VAL C 863 33.85 -72.55 -13.35
CA VAL C 863 32.65 -72.98 -14.07
C VAL C 863 31.70 -71.80 -14.22
N LEU C 864 31.20 -71.61 -15.45
CA LEU C 864 30.30 -70.53 -15.78
C LEU C 864 28.90 -71.08 -16.08
N ILE C 865 27.90 -70.61 -15.34
CA ILE C 865 26.50 -70.94 -15.63
C ILE C 865 25.78 -69.71 -16.18
N THR C 866 25.16 -69.87 -17.34
CA THR C 866 24.46 -68.77 -18.00
C THR C 866 22.96 -69.08 -18.07
N THR C 867 22.15 -68.16 -17.56
CA THR C 867 20.69 -68.30 -17.58
C THR C 867 19.97 -67.08 -18.18
N ALA C 868 18.80 -67.33 -18.76
CA ALA C 868 17.90 -66.25 -19.19
C ALA C 868 16.46 -66.64 -18.91
N HIS C 869 15.72 -65.73 -18.27
CA HIS C 869 14.32 -65.94 -17.95
C HIS C 869 13.47 -64.79 -18.47
N ALA C 870 12.23 -65.09 -18.83
CA ALA C 870 11.23 -64.06 -19.13
C ALA C 870 10.04 -64.20 -18.16
N TRP C 871 9.60 -63.08 -17.60
CA TRP C 871 8.37 -63.05 -16.80
C TRP C 871 7.24 -62.50 -17.62
N GLN C 872 6.18 -63.29 -17.71
CA GLN C 872 5.08 -62.99 -18.59
C GLN C 872 3.76 -63.08 -17.87
N HIS C 873 2.81 -62.27 -18.33
CA HIS C 873 1.45 -62.32 -17.84
C HIS C 873 0.51 -62.13 -19.01
N GLN C 874 -0.35 -63.13 -19.24
CA GLN C 874 -1.31 -63.13 -20.34
C GLN C 874 -0.71 -62.70 -21.67
N GLY C 875 0.41 -63.33 -22.04
CA GLY C 875 1.07 -63.06 -23.32
C GLY C 875 2.07 -61.92 -23.33
N LYS C 876 2.09 -61.12 -22.26
CA LYS C 876 2.93 -59.92 -22.19
C LYS C 876 4.21 -60.17 -21.38
N THR C 877 5.36 -59.97 -22.01
CA THR C 877 6.66 -60.09 -21.33
C THR C 877 6.94 -58.82 -20.52
N LEU C 878 6.97 -58.97 -19.21
CA LEU C 878 7.15 -57.86 -18.29
C LEU C 878 8.63 -57.58 -18.06
N PHE C 879 9.37 -58.64 -17.73
CA PHE C 879 10.78 -58.57 -17.38
C PHE C 879 11.57 -59.69 -18.02
N ILE C 880 12.81 -59.39 -18.39
CA ILE C 880 13.79 -60.39 -18.81
C ILE C 880 15.02 -60.26 -17.91
N SER C 881 15.47 -61.40 -17.39
CA SER C 881 16.64 -61.45 -16.51
C SER C 881 17.69 -62.38 -17.10
N ARG C 882 18.87 -61.81 -17.35
CA ARG C 882 20.01 -62.55 -17.88
C ARG C 882 21.08 -62.56 -16.81
N LYS C 883 21.58 -63.75 -16.49
CA LYS C 883 22.55 -63.92 -15.43
C LYS C 883 23.73 -64.78 -15.86
N THR C 884 24.87 -64.56 -15.20
CA THR C 884 25.98 -65.50 -15.23
C THR C 884 26.37 -65.77 -13.79
N TYR C 885 26.60 -67.04 -13.48
CA TYR C 885 27.13 -67.44 -12.19
C TYR C 885 28.53 -67.98 -12.44
N ARG C 886 29.53 -67.37 -11.82
CA ARG C 886 30.91 -67.77 -12.03
C ARG C 886 31.50 -68.27 -10.71
N ILE C 887 31.73 -69.58 -10.65
CA ILE C 887 32.30 -70.20 -9.46
C ILE C 887 33.75 -70.60 -9.72
N ASP C 888 34.66 -70.04 -8.93
CA ASP C 888 36.09 -70.30 -9.10
C ASP C 888 36.66 -71.12 -7.94
N GLY C 889 37.98 -71.37 -7.97
CA GLY C 889 38.66 -72.20 -6.97
C GLY C 889 38.65 -71.69 -5.54
N SER C 890 38.31 -70.42 -5.36
CA SER C 890 38.25 -69.83 -4.02
C SER C 890 36.93 -70.14 -3.30
N GLY C 891 35.97 -70.74 -4.00
CA GLY C 891 34.65 -71.02 -3.44
C GLY C 891 33.71 -69.82 -3.47
N GLN C 892 34.08 -68.83 -4.27
CA GLN C 892 33.26 -67.63 -4.46
C GLN C 892 32.38 -67.78 -5.67
N MET C 893 31.14 -67.34 -5.54
CA MET C 893 30.20 -67.33 -6.66
C MET C 893 29.87 -65.88 -7.03
N ALA C 894 30.36 -65.45 -8.19
CA ALA C 894 30.04 -64.14 -8.73
C ALA C 894 28.77 -64.23 -9.59
N ILE C 895 27.74 -63.50 -9.19
CA ILE C 895 26.48 -63.45 -9.94
C ILE C 895 26.33 -62.09 -10.61
N THR C 896 26.22 -62.12 -11.94
CA THR C 896 26.04 -60.93 -12.73
C THR C 896 24.62 -60.96 -13.29
N VAL C 897 23.85 -59.90 -13.03
CA VAL C 897 22.43 -59.86 -13.38
C VAL C 897 22.12 -58.64 -14.26
N ASP C 898 21.56 -58.90 -15.43
CA ASP C 898 21.10 -57.85 -16.31
C ASP C 898 19.61 -58.02 -16.57
N VAL C 899 18.85 -56.99 -16.23
CA VAL C 899 17.40 -57.03 -16.33
C VAL C 899 16.85 -56.00 -17.32
N GLU C 900 15.94 -56.44 -18.19
CA GLU C 900 15.15 -55.56 -19.05
C GLU C 900 13.75 -55.47 -18.48
N VAL C 901 13.23 -54.25 -18.39
CA VAL C 901 11.86 -53.99 -17.93
C VAL C 901 11.11 -53.36 -19.09
N ALA C 902 9.98 -53.97 -19.49
CA ALA C 902 9.15 -53.40 -20.54
C ALA C 902 8.77 -51.96 -20.16
N SER C 903 8.99 -51.02 -21.07
CA SER C 903 8.78 -49.59 -20.81
C SER C 903 7.32 -49.24 -20.54
N ASP C 904 6.42 -50.08 -21.00
CA ASP C 904 4.98 -49.84 -20.86
C ASP C 904 4.35 -50.64 -19.72
N THR C 905 5.18 -51.32 -18.94
CA THR C 905 4.72 -51.89 -17.69
C THR C 905 4.98 -50.87 -16.57
N PRO C 906 4.09 -50.81 -15.55
CA PRO C 906 4.37 -49.92 -14.43
C PRO C 906 5.73 -50.24 -13.81
N HIS C 907 6.48 -49.20 -13.43
CA HIS C 907 7.83 -49.41 -12.89
C HIS C 907 7.76 -50.32 -11.66
N PRO C 908 8.65 -51.33 -11.60
CA PRO C 908 8.59 -52.34 -10.54
C PRO C 908 9.05 -51.81 -9.19
N ALA C 909 8.54 -52.43 -8.12
CA ALA C 909 8.91 -52.07 -6.76
C ALA C 909 10.40 -52.30 -6.48
N ARG C 910 10.99 -53.29 -7.14
CA ARG C 910 12.39 -53.65 -6.89
C ARG C 910 12.97 -54.49 -8.03
N ILE C 911 14.31 -54.52 -8.12
CA ILE C 911 15.01 -55.41 -9.04
C ILE C 911 16.04 -56.13 -8.20
N GLY C 912 15.77 -57.39 -7.87
CA GLY C 912 16.65 -58.12 -6.99
C GLY C 912 16.48 -59.62 -7.02
N LEU C 913 17.06 -60.25 -6.00
CA LEU C 913 17.00 -61.69 -5.84
C LEU C 913 16.44 -61.99 -4.46
N ASN C 914 15.86 -63.16 -4.31
CA ASN C 914 15.41 -63.62 -2.99
C ASN C 914 15.53 -65.14 -2.84
N CYS C 915 15.69 -65.58 -1.60
CA CYS C 915 15.73 -66.98 -1.26
C CYS C 915 15.46 -67.14 0.22
N GLN C 916 15.06 -68.34 0.62
CA GLN C 916 14.90 -68.66 2.02
C GLN C 916 16.09 -69.50 2.44
N LEU C 917 16.89 -68.98 3.35
CA LEU C 917 18.08 -69.68 3.82
C LEU C 917 17.69 -70.67 4.91
N ALA C 918 18.36 -71.82 4.94
CA ALA C 918 18.15 -72.83 5.98
C ALA C 918 18.61 -72.35 7.35
N GLN C 919 19.66 -71.54 7.36
CA GLN C 919 20.24 -70.98 8.59
C GLN C 919 19.32 -69.99 9.32
N VAL C 920 19.32 -70.06 10.65
CA VAL C 920 18.82 -69.00 11.49
C VAL C 920 19.98 -68.60 12.41
N ALA C 921 20.45 -67.37 12.27
CA ALA C 921 21.55 -66.88 13.11
C ALA C 921 21.14 -65.67 13.94
N GLU C 922 21.92 -65.42 15.00
CA GLU C 922 21.59 -64.39 15.98
C GLU C 922 21.91 -62.97 15.51
N ARG C 923 22.99 -62.82 14.74
CA ARG C 923 23.52 -61.51 14.38
C ARG C 923 23.48 -61.25 12.89
N VAL C 924 23.35 -59.98 12.53
CA VAL C 924 23.52 -59.55 11.16
C VAL C 924 24.56 -58.44 11.15
N ASN C 925 25.58 -58.62 10.33
CA ASN C 925 26.71 -57.69 10.25
C ASN C 925 26.84 -57.19 8.82
N TRP C 926 26.86 -55.88 8.64
CA TRP C 926 27.01 -55.32 7.30
C TRP C 926 27.85 -54.04 7.23
N LEU C 927 28.54 -53.88 6.12
CA LEU C 927 29.20 -52.63 5.77
C LEU C 927 28.28 -51.90 4.78
N GLY C 928 27.59 -50.87 5.27
CA GLY C 928 26.61 -50.13 4.46
C GLY C 928 25.91 -49.07 5.28
N LEU C 929 24.78 -48.58 4.77
CA LEU C 929 24.03 -47.53 5.45
C LEU C 929 23.20 -48.10 6.58
N GLY C 930 23.20 -47.43 7.72
CA GLY C 930 22.49 -47.90 8.91
C GLY C 930 22.72 -47.01 10.12
N PRO C 931 22.46 -47.53 11.34
CA PRO C 931 22.03 -48.89 11.67
C PRO C 931 20.54 -49.16 11.38
N GLN C 932 19.74 -48.11 11.28
CA GLN C 932 18.29 -48.28 11.12
C GLN C 932 17.87 -48.53 9.68
N GLU C 933 16.65 -49.04 9.53
CA GLU C 933 15.98 -49.22 8.25
C GLU C 933 16.10 -47.93 7.40
N ASN C 934 16.49 -48.08 6.14
CA ASN C 934 16.58 -46.95 5.24
C ASN C 934 16.28 -47.32 3.79
N TYR C 935 15.58 -46.42 3.10
CA TYR C 935 15.15 -46.61 1.71
C TYR C 935 15.72 -45.50 0.82
N PRO C 936 15.69 -45.68 -0.52
CA PRO C 936 16.40 -44.72 -1.35
C PRO C 936 15.99 -43.26 -1.17
N ASP C 937 14.69 -43.00 -1.00
CA ASP C 937 14.21 -41.64 -0.72
C ASP C 937 14.13 -41.29 0.77
N ARG C 938 14.57 -42.23 1.62
CA ARG C 938 14.68 -41.98 3.06
C ARG C 938 15.93 -42.66 3.62
N LEU C 939 17.10 -42.16 3.23
CA LEU C 939 18.37 -42.67 3.73
C LEU C 939 19.38 -41.59 4.15
N THR C 940 18.98 -40.32 4.13
CA THR C 940 19.93 -39.24 4.52
C THR C 940 20.41 -39.38 5.97
N ALA C 941 19.53 -39.83 6.86
CA ALA C 941 19.90 -40.01 8.27
C ALA C 941 20.84 -41.18 8.54
N ALA C 942 20.83 -42.18 7.65
CA ALA C 942 21.67 -43.37 7.79
C ALA C 942 23.14 -43.06 7.48
N CYS C 943 24.04 -43.71 8.22
CA CYS C 943 25.48 -43.52 8.03
C CYS C 943 26.16 -44.77 7.48
N PHE C 944 27.15 -44.55 6.61
CA PHE C 944 27.99 -45.63 6.09
C PHE C 944 29.04 -46.00 7.12
N ASP C 945 28.99 -47.25 7.57
CA ASP C 945 29.91 -47.79 8.55
C ASP C 945 29.67 -49.31 8.64
N ARG C 946 30.39 -49.96 9.55
CA ARG C 946 30.23 -51.39 9.82
C ARG C 946 29.20 -51.54 10.95
N TRP C 947 28.05 -52.12 10.64
CA TRP C 947 26.98 -52.28 11.63
C TRP C 947 26.78 -53.74 12.00
N ASP C 948 26.38 -53.98 13.25
CA ASP C 948 26.13 -55.33 13.74
C ASP C 948 24.92 -55.31 14.68
N LEU C 949 23.84 -55.93 14.25
CA LEU C 949 22.59 -55.94 15.01
C LEU C 949 22.04 -57.35 15.23
N PRO C 950 21.26 -57.55 16.29
CA PRO C 950 20.49 -58.80 16.38
C PRO C 950 19.54 -58.91 15.18
N LEU C 951 19.24 -60.13 14.77
CA LEU C 951 18.35 -60.34 13.63
C LEU C 951 16.99 -59.66 13.80
N SER C 952 16.47 -59.65 15.03
CA SER C 952 15.17 -59.03 15.30
C SER C 952 15.11 -57.54 14.91
N ASP C 953 16.22 -56.83 15.10
CA ASP C 953 16.29 -55.40 14.74
C ASP C 953 16.33 -55.12 13.23
N MET C 954 16.44 -56.17 12.42
CA MET C 954 16.44 -56.07 10.96
C MET C 954 15.02 -56.18 10.41
N TYR C 955 14.07 -56.26 11.35
CA TYR C 955 12.65 -56.28 11.07
C TYR C 955 12.01 -55.10 11.78
N THR C 956 11.21 -54.32 11.06
CA THR C 956 10.48 -53.20 11.63
C THR C 956 9.01 -53.57 11.81
N PRO C 957 8.55 -53.62 13.08
CA PRO C 957 7.21 -54.11 13.39
C PRO C 957 6.09 -53.09 13.17
N TYR C 958 5.95 -52.61 11.94
CA TYR C 958 4.79 -51.82 11.54
C TYR C 958 3.53 -52.60 11.89
N VAL C 959 2.55 -51.93 12.48
CA VAL C 959 1.32 -52.59 12.93
C VAL C 959 0.61 -53.22 11.73
N PHE C 960 0.52 -52.49 10.61
CA PHE C 960 0.13 -53.08 9.33
C PHE C 960 1.39 -53.52 8.60
N PRO C 961 1.64 -54.85 8.51
CA PRO C 961 2.89 -55.35 7.92
C PRO C 961 3.04 -55.07 6.42
N SER C 962 4.27 -54.82 6.01
CA SER C 962 4.64 -54.52 4.61
C SER C 962 6.13 -54.77 4.45
N GLU C 963 6.64 -54.66 3.23
CA GLU C 963 8.08 -54.54 3.00
C GLU C 963 8.66 -53.59 4.05
N ASN C 964 9.74 -54.02 4.70
CA ASN C 964 10.32 -53.32 5.84
C ASN C 964 11.76 -53.75 6.06
N GLY C 965 12.52 -52.94 6.78
CA GLY C 965 13.84 -53.34 7.25
C GLY C 965 14.97 -53.24 6.24
N LEU C 966 14.70 -52.64 5.08
CA LEU C 966 15.73 -52.49 4.07
C LEU C 966 16.91 -51.65 4.57
N ARG C 967 18.11 -52.00 4.13
CA ARG C 967 19.28 -51.15 4.31
C ARG C 967 19.94 -50.97 2.95
N CYS C 968 20.27 -49.73 2.60
CA CYS C 968 20.77 -49.42 1.25
C CYS C 968 22.28 -49.19 1.25
N GLY C 969 22.85 -49.01 0.05
CA GLY C 969 24.27 -48.70 -0.10
C GLY C 969 25.19 -49.69 0.62
N THR C 970 24.82 -50.96 0.57
CA THR C 970 25.54 -51.99 1.30
C THR C 970 26.57 -52.65 0.41
N ARG C 971 27.80 -52.75 0.91
CA ARG C 971 28.92 -53.31 0.15
C ARG C 971 29.27 -54.73 0.60
N GLU C 972 28.91 -55.05 1.84
CA GLU C 972 29.20 -56.37 2.40
C GLU C 972 28.13 -56.75 3.43
N LEU C 973 27.64 -57.98 3.34
CA LEU C 973 26.64 -58.48 4.29
C LEU C 973 27.09 -59.84 4.82
N ASN C 974 27.03 -60.03 6.13
CA ASN C 974 27.42 -61.28 6.78
C ASN C 974 26.30 -61.84 7.63
N TYR C 975 26.02 -63.13 7.45
CA TYR C 975 24.96 -63.81 8.18
C TYR C 975 25.29 -65.29 8.30
N GLY C 976 25.56 -65.73 9.53
CA GLY C 976 26.01 -67.10 9.78
C GLY C 976 27.27 -67.40 8.98
N PRO C 977 27.21 -68.44 8.13
CA PRO C 977 28.38 -68.80 7.32
C PRO C 977 28.51 -67.98 6.03
N HIS C 978 27.49 -67.19 5.69
CA HIS C 978 27.40 -66.53 4.39
C HIS C 978 27.99 -65.12 4.38
N GLN C 979 28.62 -64.76 3.27
CA GLN C 979 28.99 -63.39 2.98
C GLN C 979 28.64 -63.00 1.55
N TRP C 980 27.96 -61.86 1.42
CA TRP C 980 27.62 -61.29 0.11
C TRP C 980 28.34 -59.97 -0.08
N ARG C 981 28.95 -59.78 -1.24
CA ARG C 981 29.63 -58.53 -1.54
C ARG C 981 29.13 -57.93 -2.85
N GLY C 982 29.11 -56.60 -2.91
CA GLY C 982 28.68 -55.87 -4.11
C GLY C 982 28.31 -54.44 -3.81
N ASP C 983 27.20 -53.98 -4.41
CA ASP C 983 26.65 -52.67 -4.13
C ASP C 983 25.14 -52.78 -4.24
N PHE C 984 24.51 -53.11 -3.12
CA PHE C 984 23.13 -53.56 -3.13
C PHE C 984 22.32 -53.01 -1.95
N GLN C 985 21.01 -53.23 -2.00
CA GLN C 985 20.13 -52.96 -0.87
C GLN C 985 19.61 -54.31 -0.40
N PHE C 986 19.33 -54.46 0.89
CA PHE C 986 18.89 -55.76 1.38
C PHE C 986 17.94 -55.63 2.55
N ASN C 987 17.08 -56.63 2.71
CA ASN C 987 16.46 -56.87 4.02
C ASN C 987 16.58 -58.35 4.36
N ILE C 988 16.43 -58.67 5.63
CA ILE C 988 16.65 -60.03 6.10
C ILE C 988 15.80 -60.27 7.36
N SER C 989 14.97 -61.31 7.32
CA SER C 989 14.01 -61.56 8.39
C SER C 989 13.42 -62.97 8.32
N ARG C 990 12.64 -63.33 9.35
CA ARG C 990 11.95 -64.60 9.40
C ARG C 990 10.61 -64.59 8.64
N TYR C 991 10.29 -63.48 7.96
CA TYR C 991 9.00 -63.34 7.25
C TYR C 991 9.18 -63.15 5.76
N SER C 992 8.50 -63.98 4.97
CA SER C 992 8.49 -63.85 3.52
C SER C 992 7.72 -62.61 3.10
N GLN C 993 7.98 -62.12 1.89
CA GLN C 993 7.19 -61.02 1.36
C GLN C 993 5.73 -61.45 1.28
N GLN C 994 5.51 -62.73 0.96
CA GLN C 994 4.19 -63.30 0.83
C GLN C 994 3.41 -63.21 2.14
N GLN C 995 4.01 -63.67 3.24
CA GLN C 995 3.35 -63.56 4.56
C GLN C 995 3.04 -62.09 4.92
N LEU C 996 4.02 -61.21 4.71
CA LEU C 996 3.86 -59.78 4.99
C LEU C 996 2.65 -59.16 4.23
N MET C 997 2.53 -59.48 2.95
CA MET C 997 1.42 -58.93 2.16
C MET C 997 0.07 -59.61 2.43
N GLU C 998 0.10 -60.82 3.00
CA GLU C 998 -1.11 -61.57 3.30
C GLU C 998 -1.62 -61.34 4.71
N THR C 999 -0.82 -60.70 5.55
CA THR C 999 -1.16 -60.52 6.96
C THR C 999 -1.48 -59.06 7.24
N SER C 1000 -2.61 -58.83 7.92
CA SER C 1000 -3.13 -57.49 8.15
C SER C 1000 -2.63 -56.86 9.46
N HIS C 1001 -2.18 -57.71 10.39
CA HIS C 1001 -1.71 -57.28 11.71
C HIS C 1001 -0.40 -57.95 12.10
N ARG C 1002 0.52 -57.19 12.68
CA ARG C 1002 1.84 -57.68 13.04
C ARG C 1002 1.80 -58.82 14.06
N HIS C 1003 0.81 -58.83 14.95
CA HIS C 1003 0.73 -59.85 16.00
C HIS C 1003 0.39 -61.23 15.44
N LEU C 1004 -0.13 -61.27 14.22
CA LEU C 1004 -0.52 -62.51 13.57
C LEU C 1004 0.61 -63.12 12.74
N LEU C 1005 1.74 -62.42 12.67
CA LEU C 1005 2.90 -62.92 11.92
C LEU C 1005 3.57 -64.08 12.66
N HIS C 1006 4.09 -65.03 11.90
CA HIS C 1006 4.79 -66.17 12.49
C HIS C 1006 6.14 -66.38 11.81
N ALA C 1007 7.20 -66.48 12.61
CA ALA C 1007 8.52 -66.77 12.08
C ALA C 1007 8.47 -68.06 11.27
N GLU C 1008 8.87 -67.97 10.00
CA GLU C 1008 8.95 -69.14 9.15
C GLU C 1008 10.27 -69.83 9.43
N GLU C 1009 10.43 -71.07 8.98
CA GLU C 1009 11.71 -71.74 9.21
C GLU C 1009 12.79 -71.09 8.36
N GLY C 1010 13.99 -70.96 8.92
CA GLY C 1010 15.09 -70.30 8.23
C GLY C 1010 14.93 -68.79 8.16
N THR C 1011 15.59 -68.19 7.18
CA THR C 1011 15.68 -66.74 7.08
C THR C 1011 15.45 -66.33 5.62
N TRP C 1012 14.51 -65.41 5.42
CA TRP C 1012 14.26 -64.88 4.08
C TRP C 1012 15.20 -63.71 3.81
N LEU C 1013 15.91 -63.82 2.68
CA LEU C 1013 16.83 -62.77 2.25
C LEU C 1013 16.32 -62.16 0.96
N ASN C 1014 16.19 -60.83 0.97
CA ASN C 1014 15.95 -60.07 -0.24
C ASN C 1014 17.15 -59.18 -0.51
N ILE C 1015 17.89 -59.48 -1.57
CA ILE C 1015 19.01 -58.63 -1.97
C ILE C 1015 18.65 -57.98 -3.30
N ASP C 1016 18.60 -56.65 -3.29
CA ASP C 1016 18.14 -55.87 -4.42
C ASP C 1016 19.29 -55.10 -5.03
N GLY C 1017 19.39 -55.16 -6.35
CA GLY C 1017 20.27 -54.24 -7.07
C GLY C 1017 19.68 -52.84 -6.96
N PHE C 1018 18.35 -52.78 -7.03
CA PHE C 1018 17.62 -51.51 -7.08
C PHE C 1018 16.29 -51.65 -6.35
N HIS C 1019 15.90 -50.61 -5.62
CA HIS C 1019 14.63 -50.59 -4.90
C HIS C 1019 13.95 -49.23 -5.11
N MET C 1020 12.65 -49.28 -5.39
CA MET C 1020 11.85 -48.07 -5.57
C MET C 1020 11.72 -47.28 -4.27
N GLY C 1021 11.64 -45.96 -4.40
CA GLY C 1021 11.39 -45.11 -3.24
C GLY C 1021 10.08 -45.49 -2.56
N ILE C 1022 9.90 -45.03 -1.32
CA ILE C 1022 8.71 -45.35 -0.53
C ILE C 1022 7.65 -44.25 -0.59
N GLY C 1023 8.06 -43.03 -0.96
CA GLY C 1023 7.15 -41.88 -1.03
C GLY C 1023 6.60 -41.47 0.33
N GLY C 1024 5.46 -40.79 0.32
CA GLY C 1024 4.87 -40.31 1.57
C GLY C 1024 4.43 -38.86 1.64
N ASP C 1025 4.66 -38.07 0.59
CA ASP C 1025 4.14 -36.69 0.54
C ASP C 1025 2.66 -36.70 0.93
N ASP C 1026 1.95 -37.75 0.50
CA ASP C 1026 0.69 -38.16 1.10
C ASP C 1026 0.58 -39.68 0.95
N SER C 1027 -0.46 -40.28 1.52
CA SER C 1027 -0.62 -41.74 1.46
C SER C 1027 -1.93 -42.16 0.76
N TRP C 1028 -2.42 -41.32 -0.14
CA TRP C 1028 -3.69 -41.60 -0.85
C TRP C 1028 -3.65 -41.28 -2.35
N SER C 1029 -2.45 -41.06 -2.85
CA SER C 1029 -2.17 -40.86 -4.27
C SER C 1029 -0.69 -41.22 -4.46
N PRO C 1030 -0.29 -41.61 -5.68
CA PRO C 1030 1.13 -41.95 -5.88
C PRO C 1030 2.01 -40.77 -5.46
N SER C 1031 3.01 -41.03 -4.63
CA SER C 1031 3.82 -39.95 -4.06
C SER C 1031 5.34 -40.19 -4.18
N VAL C 1032 5.72 -41.28 -4.83
CA VAL C 1032 7.15 -41.54 -5.09
C VAL C 1032 7.60 -40.67 -6.26
N SER C 1033 8.61 -39.86 -6.00
CA SER C 1033 9.15 -38.92 -6.97
C SER C 1033 9.80 -39.67 -8.15
N ALA C 1034 9.81 -39.03 -9.32
CA ALA C 1034 10.27 -39.68 -10.56
C ALA C 1034 11.69 -40.26 -10.46
N GLU C 1035 12.58 -39.53 -9.80
CA GLU C 1035 13.99 -39.95 -9.68
C GLU C 1035 14.16 -41.19 -8.79
N PHE C 1036 13.11 -41.59 -8.08
CA PHE C 1036 13.14 -42.78 -7.23
C PHE C 1036 12.30 -43.94 -7.74
N GLN C 1037 11.72 -43.77 -8.92
CA GLN C 1037 11.00 -44.83 -9.61
C GLN C 1037 11.98 -45.58 -10.52
N LEU C 1038 11.78 -46.89 -10.64
CA LEU C 1038 12.70 -47.72 -11.43
C LEU C 1038 12.32 -47.73 -12.91
N SER C 1039 12.67 -46.64 -13.60
CA SER C 1039 12.20 -46.36 -14.95
C SER C 1039 13.28 -46.44 -16.04
N ALA C 1040 14.49 -46.83 -15.65
CA ALA C 1040 15.62 -46.86 -16.59
C ALA C 1040 15.50 -47.92 -17.70
N GLY C 1041 14.66 -48.93 -17.50
CA GLY C 1041 14.41 -49.95 -18.53
C GLY C 1041 15.44 -51.08 -18.57
N ARG C 1042 16.71 -50.71 -18.39
CA ARG C 1042 17.78 -51.70 -18.31
C ARG C 1042 18.59 -51.47 -17.04
N TYR C 1043 18.81 -52.57 -16.32
CA TYR C 1043 19.45 -52.53 -15.02
C TYR C 1043 20.52 -53.59 -14.89
N HIS C 1044 21.61 -53.22 -14.23
CA HIS C 1044 22.72 -54.11 -14.03
C HIS C 1044 23.17 -54.07 -12.58
N TYR C 1045 23.36 -55.26 -12.01
CA TYR C 1045 24.00 -55.38 -10.72
C TYR C 1045 24.83 -56.65 -10.63
N GLN C 1046 25.78 -56.68 -9.70
CA GLN C 1046 26.61 -57.86 -9.50
C GLN C 1046 26.86 -58.14 -8.02
N LEU C 1047 26.77 -59.42 -7.67
CA LEU C 1047 26.95 -59.89 -6.31
C LEU C 1047 28.02 -60.98 -6.27
N VAL C 1048 28.73 -61.06 -5.17
CA VAL C 1048 29.60 -62.21 -4.90
C VAL C 1048 29.08 -62.91 -3.65
N TRP C 1049 28.73 -64.18 -3.80
CA TRP C 1049 28.31 -65.02 -2.68
C TRP C 1049 29.45 -65.96 -2.32
N CYS C 1050 29.86 -65.92 -1.06
CA CYS C 1050 30.89 -66.83 -0.58
C CYS C 1050 30.71 -67.15 0.89
N GLN C 1051 31.46 -68.14 1.37
CA GLN C 1051 31.53 -68.47 2.78
C GLN C 1051 32.68 -67.70 3.41
N LYS C 1052 32.53 -67.33 4.67
CA LYS C 1052 33.62 -66.70 5.41
C LYS C 1052 34.03 -67.56 6.63
N VAL D 38 40.69 26.28 -33.10
CA VAL D 38 40.19 26.01 -31.72
C VAL D 38 39.80 24.54 -31.53
N VAL D 39 39.67 23.82 -32.66
CA VAL D 39 39.28 22.42 -32.67
C VAL D 39 40.31 21.54 -31.98
N LEU D 40 41.58 21.68 -32.40
CA LEU D 40 42.69 20.94 -31.79
C LEU D 40 42.99 21.41 -30.36
N GLN D 41 42.73 22.69 -30.11
CA GLN D 41 43.01 23.30 -28.82
C GLN D 41 42.02 22.92 -27.73
N ARG D 42 40.74 22.84 -28.09
CA ARG D 42 39.70 22.50 -27.12
C ARG D 42 39.72 21.03 -26.66
N ARG D 43 40.09 20.13 -27.56
CA ARG D 43 40.07 18.67 -27.28
C ARG D 43 38.72 18.28 -26.66
N ASP D 44 37.66 18.52 -27.41
CA ASP D 44 36.30 18.23 -26.96
C ASP D 44 36.08 16.74 -26.73
N TRP D 45 36.93 15.91 -27.35
CA TRP D 45 36.89 14.46 -27.21
C TRP D 45 37.57 13.94 -25.93
N GLU D 46 37.99 14.86 -25.06
CA GLU D 46 38.50 14.50 -23.73
C GLU D 46 37.77 15.31 -22.66
N ASN D 47 36.47 15.51 -22.89
CA ASN D 47 35.63 16.30 -22.01
C ASN D 47 34.19 15.75 -22.01
N PRO D 48 33.78 15.07 -20.93
CA PRO D 48 32.44 14.47 -20.87
C PRO D 48 31.33 15.51 -20.70
N GLY D 49 31.72 16.76 -20.46
CA GLY D 49 30.78 17.90 -20.44
C GLY D 49 30.41 18.40 -21.81
N VAL D 50 31.24 18.07 -22.81
CA VAL D 50 30.94 18.36 -24.21
C VAL D 50 30.68 17.07 -24.97
N THR D 51 29.41 16.81 -25.27
CA THR D 51 29.01 15.61 -25.98
C THR D 51 28.59 15.95 -27.40
N GLN D 52 28.45 17.26 -27.66
CA GLN D 52 28.05 17.77 -28.96
C GLN D 52 28.27 19.28 -29.03
N LEU D 53 28.39 19.79 -30.25
CA LEU D 53 28.35 21.24 -30.50
C LEU D 53 27.50 21.52 -31.73
N ASN D 54 26.51 22.40 -31.58
CA ASN D 54 25.60 22.79 -32.66
C ASN D 54 24.73 21.65 -33.22
N ARG D 55 24.60 20.58 -32.45
CA ARG D 55 23.76 19.44 -32.86
C ARG D 55 22.28 19.76 -32.65
N LEU D 56 21.45 19.33 -33.60
CA LEU D 56 20.01 19.57 -33.51
C LEU D 56 19.34 18.60 -32.53
N ALA D 57 18.14 18.98 -32.07
CA ALA D 57 17.36 18.14 -31.16
C ALA D 57 17.02 16.79 -31.79
N ALA D 58 16.98 15.76 -30.96
CA ALA D 58 16.59 14.43 -31.38
C ALA D 58 15.08 14.36 -31.57
N HIS D 59 14.62 13.44 -32.43
CA HIS D 59 13.21 13.34 -32.82
C HIS D 59 12.95 11.99 -33.47
N PRO D 60 11.67 11.60 -33.64
CA PRO D 60 11.34 10.37 -34.36
C PRO D 60 11.69 10.50 -35.86
N PRO D 61 11.76 9.36 -36.58
CA PRO D 61 12.18 9.40 -38.00
C PRO D 61 11.36 10.39 -38.84
N PHE D 62 12.05 11.29 -39.54
CA PHE D 62 11.41 12.27 -40.41
C PHE D 62 11.72 12.00 -41.88
N ALA D 63 10.81 12.41 -42.77
CA ALA D 63 11.06 12.36 -44.21
C ALA D 63 10.60 13.63 -44.95
N SER D 64 9.88 14.50 -44.24
CA SER D 64 9.38 15.77 -44.81
C SER D 64 8.71 15.59 -46.18
N TRP D 65 7.70 14.73 -46.23
CA TRP D 65 6.87 14.58 -47.42
C TRP D 65 6.11 15.88 -47.71
N ARG D 66 5.87 16.15 -48.98
CA ARG D 66 5.03 17.30 -49.40
C ARG D 66 3.81 16.79 -50.13
N ASN D 67 3.50 15.53 -49.88
CA ASN D 67 2.33 14.87 -50.42
C ASN D 67 1.85 13.89 -49.36
N SER D 68 0.58 14.01 -48.99
CA SER D 68 0.00 13.22 -47.90
C SER D 68 -0.13 11.75 -48.25
N GLU D 69 -0.34 11.46 -49.54
CA GLU D 69 -0.49 10.09 -49.99
C GLU D 69 0.86 9.35 -49.96
N GLU D 70 1.95 10.08 -50.25
CA GLU D 70 3.29 9.50 -50.13
C GLU D 70 3.62 9.19 -48.68
N ALA D 71 3.22 10.08 -47.77
CA ALA D 71 3.41 9.89 -46.33
C ALA D 71 2.67 8.64 -45.86
N ARG D 72 1.41 8.52 -46.27
CA ARG D 72 0.57 7.39 -45.89
C ARG D 72 1.16 6.06 -46.35
N THR D 73 1.62 6.01 -47.60
CA THR D 73 2.11 4.77 -48.19
C THR D 73 3.56 4.46 -47.83
N ASP D 74 4.24 5.42 -47.20
CA ASP D 74 5.64 5.28 -46.77
C ASP D 74 6.58 5.10 -47.98
N ARG D 75 6.25 5.78 -49.07
CA ARG D 75 7.08 5.78 -50.26
C ARG D 75 8.21 6.79 -50.09
N PRO D 76 9.23 6.74 -50.98
CA PRO D 76 10.34 7.69 -50.85
C PRO D 76 9.90 9.15 -50.82
N SER D 77 10.71 9.98 -50.16
CA SER D 77 10.47 11.40 -50.11
C SER D 77 11.59 12.10 -50.86
N GLN D 78 11.22 13.03 -51.75
CA GLN D 78 12.18 13.86 -52.48
C GLN D 78 13.02 14.73 -51.55
N GLN D 79 12.49 14.98 -50.35
CA GLN D 79 13.13 15.86 -49.38
C GLN D 79 14.10 15.12 -48.45
N LEU D 80 14.14 13.79 -48.59
CA LEU D 80 15.11 12.97 -47.85
C LEU D 80 16.05 12.23 -48.81
N ARG D 81 17.28 12.72 -48.93
CA ARG D 81 18.28 12.19 -49.84
C ARG D 81 19.31 11.36 -49.07
N SER D 82 19.75 10.26 -49.67
CA SER D 82 20.83 9.47 -49.10
C SER D 82 22.18 9.95 -49.67
N LEU D 83 23.17 10.08 -48.79
CA LEU D 83 24.53 10.39 -49.24
C LEU D 83 25.45 9.16 -49.17
N ASN D 84 24.84 7.97 -49.07
CA ASN D 84 25.57 6.70 -49.10
C ASN D 84 26.21 6.45 -50.47
N GLY D 85 27.41 5.87 -50.45
CA GLY D 85 28.10 5.52 -51.68
C GLY D 85 29.59 5.75 -51.55
N GLU D 86 30.19 6.28 -52.61
CA GLU D 86 31.63 6.46 -52.64
C GLU D 86 32.04 7.81 -52.06
N TRP D 87 32.86 7.74 -51.01
CA TRP D 87 33.40 8.92 -50.35
C TRP D 87 34.91 8.89 -50.51
N ARG D 88 35.58 9.95 -50.09
CA ARG D 88 37.04 9.97 -50.00
C ARG D 88 37.45 9.75 -48.55
N PHE D 89 38.51 8.98 -48.34
CA PHE D 89 38.97 8.66 -46.98
C PHE D 89 40.49 8.64 -46.86
N ALA D 90 40.98 9.23 -45.76
CA ALA D 90 42.38 9.12 -45.36
C ALA D 90 42.48 8.75 -43.88
N TRP D 91 43.51 7.99 -43.53
CA TRP D 91 43.77 7.58 -42.14
C TRP D 91 44.97 8.33 -41.58
N PHE D 92 44.83 8.78 -40.34
CA PHE D 92 45.91 9.46 -39.63
C PHE D 92 46.06 8.86 -38.24
N PRO D 93 47.28 8.90 -37.67
CA PRO D 93 47.50 8.32 -36.35
C PRO D 93 46.98 9.18 -35.20
N ALA D 94 46.66 10.44 -35.51
CA ALA D 94 46.18 11.42 -34.52
C ALA D 94 45.58 12.62 -35.23
N PRO D 95 44.65 13.34 -34.55
CA PRO D 95 44.04 14.53 -35.15
C PRO D 95 45.05 15.68 -35.35
N GLU D 96 46.13 15.68 -34.57
CA GLU D 96 47.24 16.62 -34.75
C GLU D 96 47.96 16.41 -36.10
N ALA D 97 47.86 15.20 -36.64
CA ALA D 97 48.50 14.84 -37.90
C ALA D 97 47.67 15.23 -39.14
N VAL D 98 46.43 15.68 -38.92
CA VAL D 98 45.55 16.05 -40.03
C VAL D 98 45.98 17.40 -40.64
N PRO D 99 46.32 17.40 -41.96
CA PRO D 99 46.70 18.65 -42.63
C PRO D 99 45.53 19.61 -42.78
N GLU D 100 45.79 20.88 -42.51
CA GLU D 100 44.80 21.94 -42.57
C GLU D 100 44.21 22.14 -43.97
N SER D 101 44.95 21.69 -44.98
CA SER D 101 44.52 21.77 -46.38
C SER D 101 43.31 20.88 -46.67
N TRP D 102 43.18 19.80 -45.90
CA TRP D 102 42.08 18.83 -46.05
C TRP D 102 40.69 19.47 -45.91
N LEU D 103 40.61 20.55 -45.13
CA LEU D 103 39.35 21.27 -44.90
C LEU D 103 38.72 21.85 -46.18
N GLU D 104 39.56 22.35 -47.09
CA GLU D 104 39.08 23.03 -48.29
C GLU D 104 39.46 22.33 -49.60
N CYS D 105 40.26 21.28 -49.50
CA CYS D 105 40.74 20.58 -50.69
C CYS D 105 40.95 19.08 -50.44
N ASP D 106 40.46 18.26 -51.37
CA ASP D 106 40.63 16.81 -51.32
C ASP D 106 42.11 16.41 -51.24
N LEU D 107 42.43 15.50 -50.33
CA LEU D 107 43.78 14.94 -50.24
C LEU D 107 44.04 14.02 -51.42
N PRO D 108 45.14 14.30 -52.17
CA PRO D 108 45.50 13.48 -53.33
C PRO D 108 45.84 12.02 -52.97
N GLU D 109 46.37 11.80 -51.77
CA GLU D 109 46.77 10.47 -51.32
C GLU D 109 45.62 9.66 -50.68
N ALA D 110 44.46 10.29 -50.53
CA ALA D 110 43.27 9.63 -49.97
C ALA D 110 42.70 8.58 -50.93
N ASP D 111 41.97 7.62 -50.38
CA ASP D 111 41.32 6.57 -51.17
C ASP D 111 39.83 6.81 -51.31
N THR D 112 39.24 6.22 -52.35
CA THR D 112 37.79 6.20 -52.53
C THR D 112 37.24 4.94 -51.87
N VAL D 113 36.36 5.13 -50.89
CA VAL D 113 35.77 4.02 -50.13
C VAL D 113 34.25 4.09 -50.09
N VAL D 114 33.62 2.94 -49.83
CA VAL D 114 32.18 2.88 -49.61
C VAL D 114 31.84 3.35 -48.18
N VAL D 115 30.82 4.19 -48.07
CA VAL D 115 30.22 4.60 -46.80
C VAL D 115 28.72 4.26 -46.87
N PRO D 116 28.15 3.70 -45.79
CA PRO D 116 28.72 3.38 -44.48
C PRO D 116 29.72 2.23 -44.45
N SER D 117 30.71 2.35 -43.55
CA SER D 117 31.73 1.32 -43.33
C SER D 117 32.49 1.55 -42.03
N ASN D 118 33.05 0.46 -41.48
CA ASN D 118 34.07 0.54 -40.44
C ASN D 118 35.43 0.45 -41.12
N TRP D 119 36.32 1.39 -40.84
CA TRP D 119 37.57 1.49 -41.61
C TRP D 119 38.56 0.37 -41.32
N GLN D 120 38.38 -0.30 -40.18
CA GLN D 120 39.09 -1.55 -39.88
C GLN D 120 38.77 -2.60 -40.94
N MET D 121 37.53 -2.59 -41.44
CA MET D 121 37.09 -3.59 -42.42
C MET D 121 37.65 -3.34 -43.83
N HIS D 122 38.22 -2.15 -44.02
CA HIS D 122 38.94 -1.79 -45.25
C HIS D 122 40.46 -1.93 -45.06
N GLY D 123 40.86 -2.43 -43.90
CA GLY D 123 42.26 -2.74 -43.61
C GLY D 123 43.14 -1.59 -43.15
N TYR D 124 42.53 -0.44 -42.81
CA TYR D 124 43.31 0.74 -42.40
C TYR D 124 43.98 0.61 -41.04
N ASP D 125 43.30 -0.06 -40.11
CA ASP D 125 43.92 -0.53 -38.86
C ASP D 125 43.20 -1.76 -38.35
N ALA D 126 43.64 -2.28 -37.21
CA ALA D 126 43.08 -3.53 -36.70
C ALA D 126 41.84 -3.29 -35.83
N PRO D 127 40.82 -4.16 -35.99
CA PRO D 127 39.74 -4.18 -35.00
C PRO D 127 40.28 -4.86 -33.73
N ILE D 128 39.80 -4.44 -32.57
CA ILE D 128 40.25 -5.01 -31.30
C ILE D 128 39.10 -5.80 -30.68
N TYR D 129 39.32 -7.09 -30.38
CA TYR D 129 38.36 -7.76 -29.53
C TYR D 129 38.80 -7.84 -28.07
N THR D 130 38.16 -7.02 -27.24
CA THR D 130 38.30 -7.13 -25.79
C THR D 130 36.91 -7.15 -25.12
N ASN D 131 36.82 -7.91 -24.03
CA ASN D 131 35.57 -8.11 -23.32
C ASN D 131 35.31 -7.01 -22.29
N VAL D 132 35.94 -7.14 -21.12
CA VAL D 132 35.72 -6.21 -20.01
C VAL D 132 36.75 -5.09 -20.03
N THR D 133 38.03 -5.47 -20.12
CA THR D 133 39.12 -4.51 -20.06
C THR D 133 39.05 -3.51 -21.21
N TYR D 134 39.04 -2.21 -20.87
CA TYR D 134 39.02 -1.15 -21.87
C TYR D 134 40.21 -1.30 -22.84
N PRO D 135 39.98 -0.98 -24.12
CA PRO D 135 41.03 -1.03 -25.15
C PRO D 135 42.06 0.08 -24.97
N ILE D 136 41.72 1.06 -24.14
CA ILE D 136 42.61 2.18 -23.84
C ILE D 136 42.88 2.20 -22.35
N THR D 137 43.98 2.83 -21.95
CA THR D 137 44.29 3.01 -20.53
C THR D 137 43.12 3.72 -19.85
N VAL D 138 42.72 3.21 -18.68
CA VAL D 138 41.64 3.80 -17.91
C VAL D 138 42.13 5.05 -17.20
N ASN D 139 41.88 6.21 -17.81
CA ASN D 139 42.29 7.49 -17.26
C ASN D 139 41.31 8.59 -17.65
N PRO D 140 40.05 8.48 -17.21
CA PRO D 140 38.99 9.42 -17.62
C PRO D 140 39.30 10.86 -17.21
N PRO D 141 39.01 11.84 -18.08
CA PRO D 141 38.33 11.73 -19.38
C PRO D 141 39.26 11.56 -20.56
N PHE D 142 40.52 11.22 -20.29
CA PHE D 142 41.58 11.25 -21.31
C PHE D 142 41.64 9.99 -22.16
N VAL D 143 42.00 10.17 -23.43
CA VAL D 143 42.26 9.07 -24.35
C VAL D 143 43.72 9.13 -24.80
N PRO D 144 44.24 8.04 -25.42
CA PRO D 144 45.63 8.04 -25.88
C PRO D 144 45.90 9.13 -26.92
N THR D 145 47.14 9.63 -26.94
CA THR D 145 47.56 10.63 -27.92
C THR D 145 47.59 10.01 -29.31
N GLU D 146 47.98 8.74 -29.38
CA GLU D 146 47.85 7.95 -30.60
C GLU D 146 46.38 7.56 -30.76
N ASN D 147 45.65 8.41 -31.49
CA ASN D 147 44.22 8.26 -31.64
C ASN D 147 43.87 8.19 -33.12
N PRO D 148 43.68 6.97 -33.66
CA PRO D 148 43.40 6.78 -35.09
C PRO D 148 42.28 7.70 -35.58
N THR D 149 42.61 8.50 -36.59
CA THR D 149 41.70 9.54 -37.07
C THR D 149 41.29 9.24 -38.50
N GLY D 150 39.98 9.12 -38.71
CA GLY D 150 39.43 8.89 -40.04
C GLY D 150 38.93 10.19 -40.64
N CYS D 151 39.53 10.58 -41.76
CA CYS D 151 39.15 11.81 -42.44
C CYS D 151 38.31 11.53 -43.66
N TYR D 152 36.99 11.68 -43.51
CA TYR D 152 36.04 11.43 -44.59
C TYR D 152 35.68 12.73 -45.28
N SER D 153 35.47 12.65 -46.59
CA SER D 153 35.06 13.82 -47.37
C SER D 153 34.20 13.42 -48.56
N LEU D 154 33.33 14.34 -48.97
CA LEU D 154 32.40 14.10 -50.06
C LEU D 154 32.10 15.40 -50.80
N THR D 155 32.18 15.36 -52.13
CA THR D 155 31.73 16.46 -52.98
C THR D 155 30.36 16.11 -53.55
N PHE D 156 29.40 17.01 -53.37
CA PHE D 156 28.02 16.74 -53.74
C PHE D 156 27.34 18.01 -54.21
N ASN D 157 26.27 17.84 -54.99
CA ASN D 157 25.44 18.96 -55.41
C ASN D 157 24.11 18.95 -54.70
N VAL D 158 23.55 20.15 -54.51
CA VAL D 158 22.23 20.32 -53.91
C VAL D 158 21.35 21.00 -54.96
N ASP D 159 20.14 20.48 -55.17
CA ASP D 159 19.23 21.10 -56.13
C ASP D 159 18.82 22.51 -55.71
N GLU D 160 18.71 23.38 -56.70
CA GLU D 160 18.53 24.83 -56.52
C GLU D 160 17.52 25.24 -55.45
N SER D 161 16.33 24.64 -55.48
CA SER D 161 15.22 25.05 -54.63
C SER D 161 15.50 24.91 -53.13
N TRP D 162 16.41 24.02 -52.76
CA TRP D 162 16.79 23.82 -51.36
C TRP D 162 17.61 24.99 -50.83
N LEU D 163 18.20 25.75 -51.74
CA LEU D 163 19.05 26.88 -51.38
C LEU D 163 18.25 28.15 -51.13
N GLN D 164 17.07 28.25 -51.75
CA GLN D 164 16.27 29.48 -51.69
C GLN D 164 15.32 29.53 -50.51
N GLU D 165 14.85 28.36 -50.06
CA GLU D 165 13.84 28.27 -49.02
C GLU D 165 14.09 27.06 -48.12
N GLY D 166 13.48 27.08 -46.93
CA GLY D 166 13.50 25.95 -46.01
C GLY D 166 14.84 25.66 -45.36
N GLN D 167 14.90 24.54 -44.65
CA GLN D 167 16.05 24.17 -43.84
C GLN D 167 16.63 22.85 -44.33
N THR D 168 17.93 22.85 -44.63
CA THR D 168 18.62 21.63 -45.04
C THR D 168 19.55 21.14 -43.94
N ARG D 169 19.27 19.94 -43.43
CA ARG D 169 20.11 19.33 -42.40
C ARG D 169 20.83 18.09 -42.94
N ILE D 170 21.94 17.76 -42.29
CA ILE D 170 22.64 16.51 -42.55
C ILE D 170 22.46 15.59 -41.34
N ILE D 171 22.20 14.32 -41.63
CA ILE D 171 21.98 13.33 -40.59
C ILE D 171 23.04 12.23 -40.69
N PHE D 172 23.80 12.05 -39.62
CA PHE D 172 24.74 10.94 -39.51
C PHE D 172 24.14 9.93 -38.55
N ASP D 173 23.62 8.82 -39.07
CA ASP D 173 22.93 7.85 -38.22
C ASP D 173 23.86 7.12 -37.26
N GLY D 174 25.15 7.07 -37.59
CA GLY D 174 26.11 6.38 -36.75
C GLY D 174 27.54 6.71 -37.10
N VAL D 175 28.24 7.32 -36.16
CA VAL D 175 29.65 7.66 -36.28
C VAL D 175 30.38 7.23 -35.01
N ASN D 176 31.42 6.42 -35.16
CA ASN D 176 32.11 5.78 -34.05
C ASN D 176 33.55 6.29 -33.93
N SER D 177 33.91 7.02 -32.85
CA SER D 177 33.06 7.28 -31.69
C SER D 177 32.73 8.76 -31.47
N ALA D 178 33.42 9.64 -32.19
CA ALA D 178 33.23 11.09 -32.09
C ALA D 178 33.72 11.75 -33.37
N PHE D 179 33.13 12.88 -33.74
CA PHE D 179 33.53 13.57 -34.98
C PHE D 179 33.30 15.07 -34.98
N HIS D 180 34.13 15.77 -35.74
CA HIS D 180 33.92 17.17 -36.10
C HIS D 180 33.47 17.24 -37.55
N LEU D 181 32.62 18.22 -37.86
CA LEU D 181 32.07 18.38 -39.21
C LEU D 181 32.36 19.76 -39.79
N TRP D 182 32.84 19.78 -41.03
CA TRP D 182 33.03 21.01 -41.79
C TRP D 182 32.26 20.93 -43.09
N CYS D 183 31.73 22.06 -43.53
CA CYS D 183 31.06 22.15 -44.83
C CYS D 183 31.62 23.35 -45.58
N ASN D 184 32.22 23.07 -46.74
CA ASN D 184 32.88 24.09 -47.55
C ASN D 184 33.97 24.85 -46.79
N GLY D 185 34.74 24.10 -46.00
CA GLY D 185 35.86 24.65 -45.24
C GLY D 185 35.49 25.32 -43.93
N ARG D 186 34.19 25.49 -43.68
CA ARG D 186 33.72 26.14 -42.45
C ARG D 186 33.23 25.11 -41.43
N TRP D 187 33.63 25.28 -40.17
CA TRP D 187 33.26 24.35 -39.11
C TRP D 187 31.75 24.41 -38.78
N VAL D 188 31.13 23.24 -38.70
CA VAL D 188 29.70 23.12 -38.44
C VAL D 188 29.41 22.72 -36.99
N GLY D 189 29.98 21.58 -36.58
CA GLY D 189 29.69 21.03 -35.27
C GLY D 189 30.41 19.75 -34.93
N TYR D 190 30.03 19.19 -33.80
CA TYR D 190 30.72 18.06 -33.19
C TYR D 190 29.66 17.16 -32.56
N GLY D 191 29.93 15.85 -32.51
CA GLY D 191 28.99 14.92 -31.91
C GLY D 191 29.61 13.67 -31.32
N GLN D 192 29.00 13.16 -30.24
CA GLN D 192 29.37 11.88 -29.63
C GLN D 192 28.17 10.93 -29.57
N ASP D 193 28.37 9.77 -28.94
CA ASP D 193 27.44 8.63 -28.93
C ASP D 193 27.43 7.94 -30.29
N SER D 194 28.02 6.75 -30.33
CA SER D 194 28.27 6.03 -31.57
C SER D 194 27.02 5.48 -32.22
N ARG D 195 25.90 5.46 -31.48
CA ARG D 195 24.76 4.61 -31.87
C ARG D 195 23.44 5.34 -32.06
N LEU D 196 23.49 6.67 -32.05
CA LEU D 196 22.31 7.52 -32.29
C LEU D 196 22.64 8.60 -33.32
N PRO D 197 21.61 9.04 -34.09
CA PRO D 197 21.87 10.03 -35.15
C PRO D 197 22.33 11.38 -34.63
N SER D 198 23.31 11.97 -35.32
CA SER D 198 23.74 13.34 -35.06
C SER D 198 23.35 14.21 -36.25
N GLU D 199 22.56 15.25 -35.98
CA GLU D 199 22.02 16.07 -37.07
C GLU D 199 22.48 17.50 -36.94
N PHE D 200 22.78 18.12 -38.10
CA PHE D 200 23.30 19.49 -38.15
C PHE D 200 22.64 20.30 -39.26
N ASP D 201 22.28 21.54 -38.93
CA ASP D 201 21.72 22.48 -39.90
C ASP D 201 22.83 22.98 -40.84
N LEU D 202 22.70 22.67 -42.13
CA LEU D 202 23.69 23.08 -43.13
C LEU D 202 23.23 24.28 -43.98
N SER D 203 22.08 24.84 -43.63
CA SER D 203 21.41 25.88 -44.44
C SER D 203 22.30 27.10 -44.73
N ALA D 204 23.02 27.56 -43.73
CA ALA D 204 23.88 28.73 -43.86
C ALA D 204 25.24 28.39 -44.48
N PHE D 205 25.49 27.10 -44.71
CA PHE D 205 26.80 26.63 -45.19
C PHE D 205 26.79 26.26 -46.66
N LEU D 206 25.63 25.87 -47.19
CA LEU D 206 25.55 25.37 -48.55
C LEU D 206 25.59 26.47 -49.60
N ARG D 207 26.09 26.11 -50.79
CA ARG D 207 26.20 27.04 -51.91
C ARG D 207 25.71 26.36 -53.19
N ALA D 208 25.48 27.16 -54.23
CA ALA D 208 25.13 26.65 -55.55
C ALA D 208 26.31 25.89 -56.17
N GLY D 209 26.01 24.75 -56.80
CA GLY D 209 27.03 23.96 -57.45
C GLY D 209 27.62 22.91 -56.52
N GLU D 210 28.94 22.78 -56.54
CA GLU D 210 29.63 21.77 -55.74
C GLU D 210 29.89 22.19 -54.30
N ASN D 211 29.50 21.32 -53.38
CA ASN D 211 29.77 21.51 -51.95
C ASN D 211 30.68 20.40 -51.47
N ARG D 212 31.45 20.66 -50.42
CA ARG D 212 32.31 19.63 -49.84
C ARG D 212 32.12 19.46 -48.32
N LEU D 213 31.83 18.23 -47.91
CA LEU D 213 31.81 17.87 -46.49
C LEU D 213 33.17 17.35 -46.06
N ALA D 214 33.61 17.77 -44.88
CA ALA D 214 34.79 17.19 -44.26
C ALA D 214 34.39 16.69 -42.88
N VAL D 215 34.55 15.39 -42.66
CA VAL D 215 34.20 14.74 -41.40
C VAL D 215 35.44 14.09 -40.81
N MET D 216 35.91 14.60 -39.67
CA MET D 216 37.05 14.02 -38.97
C MET D 216 36.56 13.15 -37.82
N VAL D 217 36.73 11.84 -37.98
CA VAL D 217 36.24 10.85 -37.03
C VAL D 217 37.35 10.35 -36.11
N LEU D 218 37.10 10.41 -34.80
CA LEU D 218 38.05 9.94 -33.80
C LEU D 218 37.66 8.56 -33.25
N ARG D 219 38.60 7.62 -33.28
CA ARG D 219 38.37 6.28 -32.75
C ARG D 219 38.03 6.31 -31.26
N TRP D 220 38.82 7.05 -30.49
CA TRP D 220 38.62 7.19 -29.06
C TRP D 220 38.19 8.59 -28.65
N SER D 221 37.27 8.65 -27.69
CA SER D 221 36.82 9.90 -27.08
C SER D 221 36.43 9.62 -25.63
N ASP D 222 36.08 10.67 -24.90
CA ASP D 222 35.50 10.48 -23.57
C ASP D 222 34.22 9.62 -23.66
N GLY D 223 33.61 9.61 -24.85
CA GLY D 223 32.48 8.73 -25.15
C GLY D 223 32.79 7.24 -25.06
N SER D 224 34.06 6.88 -25.28
CA SER D 224 34.52 5.49 -25.21
C SER D 224 34.39 4.87 -23.82
N TYR D 225 34.43 5.71 -22.79
CA TYR D 225 34.26 5.24 -21.42
C TYR D 225 32.86 4.71 -21.16
N LEU D 226 31.90 5.11 -22.00
CA LEU D 226 30.52 4.63 -21.89
C LEU D 226 30.18 3.57 -22.92
N GLU D 227 31.21 3.09 -23.65
CA GLU D 227 31.01 2.16 -24.75
C GLU D 227 31.91 0.94 -24.64
N ASP D 228 31.89 0.31 -23.46
CA ASP D 228 32.73 -0.85 -23.19
C ASP D 228 31.99 -2.20 -23.34
N GLN D 229 31.14 -2.27 -24.36
CA GLN D 229 30.46 -3.52 -24.73
C GLN D 229 31.45 -4.61 -25.11
N ASP D 230 31.09 -5.85 -24.77
CA ASP D 230 31.85 -7.04 -25.12
C ASP D 230 31.66 -7.33 -26.60
N MET D 231 32.47 -6.69 -27.43
CA MET D 231 32.36 -6.81 -28.88
C MET D 231 33.61 -6.23 -29.52
N TRP D 232 33.75 -6.41 -30.83
CA TRP D 232 34.85 -5.82 -31.58
C TRP D 232 34.80 -4.31 -31.43
N ARG D 233 35.97 -3.72 -31.18
CA ARG D 233 36.10 -2.27 -31.10
C ARG D 233 36.55 -1.76 -32.46
N MET D 234 35.64 -1.07 -33.14
CA MET D 234 35.88 -0.55 -34.48
C MET D 234 35.62 0.95 -34.47
N SER D 235 35.60 1.56 -35.66
CA SER D 235 35.30 2.99 -35.77
C SER D 235 34.89 3.38 -37.20
N GLY D 236 34.39 4.61 -37.35
CA GLY D 236 34.06 5.15 -38.65
C GLY D 236 32.62 5.62 -38.82
N ILE D 237 32.27 5.95 -40.05
CA ILE D 237 30.90 6.31 -40.43
C ILE D 237 30.20 5.03 -40.87
N PHE D 238 29.62 4.32 -39.90
CA PHE D 238 29.19 2.94 -40.11
C PHE D 238 27.67 2.78 -40.26
N ARG D 239 26.94 3.90 -40.20
CA ARG D 239 25.52 3.92 -40.55
C ARG D 239 25.23 5.01 -41.60
N ASP D 240 23.99 5.07 -42.06
CA ASP D 240 23.59 5.93 -43.17
C ASP D 240 23.91 7.41 -42.96
N VAL D 241 24.19 8.09 -44.07
CA VAL D 241 24.32 9.55 -44.09
C VAL D 241 23.25 10.07 -45.03
N SER D 242 22.54 11.10 -44.60
CA SER D 242 21.44 11.63 -45.41
C SER D 242 21.23 13.14 -45.27
N LEU D 243 20.56 13.73 -46.26
CA LEU D 243 20.14 15.12 -46.19
C LEU D 243 18.63 15.18 -46.07
N LEU D 244 18.14 16.02 -45.17
CA LEU D 244 16.70 16.20 -45.00
C LEU D 244 16.34 17.68 -45.13
N HIS D 245 15.47 17.97 -46.09
CA HIS D 245 14.99 19.33 -46.31
C HIS D 245 13.60 19.53 -45.74
N LYS D 246 13.49 20.41 -44.76
CA LYS D 246 12.23 20.72 -44.10
C LYS D 246 11.86 22.17 -44.41
N PRO D 247 10.54 22.52 -44.34
CA PRO D 247 10.19 23.94 -44.41
C PRO D 247 10.63 24.66 -43.15
N THR D 248 10.73 25.99 -43.22
CA THR D 248 11.09 26.81 -42.06
C THR D 248 10.04 26.67 -40.95
N THR D 249 8.77 26.63 -41.36
CA THR D 249 7.67 26.30 -40.47
C THR D 249 7.43 24.80 -40.64
N GLN D 250 7.73 24.04 -39.58
CA GLN D 250 7.88 22.59 -39.69
C GLN D 250 7.36 21.82 -38.48
N ILE D 251 7.05 20.54 -38.70
CA ILE D 251 6.87 19.60 -37.61
C ILE D 251 8.25 19.29 -37.03
N SER D 252 8.44 19.57 -35.74
CA SER D 252 9.73 19.33 -35.11
C SER D 252 9.75 18.10 -34.20
N ASP D 253 8.57 17.64 -33.81
CA ASP D 253 8.44 16.47 -32.95
C ASP D 253 6.98 16.04 -32.95
N PHE D 254 6.75 14.73 -32.82
CA PHE D 254 5.42 14.19 -32.56
C PHE D 254 5.51 12.89 -31.73
N HIS D 255 4.59 12.74 -30.77
CA HIS D 255 4.50 11.55 -29.91
C HIS D 255 3.13 10.91 -30.06
N VAL D 256 3.11 9.60 -30.20
CA VAL D 256 1.86 8.87 -30.34
C VAL D 256 1.63 7.93 -29.16
N ALA D 257 0.50 8.11 -28.47
CA ALA D 257 0.09 7.20 -27.40
C ALA D 257 -1.26 6.57 -27.72
N THR D 258 -1.43 5.32 -27.30
CA THR D 258 -2.70 4.62 -27.42
C THR D 258 -3.08 4.10 -26.04
N ARG D 259 -4.23 4.57 -25.52
CA ARG D 259 -4.79 4.03 -24.27
C ARG D 259 -6.14 3.36 -24.52
N PHE D 260 -6.53 2.49 -23.60
CA PHE D 260 -7.63 1.56 -23.83
C PHE D 260 -8.59 1.49 -22.64
N ASN D 261 -9.81 1.02 -22.91
CA ASN D 261 -10.74 0.67 -21.85
C ASN D 261 -10.44 -0.76 -21.34
N ASP D 262 -11.16 -1.19 -20.30
CA ASP D 262 -10.87 -2.44 -19.60
C ASP D 262 -10.73 -3.69 -20.49
N ASP D 263 -11.54 -3.81 -21.53
CA ASP D 263 -11.52 -4.99 -22.39
C ASP D 263 -11.01 -4.73 -23.82
N PHE D 264 -10.38 -3.57 -24.01
CA PHE D 264 -9.68 -3.23 -25.26
C PHE D 264 -10.60 -3.05 -26.48
N SER D 265 -11.88 -2.85 -26.21
CA SER D 265 -12.87 -2.64 -27.27
C SER D 265 -12.95 -1.17 -27.69
N ARG D 266 -12.28 -0.31 -26.93
CA ARG D 266 -12.22 1.12 -27.24
C ARG D 266 -10.81 1.65 -26.96
N ALA D 267 -10.32 2.50 -27.84
CA ALA D 267 -9.01 3.11 -27.68
C ALA D 267 -9.07 4.59 -28.01
N VAL D 268 -8.19 5.36 -27.38
CA VAL D 268 -7.95 6.74 -27.77
C VAL D 268 -6.50 6.81 -28.23
N LEU D 269 -6.30 7.24 -29.48
CA LEU D 269 -4.97 7.60 -29.94
C LEU D 269 -4.76 9.07 -29.61
N GLU D 270 -3.70 9.35 -28.86
CA GLU D 270 -3.36 10.71 -28.50
C GLU D 270 -2.06 11.06 -29.20
N ALA D 271 -2.08 12.15 -29.96
CA ALA D 271 -0.88 12.57 -30.69
C ALA D 271 -0.53 14.01 -30.34
N GLU D 272 0.63 14.18 -29.71
CA GLU D 272 1.14 15.52 -29.44
C GLU D 272 2.10 15.89 -30.56
N VAL D 273 1.90 17.08 -31.11
CA VAL D 273 2.70 17.56 -32.24
C VAL D 273 3.32 18.90 -31.88
N GLN D 274 4.60 19.05 -32.21
CA GLN D 274 5.33 20.27 -31.92
C GLN D 274 5.82 20.89 -33.23
N MET D 275 5.80 22.22 -33.28
CA MET D 275 6.31 22.92 -34.45
C MET D 275 7.51 23.82 -34.13
N CYS D 276 8.25 24.17 -35.17
CA CYS D 276 9.26 25.23 -35.12
C CYS D 276 8.96 26.16 -36.27
N GLY D 277 9.37 27.42 -36.15
CA GLY D 277 9.08 28.44 -37.16
C GLY D 277 8.07 29.44 -36.66
N GLU D 278 7.56 30.27 -37.57
CA GLU D 278 6.67 31.36 -37.19
C GLU D 278 5.24 30.89 -36.98
N LEU D 279 4.68 31.17 -35.81
CA LEU D 279 3.29 30.84 -35.51
C LEU D 279 2.33 31.79 -36.22
N ARG D 280 1.29 31.22 -36.83
CA ARG D 280 0.24 32.00 -37.47
C ARG D 280 -1.11 31.39 -37.12
N ASP D 281 -2.12 32.26 -37.01
CA ASP D 281 -3.48 31.85 -36.65
C ASP D 281 -4.09 30.84 -37.62
N TYR D 282 -3.64 30.85 -38.88
CA TYR D 282 -4.19 29.97 -39.90
C TYR D 282 -3.60 28.55 -39.87
N LEU D 283 -2.51 28.37 -39.14
CA LEU D 283 -1.87 27.06 -39.02
C LEU D 283 -2.74 26.04 -38.31
N ARG D 284 -2.70 24.80 -38.81
CA ARG D 284 -3.45 23.68 -38.24
C ARG D 284 -2.60 22.41 -38.31
N VAL D 285 -2.94 21.45 -37.46
CA VAL D 285 -2.42 20.09 -37.56
C VAL D 285 -3.59 19.12 -37.70
N THR D 286 -3.50 18.23 -38.67
CA THR D 286 -4.40 17.09 -38.80
C THR D 286 -3.60 15.80 -38.59
N VAL D 287 -4.05 14.98 -37.65
CA VAL D 287 -3.56 13.61 -37.51
C VAL D 287 -4.68 12.69 -37.98
N SER D 288 -4.38 11.86 -38.98
CA SER D 288 -5.35 10.90 -39.49
C SER D 288 -4.79 9.48 -39.37
N LEU D 289 -5.68 8.54 -39.08
CA LEU D 289 -5.30 7.15 -38.85
C LEU D 289 -5.88 6.24 -39.93
N TRP D 290 -5.02 5.43 -40.53
CA TRP D 290 -5.40 4.61 -41.68
C TRP D 290 -5.18 3.12 -41.44
N GLN D 291 -6.18 2.34 -41.84
CA GLN D 291 -6.08 0.89 -41.93
C GLN D 291 -6.12 0.62 -43.44
N GLY D 292 -4.95 0.38 -44.03
CA GLY D 292 -4.84 0.30 -45.48
C GLY D 292 -5.22 1.62 -46.13
N GLU D 293 -6.12 1.57 -47.11
CA GLU D 293 -6.58 2.79 -47.79
C GLU D 293 -7.83 3.40 -47.15
N THR D 294 -8.19 2.91 -45.97
CA THR D 294 -9.37 3.40 -45.26
C THR D 294 -8.96 4.28 -44.08
N GLN D 295 -9.38 5.54 -44.10
CA GLN D 295 -9.19 6.43 -42.95
C GLN D 295 -10.19 6.02 -41.89
N VAL D 296 -9.70 5.65 -40.71
CA VAL D 296 -10.58 5.17 -39.65
C VAL D 296 -10.95 6.26 -38.67
N ALA D 297 -10.05 7.24 -38.51
CA ALA D 297 -10.25 8.35 -37.58
C ALA D 297 -9.38 9.51 -38.00
N SER D 298 -9.78 10.71 -37.56
CA SER D 298 -9.05 11.94 -37.88
C SER D 298 -9.36 13.03 -36.88
N GLY D 299 -8.40 13.93 -36.68
CA GLY D 299 -8.56 15.04 -35.77
C GLY D 299 -7.77 16.24 -36.24
N THR D 300 -8.38 17.42 -36.17
CA THR D 300 -7.76 18.67 -36.65
C THR D 300 -7.93 19.76 -35.60
N ALA D 301 -6.85 20.51 -35.36
CA ALA D 301 -6.87 21.62 -34.42
C ALA D 301 -5.82 22.67 -34.75
N PRO D 302 -6.04 23.93 -34.32
CA PRO D 302 -5.00 24.93 -34.41
C PRO D 302 -3.94 24.69 -33.34
N PHE D 303 -2.80 25.37 -33.45
CA PHE D 303 -1.78 25.31 -32.41
C PHE D 303 -2.20 26.03 -31.13
N GLY D 304 -1.65 25.58 -30.01
CA GLY D 304 -1.98 26.12 -28.70
C GLY D 304 -2.54 25.04 -27.80
N GLY D 305 -1.67 24.48 -26.96
CA GLY D 305 -2.05 23.41 -26.03
C GLY D 305 -2.80 23.94 -24.83
N GLU D 306 -3.27 23.02 -23.98
CA GLU D 306 -3.94 23.38 -22.73
C GLU D 306 -3.05 24.24 -21.83
N ILE D 307 -3.67 25.02 -20.95
CA ILE D 307 -2.93 25.78 -19.94
C ILE D 307 -2.19 24.77 -19.05
N ILE D 308 -0.90 25.02 -18.86
CA ILE D 308 0.00 24.09 -18.17
C ILE D 308 0.42 24.62 -16.79
N ASP D 309 0.68 25.93 -16.73
CA ASP D 309 1.08 26.56 -15.49
C ASP D 309 0.60 28.00 -15.41
N GLU D 310 1.11 28.75 -14.45
CA GLU D 310 0.72 30.14 -14.26
C GLU D 310 1.01 30.98 -15.51
N ARG D 311 2.03 30.58 -16.28
CA ARG D 311 2.47 31.30 -17.47
C ARG D 311 1.78 30.87 -18.78
N GLY D 312 0.73 30.08 -18.66
CA GLY D 312 -0.04 29.63 -19.84
C GLY D 312 0.31 28.22 -20.30
N GLY D 313 0.35 28.04 -21.62
CA GLY D 313 0.65 26.75 -22.21
C GLY D 313 1.63 26.87 -23.36
N TYR D 314 1.75 25.78 -24.13
CA TYR D 314 2.61 25.75 -25.30
C TYR D 314 1.84 26.23 -26.53
N ALA D 315 2.19 27.42 -27.01
CA ALA D 315 1.59 27.98 -28.23
C ALA D 315 2.10 27.25 -29.47
N ASP D 316 3.23 26.56 -29.32
CA ASP D 316 3.87 25.85 -30.43
C ASP D 316 3.60 24.34 -30.45
N ARG D 317 2.57 23.92 -29.72
CA ARG D 317 2.19 22.52 -29.63
C ARG D 317 0.69 22.35 -29.68
N VAL D 318 0.26 21.15 -30.04
CA VAL D 318 -1.15 20.80 -30.06
C VAL D 318 -1.26 19.29 -29.82
N THR D 319 -2.34 18.88 -29.15
CA THR D 319 -2.60 17.47 -28.92
C THR D 319 -3.93 17.08 -29.55
N LEU D 320 -3.87 16.10 -30.44
CA LEU D 320 -5.06 15.58 -31.10
C LEU D 320 -5.47 14.27 -30.42
N ARG D 321 -6.78 14.06 -30.29
CA ARG D 321 -7.31 12.83 -29.72
C ARG D 321 -8.31 12.19 -30.67
N LEU D 322 -8.03 10.95 -31.06
CA LEU D 322 -8.88 10.19 -31.98
C LEU D 322 -9.47 8.98 -31.28
N ASN D 323 -10.78 8.81 -31.43
CA ASN D 323 -11.46 7.63 -30.92
C ASN D 323 -11.36 6.48 -31.90
N VAL D 324 -11.01 5.31 -31.40
CA VAL D 324 -10.94 4.10 -32.23
C VAL D 324 -11.72 2.98 -31.58
N GLU D 325 -12.86 2.63 -32.18
CA GLU D 325 -13.68 1.55 -31.69
C GLU D 325 -13.09 0.22 -32.15
N ASN D 326 -13.06 -0.76 -31.25
CA ASN D 326 -12.55 -2.11 -31.53
C ASN D 326 -11.24 -2.15 -32.34
N PRO D 327 -10.18 -1.51 -31.81
CA PRO D 327 -8.92 -1.49 -32.54
C PRO D 327 -8.34 -2.91 -32.73
N LYS D 328 -7.69 -3.12 -33.87
CA LYS D 328 -6.92 -4.34 -34.10
C LYS D 328 -5.61 -4.20 -33.35
N LEU D 329 -5.35 -5.13 -32.43
CA LEU D 329 -4.26 -4.97 -31.49
C LEU D 329 -2.96 -5.55 -32.04
N TRP D 330 -1.86 -4.85 -31.77
CA TRP D 330 -0.54 -5.27 -32.19
C TRP D 330 0.06 -6.23 -31.17
N SER D 331 0.67 -7.31 -31.66
CA SER D 331 1.52 -8.20 -30.86
C SER D 331 2.54 -8.85 -31.77
N ALA D 332 3.43 -9.66 -31.20
CA ALA D 332 4.38 -10.46 -31.99
C ALA D 332 3.66 -11.60 -32.72
N GLU D 333 2.51 -12.01 -32.20
CA GLU D 333 1.69 -13.06 -32.80
C GLU D 333 0.96 -12.56 -34.05
N ILE D 334 0.28 -11.42 -33.93
CA ILE D 334 -0.34 -10.75 -35.08
C ILE D 334 0.04 -9.27 -35.01
N PRO D 335 1.05 -8.87 -35.79
CA PRO D 335 1.54 -7.49 -35.76
C PRO D 335 0.63 -6.50 -36.52
N ASN D 336 -0.62 -6.36 -36.06
CA ASN D 336 -1.55 -5.38 -36.65
C ASN D 336 -1.03 -3.96 -36.56
N LEU D 337 -0.97 -3.29 -37.70
CA LEU D 337 -0.50 -1.90 -37.74
C LEU D 337 -1.48 -1.00 -38.45
N TYR D 338 -1.58 0.23 -37.96
CA TYR D 338 -2.26 1.30 -38.64
C TYR D 338 -1.18 2.28 -39.08
N ARG D 339 -1.55 3.21 -39.96
CA ARG D 339 -0.68 4.29 -40.35
C ARG D 339 -1.19 5.61 -39.78
N ALA D 340 -0.31 6.36 -39.13
CA ALA D 340 -0.66 7.70 -38.67
C ALA D 340 0.02 8.70 -39.57
N VAL D 341 -0.75 9.64 -40.12
CA VAL D 341 -0.18 10.72 -40.93
C VAL D 341 -0.37 12.03 -40.19
N VAL D 342 0.73 12.74 -39.96
CA VAL D 342 0.68 14.04 -39.28
C VAL D 342 0.87 15.15 -40.30
N GLU D 343 -0.18 15.93 -40.54
CA GLU D 343 -0.15 17.00 -41.53
C GLU D 343 -0.11 18.35 -40.84
N LEU D 344 0.96 19.11 -41.11
CA LEU D 344 1.01 20.51 -40.75
C LEU D 344 0.46 21.28 -41.95
N HIS D 345 -0.69 21.92 -41.76
CA HIS D 345 -1.35 22.59 -42.87
C HIS D 345 -2.01 23.90 -42.47
N THR D 346 -2.82 24.46 -43.36
CA THR D 346 -3.52 25.71 -43.05
C THR D 346 -5.03 25.46 -42.96
N ALA D 347 -5.75 26.44 -42.39
CA ALA D 347 -7.19 26.37 -42.20
C ALA D 347 -7.97 26.05 -43.47
N ASP D 348 -7.53 26.62 -44.60
CA ASP D 348 -8.19 26.39 -45.88
C ASP D 348 -7.62 25.20 -46.65
N GLY D 349 -6.85 24.37 -45.96
CA GLY D 349 -6.40 23.08 -46.51
C GLY D 349 -5.21 23.14 -47.43
N THR D 350 -4.23 23.99 -47.12
CA THR D 350 -2.95 23.99 -47.83
C THR D 350 -1.93 23.21 -47.00
N LEU D 351 -1.42 22.12 -47.58
CA LEU D 351 -0.39 21.33 -46.92
C LEU D 351 0.93 22.10 -46.89
N ILE D 352 1.58 22.08 -45.73
CA ILE D 352 2.93 22.64 -45.59
C ILE D 352 3.94 21.50 -45.59
N GLU D 353 3.64 20.45 -44.82
CA GLU D 353 4.52 19.30 -44.62
C GLU D 353 3.76 18.14 -43.99
N ALA D 354 4.13 16.91 -44.37
CA ALA D 354 3.59 15.71 -43.74
C ALA D 354 4.68 14.78 -43.23
N GLU D 355 4.51 14.29 -42.00
CA GLU D 355 5.31 13.20 -41.44
C GLU D 355 4.35 12.06 -41.12
N ALA D 356 4.90 10.89 -40.79
CA ALA D 356 4.08 9.71 -40.55
C ALA D 356 4.83 8.64 -39.76
N CYS D 357 4.06 7.68 -39.23
CA CYS D 357 4.63 6.49 -38.59
C CYS D 357 3.64 5.33 -38.62
N ASP D 358 4.14 4.12 -38.44
CA ASP D 358 3.29 2.96 -38.21
C ASP D 358 2.85 2.98 -36.73
N VAL D 359 1.58 2.68 -36.48
CA VAL D 359 1.02 2.66 -35.13
C VAL D 359 0.55 1.25 -34.80
N GLY D 360 1.07 0.70 -33.71
CA GLY D 360 0.55 -0.57 -33.18
C GLY D 360 -0.25 -0.31 -31.93
N PHE D 361 -1.54 -0.67 -31.95
CA PHE D 361 -2.38 -0.56 -30.76
C PHE D 361 -2.09 -1.68 -29.77
N ARG D 362 -1.32 -1.34 -28.74
CA ARG D 362 -0.98 -2.29 -27.69
C ARG D 362 -0.71 -1.56 -26.38
N GLU D 363 -1.03 -2.22 -25.28
CA GLU D 363 -0.79 -1.69 -23.95
C GLU D 363 0.20 -2.59 -23.21
N VAL D 364 1.24 -1.96 -22.67
CA VAL D 364 2.22 -2.66 -21.87
C VAL D 364 2.11 -2.15 -20.45
N ARG D 365 1.84 -3.04 -19.50
CA ARG D 365 1.79 -2.68 -18.09
C ARG D 365 2.20 -3.84 -17.18
N ILE D 366 2.73 -3.48 -16.02
CA ILE D 366 3.00 -4.46 -14.99
C ILE D 366 1.87 -4.37 -13.98
N GLU D 367 1.20 -5.50 -13.74
CA GLU D 367 0.12 -5.53 -12.76
C GLU D 367 0.15 -6.83 -11.97
N ASN D 368 0.09 -6.67 -10.64
CA ASN D 368 0.09 -7.79 -9.71
C ASN D 368 1.34 -8.66 -9.93
N GLY D 369 2.43 -8.01 -10.31
CA GLY D 369 3.71 -8.70 -10.51
C GLY D 369 3.93 -9.32 -11.88
N LEU D 370 2.97 -9.14 -12.79
CA LEU D 370 3.05 -9.67 -14.15
C LEU D 370 3.19 -8.59 -15.21
N LEU D 371 4.12 -8.80 -16.14
CA LEU D 371 4.20 -7.99 -17.34
C LEU D 371 3.09 -8.41 -18.30
N LEU D 372 2.16 -7.49 -18.55
CA LEU D 372 1.02 -7.77 -19.42
C LEU D 372 1.15 -7.01 -20.74
N LEU D 373 0.84 -7.71 -21.82
CA LEU D 373 0.65 -7.10 -23.12
C LEU D 373 -0.80 -7.29 -23.49
N ASN D 374 -1.50 -6.19 -23.76
CA ASN D 374 -2.93 -6.19 -24.03
C ASN D 374 -3.74 -7.02 -23.01
N GLY D 375 -3.38 -6.86 -21.74
CA GLY D 375 -4.04 -7.58 -20.65
C GLY D 375 -3.60 -9.01 -20.39
N LYS D 376 -2.72 -9.56 -21.22
CA LYS D 376 -2.28 -10.97 -21.10
C LYS D 376 -0.81 -11.08 -20.69
N PRO D 377 -0.49 -12.09 -19.84
CA PRO D 377 0.90 -12.21 -19.36
C PRO D 377 1.82 -12.81 -20.43
N LEU D 378 2.85 -12.05 -20.80
CA LEU D 378 3.79 -12.49 -21.83
C LEU D 378 4.68 -13.62 -21.35
N LEU D 379 5.11 -14.44 -22.31
CA LEU D 379 6.23 -15.34 -22.10
C LEU D 379 7.25 -15.02 -23.18
N ILE D 380 8.34 -14.39 -22.74
CA ILE D 380 9.38 -13.88 -23.59
C ILE D 380 10.31 -15.00 -24.07
N ARG D 381 10.26 -15.25 -25.38
CA ARG D 381 11.16 -16.18 -26.07
C ARG D 381 12.16 -15.27 -26.77
N GLY D 382 13.13 -14.79 -26.01
CA GLY D 382 13.99 -13.73 -26.51
C GLY D 382 15.41 -14.15 -26.78
N VAL D 383 16.11 -13.28 -27.51
CA VAL D 383 17.53 -13.44 -27.76
C VAL D 383 18.16 -12.05 -27.82
N ASN D 384 19.39 -11.95 -27.31
CA ASN D 384 20.21 -10.75 -27.48
C ASN D 384 20.81 -10.75 -28.87
N ARG D 385 20.80 -9.60 -29.54
CA ARG D 385 21.35 -9.50 -30.89
C ARG D 385 22.20 -8.26 -31.08
N HIS D 386 23.50 -8.48 -31.23
CA HIS D 386 24.44 -7.46 -31.66
C HIS D 386 24.27 -7.17 -33.15
N GLU D 387 24.70 -5.98 -33.57
CA GLU D 387 24.77 -5.64 -34.97
C GLU D 387 26.15 -6.07 -35.48
N HIS D 388 26.19 -7.21 -36.16
CA HIS D 388 27.46 -7.79 -36.58
C HIS D 388 27.35 -8.49 -37.93
N HIS D 389 28.32 -8.20 -38.79
CA HIS D 389 28.42 -8.85 -40.10
C HIS D 389 29.89 -9.29 -40.29
N PRO D 390 30.10 -10.55 -40.73
CA PRO D 390 31.46 -11.10 -40.84
C PRO D 390 32.35 -10.36 -41.86
N LEU D 391 31.74 -9.78 -42.90
CA LEU D 391 32.48 -9.02 -43.91
C LEU D 391 32.42 -7.51 -43.67
N HIS D 392 31.23 -7.01 -43.32
CA HIS D 392 31.04 -5.56 -43.17
C HIS D 392 31.20 -5.02 -41.75
N GLY D 393 31.51 -5.90 -40.80
CA GLY D 393 31.72 -5.50 -39.40
C GLY D 393 30.44 -5.11 -38.70
N GLN D 394 30.33 -3.83 -38.35
CA GLN D 394 29.18 -3.35 -37.60
C GLN D 394 28.21 -2.51 -38.44
N VAL D 395 28.43 -2.54 -39.76
CA VAL D 395 27.51 -1.97 -40.73
C VAL D 395 26.37 -2.97 -40.95
N MET D 396 25.14 -2.49 -40.83
CA MET D 396 23.96 -3.31 -41.05
C MET D 396 23.27 -3.00 -42.38
N ASP D 397 22.60 -4.01 -42.94
CA ASP D 397 21.86 -3.86 -44.19
C ASP D 397 20.50 -4.55 -44.03
N GLU D 398 19.54 -4.12 -44.85
CA GLU D 398 18.18 -4.66 -44.80
C GLU D 398 18.14 -6.19 -44.93
N GLN D 399 18.88 -6.73 -45.89
CA GLN D 399 18.90 -8.17 -46.15
C GLN D 399 19.30 -8.97 -44.91
N THR D 400 20.38 -8.54 -44.26
CA THR D 400 20.87 -9.20 -43.05
C THR D 400 19.85 -9.13 -41.92
N MET D 401 19.31 -7.92 -41.70
CA MET D 401 18.25 -7.70 -40.71
C MET D 401 17.03 -8.61 -40.93
N VAL D 402 16.54 -8.64 -42.17
CA VAL D 402 15.40 -9.49 -42.55
C VAL D 402 15.72 -10.97 -42.37
N GLN D 403 16.92 -11.37 -42.78
CA GLN D 403 17.37 -12.75 -42.62
C GLN D 403 17.37 -13.16 -41.13
N ASP D 404 17.86 -12.27 -40.27
CA ASP D 404 17.87 -12.53 -38.82
C ASP D 404 16.46 -12.72 -38.27
N ILE D 405 15.58 -11.76 -38.57
CA ILE D 405 14.17 -11.82 -38.14
C ILE D 405 13.45 -13.09 -38.61
N LEU D 406 13.67 -13.48 -39.86
CA LEU D 406 13.07 -14.71 -40.40
C LEU D 406 13.55 -15.94 -39.63
N LEU D 407 14.86 -16.06 -39.47
CA LEU D 407 15.45 -17.15 -38.69
C LEU D 407 15.00 -17.17 -37.22
N MET D 408 14.92 -16.00 -36.60
CA MET D 408 14.45 -15.90 -35.21
C MET D 408 13.00 -16.40 -35.07
N LYS D 409 12.11 -15.91 -35.93
CA LYS D 409 10.70 -16.29 -35.90
C LYS D 409 10.49 -17.76 -36.28
N GLN D 410 11.28 -18.27 -37.21
CA GLN D 410 11.24 -19.69 -37.58
C GLN D 410 11.69 -20.60 -36.45
N ASN D 411 12.46 -20.05 -35.53
CA ASN D 411 12.92 -20.80 -34.38
C ASN D 411 12.24 -20.39 -33.08
N ASN D 412 11.01 -19.89 -33.22
CA ASN D 412 10.10 -19.61 -32.10
C ASN D 412 10.57 -18.54 -31.13
N PHE D 413 11.34 -17.58 -31.62
CA PHE D 413 11.64 -16.37 -30.85
C PHE D 413 10.57 -15.34 -31.12
N ASN D 414 10.16 -14.63 -30.07
CA ASN D 414 9.20 -13.53 -30.19
C ASN D 414 9.73 -12.19 -29.72
N ALA D 415 10.98 -12.17 -29.26
CA ALA D 415 11.55 -10.97 -28.65
C ALA D 415 13.05 -10.84 -28.86
N VAL D 416 13.51 -9.58 -28.92
CA VAL D 416 14.93 -9.30 -29.12
C VAL D 416 15.37 -8.16 -28.22
N ARG D 417 16.57 -8.28 -27.65
CA ARG D 417 17.16 -7.20 -26.89
C ARG D 417 18.29 -6.56 -27.70
N CYS D 418 18.23 -5.24 -27.85
CA CYS D 418 19.23 -4.47 -28.58
C CYS D 418 20.51 -4.32 -27.77
N SER D 419 21.23 -5.41 -27.59
CA SER D 419 22.46 -5.42 -26.80
C SER D 419 23.62 -4.80 -27.58
N HIS D 420 24.23 -3.70 -27.09
CA HIS D 420 23.79 -2.93 -25.92
C HIS D 420 23.77 -1.45 -26.32
N TYR D 421 22.86 -1.10 -27.22
CA TYR D 421 22.81 0.22 -27.85
C TYR D 421 21.58 0.33 -28.74
N PRO D 422 21.13 1.58 -29.02
CA PRO D 422 20.10 1.73 -30.03
C PRO D 422 20.59 1.19 -31.37
N ASN D 423 19.69 0.51 -32.09
CA ASN D 423 20.03 -0.11 -33.34
C ASN D 423 19.83 0.84 -34.52
N HIS D 424 20.38 0.46 -35.67
CA HIS D 424 20.01 1.02 -36.97
C HIS D 424 18.49 1.20 -37.01
N PRO D 425 18.01 2.41 -37.42
CA PRO D 425 16.57 2.72 -37.37
C PRO D 425 15.67 1.73 -38.10
N LEU D 426 16.18 1.06 -39.14
CA LEU D 426 15.37 0.11 -39.89
C LEU D 426 14.97 -1.12 -39.07
N TRP D 427 15.81 -1.48 -38.09
CA TRP D 427 15.53 -2.63 -37.22
C TRP D 427 14.15 -2.54 -36.56
N TYR D 428 13.81 -1.35 -36.06
CA TYR D 428 12.54 -1.12 -35.38
C TYR D 428 11.35 -1.15 -36.34
N THR D 429 11.56 -0.64 -37.55
CA THR D 429 10.56 -0.74 -38.60
C THR D 429 10.24 -2.21 -38.91
N LEU D 430 11.27 -3.02 -39.08
CA LEU D 430 11.09 -4.43 -39.38
C LEU D 430 10.47 -5.21 -38.21
N CYS D 431 10.85 -4.89 -36.98
CA CYS D 431 10.25 -5.52 -35.80
C CYS D 431 8.77 -5.14 -35.65
N ASP D 432 8.45 -3.88 -35.96
CA ASP D 432 7.04 -3.43 -36.03
C ASP D 432 6.22 -4.29 -36.99
N ARG D 433 6.76 -4.51 -38.18
CA ARG D 433 6.02 -5.15 -39.27
C ARG D 433 5.98 -6.68 -39.23
N TYR D 434 7.11 -7.30 -38.91
CA TYR D 434 7.16 -8.76 -38.76
C TYR D 434 6.60 -9.22 -37.41
N GLY D 435 6.79 -8.41 -36.38
CA GLY D 435 6.26 -8.71 -35.06
C GLY D 435 7.28 -9.37 -34.15
N LEU D 436 8.09 -8.53 -33.51
CA LEU D 436 8.94 -8.96 -32.39
C LEU D 436 8.89 -7.91 -31.28
N TYR D 437 8.90 -8.36 -30.03
CA TYR D 437 9.03 -7.46 -28.89
C TYR D 437 10.49 -7.02 -28.75
N VAL D 438 10.69 -5.73 -28.54
CA VAL D 438 12.04 -5.17 -28.49
C VAL D 438 12.32 -4.51 -27.15
N VAL D 439 13.47 -4.85 -26.58
CA VAL D 439 14.05 -4.07 -25.49
C VAL D 439 15.05 -3.11 -26.13
N ASP D 440 14.72 -1.82 -26.07
CA ASP D 440 15.57 -0.78 -26.63
C ASP D 440 16.47 -0.28 -25.52
N GLU D 441 17.77 -0.26 -25.79
CA GLU D 441 18.76 -0.13 -24.73
C GLU D 441 19.72 1.02 -25.00
N ALA D 442 19.92 1.86 -23.99
CA ALA D 442 20.84 3.02 -24.10
C ALA D 442 22.29 2.58 -24.31
N ASN D 443 23.02 3.35 -25.11
CA ASN D 443 24.44 3.07 -25.38
C ASN D 443 25.32 3.43 -24.18
N ILE D 444 25.13 2.71 -23.08
CA ILE D 444 25.91 2.92 -21.85
C ILE D 444 26.41 1.60 -21.27
N GLU D 445 27.72 1.37 -21.38
CA GLU D 445 28.37 0.27 -20.66
C GLU D 445 29.75 0.65 -20.15
N THR D 446 29.94 0.54 -18.85
CA THR D 446 31.19 0.88 -18.20
C THR D 446 31.76 -0.32 -17.43
N HIS D 447 31.66 -1.50 -18.04
CA HIS D 447 32.10 -2.76 -17.39
C HIS D 447 33.51 -2.70 -16.78
N GLY D 448 34.44 -2.11 -17.51
CA GLY D 448 35.86 -2.13 -17.12
C GLY D 448 36.25 -1.20 -15.99
N MET D 449 35.32 -0.36 -15.54
CA MET D 449 35.56 0.52 -14.39
C MET D 449 35.69 -0.25 -13.08
N VAL D 450 36.43 0.31 -12.13
CA VAL D 450 36.59 -0.31 -10.80
C VAL D 450 36.27 0.72 -9.71
N PRO D 451 35.17 0.51 -8.97
CA PRO D 451 34.14 -0.50 -9.18
C PRO D 451 33.30 -0.15 -10.42
N MET D 452 32.38 -1.02 -10.81
CA MET D 452 31.64 -0.85 -12.08
C MET D 452 30.87 0.47 -12.18
N ASN D 453 30.45 1.02 -11.03
CA ASN D 453 29.65 2.25 -10.99
C ASN D 453 30.42 3.56 -10.76
N ARG D 454 31.74 3.53 -10.94
CA ARG D 454 32.56 4.70 -10.67
C ARG D 454 32.12 5.94 -11.45
N LEU D 455 31.69 5.75 -12.69
CA LEU D 455 31.22 6.84 -13.53
C LEU D 455 29.74 7.13 -13.36
N THR D 456 28.95 6.06 -13.26
CA THR D 456 27.50 6.17 -13.23
C THR D 456 26.97 6.70 -11.89
N ASP D 457 27.82 6.71 -10.87
CA ASP D 457 27.46 7.31 -9.58
C ASP D 457 28.04 8.73 -9.45
N ASP D 458 28.75 9.17 -10.49
CA ASP D 458 29.41 10.47 -10.51
C ASP D 458 28.56 11.49 -11.27
N PRO D 459 28.08 12.55 -10.58
CA PRO D 459 27.27 13.62 -11.19
C PRO D 459 27.91 14.28 -12.41
N ARG D 460 29.25 14.29 -12.46
CA ARG D 460 29.99 14.81 -13.61
C ARG D 460 29.67 14.06 -14.91
N TRP D 461 29.33 12.77 -14.77
CA TRP D 461 28.99 11.95 -15.93
C TRP D 461 27.48 11.86 -16.20
N LEU D 462 26.66 12.48 -15.36
CA LEU D 462 25.21 12.50 -15.60
C LEU D 462 24.81 13.12 -16.95
N PRO D 463 25.38 14.29 -17.32
CA PRO D 463 25.06 14.85 -18.64
C PRO D 463 25.31 13.92 -19.82
N ALA D 464 26.49 13.30 -19.88
CA ALA D 464 26.80 12.39 -20.98
C ALA D 464 25.87 11.17 -20.99
N MET D 465 25.61 10.63 -19.80
CA MET D 465 24.68 9.49 -19.65
C MET D 465 23.26 9.86 -20.01
N SER D 466 22.82 11.05 -19.59
CA SER D 466 21.44 11.48 -19.86
C SER D 466 21.15 11.60 -21.35
N GLU D 467 22.12 12.08 -22.13
CA GLU D 467 21.92 12.19 -23.58
C GLU D 467 21.84 10.84 -24.27
N ARG D 468 22.53 9.84 -23.73
CA ARG D 468 22.43 8.50 -24.28
C ARG D 468 21.05 7.88 -24.05
N VAL D 469 20.42 8.21 -22.93
CA VAL D 469 19.06 7.75 -22.60
C VAL D 469 17.98 8.60 -23.28
N THR D 470 18.03 9.91 -23.08
CA THR D 470 16.96 10.82 -23.52
C THR D 470 16.80 10.86 -25.04
N ARG D 471 17.94 10.85 -25.74
CA ARG D 471 17.94 10.91 -27.20
C ARG D 471 17.51 9.59 -27.84
N MET D 472 17.68 8.48 -27.11
CA MET D 472 17.11 7.20 -27.51
C MET D 472 15.58 7.23 -27.44
N VAL D 473 15.05 7.65 -26.30
CA VAL D 473 13.60 7.75 -26.10
C VAL D 473 12.98 8.69 -27.13
N GLN D 474 13.63 9.82 -27.38
CA GLN D 474 13.14 10.81 -28.34
C GLN D 474 13.08 10.26 -29.76
N ARG D 475 14.01 9.36 -30.09
CA ARG D 475 14.03 8.73 -31.42
C ARG D 475 13.02 7.60 -31.60
N ASP D 476 12.89 6.74 -30.60
CA ASP D 476 12.23 5.44 -30.77
C ASP D 476 10.87 5.29 -30.09
N ARG D 477 10.42 6.34 -29.40
CA ARG D 477 9.21 6.24 -28.56
C ARG D 477 7.90 5.93 -29.32
N ASN D 478 7.89 6.10 -30.64
CA ASN D 478 6.68 5.83 -31.41
C ASN D 478 6.61 4.40 -31.98
N HIS D 479 7.66 3.61 -31.80
CA HIS D 479 7.71 2.24 -32.33
C HIS D 479 6.92 1.28 -31.42
N PRO D 480 5.87 0.64 -31.96
CA PRO D 480 5.12 -0.30 -31.13
C PRO D 480 5.94 -1.54 -30.70
N SER D 481 6.94 -1.92 -31.50
CA SER D 481 7.76 -3.09 -31.18
C SER D 481 8.53 -2.90 -29.89
N VAL D 482 8.98 -1.68 -29.64
CA VAL D 482 9.64 -1.34 -28.39
C VAL D 482 8.62 -1.39 -27.27
N ILE D 483 8.82 -2.34 -26.35
CA ILE D 483 7.89 -2.52 -25.23
C ILE D 483 8.52 -2.25 -23.87
N ILE D 484 9.86 -2.17 -23.85
CA ILE D 484 10.63 -1.96 -22.63
C ILE D 484 11.86 -1.13 -22.96
N TRP D 485 12.18 -0.17 -22.09
CA TRP D 485 13.42 0.61 -22.19
C TRP D 485 14.45 0.02 -21.24
N SER D 486 15.71 0.01 -21.69
CA SER D 486 16.82 -0.36 -20.83
C SER D 486 17.83 0.78 -20.71
N LEU D 487 18.39 0.92 -19.50
CA LEU D 487 19.32 1.98 -19.16
C LEU D 487 20.77 1.64 -19.55
N GLY D 488 20.95 0.54 -20.25
CA GLY D 488 22.28 0.09 -20.64
C GLY D 488 22.59 -1.23 -19.97
N THR D 489 23.88 -1.52 -19.80
CA THR D 489 24.30 -2.78 -19.21
C THR D 489 25.64 -2.64 -18.47
N GLU D 490 25.88 -3.53 -17.50
CA GLU D 490 27.15 -3.63 -16.77
C GLU D 490 27.79 -2.28 -16.44
N SER D 491 27.06 -1.42 -15.74
CA SER D 491 27.61 -0.14 -15.30
C SER D 491 27.35 0.04 -13.81
N GLY D 492 27.28 -1.08 -13.10
CA GLY D 492 26.94 -1.10 -11.69
C GLY D 492 25.60 -0.41 -11.49
N HIS D 493 25.38 0.12 -10.29
CA HIS D 493 24.19 0.91 -10.02
C HIS D 493 24.62 2.22 -9.40
N GLY D 494 24.48 3.30 -10.16
CA GLY D 494 24.78 4.64 -9.66
C GLY D 494 23.54 5.51 -9.57
N ALA D 495 23.65 6.60 -8.82
CA ALA D 495 22.56 7.57 -8.68
C ALA D 495 22.11 8.15 -10.02
N ASN D 496 23.01 8.17 -11.00
CA ASN D 496 22.65 8.58 -12.37
C ASN D 496 21.62 7.64 -13.02
N HIS D 497 21.68 6.34 -12.68
CA HIS D 497 20.66 5.39 -13.15
C HIS D 497 19.28 5.70 -12.60
N ASP D 498 19.22 6.05 -11.31
CA ASP D 498 17.97 6.41 -10.64
C ASP D 498 17.33 7.67 -11.24
N ALA D 499 18.15 8.70 -11.47
CA ALA D 499 17.68 9.93 -12.07
C ALA D 499 17.06 9.64 -13.43
N LEU D 500 17.77 8.81 -14.22
CA LEU D 500 17.37 8.52 -15.60
C LEU D 500 16.21 7.55 -15.67
N TYR D 501 16.16 6.60 -14.72
CA TYR D 501 15.00 5.75 -14.55
C TYR D 501 13.74 6.61 -14.40
N ARG D 502 13.80 7.59 -13.50
CA ARG D 502 12.66 8.45 -13.20
C ARG D 502 12.32 9.37 -14.37
N TRP D 503 13.34 9.85 -15.07
CA TRP D 503 13.12 10.66 -16.26
C TRP D 503 12.23 9.92 -17.26
N ILE D 504 12.55 8.66 -17.55
CA ILE D 504 11.78 7.87 -18.51
C ILE D 504 10.34 7.65 -18.03
N LYS D 505 10.18 7.29 -16.76
CA LYS D 505 8.87 7.01 -16.19
C LYS D 505 7.97 8.24 -16.28
N SER D 506 8.60 9.41 -16.21
CA SER D 506 7.93 10.69 -16.29
C SER D 506 7.55 11.03 -17.74
N VAL D 507 8.49 10.81 -18.64
CA VAL D 507 8.35 11.17 -20.05
C VAL D 507 7.49 10.16 -20.85
N ASP D 508 7.62 8.88 -20.52
CA ASP D 508 6.90 7.83 -21.23
C ASP D 508 6.39 6.77 -20.25
N PRO D 509 5.17 6.94 -19.71
CA PRO D 509 4.62 5.97 -18.76
C PRO D 509 4.11 4.68 -19.42
N SER D 510 4.16 4.61 -20.75
CA SER D 510 3.61 3.47 -21.50
C SER D 510 4.52 2.22 -21.51
N ARG D 511 5.77 2.37 -21.10
CA ARG D 511 6.72 1.25 -21.16
C ARG D 511 7.48 1.10 -19.85
N PRO D 512 7.63 -0.15 -19.36
CA PRO D 512 8.46 -0.37 -18.19
C PRO D 512 9.92 -0.08 -18.50
N VAL D 513 10.68 0.25 -17.47
CA VAL D 513 12.12 0.47 -17.59
C VAL D 513 12.84 -0.64 -16.85
N GLN D 514 13.83 -1.24 -17.48
CA GLN D 514 14.63 -2.25 -16.80
C GLN D 514 16.10 -1.89 -16.85
N TYR D 515 16.85 -2.45 -15.90
CA TYR D 515 18.30 -2.30 -15.85
C TYR D 515 18.88 -3.33 -14.89
N GLU D 516 19.89 -4.06 -15.33
CA GLU D 516 20.42 -5.20 -14.56
C GLU D 516 21.52 -4.83 -13.56
N GLY D 517 22.20 -3.72 -13.79
CA GLY D 517 23.39 -3.38 -12.99
C GLY D 517 23.10 -3.30 -11.51
N GLY D 518 24.10 -3.64 -10.69
CA GLY D 518 24.00 -3.54 -9.24
C GLY D 518 23.11 -4.60 -8.60
N GLY D 519 22.91 -5.72 -9.27
CA GLY D 519 22.24 -6.86 -8.65
C GLY D 519 20.88 -7.23 -9.20
N ALA D 520 20.51 -6.62 -10.32
CA ALA D 520 19.34 -7.02 -11.13
C ALA D 520 17.97 -6.70 -10.55
N ASP D 521 17.93 -6.18 -9.32
CA ASP D 521 16.67 -5.89 -8.66
C ASP D 521 16.67 -4.56 -7.90
N THR D 522 17.52 -3.63 -8.33
CA THR D 522 17.67 -2.30 -7.70
C THR D 522 16.41 -1.45 -7.83
N THR D 523 16.48 -0.22 -7.32
CA THR D 523 15.39 0.74 -7.43
C THR D 523 15.31 1.36 -8.83
N ALA D 524 16.20 0.96 -9.72
CA ALA D 524 16.24 1.49 -11.10
C ALA D 524 15.71 0.49 -12.13
N THR D 525 14.96 -0.51 -11.67
CA THR D 525 14.39 -1.49 -12.58
C THR D 525 12.98 -1.90 -12.19
N ASP D 526 12.08 -1.94 -13.17
CA ASP D 526 10.70 -2.42 -12.98
C ASP D 526 10.59 -3.95 -13.08
N ILE D 527 11.66 -4.58 -13.58
CA ILE D 527 11.67 -6.01 -13.87
C ILE D 527 12.94 -6.58 -13.24
N ILE D 528 12.83 -7.69 -12.52
CA ILE D 528 14.01 -8.40 -12.04
C ILE D 528 14.62 -9.00 -13.30
N CYS D 529 15.80 -8.53 -13.68
CA CYS D 529 16.36 -8.88 -14.99
C CYS D 529 17.78 -9.40 -14.92
N PRO D 530 18.01 -10.51 -14.20
CA PRO D 530 19.37 -11.00 -14.01
C PRO D 530 20.04 -11.52 -15.27
N MET D 531 21.35 -11.63 -15.21
CA MET D 531 22.13 -12.28 -16.25
C MET D 531 22.68 -13.59 -15.68
N TYR D 532 22.34 -14.69 -16.34
CA TYR D 532 22.86 -16.04 -16.01
C TYR D 532 22.55 -16.51 -14.59
N ALA D 533 21.49 -15.96 -13.99
CA ALA D 533 20.93 -16.57 -12.78
C ALA D 533 20.43 -17.96 -13.17
N ARG D 534 20.70 -18.94 -12.32
CA ARG D 534 20.35 -20.34 -12.63
C ARG D 534 18.93 -20.68 -12.13
N VAL D 535 18.41 -21.81 -12.60
CA VAL D 535 17.04 -22.22 -12.31
C VAL D 535 16.83 -22.56 -10.82
N ASP D 536 17.64 -23.49 -10.31
CA ASP D 536 17.48 -24.00 -8.95
C ASP D 536 18.67 -23.65 -8.06
N GLU D 537 19.83 -23.44 -8.67
CA GLU D 537 21.06 -23.23 -7.92
C GLU D 537 21.31 -21.75 -7.65
N ASP D 538 21.45 -21.40 -6.37
CA ASP D 538 21.89 -20.07 -5.95
C ASP D 538 23.38 -19.86 -6.21
N GLN D 539 23.74 -18.62 -6.55
CA GLN D 539 25.14 -18.22 -6.64
C GLN D 539 25.32 -16.97 -5.79
N PRO D 540 25.53 -17.15 -4.48
CA PRO D 540 25.40 -16.02 -3.56
C PRO D 540 26.63 -15.11 -3.49
N PHE D 541 27.02 -14.52 -4.63
CA PHE D 541 28.13 -13.57 -4.65
C PHE D 541 27.84 -12.44 -3.65
N PRO D 542 28.89 -11.92 -2.97
CA PRO D 542 28.71 -10.73 -2.16
C PRO D 542 28.12 -9.57 -2.98
N ALA D 543 27.26 -8.78 -2.35
CA ALA D 543 26.64 -7.57 -2.93
C ALA D 543 25.67 -7.82 -4.08
N VAL D 544 26.09 -8.61 -5.07
CA VAL D 544 25.29 -8.86 -6.25
C VAL D 544 25.02 -10.36 -6.48
N PRO D 545 24.36 -11.03 -5.52
CA PRO D 545 24.09 -12.47 -5.68
C PRO D 545 23.19 -12.78 -6.87
N LYS D 546 23.41 -13.92 -7.51
CA LYS D 546 22.48 -14.41 -8.53
C LYS D 546 21.69 -15.54 -7.90
N TRP D 547 20.51 -15.21 -7.38
CA TRP D 547 19.66 -16.22 -6.75
C TRP D 547 19.07 -17.16 -7.79
N SER D 548 18.74 -18.37 -7.36
CA SER D 548 17.83 -19.23 -8.13
C SER D 548 16.64 -18.37 -8.53
N ILE D 549 16.26 -18.41 -9.81
CA ILE D 549 15.19 -17.53 -10.30
C ILE D 549 13.85 -17.81 -9.60
N LYS D 550 13.58 -19.08 -9.33
CA LYS D 550 12.39 -19.48 -8.57
C LYS D 550 12.42 -18.85 -7.17
N LYS D 551 13.59 -18.88 -6.54
CA LYS D 551 13.79 -18.28 -5.20
C LYS D 551 13.72 -16.75 -5.23
N TRP D 552 14.33 -16.15 -6.26
CA TRP D 552 14.38 -14.69 -6.39
C TRP D 552 13.00 -14.07 -6.32
N LEU D 553 12.06 -14.65 -7.07
CA LEU D 553 10.68 -14.14 -7.11
C LEU D 553 10.04 -13.95 -5.74
N SER D 554 10.32 -14.86 -4.82
CA SER D 554 9.62 -14.86 -3.52
C SER D 554 10.44 -14.32 -2.35
N LEU D 555 11.57 -13.68 -2.62
CA LEU D 555 12.32 -13.02 -1.55
C LEU D 555 11.40 -12.05 -0.83
N PRO D 556 11.56 -11.91 0.51
CA PRO D 556 10.69 -11.05 1.31
C PRO D 556 10.52 -9.66 0.69
N GLY D 557 9.27 -9.26 0.47
CA GLY D 557 8.95 -7.94 -0.06
C GLY D 557 8.92 -7.86 -1.59
N GLU D 558 9.48 -8.87 -2.27
CA GLU D 558 9.59 -8.83 -3.73
C GLU D 558 8.28 -9.19 -4.42
N THR D 559 7.91 -8.39 -5.41
CA THR D 559 6.66 -8.57 -6.14
C THR D 559 6.82 -8.49 -7.66
N ARG D 560 8.00 -8.10 -8.13
CA ARG D 560 8.20 -7.82 -9.56
C ARG D 560 8.28 -9.06 -10.45
N PRO D 561 7.98 -8.90 -11.76
CA PRO D 561 8.20 -10.00 -12.71
C PRO D 561 9.70 -10.23 -12.92
N LEU D 562 10.07 -11.46 -13.30
CA LEU D 562 11.46 -11.79 -13.57
C LEU D 562 11.60 -12.26 -15.02
N ILE D 563 12.42 -11.54 -15.77
CA ILE D 563 12.77 -11.88 -17.14
C ILE D 563 14.28 -11.70 -17.23
N LEU D 564 15.00 -12.79 -17.49
CA LEU D 564 16.46 -12.70 -17.58
C LEU D 564 16.85 -11.84 -18.78
N CYS D 565 17.67 -10.82 -18.59
CA CYS D 565 18.12 -10.04 -19.75
C CYS D 565 19.19 -10.80 -20.54
N GLU D 566 19.85 -11.75 -19.87
CA GLU D 566 20.79 -12.70 -20.50
C GLU D 566 20.75 -14.04 -19.78
N TYR D 567 20.67 -15.13 -20.54
CA TYR D 567 20.78 -16.47 -19.98
C TYR D 567 21.20 -17.47 -21.07
N ALA D 568 21.54 -18.69 -20.67
CA ALA D 568 21.92 -19.75 -21.59
C ALA D 568 23.01 -19.30 -22.56
N HIS D 569 24.20 -19.06 -22.02
CA HIS D 569 25.34 -18.58 -22.81
C HIS D 569 25.68 -19.60 -23.90
N ALA D 570 25.39 -19.25 -25.15
CA ALA D 570 25.43 -20.20 -26.28
C ALA D 570 26.80 -20.34 -26.94
N MET D 571 27.86 -20.35 -26.14
CA MET D 571 29.23 -20.33 -26.63
C MET D 571 29.73 -21.71 -27.03
N GLY D 572 29.99 -21.90 -28.33
CA GLY D 572 30.46 -23.19 -28.85
C GLY D 572 29.43 -24.27 -28.61
N ASN D 573 29.90 -25.44 -28.18
CA ASN D 573 29.01 -26.55 -27.86
C ASN D 573 28.31 -26.29 -26.52
N SER D 574 27.13 -25.68 -26.59
CA SER D 574 26.46 -25.16 -25.39
C SER D 574 24.94 -25.31 -25.40
N LEU D 575 24.28 -24.61 -24.47
CA LEU D 575 22.83 -24.73 -24.23
C LEU D 575 22.44 -26.01 -23.50
N GLY D 576 23.40 -26.64 -22.82
CA GLY D 576 23.08 -27.67 -21.85
C GLY D 576 22.24 -27.07 -20.72
N GLY D 577 21.16 -27.75 -20.37
CA GLY D 577 20.25 -27.29 -19.32
C GLY D 577 19.21 -26.28 -19.79
N PHE D 578 19.06 -26.10 -21.10
CA PHE D 578 18.10 -25.12 -21.65
C PHE D 578 16.67 -25.49 -21.30
N ALA D 579 16.37 -26.78 -21.31
CA ALA D 579 15.03 -27.29 -21.01
C ALA D 579 14.62 -26.96 -19.58
N LYS D 580 15.62 -26.89 -18.69
CA LYS D 580 15.36 -26.59 -17.28
C LYS D 580 14.79 -25.17 -17.09
N TYR D 581 15.27 -24.21 -17.86
CA TYR D 581 14.72 -22.84 -17.85
C TYR D 581 13.26 -22.82 -18.31
N TRP D 582 12.99 -23.51 -19.42
CA TRP D 582 11.66 -23.49 -20.04
C TRP D 582 10.57 -24.20 -19.23
N GLN D 583 10.95 -25.25 -18.51
CA GLN D 583 10.05 -25.89 -17.56
C GLN D 583 9.65 -24.92 -16.43
N ALA D 584 10.63 -24.17 -15.91
CA ALA D 584 10.38 -23.21 -14.86
C ALA D 584 9.58 -22.00 -15.36
N PHE D 585 9.93 -21.51 -16.56
CA PHE D 585 9.17 -20.41 -17.18
C PHE D 585 7.68 -20.80 -17.26
N ARG D 586 7.39 -22.04 -17.63
CA ARG D 586 6.01 -22.49 -17.79
C ARG D 586 5.28 -22.73 -16.47
N GLN D 587 5.97 -23.22 -15.45
CA GLN D 587 5.35 -23.45 -14.16
C GLN D 587 5.06 -22.18 -13.34
N TYR D 588 5.94 -21.19 -13.41
CA TYR D 588 5.86 -20.00 -12.54
C TYR D 588 5.32 -18.81 -13.30
N PRO D 589 4.09 -18.36 -12.96
CA PRO D 589 3.52 -17.20 -13.66
C PRO D 589 4.49 -16.01 -13.76
N ARG D 590 5.17 -15.66 -12.67
CA ARG D 590 6.05 -14.49 -12.66
C ARG D 590 7.45 -14.69 -13.26
N LEU D 591 7.79 -15.92 -13.64
CA LEU D 591 8.98 -16.15 -14.45
C LEU D 591 8.57 -16.03 -15.92
N GLN D 592 8.81 -14.87 -16.51
CA GLN D 592 8.25 -14.58 -17.82
C GLN D 592 9.25 -14.66 -18.96
N GLY D 593 10.31 -15.44 -18.75
CA GLY D 593 11.22 -15.81 -19.84
C GLY D 593 12.56 -15.11 -19.76
N GLY D 594 13.15 -14.87 -20.92
CA GLY D 594 14.46 -14.23 -20.97
C GLY D 594 15.02 -14.11 -22.37
N PHE D 595 16.21 -13.53 -22.44
CA PHE D 595 16.90 -13.32 -23.69
C PHE D 595 18.21 -14.12 -23.73
N VAL D 596 18.28 -15.12 -24.60
CA VAL D 596 19.48 -15.93 -24.80
C VAL D 596 20.68 -15.05 -25.16
N TRP D 597 21.84 -15.36 -24.60
CA TRP D 597 23.08 -14.76 -25.09
C TRP D 597 23.87 -15.77 -25.93
N ASP D 598 23.94 -15.58 -27.26
CA ASP D 598 23.20 -14.56 -28.00
C ASP D 598 22.91 -15.05 -29.42
N TRP D 599 22.56 -14.13 -30.33
CA TRP D 599 22.14 -14.53 -31.66
C TRP D 599 23.27 -15.05 -32.54
N VAL D 600 24.22 -14.18 -32.86
CA VAL D 600 25.21 -14.47 -33.89
C VAL D 600 26.65 -14.37 -33.37
N ASP D 601 27.48 -15.36 -33.71
CA ASP D 601 28.92 -15.31 -33.42
C ASP D 601 29.52 -14.02 -33.95
N GLN D 602 30.35 -13.35 -33.18
CA GLN D 602 31.10 -12.20 -33.67
C GLN D 602 32.45 -12.61 -34.27
N SER D 603 32.42 -13.54 -35.22
CA SER D 603 33.64 -13.91 -35.95
C SER D 603 33.76 -13.04 -37.20
N LEU D 604 35.00 -12.77 -37.63
CA LEU D 604 35.24 -11.97 -38.82
C LEU D 604 35.99 -12.77 -39.89
N ILE D 605 35.74 -12.47 -41.16
CA ILE D 605 36.41 -13.14 -42.28
C ILE D 605 37.83 -12.62 -42.50
N LYS D 606 38.79 -13.54 -42.49
CA LYS D 606 40.13 -13.26 -42.97
C LYS D 606 40.45 -14.20 -44.13
N TYR D 607 41.50 -13.90 -44.88
CA TYR D 607 41.87 -14.73 -46.04
C TYR D 607 43.31 -15.21 -45.93
N ASP D 608 43.54 -16.47 -46.28
CA ASP D 608 44.89 -17.03 -46.23
C ASP D 608 45.67 -16.81 -47.54
N GLU D 609 46.85 -17.40 -47.63
CA GLU D 609 47.76 -17.27 -48.78
C GLU D 609 47.09 -17.51 -50.15
N ASN D 610 46.15 -18.46 -50.18
CA ASN D 610 45.43 -18.83 -51.40
C ASN D 610 44.20 -17.97 -51.68
N GLY D 611 43.87 -17.08 -50.73
CA GLY D 611 42.65 -16.28 -50.82
C GLY D 611 41.41 -17.05 -50.42
N ASN D 612 41.60 -18.06 -49.56
CA ASN D 612 40.50 -18.83 -48.98
C ASN D 612 40.06 -18.22 -47.65
N PRO D 613 38.74 -17.96 -47.50
CA PRO D 613 38.23 -17.30 -46.30
C PRO D 613 38.24 -18.20 -45.06
N TRP D 614 38.49 -17.59 -43.89
CA TRP D 614 38.36 -18.30 -42.62
C TRP D 614 37.81 -17.40 -41.52
N SER D 615 37.16 -18.03 -40.54
CA SER D 615 36.56 -17.31 -39.42
C SER D 615 37.60 -16.97 -38.35
N ALA D 616 37.75 -15.67 -38.12
CA ALA D 616 38.71 -15.15 -37.17
C ALA D 616 38.02 -14.64 -35.90
N TYR D 617 38.75 -14.70 -34.79
CA TYR D 617 38.26 -14.14 -33.54
C TYR D 617 39.32 -13.25 -32.89
N GLY D 618 39.14 -12.96 -31.60
CA GLY D 618 40.07 -12.08 -30.86
C GLY D 618 41.52 -12.50 -31.03
N GLY D 619 42.39 -11.53 -31.34
CA GLY D 619 43.82 -11.79 -31.50
C GLY D 619 44.28 -12.01 -32.93
N ASP D 620 43.36 -12.38 -33.82
CA ASP D 620 43.73 -12.72 -35.20
C ASP D 620 44.05 -11.51 -36.09
N PHE D 621 44.03 -10.31 -35.51
CA PHE D 621 44.37 -9.10 -36.27
C PHE D 621 45.60 -8.42 -35.67
N GLY D 622 46.26 -9.11 -34.75
CA GLY D 622 47.40 -8.57 -34.01
C GLY D 622 46.93 -7.77 -32.81
N ASP D 623 45.60 -7.75 -32.60
CA ASP D 623 45.00 -7.03 -31.49
C ASP D 623 45.38 -7.66 -30.15
N THR D 624 45.91 -6.82 -29.27
CA THR D 624 46.37 -7.26 -27.95
C THR D 624 46.37 -6.08 -26.96
N PRO D 625 45.91 -6.32 -25.70
CA PRO D 625 45.27 -7.55 -25.22
C PRO D 625 43.97 -7.87 -25.95
N ASN D 626 43.62 -9.15 -25.98
CA ASN D 626 42.37 -9.61 -26.57
C ASN D 626 41.78 -10.72 -25.72
N ASP D 627 40.51 -11.06 -25.99
CA ASP D 627 39.83 -12.13 -25.26
C ASP D 627 39.42 -13.31 -26.15
N ARG D 628 40.19 -13.50 -27.22
CA ARG D 628 40.16 -14.72 -28.02
C ARG D 628 38.77 -15.10 -28.56
N GLN D 629 38.30 -16.32 -28.31
CA GLN D 629 37.04 -16.79 -28.87
C GLN D 629 35.80 -16.33 -28.10
N PHE D 630 35.98 -15.51 -27.06
CA PHE D 630 34.86 -15.09 -26.21
C PHE D 630 33.85 -14.17 -26.93
N CYS D 631 34.20 -13.75 -28.15
CA CYS D 631 33.32 -12.97 -29.02
C CYS D 631 32.33 -13.86 -29.79
N MET D 632 32.47 -15.17 -29.63
CA MET D 632 31.62 -16.12 -30.36
C MET D 632 30.71 -16.86 -29.41
N ASN D 633 29.50 -16.32 -29.22
CA ASN D 633 28.54 -16.84 -28.25
C ASN D 633 27.17 -17.09 -28.87
N GLY D 634 27.13 -17.15 -30.20
CA GLY D 634 25.86 -17.17 -30.92
C GLY D 634 25.20 -18.53 -31.11
N LEU D 635 23.89 -18.49 -31.33
CA LEU D 635 23.11 -19.67 -31.75
C LEU D 635 23.34 -19.95 -33.24
N VAL D 636 23.77 -18.93 -33.97
CA VAL D 636 24.15 -19.08 -35.37
C VAL D 636 25.58 -18.62 -35.61
N PHE D 637 26.21 -19.19 -36.64
CA PHE D 637 27.50 -18.71 -37.15
C PHE D 637 27.33 -17.32 -37.74
N ALA D 638 28.43 -16.57 -37.86
CA ALA D 638 28.37 -15.22 -38.43
C ALA D 638 27.71 -15.16 -39.81
N ASP D 639 27.72 -16.25 -40.56
CA ASP D 639 27.06 -16.27 -41.87
C ASP D 639 25.59 -16.72 -41.78
N ARG D 640 25.13 -16.89 -40.54
CA ARG D 640 23.73 -17.22 -40.21
C ARG D 640 23.35 -18.70 -40.38
N THR D 641 24.36 -19.55 -40.59
CA THR D 641 24.22 -21.01 -40.49
C THR D 641 23.93 -21.37 -39.04
N PRO D 642 22.88 -22.18 -38.79
CA PRO D 642 22.58 -22.54 -37.41
C PRO D 642 23.67 -23.39 -36.75
N HIS D 643 23.91 -23.14 -35.47
CA HIS D 643 24.56 -24.11 -34.59
C HIS D 643 23.48 -25.15 -34.25
N PRO D 644 23.90 -26.35 -33.82
CA PRO D 644 22.93 -27.35 -33.34
C PRO D 644 22.05 -26.86 -32.17
N ALA D 645 22.59 -26.01 -31.30
CA ALA D 645 21.83 -25.48 -30.17
C ALA D 645 20.55 -24.75 -30.58
N LEU D 646 20.56 -24.15 -31.77
CA LEU D 646 19.38 -23.40 -32.24
C LEU D 646 18.10 -24.25 -32.23
N THR D 647 18.21 -25.51 -32.65
CA THR D 647 17.06 -26.43 -32.69
C THR D 647 16.54 -26.78 -31.28
N GLU D 648 17.44 -26.85 -30.30
CA GLU D 648 17.05 -27.00 -28.90
C GLU D 648 16.21 -25.81 -28.44
N ALA D 649 16.64 -24.60 -28.79
CA ALA D 649 15.86 -23.38 -28.49
C ALA D 649 14.49 -23.40 -29.17
N LYS D 650 14.46 -23.73 -30.46
CA LYS D 650 13.21 -23.84 -31.21
C LYS D 650 12.19 -24.75 -30.53
N HIS D 651 12.67 -25.94 -30.11
CA HIS D 651 11.81 -26.94 -29.48
C HIS D 651 11.32 -26.51 -28.10
N GLN D 652 12.19 -25.93 -27.28
CA GLN D 652 11.80 -25.52 -25.94
C GLN D 652 10.88 -24.30 -25.94
N GLN D 653 11.00 -23.49 -27.00
CA GLN D 653 10.24 -22.25 -27.17
C GLN D 653 8.95 -22.46 -27.97
N GLN D 654 8.59 -23.72 -28.21
CA GLN D 654 7.37 -24.07 -28.94
C GLN D 654 6.14 -23.44 -28.32
N PHE D 655 5.17 -23.13 -29.17
CA PHE D 655 3.94 -22.47 -28.73
C PHE D 655 2.79 -23.46 -28.49
N PHE D 656 3.05 -24.73 -28.76
CA PHE D 656 2.07 -25.78 -28.52
C PHE D 656 2.65 -26.82 -27.59
N GLN D 657 1.89 -27.17 -26.55
CA GLN D 657 2.28 -28.21 -25.60
C GLN D 657 1.45 -29.46 -25.82
N PHE D 658 1.97 -30.62 -25.41
CA PHE D 658 1.30 -31.88 -25.69
C PHE D 658 1.27 -32.80 -24.49
N ARG D 659 0.15 -33.48 -24.30
CA ARG D 659 0.04 -34.58 -23.34
C ARG D 659 -0.61 -35.78 -24.01
N LEU D 660 -0.19 -36.98 -23.62
CA LEU D 660 -0.75 -38.21 -24.17
C LEU D 660 -1.40 -39.01 -23.06
N SER D 661 -2.64 -39.43 -23.31
CA SER D 661 -3.35 -40.28 -22.37
C SER D 661 -4.19 -41.29 -23.14
N GLY D 662 -3.77 -42.54 -23.10
CA GLY D 662 -4.38 -43.59 -23.90
C GLY D 662 -4.09 -43.34 -25.37
N GLN D 663 -5.15 -43.19 -26.16
CA GLN D 663 -5.00 -42.85 -27.57
C GLN D 663 -5.38 -41.39 -27.83
N THR D 664 -5.34 -40.58 -26.77
CA THR D 664 -5.72 -39.17 -26.86
C THR D 664 -4.53 -38.25 -26.66
N ILE D 665 -4.30 -37.38 -27.65
CA ILE D 665 -3.34 -36.28 -27.50
C ILE D 665 -4.07 -35.00 -27.14
N GLU D 666 -3.64 -34.38 -26.05
CA GLU D 666 -4.14 -33.08 -25.67
C GLU D 666 -3.15 -32.05 -26.19
N VAL D 667 -3.63 -31.16 -27.05
CA VAL D 667 -2.82 -30.05 -27.55
C VAL D 667 -3.24 -28.77 -26.83
N THR D 668 -2.28 -28.11 -26.19
CA THR D 668 -2.52 -26.83 -25.53
C THR D 668 -1.77 -25.72 -26.27
N SER D 669 -2.47 -24.61 -26.51
CA SER D 669 -1.87 -23.43 -27.15
C SER D 669 -1.30 -22.46 -26.11
N GLU D 670 -0.10 -21.97 -26.38
CA GLU D 670 0.52 -20.94 -25.55
C GLU D 670 0.44 -19.56 -26.18
N TYR D 671 -0.25 -19.47 -27.31
CA TYR D 671 -0.55 -18.18 -27.91
C TYR D 671 -1.53 -17.44 -27.00
N LEU D 672 -1.36 -16.13 -26.91
CA LEU D 672 -2.20 -15.32 -26.04
C LEU D 672 -3.30 -14.64 -26.83
N PHE D 673 -3.08 -14.49 -28.14
CA PHE D 673 -4.02 -13.73 -28.97
C PHE D 673 -4.58 -14.49 -30.17
N ARG D 674 -3.73 -15.20 -30.90
CA ARG D 674 -4.16 -15.83 -32.13
C ARG D 674 -4.70 -17.26 -31.96
N HIS D 675 -5.64 -17.63 -32.84
CA HIS D 675 -6.08 -19.00 -33.01
C HIS D 675 -5.11 -19.71 -33.95
N SER D 676 -5.09 -21.04 -33.88
CA SER D 676 -4.22 -21.85 -34.71
C SER D 676 -4.79 -22.00 -36.13
N ASP D 677 -4.85 -20.88 -36.85
CA ASP D 677 -5.48 -20.82 -38.17
C ASP D 677 -4.56 -21.19 -39.35
N ASN D 678 -3.33 -21.60 -39.03
CA ASN D 678 -2.37 -22.04 -40.04
C ASN D 678 -1.54 -23.20 -39.49
N GLU D 679 -2.23 -24.26 -39.09
CA GLU D 679 -1.63 -25.34 -38.34
C GLU D 679 -2.35 -26.67 -38.56
N LEU D 680 -1.60 -27.73 -38.87
CA LEU D 680 -2.12 -29.08 -38.79
C LEU D 680 -1.21 -29.97 -37.96
N LEU D 681 -1.81 -30.95 -37.28
CA LEU D 681 -1.05 -31.91 -36.52
C LEU D 681 -0.79 -33.16 -37.36
N HIS D 682 0.48 -33.40 -37.68
CA HIS D 682 0.92 -34.67 -38.27
C HIS D 682 1.29 -35.61 -37.13
N TRP D 683 0.87 -36.87 -37.22
CA TRP D 683 1.32 -37.89 -36.26
C TRP D 683 1.88 -39.10 -36.99
N MET D 684 2.83 -39.78 -36.34
CA MET D 684 3.53 -40.92 -36.94
C MET D 684 3.89 -41.94 -35.86
N VAL D 685 3.54 -43.20 -36.11
CA VAL D 685 3.95 -44.29 -35.21
C VAL D 685 4.91 -45.21 -35.94
N ALA D 686 6.07 -45.44 -35.33
CA ALA D 686 7.08 -46.29 -35.92
C ALA D 686 7.67 -47.28 -34.91
N LEU D 687 7.94 -48.50 -35.39
CA LEU D 687 8.58 -49.53 -34.60
C LEU D 687 10.06 -49.55 -34.95
N ASP D 688 10.90 -49.20 -33.98
CA ASP D 688 12.34 -49.08 -34.20
C ASP D 688 12.66 -48.45 -35.57
N GLY D 689 12.02 -47.32 -35.85
CA GLY D 689 12.31 -46.55 -37.07
C GLY D 689 11.55 -46.97 -38.33
N LYS D 690 10.85 -48.11 -38.26
CA LYS D 690 10.05 -48.60 -39.38
C LYS D 690 8.61 -48.10 -39.25
N PRO D 691 8.14 -47.30 -40.23
CA PRO D 691 6.80 -46.70 -40.15
C PRO D 691 5.68 -47.74 -40.08
N LEU D 692 4.74 -47.52 -39.17
CA LEU D 692 3.62 -48.43 -38.95
C LEU D 692 2.29 -47.79 -39.34
N ALA D 693 2.11 -46.52 -38.97
CA ALA D 693 0.89 -45.77 -39.24
C ALA D 693 1.15 -44.27 -39.12
N SER D 694 0.40 -43.47 -39.87
CA SER D 694 0.49 -42.02 -39.83
C SER D 694 -0.81 -41.38 -40.30
N GLY D 695 -1.01 -40.13 -39.89
CA GLY D 695 -2.17 -39.35 -40.32
C GLY D 695 -2.01 -37.86 -40.05
N GLU D 696 -3.05 -37.10 -40.42
CA GLU D 696 -3.13 -35.66 -40.20
C GLU D 696 -4.42 -35.30 -39.49
N VAL D 697 -4.37 -34.26 -38.67
CA VAL D 697 -5.55 -33.70 -38.01
C VAL D 697 -5.43 -32.18 -38.00
N PRO D 698 -6.45 -31.47 -38.52
CA PRO D 698 -6.45 -30.00 -38.38
C PRO D 698 -6.38 -29.55 -36.91
N LEU D 699 -5.57 -28.53 -36.65
CA LEU D 699 -5.53 -27.91 -35.33
C LEU D 699 -6.45 -26.70 -35.30
N ASP D 700 -7.39 -26.72 -34.36
CA ASP D 700 -8.29 -25.60 -34.15
C ASP D 700 -8.30 -25.25 -32.66
N VAL D 701 -7.25 -24.56 -32.22
CA VAL D 701 -7.04 -24.27 -30.81
C VAL D 701 -7.08 -22.76 -30.57
N ALA D 702 -7.93 -22.36 -29.63
CA ALA D 702 -8.04 -20.97 -29.20
C ALA D 702 -6.78 -20.57 -28.43
N PRO D 703 -6.43 -19.26 -28.42
CA PRO D 703 -5.31 -18.83 -27.59
C PRO D 703 -5.49 -19.32 -26.16
N GLN D 704 -4.45 -19.96 -25.62
CA GLN D 704 -4.48 -20.55 -24.28
C GLN D 704 -5.51 -21.68 -24.09
N GLY D 705 -6.08 -22.16 -25.20
CA GLY D 705 -7.08 -23.23 -25.16
C GLY D 705 -6.52 -24.63 -25.35
N LYS D 706 -7.41 -25.62 -25.36
CA LYS D 706 -7.03 -27.02 -25.52
C LYS D 706 -7.80 -27.69 -26.65
N GLN D 707 -7.20 -28.73 -27.22
CA GLN D 707 -7.89 -29.58 -28.17
C GLN D 707 -7.51 -31.04 -27.92
N LEU D 708 -8.52 -31.91 -27.92
CA LEU D 708 -8.30 -33.34 -27.75
C LEU D 708 -8.34 -34.01 -29.11
N ILE D 709 -7.25 -34.69 -29.47
CA ILE D 709 -7.16 -35.44 -30.72
C ILE D 709 -7.13 -36.93 -30.39
N GLU D 710 -8.14 -37.66 -30.87
CA GLU D 710 -8.24 -39.09 -30.66
C GLU D 710 -7.57 -39.82 -31.83
N LEU D 711 -6.51 -40.57 -31.51
CA LEU D 711 -5.83 -41.40 -32.49
C LEU D 711 -6.68 -42.62 -32.81
N PRO D 712 -6.62 -43.10 -34.07
CA PRO D 712 -7.32 -44.34 -34.43
C PRO D 712 -6.68 -45.56 -33.79
N GLU D 713 -7.41 -46.67 -33.76
CA GLU D 713 -6.88 -47.94 -33.26
C GLU D 713 -5.72 -48.37 -34.15
N LEU D 714 -4.55 -48.48 -33.56
CA LEU D 714 -3.32 -48.80 -34.29
C LEU D 714 -3.11 -50.30 -34.40
N PRO D 715 -2.70 -50.79 -35.58
CA PRO D 715 -2.42 -52.22 -35.74
C PRO D 715 -1.24 -52.65 -34.87
N GLN D 716 -1.32 -53.86 -34.32
CA GLN D 716 -0.25 -54.41 -33.51
C GLN D 716 1.00 -54.64 -34.36
N PRO D 717 2.20 -54.33 -33.81
CA PRO D 717 3.47 -54.57 -34.48
C PRO D 717 3.70 -56.06 -34.75
N GLU D 718 4.34 -56.34 -35.89
CA GLU D 718 4.57 -57.72 -36.35
C GLU D 718 5.77 -58.41 -35.68
N SER D 719 6.54 -57.64 -34.90
CA SER D 719 7.74 -58.17 -34.26
C SER D 719 8.10 -57.42 -32.96
N ALA D 720 9.19 -57.85 -32.33
CA ALA D 720 9.69 -57.24 -31.10
C ALA D 720 10.21 -55.82 -31.33
N GLY D 721 10.27 -55.04 -30.25
CA GLY D 721 10.80 -53.69 -30.30
C GLY D 721 9.91 -52.64 -29.67
N GLN D 722 10.37 -51.40 -29.71
CA GLN D 722 9.66 -50.28 -29.09
C GLN D 722 8.91 -49.43 -30.13
N LEU D 723 7.62 -49.21 -29.88
CA LEU D 723 6.83 -48.29 -30.69
C LEU D 723 6.99 -46.86 -30.18
N TRP D 724 7.22 -45.94 -31.11
CA TRP D 724 7.40 -44.52 -30.82
C TRP D 724 6.38 -43.69 -31.59
N LEU D 725 5.70 -42.80 -30.87
CA LEU D 725 4.80 -41.83 -31.50
C LEU D 725 5.51 -40.48 -31.66
N THR D 726 5.50 -39.94 -32.87
CA THR D 726 6.03 -38.61 -33.13
C THR D 726 4.90 -37.73 -33.67
N VAL D 727 4.69 -36.58 -33.04
CA VAL D 727 3.74 -35.60 -33.56
C VAL D 727 4.50 -34.33 -33.94
N ARG D 728 4.04 -33.67 -35.00
CA ARG D 728 4.54 -32.35 -35.34
C ARG D 728 3.43 -31.40 -35.81
N VAL D 729 3.59 -30.13 -35.46
CA VAL D 729 2.71 -29.08 -35.95
C VAL D 729 3.32 -28.52 -37.23
N VAL D 730 2.54 -28.54 -38.30
CA VAL D 730 3.00 -28.07 -39.60
C VAL D 730 2.13 -26.90 -40.05
N GLN D 731 2.76 -25.87 -40.58
CA GLN D 731 2.05 -24.73 -41.16
C GLN D 731 1.88 -24.96 -42.65
N PRO D 732 0.66 -25.30 -43.10
CA PRO D 732 0.47 -25.64 -44.52
C PRO D 732 0.70 -24.44 -45.43
N ASN D 733 0.39 -23.25 -44.96
CA ASN D 733 0.52 -22.03 -45.76
C ASN D 733 1.78 -21.22 -45.42
N ALA D 734 2.31 -20.56 -46.43
CA ALA D 734 3.45 -19.67 -46.27
C ALA D 734 3.00 -18.40 -45.54
N THR D 735 3.91 -17.83 -44.76
CA THR D 735 3.65 -16.57 -44.05
C THR D 735 4.68 -15.53 -44.49
N ALA D 736 4.63 -14.34 -43.88
CA ALA D 736 5.65 -13.32 -44.13
C ALA D 736 7.04 -13.81 -43.69
N TRP D 737 7.07 -14.74 -42.74
CA TRP D 737 8.30 -15.14 -42.08
C TRP D 737 8.66 -16.62 -42.29
N SER D 738 7.80 -17.37 -42.98
CA SER D 738 8.04 -18.80 -43.18
C SER D 738 7.48 -19.37 -44.48
N GLU D 739 8.05 -20.49 -44.90
CA GLU D 739 7.61 -21.23 -46.08
C GLU D 739 6.51 -22.22 -45.74
N ALA D 740 5.69 -22.56 -46.73
CA ALA D 740 4.71 -23.63 -46.62
C ALA D 740 5.41 -24.93 -46.20
N GLY D 741 4.81 -25.64 -45.25
CA GLY D 741 5.40 -26.87 -44.70
C GLY D 741 6.29 -26.68 -43.48
N HIS D 742 6.49 -25.43 -43.05
CA HIS D 742 7.29 -25.11 -41.87
C HIS D 742 6.80 -25.88 -40.64
N ILE D 743 7.72 -26.55 -39.95
CA ILE D 743 7.41 -27.27 -38.72
C ILE D 743 7.69 -26.34 -37.54
N SER D 744 6.66 -26.10 -36.72
CA SER D 744 6.77 -25.15 -35.62
C SER D 744 6.85 -25.80 -34.25
N ALA D 745 6.45 -27.07 -34.17
CA ALA D 745 6.45 -27.80 -32.90
C ALA D 745 6.49 -29.30 -33.12
N TRP D 746 7.07 -30.01 -32.16
CA TRP D 746 7.07 -31.47 -32.16
C TRP D 746 7.24 -32.04 -30.75
N GLN D 747 6.90 -33.32 -30.62
CA GLN D 747 7.03 -34.07 -29.38
C GLN D 747 7.01 -35.56 -29.71
N GLN D 748 7.65 -36.37 -28.86
CA GLN D 748 7.69 -37.82 -29.01
C GLN D 748 7.24 -38.54 -27.74
N TRP D 749 6.66 -39.72 -27.90
CA TRP D 749 6.36 -40.61 -26.77
C TRP D 749 6.68 -42.06 -27.12
N ARG D 750 7.14 -42.82 -26.12
CA ARG D 750 7.20 -44.28 -26.24
C ARG D 750 5.78 -44.83 -26.08
N LEU D 751 5.36 -45.69 -27.00
CA LEU D 751 4.09 -46.39 -26.84
C LEU D 751 4.36 -47.80 -26.32
N ALA D 752 3.66 -48.80 -26.86
CA ALA D 752 3.88 -50.18 -26.42
C ALA D 752 5.28 -50.68 -26.77
N GLU D 753 5.84 -51.50 -25.89
CA GLU D 753 7.08 -52.22 -26.16
C GLU D 753 6.82 -53.72 -26.05
N ASN D 754 7.38 -54.47 -27.00
CA ASN D 754 7.39 -55.92 -26.94
C ASN D 754 8.83 -56.39 -26.86
N LEU D 755 9.23 -56.81 -25.66
CA LEU D 755 10.59 -57.27 -25.44
C LEU D 755 10.86 -58.55 -26.21
N SER D 756 12.06 -58.65 -26.79
CA SER D 756 12.46 -59.82 -27.55
C SER D 756 12.75 -61.01 -26.64
N VAL D 757 12.05 -62.11 -26.87
CA VAL D 757 12.30 -63.36 -26.13
C VAL D 757 12.79 -64.48 -27.06
N THR D 758 12.93 -64.17 -28.34
CA THR D 758 13.38 -65.17 -29.32
C THR D 758 14.90 -65.28 -29.31
N LEU D 759 15.39 -66.47 -29.01
CA LEU D 759 16.81 -66.79 -29.03
C LEU D 759 17.38 -66.69 -30.45
N PRO D 760 18.61 -66.16 -30.59
CA PRO D 760 19.24 -66.07 -31.92
C PRO D 760 19.46 -67.45 -32.54
N ALA D 761 19.34 -67.54 -33.86
CA ALA D 761 19.50 -68.79 -34.59
C ALA D 761 20.85 -69.45 -34.28
N ALA D 762 20.80 -70.72 -33.90
CA ALA D 762 22.01 -71.48 -33.55
C ALA D 762 23.00 -71.56 -34.72
N SER D 763 24.26 -71.29 -34.43
CA SER D 763 25.32 -71.33 -35.44
C SER D 763 26.01 -72.67 -35.45
N HIS D 764 26.42 -73.12 -36.63
CA HIS D 764 27.09 -74.40 -36.78
C HIS D 764 28.60 -74.23 -37.05
N ALA D 765 29.06 -72.99 -36.96
CA ALA D 765 30.50 -72.68 -36.99
C ALA D 765 30.96 -72.28 -35.59
N ILE D 766 32.20 -72.65 -35.25
CA ILE D 766 32.79 -72.34 -33.95
C ILE D 766 34.09 -71.56 -34.16
N PRO D 767 34.23 -70.41 -33.46
CA PRO D 767 35.47 -69.63 -33.63
C PRO D 767 36.62 -70.29 -32.89
N HIS D 768 37.81 -70.25 -33.47
CA HIS D 768 38.98 -70.82 -32.80
C HIS D 768 40.02 -69.78 -32.39
N LEU D 769 40.66 -70.04 -31.26
CA LEU D 769 41.66 -69.16 -30.68
C LEU D 769 43.08 -69.58 -31.09
N THR D 770 43.87 -68.61 -31.54
CA THR D 770 45.30 -68.78 -31.81
C THR D 770 46.10 -67.96 -30.79
N THR D 771 46.97 -68.63 -30.05
CA THR D 771 47.72 -68.02 -28.96
C THR D 771 49.21 -67.90 -29.30
N SER D 772 49.76 -66.73 -29.02
CA SER D 772 51.21 -66.52 -28.99
C SER D 772 51.50 -65.78 -27.69
N GLU D 773 52.78 -65.55 -27.38
CA GLU D 773 53.14 -64.78 -26.17
C GLU D 773 52.60 -63.35 -26.23
N MET D 774 52.52 -62.81 -27.44
CA MET D 774 52.20 -61.40 -27.69
C MET D 774 50.72 -61.14 -28.02
N ASP D 775 50.02 -62.16 -28.50
CA ASP D 775 48.68 -61.98 -29.06
C ASP D 775 47.73 -63.15 -28.82
N PHE D 776 46.48 -62.82 -28.52
CA PHE D 776 45.36 -63.76 -28.69
C PHE D 776 44.67 -63.39 -30.00
N CYS D 777 44.61 -64.33 -30.93
CA CYS D 777 43.90 -64.13 -32.20
C CYS D 777 42.70 -65.08 -32.31
N ILE D 778 41.58 -64.54 -32.77
CA ILE D 778 40.37 -65.33 -32.95
C ILE D 778 40.04 -65.34 -34.43
N GLU D 779 39.64 -66.50 -34.95
CA GLU D 779 39.29 -66.62 -36.35
C GLU D 779 37.94 -67.30 -36.58
N LEU D 780 37.20 -66.79 -37.57
CA LEU D 780 35.92 -67.34 -37.97
C LEU D 780 35.67 -66.94 -39.42
N GLY D 781 35.61 -67.94 -40.31
CA GLY D 781 35.45 -67.68 -41.73
C GLY D 781 36.53 -66.76 -42.24
N ASN D 782 36.13 -65.68 -42.94
CA ASN D 782 37.07 -64.66 -43.39
C ASN D 782 37.30 -63.53 -42.38
N LYS D 783 36.91 -63.76 -41.12
CA LYS D 783 37.04 -62.75 -40.08
C LYS D 783 38.11 -63.10 -39.06
N ARG D 784 38.88 -62.09 -38.66
CA ARG D 784 39.94 -62.26 -37.65
C ARG D 784 39.97 -61.10 -36.65
N TRP D 785 40.15 -61.43 -35.38
CA TRP D 785 40.30 -60.46 -34.29
C TRP D 785 41.66 -60.67 -33.62
N GLN D 786 42.39 -59.59 -33.36
CA GLN D 786 43.69 -59.69 -32.70
C GLN D 786 43.75 -58.88 -31.40
N PHE D 787 44.02 -59.55 -30.30
CA PHE D 787 44.13 -58.92 -28.99
C PHE D 787 45.58 -58.95 -28.50
N ASN D 788 46.18 -57.77 -28.38
CA ASN D 788 47.57 -57.66 -27.93
C ASN D 788 47.71 -57.91 -26.43
N ARG D 789 48.49 -58.93 -26.07
CA ARG D 789 48.60 -59.37 -24.67
C ARG D 789 49.50 -58.49 -23.81
N GLN D 790 50.23 -57.56 -24.42
CA GLN D 790 51.02 -56.60 -23.67
C GLN D 790 50.17 -55.37 -23.31
N SER D 791 49.38 -54.90 -24.26
CA SER D 791 48.52 -53.73 -24.01
C SER D 791 47.18 -54.15 -23.40
N GLY D 792 46.70 -55.33 -23.77
CA GLY D 792 45.38 -55.81 -23.36
C GLY D 792 44.20 -55.28 -24.16
N PHE D 793 44.47 -54.70 -25.33
CA PHE D 793 43.41 -54.15 -26.18
C PHE D 793 43.28 -54.91 -27.50
N LEU D 794 42.11 -54.79 -28.13
CA LEU D 794 41.90 -55.21 -29.51
C LEU D 794 42.71 -54.29 -30.41
N SER D 795 43.78 -54.81 -31.00
CA SER D 795 44.71 -53.98 -31.77
C SER D 795 44.44 -54.03 -33.27
N GLN D 796 43.77 -55.09 -33.71
CA GLN D 796 43.47 -55.26 -35.13
C GLN D 796 42.31 -56.22 -35.39
N MET D 797 41.58 -55.97 -36.47
CA MET D 797 40.57 -56.86 -36.98
C MET D 797 40.70 -56.94 -38.50
N TRP D 798 40.42 -58.12 -39.05
CA TRP D 798 40.46 -58.30 -40.49
C TRP D 798 39.13 -58.81 -41.02
N ILE D 799 38.71 -58.26 -42.15
CA ILE D 799 37.64 -58.83 -42.97
C ILE D 799 38.33 -59.28 -44.25
N GLY D 800 38.62 -60.57 -44.33
CA GLY D 800 39.46 -61.11 -45.40
C GLY D 800 40.91 -60.78 -45.13
N ASP D 801 41.51 -59.98 -46.01
CA ASP D 801 42.89 -59.55 -45.85
C ASP D 801 43.03 -58.04 -45.54
N LYS D 802 41.91 -57.33 -45.53
CA LYS D 802 41.90 -55.90 -45.27
C LYS D 802 41.81 -55.59 -43.77
N LYS D 803 42.73 -54.76 -43.30
CA LYS D 803 42.79 -54.31 -41.91
C LYS D 803 41.65 -53.34 -41.59
N GLN D 804 41.01 -53.51 -40.44
CA GLN D 804 39.88 -52.65 -40.06
C GLN D 804 40.28 -51.45 -39.19
N LEU D 805 41.41 -51.56 -38.49
CA LEU D 805 41.81 -50.54 -37.53
C LEU D 805 43.17 -49.91 -37.85
N LEU D 806 43.26 -48.60 -37.59
CA LEU D 806 44.50 -47.84 -37.65
C LEU D 806 45.06 -47.59 -36.24
N THR D 807 44.15 -47.47 -35.27
CA THR D 807 44.51 -47.37 -33.86
C THR D 807 43.67 -48.40 -33.08
N PRO D 808 44.28 -49.09 -32.10
CA PRO D 808 43.56 -50.04 -31.23
C PRO D 808 42.33 -49.47 -30.52
N LEU D 809 41.37 -50.35 -30.21
CA LEU D 809 40.19 -50.01 -29.44
C LEU D 809 40.57 -49.87 -27.98
N ARG D 810 40.50 -48.63 -27.48
CA ARG D 810 40.93 -48.32 -26.11
C ARG D 810 39.89 -47.52 -25.37
N ASP D 811 39.88 -47.65 -24.03
CA ASP D 811 39.02 -46.81 -23.19
C ASP D 811 39.41 -45.35 -23.34
N GLN D 812 38.41 -44.48 -23.18
CA GLN D 812 38.63 -43.05 -23.22
C GLN D 812 37.74 -42.39 -22.17
N PHE D 813 38.35 -41.54 -21.34
CA PHE D 813 37.66 -40.92 -20.22
C PHE D 813 37.71 -39.39 -20.30
N THR D 814 38.20 -38.89 -21.42
CA THR D 814 38.38 -37.46 -21.62
C THR D 814 37.74 -37.01 -22.93
N ARG D 815 37.49 -35.71 -23.04
CA ARG D 815 37.02 -35.12 -24.29
C ARG D 815 37.84 -33.86 -24.63
N ALA D 816 37.91 -33.54 -25.92
CA ALA D 816 38.50 -32.28 -26.33
C ALA D 816 37.65 -31.17 -25.71
N PRO D 817 38.24 -30.38 -24.81
CA PRO D 817 37.42 -29.52 -23.95
C PRO D 817 36.57 -28.51 -24.72
N LEU D 818 35.30 -28.42 -24.33
CA LEU D 818 34.39 -27.41 -24.88
C LEU D 818 34.75 -26.06 -24.27
N ASP D 819 34.29 -24.99 -24.90
CA ASP D 819 34.41 -23.66 -24.32
C ASP D 819 33.86 -23.64 -22.88
N ASN D 820 32.75 -24.34 -22.65
CA ASN D 820 32.20 -24.47 -21.30
C ASN D 820 33.13 -25.19 -20.31
N ASP D 821 33.88 -26.18 -20.80
CA ASP D 821 34.89 -26.88 -19.96
C ASP D 821 36.03 -25.95 -19.56
N ILE D 822 36.44 -25.09 -20.50
CA ILE D 822 37.59 -24.19 -20.30
C ILE D 822 37.23 -23.08 -19.32
N GLY D 823 35.99 -22.59 -19.43
CA GLY D 823 35.41 -21.70 -18.44
C GLY D 823 36.18 -20.42 -18.15
N VAL D 824 36.65 -19.76 -19.22
CA VAL D 824 37.23 -18.42 -19.08
C VAL D 824 36.45 -17.38 -19.92
N SER D 825 36.24 -16.21 -19.33
CA SER D 825 35.62 -15.07 -20.03
C SER D 825 36.66 -14.00 -20.38
N GLU D 826 37.83 -14.12 -19.76
CA GLU D 826 38.99 -13.28 -20.06
C GLU D 826 40.18 -14.18 -20.38
N ALA D 827 40.84 -13.91 -21.51
CA ALA D 827 41.93 -14.74 -22.05
C ALA D 827 43.13 -14.92 -21.10
N THR D 828 43.35 -13.94 -20.23
CA THR D 828 44.50 -13.94 -19.33
C THR D 828 44.20 -14.56 -17.96
N ARG D 829 43.40 -15.64 -17.96
CA ARG D 829 43.01 -16.32 -16.71
C ARG D 829 43.20 -17.84 -16.74
N ILE D 830 43.97 -18.34 -15.77
CA ILE D 830 44.12 -19.78 -15.54
C ILE D 830 43.32 -20.16 -14.29
N ASP D 831 42.07 -20.57 -14.51
CA ASP D 831 41.11 -20.83 -13.45
C ASP D 831 41.11 -22.30 -12.99
N PRO D 832 41.66 -22.57 -11.79
CA PRO D 832 41.78 -23.96 -11.30
C PRO D 832 40.44 -24.64 -11.04
N ASN D 833 39.36 -23.88 -10.99
CA ASN D 833 38.02 -24.42 -10.75
C ASN D 833 37.37 -25.02 -12.01
N ALA D 834 37.74 -24.51 -13.18
CA ALA D 834 37.22 -25.00 -14.47
C ALA D 834 37.39 -26.51 -14.63
N TRP D 835 36.43 -27.15 -15.29
CA TRP D 835 36.48 -28.59 -15.53
C TRP D 835 37.78 -29.04 -16.19
N VAL D 836 38.22 -28.33 -17.24
CA VAL D 836 39.45 -28.69 -17.95
C VAL D 836 40.67 -28.67 -17.01
N GLU D 837 40.72 -27.67 -16.12
CA GLU D 837 41.83 -27.54 -15.18
C GLU D 837 41.82 -28.65 -14.13
N ARG D 838 40.62 -29.05 -13.70
CA ARG D 838 40.48 -30.17 -12.77
C ARG D 838 40.94 -31.46 -13.42
N TRP D 839 40.50 -31.70 -14.66
CA TRP D 839 40.89 -32.88 -15.42
C TRP D 839 42.40 -32.94 -15.66
N LYS D 840 43.00 -31.81 -16.03
CA LYS D 840 44.44 -31.72 -16.27
C LYS D 840 45.25 -32.01 -15.02
N ALA D 841 44.93 -31.31 -13.93
CA ALA D 841 45.63 -31.48 -12.66
C ALA D 841 45.52 -32.89 -12.07
N ALA D 842 44.39 -33.57 -12.30
CA ALA D 842 44.21 -34.94 -11.82
C ALA D 842 44.87 -35.97 -12.72
N GLY D 843 45.37 -35.52 -13.87
CA GLY D 843 46.11 -36.38 -14.80
C GLY D 843 45.26 -37.19 -15.76
N HIS D 844 43.99 -36.79 -15.94
CA HIS D 844 43.07 -37.49 -16.84
C HIS D 844 43.58 -37.52 -18.29
N TYR D 845 44.20 -36.41 -18.72
CA TYR D 845 44.68 -36.30 -20.10
C TYR D 845 46.00 -37.04 -20.38
N GLN D 846 46.74 -37.38 -19.33
CA GLN D 846 47.99 -38.12 -19.53
C GLN D 846 48.09 -39.46 -18.79
N ALA D 847 46.97 -39.92 -18.24
CA ALA D 847 46.91 -41.21 -17.55
C ALA D 847 47.24 -42.36 -18.50
N GLU D 848 48.13 -43.25 -18.05
CA GLU D 848 48.53 -44.41 -18.83
C GLU D 848 47.83 -45.67 -18.35
N ALA D 849 47.39 -46.50 -19.30
CA ALA D 849 46.74 -47.77 -18.98
C ALA D 849 47.75 -48.83 -18.57
N ALA D 850 47.61 -49.33 -17.34
CA ALA D 850 48.41 -50.46 -16.86
C ALA D 850 47.54 -51.71 -16.94
N LEU D 851 48.06 -52.74 -17.59
CA LEU D 851 47.36 -54.02 -17.73
C LEU D 851 47.40 -54.80 -16.43
N LEU D 852 46.24 -55.20 -15.96
CA LEU D 852 46.14 -56.00 -14.74
C LEU D 852 45.85 -57.48 -15.07
N GLN D 853 45.12 -57.70 -16.17
CA GLN D 853 44.70 -59.04 -16.56
C GLN D 853 44.38 -59.10 -18.04
N CYS D 854 44.83 -60.17 -18.69
CA CYS D 854 44.43 -60.49 -20.05
C CYS D 854 44.41 -62.01 -20.21
N THR D 855 43.20 -62.57 -20.29
CA THR D 855 43.03 -64.03 -20.40
C THR D 855 42.14 -64.41 -21.59
N ALA D 856 42.31 -65.64 -22.07
CA ALA D 856 41.46 -66.16 -23.14
C ALA D 856 40.92 -67.53 -22.76
N ASP D 857 39.63 -67.75 -23.05
CA ASP D 857 38.97 -69.01 -22.75
C ASP D 857 38.16 -69.48 -23.95
N THR D 858 38.05 -70.80 -24.09
CA THR D 858 37.23 -71.38 -25.15
C THR D 858 35.98 -72.02 -24.56
N LEU D 859 34.83 -71.46 -24.92
CA LEU D 859 33.53 -71.98 -24.51
C LEU D 859 33.00 -72.93 -25.58
N ALA D 860 31.76 -73.39 -25.40
CA ALA D 860 31.15 -74.36 -26.31
C ALA D 860 30.96 -73.82 -27.73
N ASP D 861 30.60 -72.55 -27.85
CA ASP D 861 30.29 -71.94 -29.14
C ASP D 861 30.90 -70.54 -29.31
N ALA D 862 31.89 -70.23 -28.48
CA ALA D 862 32.50 -68.90 -28.45
C ALA D 862 33.91 -68.89 -27.86
N VAL D 863 34.65 -67.83 -28.18
CA VAL D 863 35.91 -67.50 -27.49
C VAL D 863 35.70 -66.26 -26.61
N LEU D 864 36.19 -66.34 -25.37
CA LEU D 864 36.07 -65.25 -24.42
C LEU D 864 37.43 -64.64 -24.07
N ILE D 865 37.57 -63.34 -24.32
CA ILE D 865 38.74 -62.58 -23.87
C ILE D 865 38.35 -61.69 -22.68
N THR D 866 39.06 -61.85 -21.57
CA THR D 866 38.78 -61.09 -20.34
C THR D 866 39.95 -60.18 -20.03
N THR D 867 39.69 -58.88 -19.90
CA THR D 867 40.75 -57.90 -19.60
C THR D 867 40.44 -57.02 -18.40
N ALA D 868 41.50 -56.49 -17.78
CA ALA D 868 41.37 -55.51 -16.71
C ALA D 868 42.53 -54.51 -16.79
N HIS D 869 42.19 -53.22 -16.81
CA HIS D 869 43.18 -52.14 -16.86
C HIS D 869 42.98 -51.16 -15.71
N ALA D 870 44.08 -50.55 -15.27
CA ALA D 870 44.02 -49.41 -14.35
C ALA D 870 44.70 -48.18 -14.97
N TRP D 871 44.01 -47.04 -14.92
CA TRP D 871 44.60 -45.76 -15.33
C TRP D 871 45.11 -45.01 -14.12
N GLN D 872 46.39 -44.65 -14.19
CA GLN D 872 47.05 -44.09 -13.03
C GLN D 872 47.77 -42.80 -13.37
N HIS D 873 47.84 -41.91 -12.38
CA HIS D 873 48.64 -40.70 -12.51
C HIS D 873 49.40 -40.50 -11.21
N GLN D 874 50.73 -40.59 -11.31
CA GLN D 874 51.63 -40.41 -10.18
C GLN D 874 51.22 -41.26 -8.96
N GLY D 875 50.97 -42.54 -9.20
CA GLY D 875 50.65 -43.48 -8.14
C GLY D 875 49.19 -43.49 -7.70
N LYS D 876 48.38 -42.63 -8.32
CA LYS D 876 46.95 -42.58 -8.01
C LYS D 876 46.16 -43.30 -9.10
N THR D 877 45.36 -44.28 -8.68
CA THR D 877 44.47 -44.98 -9.61
C THR D 877 43.20 -44.18 -9.84
N LEU D 878 43.03 -43.72 -11.07
CA LEU D 878 41.91 -42.89 -11.46
C LEU D 878 40.71 -43.74 -11.84
N PHE D 879 40.92 -44.63 -12.80
CA PHE D 879 39.88 -45.49 -13.34
C PHE D 879 40.35 -46.94 -13.42
N ILE D 880 39.42 -47.86 -13.20
CA ILE D 880 39.63 -49.27 -13.50
C ILE D 880 38.58 -49.67 -14.52
N SER D 881 39.03 -50.33 -15.59
CA SER D 881 38.14 -50.87 -16.61
C SER D 881 38.24 -52.41 -16.66
N ARG D 882 37.12 -53.08 -16.46
CA ARG D 882 37.03 -54.55 -16.56
C ARG D 882 36.13 -54.95 -17.72
N LYS D 883 36.68 -55.70 -18.67
CA LYS D 883 35.96 -56.04 -19.89
C LYS D 883 35.92 -57.54 -20.17
N THR D 884 34.86 -57.97 -20.86
CA THR D 884 34.88 -59.26 -21.56
C THR D 884 34.48 -59.04 -23.01
N TYR D 885 35.17 -59.73 -23.90
CA TYR D 885 34.80 -59.78 -25.31
C TYR D 885 34.42 -61.23 -25.61
N ARG D 886 33.19 -61.44 -26.05
CA ARG D 886 32.71 -62.76 -26.40
C ARG D 886 32.40 -62.80 -27.89
N ILE D 887 33.17 -63.61 -28.63
CA ILE D 887 32.98 -63.77 -30.06
C ILE D 887 32.38 -65.15 -30.34
N ASP D 888 31.17 -65.17 -30.89
CA ASP D 888 30.43 -66.42 -31.10
C ASP D 888 30.44 -66.89 -32.55
N GLY D 889 29.69 -67.95 -32.83
CA GLY D 889 29.62 -68.55 -34.16
C GLY D 889 29.01 -67.68 -35.24
N SER D 890 28.13 -66.75 -34.85
CA SER D 890 27.52 -65.82 -35.80
C SER D 890 28.47 -64.68 -36.19
N GLY D 891 29.65 -64.66 -35.59
CA GLY D 891 30.66 -63.66 -35.92
C GLY D 891 30.46 -62.32 -35.25
N GLN D 892 29.69 -62.31 -34.18
CA GLN D 892 29.43 -61.09 -33.42
C GLN D 892 30.35 -61.00 -32.23
N MET D 893 30.76 -59.79 -31.88
CA MET D 893 31.61 -59.57 -30.73
C MET D 893 30.86 -58.76 -29.67
N ALA D 894 30.51 -59.42 -28.56
CA ALA D 894 29.86 -58.75 -27.45
C ALA D 894 30.92 -58.22 -26.50
N ILE D 895 31.01 -56.89 -26.43
CA ILE D 895 31.90 -56.22 -25.50
C ILE D 895 31.10 -55.78 -24.26
N THR D 896 31.50 -56.27 -23.11
CA THR D 896 30.87 -55.92 -21.85
C THR D 896 31.88 -55.16 -21.01
N VAL D 897 31.51 -53.92 -20.64
CA VAL D 897 32.44 -53.03 -19.94
C VAL D 897 31.92 -52.63 -18.57
N ASP D 898 32.77 -52.77 -17.56
CA ASP D 898 32.48 -52.31 -16.20
C ASP D 898 33.62 -51.42 -15.72
N VAL D 899 33.29 -50.16 -15.45
CA VAL D 899 34.29 -49.16 -15.06
C VAL D 899 34.11 -48.71 -13.61
N GLU D 900 35.23 -48.60 -12.88
CA GLU D 900 35.28 -48.01 -11.55
C GLU D 900 35.98 -46.67 -11.65
N VAL D 901 35.37 -45.64 -11.08
CA VAL D 901 35.93 -44.29 -11.05
C VAL D 901 36.14 -43.89 -9.59
N ALA D 902 37.40 -43.59 -9.23
CA ALA D 902 37.73 -43.15 -7.89
C ALA D 902 36.87 -41.95 -7.50
N SER D 903 36.30 -41.99 -6.30
CA SER D 903 35.32 -40.98 -5.89
C SER D 903 35.95 -39.60 -5.72
N ASP D 904 37.26 -39.57 -5.46
CA ASP D 904 37.97 -38.32 -5.20
C ASP D 904 38.63 -37.70 -6.43
N THR D 905 38.54 -38.38 -7.58
CA THR D 905 38.98 -37.78 -8.85
C THR D 905 37.82 -36.97 -9.45
N PRO D 906 38.12 -35.84 -10.13
CA PRO D 906 37.05 -35.10 -10.80
C PRO D 906 36.27 -36.01 -11.74
N HIS D 907 34.95 -35.91 -11.68
CA HIS D 907 34.07 -36.70 -12.53
C HIS D 907 34.50 -36.57 -14.01
N PRO D 908 34.71 -37.72 -14.68
CA PRO D 908 35.23 -37.75 -16.05
C PRO D 908 34.25 -37.24 -17.11
N ALA D 909 34.79 -36.77 -18.22
CA ALA D 909 34.00 -36.21 -19.31
C ALA D 909 33.16 -37.25 -20.04
N ARG D 910 33.64 -38.48 -20.06
CA ARG D 910 32.97 -39.60 -20.73
C ARG D 910 33.48 -40.93 -20.17
N ILE D 911 32.70 -41.98 -20.37
CA ILE D 911 33.11 -43.36 -20.10
C ILE D 911 32.78 -44.11 -21.39
N GLY D 912 33.80 -44.33 -22.21
CA GLY D 912 33.58 -45.00 -23.49
C GLY D 912 34.83 -45.62 -24.07
N LEU D 913 34.75 -45.93 -25.36
CA LEU D 913 35.86 -46.55 -26.09
C LEU D 913 36.10 -45.74 -27.35
N ASN D 914 37.33 -45.75 -27.84
CA ASN D 914 37.61 -45.16 -29.14
C ASN D 914 38.62 -45.93 -29.97
N CYS D 915 38.56 -45.71 -31.28
CA CYS D 915 39.50 -46.33 -32.22
C CYS D 915 39.48 -45.53 -33.51
N GLN D 916 40.55 -45.67 -34.28
CA GLN D 916 40.57 -45.14 -35.62
C GLN D 916 40.32 -46.28 -36.59
N LEU D 917 39.21 -46.20 -37.32
CA LEU D 917 38.87 -47.18 -38.34
C LEU D 917 39.64 -46.86 -39.62
N ALA D 918 40.03 -47.91 -40.34
CA ALA D 918 40.64 -47.76 -41.67
C ALA D 918 39.62 -47.24 -42.68
N GLN D 919 38.36 -47.60 -42.46
CA GLN D 919 37.25 -47.23 -43.34
C GLN D 919 37.00 -45.72 -43.40
N VAL D 920 36.85 -45.23 -44.63
CA VAL D 920 36.27 -43.92 -44.89
C VAL D 920 35.06 -44.14 -45.79
N ALA D 921 33.87 -44.01 -45.22
CA ALA D 921 32.63 -44.20 -45.97
C ALA D 921 31.85 -42.90 -46.08
N GLU D 922 30.98 -42.82 -47.08
CA GLU D 922 30.23 -41.60 -47.37
C GLU D 922 29.09 -41.35 -46.40
N ARG D 923 28.47 -42.42 -45.91
CA ARG D 923 27.24 -42.29 -45.13
C ARG D 923 27.38 -42.77 -43.68
N VAL D 924 26.53 -42.23 -42.82
CA VAL D 924 26.40 -42.70 -41.45
C VAL D 924 24.93 -42.94 -41.19
N ASN D 925 24.59 -44.14 -40.76
CA ASN D 925 23.20 -44.54 -40.53
C ASN D 925 23.05 -44.99 -39.09
N TRP D 926 22.11 -44.38 -38.36
CA TRP D 926 21.91 -44.79 -36.99
C TRP D 926 20.45 -44.83 -36.53
N LEU D 927 20.16 -45.71 -35.57
CA LEU D 927 18.88 -45.72 -34.88
C LEU D 927 19.12 -45.17 -33.49
N GLY D 928 18.62 -43.95 -33.27
CA GLY D 928 18.83 -43.23 -32.02
C GLY D 928 18.36 -41.79 -32.12
N LEU D 929 18.86 -40.93 -31.24
CA LEU D 929 18.43 -39.54 -31.22
C LEU D 929 19.12 -38.75 -32.32
N GLY D 930 18.32 -38.00 -33.07
CA GLY D 930 18.87 -37.15 -34.11
C GLY D 930 17.82 -36.27 -34.77
N PRO D 931 18.15 -35.70 -35.94
CA PRO D 931 19.38 -36.03 -36.68
C PRO D 931 20.61 -35.22 -36.26
N GLN D 932 20.40 -34.06 -35.63
CA GLN D 932 21.49 -33.16 -35.30
C GLN D 932 22.22 -33.58 -34.04
N GLU D 933 23.41 -32.99 -33.85
CA GLU D 933 24.20 -33.12 -32.64
C GLU D 933 23.37 -32.94 -31.37
N ASN D 934 23.50 -33.87 -30.43
CA ASN D 934 22.80 -33.79 -29.15
C ASN D 934 23.59 -34.40 -28.00
N TYR D 935 23.47 -33.78 -26.83
CA TYR D 935 24.20 -34.21 -25.63
C TYR D 935 23.22 -34.48 -24.49
N PRO D 936 23.66 -35.21 -23.44
CA PRO D 936 22.72 -35.60 -22.39
C PRO D 936 21.88 -34.46 -21.82
N ASP D 937 22.47 -33.28 -21.62
CA ASP D 937 21.73 -32.12 -21.16
C ASP D 937 21.24 -31.20 -22.29
N ARG D 938 21.41 -31.63 -23.54
CA ARG D 938 20.83 -30.92 -24.69
C ARG D 938 20.36 -31.92 -25.77
N LEU D 939 19.36 -32.72 -25.42
CA LEU D 939 18.82 -33.70 -26.35
C LEU D 939 17.28 -33.69 -26.46
N THR D 940 16.61 -32.74 -25.82
CA THR D 940 15.14 -32.72 -25.84
C THR D 940 14.57 -32.50 -27.25
N ALA D 941 15.28 -31.75 -28.09
CA ALA D 941 14.84 -31.46 -29.45
C ALA D 941 15.05 -32.64 -30.41
N ALA D 942 16.02 -33.50 -30.09
CA ALA D 942 16.29 -34.66 -30.93
C ALA D 942 15.16 -35.68 -30.85
N CYS D 943 14.91 -36.38 -31.94
CA CYS D 943 13.91 -37.46 -31.96
C CYS D 943 14.55 -38.82 -32.19
N PHE D 944 13.99 -39.85 -31.56
CA PHE D 944 14.43 -41.21 -31.78
C PHE D 944 13.81 -41.70 -33.07
N ASP D 945 14.66 -42.16 -33.98
CA ASP D 945 14.25 -42.65 -35.29
C ASP D 945 15.48 -43.20 -36.03
N ARG D 946 15.27 -43.56 -37.29
CA ARG D 946 16.33 -44.02 -38.17
C ARG D 946 16.85 -42.83 -38.96
N TRP D 947 18.11 -42.48 -38.73
CA TRP D 947 18.73 -41.33 -39.39
C TRP D 947 19.89 -41.75 -40.29
N ASP D 948 20.03 -41.05 -41.42
CA ASP D 948 21.06 -41.33 -42.41
C ASP D 948 21.60 -40.01 -42.96
N LEU D 949 22.85 -39.71 -42.63
CA LEU D 949 23.49 -38.45 -43.03
C LEU D 949 24.83 -38.71 -43.73
N PRO D 950 25.31 -37.74 -44.53
CA PRO D 950 26.71 -37.81 -44.94
C PRO D 950 27.63 -37.63 -43.74
N LEU D 951 28.83 -38.22 -43.81
CA LEU D 951 29.79 -38.19 -42.71
C LEU D 951 30.09 -36.78 -42.19
N SER D 952 30.26 -35.84 -43.10
CA SER D 952 30.60 -34.47 -42.73
C SER D 952 29.55 -33.83 -41.80
N ASP D 953 28.28 -34.22 -41.94
CA ASP D 953 27.20 -33.73 -41.06
C ASP D 953 27.30 -34.24 -39.63
N MET D 954 28.15 -35.24 -39.41
CA MET D 954 28.39 -35.81 -38.09
C MET D 954 29.51 -35.04 -37.37
N TYR D 955 30.00 -34.01 -38.04
CA TYR D 955 30.96 -33.08 -37.44
C TYR D 955 30.34 -31.68 -37.44
N THR D 956 30.38 -31.03 -36.29
CA THR D 956 29.94 -29.65 -36.16
C THR D 956 31.13 -28.70 -36.20
N PRO D 957 31.14 -27.80 -37.21
CA PRO D 957 32.31 -26.93 -37.43
C PRO D 957 32.35 -25.70 -36.51
N TYR D 958 32.42 -25.94 -35.21
CA TYR D 958 32.61 -24.87 -34.25
C TYR D 958 33.92 -24.17 -34.56
N VAL D 959 33.90 -22.84 -34.62
CA VAL D 959 35.08 -22.07 -35.02
C VAL D 959 36.26 -22.37 -34.09
N PHE D 960 35.98 -22.40 -32.78
CA PHE D 960 36.92 -23.00 -31.85
C PHE D 960 36.62 -24.50 -31.73
N PRO D 961 37.55 -25.36 -32.18
CA PRO D 961 37.32 -26.80 -32.19
C PRO D 961 37.27 -27.42 -30.80
N SER D 962 36.36 -28.38 -30.63
CA SER D 962 36.17 -29.09 -29.37
C SER D 962 35.42 -30.39 -29.65
N GLU D 963 35.23 -31.21 -28.62
CA GLU D 963 34.32 -32.35 -28.70
C GLU D 963 33.03 -31.87 -29.38
N ASN D 964 32.58 -32.61 -30.39
CA ASN D 964 31.42 -32.22 -31.16
C ASN D 964 30.74 -33.42 -31.80
N GLY D 965 29.49 -33.22 -32.23
CA GLY D 965 28.83 -34.19 -33.09
C GLY D 965 28.27 -35.43 -32.40
N LEU D 966 28.31 -35.46 -31.07
CA LEU D 966 27.70 -36.57 -30.34
C LEU D 966 26.23 -36.75 -30.70
N ARG D 967 25.79 -38.01 -30.74
CA ARG D 967 24.36 -38.34 -30.79
C ARG D 967 24.09 -39.32 -29.67
N CYS D 968 23.05 -39.08 -28.90
CA CYS D 968 22.74 -39.89 -27.72
C CYS D 968 21.65 -40.92 -27.99
N GLY D 969 21.40 -41.79 -27.00
CA GLY D 969 20.32 -42.77 -27.04
C GLY D 969 20.30 -43.65 -28.28
N THR D 970 21.49 -44.04 -28.72
CA THR D 970 21.65 -44.80 -29.96
C THR D 970 21.69 -46.30 -29.68
N ARG D 971 20.84 -47.04 -30.37
CA ARG D 971 20.74 -48.49 -30.19
C ARG D 971 21.46 -49.27 -31.30
N GLU D 972 21.67 -48.63 -32.44
CA GLU D 972 22.29 -49.24 -33.61
C GLU D 972 22.99 -48.19 -34.46
N LEU D 973 24.26 -48.44 -34.77
CA LEU D 973 25.04 -47.56 -35.64
C LEU D 973 25.65 -48.36 -36.79
N ASN D 974 25.59 -47.78 -38.00
CA ASN D 974 26.09 -48.42 -39.22
C ASN D 974 27.05 -47.51 -39.98
N TYR D 975 28.27 -48.02 -40.21
CA TYR D 975 29.28 -47.27 -40.96
C TYR D 975 30.14 -48.25 -41.76
N GLY D 976 30.11 -48.10 -43.09
CA GLY D 976 30.74 -49.07 -43.99
C GLY D 976 30.21 -50.47 -43.75
N PRO D 977 31.10 -51.44 -43.53
CA PRO D 977 30.66 -52.81 -43.26
C PRO D 977 30.32 -53.05 -41.78
N HIS D 978 30.57 -52.05 -40.94
CA HIS D 978 30.45 -52.20 -39.48
C HIS D 978 29.06 -51.90 -38.94
N GLN D 979 28.65 -52.69 -37.95
CA GLN D 979 27.47 -52.38 -37.14
C GLN D 979 27.83 -52.47 -35.66
N TRP D 980 27.39 -51.46 -34.91
CA TRP D 980 27.48 -51.48 -33.45
C TRP D 980 26.07 -51.43 -32.88
N ARG D 981 25.79 -52.30 -31.91
CA ARG D 981 24.49 -52.32 -31.25
C ARG D 981 24.62 -52.23 -29.73
N GLY D 982 23.66 -51.57 -29.10
CA GLY D 982 23.60 -51.45 -27.66
C GLY D 982 22.71 -50.31 -27.22
N ASP D 983 23.21 -49.53 -26.26
CA ASP D 983 22.53 -48.32 -25.80
C ASP D 983 23.59 -47.29 -25.42
N PHE D 984 24.03 -46.51 -26.40
CA PHE D 984 25.26 -45.73 -26.26
C PHE D 984 25.17 -44.34 -26.88
N GLN D 985 26.19 -43.52 -26.60
CA GLN D 985 26.37 -42.23 -27.27
C GLN D 985 27.58 -42.37 -28.20
N PHE D 986 27.57 -41.64 -29.31
CA PHE D 986 28.67 -41.75 -30.28
C PHE D 986 28.91 -40.46 -31.04
N ASN D 987 30.15 -40.25 -31.45
CA ASN D 987 30.47 -39.30 -32.51
C ASN D 987 31.45 -39.94 -33.51
N ILE D 988 31.37 -39.49 -34.76
CA ILE D 988 32.14 -40.12 -35.81
C ILE D 988 32.64 -39.02 -36.76
N SER D 989 33.95 -39.00 -36.97
CA SER D 989 34.58 -37.95 -37.78
C SER D 989 36.01 -38.29 -38.20
N ARG D 990 36.58 -37.44 -39.03
CA ARG D 990 37.96 -37.54 -39.51
C ARG D 990 38.94 -36.84 -38.57
N TYR D 991 38.46 -36.38 -37.42
CA TYR D 991 39.31 -35.65 -36.47
C TYR D 991 39.36 -36.32 -35.12
N SER D 992 40.57 -36.67 -34.68
CA SER D 992 40.78 -37.23 -33.35
C SER D 992 40.45 -36.19 -32.29
N GLN D 993 40.15 -36.67 -31.08
CA GLN D 993 39.96 -35.79 -29.94
C GLN D 993 41.26 -35.02 -29.64
N GLN D 994 42.39 -35.68 -29.89
CA GLN D 994 43.69 -35.06 -29.75
C GLN D 994 43.84 -33.85 -30.67
N GLN D 995 43.53 -34.01 -31.96
CA GLN D 995 43.66 -32.90 -32.90
C GLN D 995 42.68 -31.77 -32.59
N LEU D 996 41.47 -32.13 -32.16
CA LEU D 996 40.46 -31.13 -31.78
C LEU D 996 40.93 -30.28 -30.59
N MET D 997 41.57 -30.91 -29.61
CA MET D 997 42.05 -30.19 -28.45
C MET D 997 43.37 -29.43 -28.67
N GLU D 998 44.07 -29.76 -29.75
CA GLU D 998 45.33 -29.09 -30.10
C GLU D 998 45.16 -27.93 -31.09
N THR D 999 43.99 -27.85 -31.73
CA THR D 999 43.74 -26.88 -32.79
C THR D 999 42.82 -25.74 -32.34
N SER D 1000 43.26 -24.50 -32.56
CA SER D 1000 42.55 -23.31 -32.05
C SER D 1000 41.48 -22.77 -33.00
N HIS D 1001 41.64 -23.05 -34.30
CA HIS D 1001 40.69 -22.61 -35.32
C HIS D 1001 40.25 -23.80 -36.19
N ARG D 1002 38.99 -23.78 -36.64
CA ARG D 1002 38.46 -24.90 -37.43
C ARG D 1002 39.10 -25.06 -38.81
N HIS D 1003 39.55 -23.96 -39.40
CA HIS D 1003 40.13 -23.96 -40.74
C HIS D 1003 41.51 -24.61 -40.79
N LEU D 1004 42.13 -24.77 -39.61
CA LEU D 1004 43.45 -25.39 -39.48
C LEU D 1004 43.38 -26.91 -39.25
N LEU D 1005 42.16 -27.45 -39.19
CA LEU D 1005 41.98 -28.90 -39.02
C LEU D 1005 42.25 -29.64 -40.32
N HIS D 1006 42.87 -30.80 -40.21
CA HIS D 1006 43.11 -31.65 -41.36
C HIS D 1006 42.46 -33.01 -41.12
N ALA D 1007 41.80 -33.53 -42.16
CA ALA D 1007 41.20 -34.86 -42.09
C ALA D 1007 42.31 -35.88 -41.88
N GLU D 1008 42.13 -36.71 -40.86
CA GLU D 1008 43.10 -37.75 -40.57
C GLU D 1008 42.85 -38.97 -41.44
N GLU D 1009 43.81 -39.89 -41.44
CA GLU D 1009 43.79 -41.03 -42.34
C GLU D 1009 42.50 -41.82 -42.33
N GLY D 1010 42.00 -42.19 -41.17
CA GLY D 1010 40.81 -43.04 -41.14
C GLY D 1010 39.57 -42.29 -40.72
N THR D 1011 38.76 -42.95 -39.92
CA THR D 1011 37.61 -42.31 -39.30
C THR D 1011 37.70 -42.61 -37.82
N TRP D 1012 37.76 -41.55 -37.03
CA TRP D 1012 37.76 -41.69 -35.59
C TRP D 1012 36.35 -41.93 -35.08
N LEU D 1013 36.20 -43.03 -34.33
CA LEU D 1013 34.94 -43.36 -33.71
C LEU D 1013 35.08 -43.28 -32.20
N ASN D 1014 34.18 -42.54 -31.56
CA ASN D 1014 34.09 -42.53 -30.11
C ASN D 1014 32.73 -43.08 -29.75
N ILE D 1015 32.70 -44.24 -29.09
CA ILE D 1015 31.44 -44.82 -28.60
C ILE D 1015 31.44 -44.79 -27.07
N ASP D 1016 30.49 -44.07 -26.51
CA ASP D 1016 30.45 -43.85 -25.06
C ASP D 1016 29.29 -44.59 -24.45
N GLY D 1017 29.54 -45.25 -23.32
CA GLY D 1017 28.47 -45.75 -22.47
C GLY D 1017 27.78 -44.57 -21.81
N PHE D 1018 28.60 -43.63 -21.35
CA PHE D 1018 28.12 -42.45 -20.63
C PHE D 1018 28.94 -41.23 -21.04
N HIS D 1019 28.28 -40.07 -21.06
CA HIS D 1019 28.92 -38.82 -21.42
C HIS D 1019 28.41 -37.70 -20.52
N MET D 1020 29.32 -36.83 -20.06
CA MET D 1020 28.97 -35.72 -19.18
C MET D 1020 28.22 -34.63 -19.96
N GLY D 1021 27.35 -33.92 -19.25
CA GLY D 1021 26.65 -32.79 -19.82
C GLY D 1021 27.61 -31.74 -20.34
N ILE D 1022 27.10 -30.85 -21.18
CA ILE D 1022 27.91 -29.79 -21.76
C ILE D 1022 27.79 -28.48 -20.96
N GLY D 1023 26.69 -28.36 -20.20
CA GLY D 1023 26.40 -27.14 -19.45
C GLY D 1023 26.16 -25.91 -20.32
N GLY D 1024 26.37 -24.74 -19.73
CA GLY D 1024 26.16 -23.50 -20.49
C GLY D 1024 25.37 -22.40 -19.80
N ASP D 1025 24.87 -22.65 -18.59
CA ASP D 1025 24.22 -21.58 -17.82
C ASP D 1025 25.07 -20.32 -17.83
N ASP D 1026 26.39 -20.51 -17.79
CA ASP D 1026 27.35 -19.51 -18.26
C ASP D 1026 28.60 -20.24 -18.78
N SER D 1027 29.57 -19.49 -19.29
CA SER D 1027 30.78 -20.08 -19.84
C SER D 1027 32.05 -19.63 -19.13
N TRP D 1028 31.94 -19.28 -17.85
CA TRP D 1028 33.11 -18.82 -17.08
C TRP D 1028 33.15 -19.38 -15.67
N SER D 1029 32.34 -20.40 -15.42
CA SER D 1029 32.35 -21.17 -14.18
C SER D 1029 31.71 -22.52 -14.48
N PRO D 1030 32.01 -23.56 -13.66
CA PRO D 1030 31.35 -24.83 -13.91
C PRO D 1030 29.82 -24.70 -13.92
N SER D 1031 29.19 -25.21 -14.97
CA SER D 1031 27.75 -25.02 -15.17
C SER D 1031 27.01 -26.30 -15.51
N VAL D 1032 27.71 -27.43 -15.50
CA VAL D 1032 27.08 -28.72 -15.72
C VAL D 1032 26.39 -29.14 -14.43
N SER D 1033 25.07 -29.33 -14.51
CA SER D 1033 24.27 -29.67 -13.35
C SER D 1033 24.63 -31.05 -12.81
N ALA D 1034 24.45 -31.24 -11.51
CA ALA D 1034 24.92 -32.45 -10.81
C ALA D 1034 24.41 -33.75 -11.43
N GLU D 1035 23.15 -33.74 -11.88
CA GLU D 1035 22.52 -34.91 -12.48
C GLU D 1035 23.09 -35.28 -13.86
N PHE D 1036 23.89 -34.38 -14.44
CA PHE D 1036 24.58 -34.66 -15.72
C PHE D 1036 26.09 -34.86 -15.58
N GLN D 1037 26.55 -34.93 -14.34
CA GLN D 1037 27.94 -35.26 -14.03
C GLN D 1037 28.06 -36.77 -13.84
N LEU D 1038 29.22 -37.32 -14.20
CA LEU D 1038 29.43 -38.77 -14.10
C LEU D 1038 29.99 -39.14 -12.73
N SER D 1039 29.08 -39.22 -11.75
CA SER D 1039 29.44 -39.32 -10.35
C SER D 1039 29.04 -40.65 -9.69
N ALA D 1040 28.52 -41.60 -10.47
CA ALA D 1040 28.02 -42.87 -9.92
C ALA D 1040 29.10 -43.81 -9.36
N GLY D 1041 30.35 -43.57 -9.74
CA GLY D 1041 31.47 -44.37 -9.23
C GLY D 1041 31.65 -45.68 -9.98
N ARG D 1042 30.55 -46.39 -10.20
CA ARG D 1042 30.57 -47.62 -10.98
C ARG D 1042 29.65 -47.52 -12.17
N TYR D 1043 30.17 -47.92 -13.33
CA TYR D 1043 29.43 -47.81 -14.58
C TYR D 1043 29.51 -49.09 -15.41
N HIS D 1044 28.40 -49.40 -16.07
CA HIS D 1044 28.28 -50.60 -16.90
C HIS D 1044 27.68 -50.25 -18.26
N TYR D 1045 28.32 -50.71 -19.34
CA TYR D 1045 27.70 -50.69 -20.65
C TYR D 1045 28.12 -51.90 -21.50
N GLN D 1046 27.29 -52.23 -22.48
CA GLN D 1046 27.58 -53.35 -23.37
C GLN D 1046 27.34 -53.00 -24.82
N LEU D 1047 28.26 -53.44 -25.66
CA LEU D 1047 28.22 -53.20 -27.09
C LEU D 1047 28.34 -54.52 -27.86
N VAL D 1048 27.65 -54.61 -28.98
CA VAL D 1048 27.87 -55.69 -29.92
C VAL D 1048 28.39 -55.12 -31.22
N TRP D 1049 29.58 -55.57 -31.61
CA TRP D 1049 30.21 -55.20 -32.87
C TRP D 1049 30.13 -56.39 -33.81
N CYS D 1050 29.57 -56.17 -34.99
CA CYS D 1050 29.50 -57.20 -36.02
C CYS D 1050 29.66 -56.57 -37.41
N GLN D 1051 29.74 -57.43 -38.42
CA GLN D 1051 29.67 -56.99 -39.81
C GLN D 1051 28.28 -57.30 -40.36
N LYS D 1052 27.65 -56.31 -40.98
CA LYS D 1052 26.41 -56.54 -41.71
C LYS D 1052 26.72 -56.62 -43.21
C1 149 E . 6.70 34.56 -5.45
C2 149 E . 8.16 34.32 -5.70
C3 149 E . 8.98 35.30 -4.88
C4 149 E . 8.45 36.72 -5.04
C5 149 E . 7.04 36.84 -4.47
C6 149 E . 6.41 38.18 -4.83
O1 149 E . 5.88 33.67 -5.65
O2 149 E . 8.55 32.99 -5.34
O3 149 E . 10.35 35.18 -5.28
O4 149 E . 8.39 37.12 -6.42
O5 149 E . 6.16 35.83 -4.98
O6 149 E . 7.02 39.23 -4.07
MG MG F . 9.59 34.75 -9.59
MG MG G . 27.38 28.16 -20.90
NA NA H . 8.75 40.75 -4.74
NA NA I . -0.51 21.66 12.40
NA NA J . 1.61 56.70 -2.27
S DMS K . 24.03 15.98 10.37
O DMS K . 24.61 17.20 11.54
C1 DMS K . 22.80 14.85 11.10
C2 DMS K . 23.02 16.70 9.06
S DMS L . -1.43 32.77 19.51
O DMS L . -0.81 32.78 17.84
C1 DMS L . -1.48 34.46 20.11
C2 DMS L . -3.20 32.42 19.44
S DMS M . 12.06 30.78 20.00
O DMS M . 12.14 29.14 20.72
C1 DMS M . 11.50 31.93 21.28
C2 DMS M . 13.75 31.39 19.74
S DMS N . 35.17 24.81 8.18
O DMS N . 36.01 26.07 9.15
C1 DMS N . 36.27 24.25 6.85
C2 DMS N . 35.00 23.31 9.17
S DMS O . 34.58 1.65 13.04
O DMS O . 33.86 1.84 11.41
C1 DMS O . 33.62 0.43 13.98
C2 DMS O . 36.12 0.73 12.89
S DMS P . -12.05 38.12 -2.12
O DMS P . -12.35 39.87 -2.45
C1 DMS P . -11.10 37.42 -3.49
C2 DMS P . -10.85 37.96 -0.76
S DMS Q . 44.67 39.83 -0.52
O DMS Q . 43.81 41.12 -1.43
C1 DMS Q . 46.13 39.30 -1.45
C2 DMS Q . 45.46 40.53 0.95
S DMS R . 15.37 8.66 7.86
O DMS R . 16.13 10.11 8.59
C1 DMS R . 14.32 7.80 9.08
C2 DMS R . 14.11 9.16 6.66
S DMS S . 17.34 55.98 4.35
O DMS S . 15.79 55.40 3.67
C1 DMS S . 17.00 57.44 5.37
C2 DMS S . 17.91 54.84 5.64
S DMS T . 34.04 -0.24 5.70
O DMS T . 34.53 1.08 4.59
C1 DMS T . 34.62 -1.83 5.04
C2 DMS T . 35.02 -0.17 7.23
S DMS U . 38.06 28.96 10.05
O DMS U . 38.49 27.73 8.81
C1 DMS U . 38.36 30.62 9.35
C2 DMS U . 36.27 29.02 10.30
S DMS V . 46.56 44.86 -5.99
O DMS V . 45.88 43.21 -6.22
C1 DMS V . 45.35 45.91 -5.12
C2 DMS V . 47.91 44.82 -4.78
S DMS W . 35.94 6.78 23.51
O DMS W . 36.14 7.90 22.12
C1 DMS W . 35.64 7.73 25.02
C2 DMS W . 34.37 5.87 23.38
S DMS X . 3.93 37.15 -8.88
O DMS X . 4.71 37.50 -10.46
C1 DMS X . 2.36 36.29 -9.19
C2 DMS X . 4.86 35.88 -8.00
S DMS Y . 13.71 43.31 -22.51
O DMS Y . 14.24 44.45 -21.23
C1 DMS Y . 12.04 43.75 -23.06
C2 DMS Y . 14.66 43.64 -24.02
S DMS Z . 37.51 51.58 -15.70
O DMS Z . 35.82 51.08 -16.01
C1 DMS Z . 37.73 53.30 -16.20
C2 DMS Z . 37.75 51.74 -13.91
S DMS AA . 38.91 -3.78 -5.32
O DMS AA . 37.48 -3.17 -4.43
C1 DMS AA . 38.43 -4.49 -6.92
C2 DMS AA . 39.91 -2.38 -5.89
S DMS BA . 27.47 11.28 -4.98
O DMS BA . 26.40 10.34 -6.09
C1 DMS BA . 27.07 13.04 -5.08
C2 DMS BA . 27.01 10.94 -3.26
C1 149 CA . -28.46 10.37 18.72
C2 149 CA . -29.21 9.08 18.50
C3 149 CA . -30.63 9.38 18.09
C4 149 CA . -31.26 10.43 19.00
C5 149 CA . -30.56 11.77 18.80
C6 149 CA . -31.04 12.81 19.81
O1 149 CA . -27.23 10.36 18.74
O2 149 CA . -28.59 8.23 17.52
O3 149 CA . -31.39 8.15 18.11
O4 149 CA . -31.15 10.05 20.38
O5 149 CA . -29.13 11.66 18.94
O6 149 CA . -32.45 13.07 19.70
MG MG DA . -29.55 6.45 21.70
MG MG EA . -33.59 -15.01 24.98
MG MG FA . -51.21 -1.93 -3.29
NA NA GA . -34.60 12.27 20.41
NA NA HA . -18.41 16.84 -1.08
NA NA IA . -42.17 26.80 27.05
NA NA JA . -35.52 21.47 -19.29
S DMS KA . -29.59 -4.55 -6.94
O DMS KA . -31.21 -4.95 -7.57
C1 DMS KA . -29.38 -5.44 -5.37
C2 DMS KA . -28.35 -5.44 -7.91
S DMS LA . -27.68 26.27 -1.74
O DMS LA . -27.85 25.27 -3.22
C1 DMS LA . -26.06 27.08 -1.78
C2 DMS LA . -28.68 27.77 -1.91
S DMS MA . -34.73 15.56 -6.46
O DMS MA . -35.40 15.11 -4.86
C1 DMS MA . -35.31 14.35 -7.67
C2 DMS MA . -35.52 17.08 -7.01
S DMS NA . -42.80 -9.64 -3.26
O DMS NA . -44.39 -8.79 -3.23
C1 DMS NA . -43.06 -11.40 -2.93
C2 DMS NA . -42.10 -9.71 -4.92
S DMS OA . -26.71 -19.26 -17.54
O DMS OA . -28.01 -18.06 -17.82
C1 DMS OA . -27.28 -20.87 -18.13
C2 DMS OA . -25.34 -18.95 -18.68
S DMS PA . -41.12 -22.89 -17.69
O DMS PA . -40.38 -24.50 -17.96
C1 DMS PA . -42.09 -22.89 -16.16
C2 DMS PA . -39.78 -21.74 -17.26
S DMS QA . -19.86 27.40 21.27
O DMS QA . -21.07 28.05 22.44
C1 DMS QA . -19.43 25.71 21.75
C2 DMS QA . -20.63 27.12 19.66
S DMS RA . -57.75 -12.72 9.51
O DMS RA . -58.43 -14.34 9.88
C1 DMS RA . -58.71 -11.97 8.16
C2 DMS RA . -58.14 -11.59 10.87
S DMS SA . -18.38 -3.05 -6.47
O DMS SA . -19.87 -4.05 -6.39
C1 DMS SA . -17.62 -3.00 -4.83
C2 DMS SA . -17.13 -3.96 -7.43
S DMS TA . -40.77 -0.89 34.97
O DMS TA . -39.06 -1.39 35.12
C1 DMS TA . -41.11 0.54 36.04
C2 DMS TA . -41.05 -0.14 33.34
S DMS UA . -52.84 17.87 17.45
O DMS UA . -53.70 16.42 18.04
C1 DMS UA . -52.58 17.70 15.66
C2 DMS UA . -53.97 19.30 17.43
S DMS VA . -23.81 -23.08 -11.95
O DMS VA . -25.14 -23.44 -13.10
C1 DMS VA . -22.61 -24.44 -12.05
C2 DMS VA . -22.79 -21.76 -12.64
S DMS WA . -41.44 61.66 39.36
O DMS WA . -42.79 62.74 39.84
C1 DMS WA . -41.93 59.94 39.63
C2 DMS WA . -41.28 61.67 37.56
S DMS XA . -58.90 -0.16 27.83
O DMS XA . -57.38 -0.81 28.51
C1 DMS XA . -58.68 1.58 27.39
C2 DMS XA . -59.17 -0.91 26.20
S DMS YA . -38.72 21.68 -20.76
O DMS YA . -37.81 20.88 -19.43
C1 DMS YA . -39.02 23.42 -20.34
C2 DMS YA . -37.65 21.87 -22.22
S DMS ZA . -48.20 -8.77 -3.50
O DMS ZA . -47.76 -8.06 -1.92
C1 DMS ZA . -46.95 -8.29 -4.71
C2 DMS ZA . -47.85 -10.56 -3.49
S DMS AB . -61.65 -13.96 16.15
O DMS AB . -60.05 -14.76 16.18
C1 DMS AB . -61.43 -12.16 16.25
C2 DMS AB . -62.42 -14.14 14.51
S DMS BB . -27.54 11.60 23.49
O DMS BB . -28.76 11.61 24.82
C1 DMS BB . -28.31 12.13 21.94
C2 DMS BB . -26.38 12.97 23.79
S DMS CB . -43.48 -5.62 0.41
O DMS CB . -42.01 -6.67 0.46
C1 DMS CB . -44.70 -6.39 -0.69
C2 DMS CB . -44.43 -5.79 1.95
S DMS DB . -51.50 -6.35 3.59
O DMS DB . -50.90 -7.73 2.59
C1 DMS DB . -51.79 -4.92 2.52
C2 DMS DB . -53.20 -6.68 4.13
S DMS EB . -53.81 32.66 17.26
O DMS EB . -53.11 31.18 16.53
C1 DMS EB . -53.98 33.92 15.97
C2 DMS EB . -55.55 32.38 17.67
S DMS FB . -38.18 5.57 -13.72
O DMS FB . -37.36 5.93 -15.29
C1 DMS FB . -39.14 7.02 -13.20
C2 DMS FB . -39.55 4.41 -14.01
S DMS GB . -58.13 -7.51 29.34
O DMS GB . -58.70 -7.89 27.68
C1 DMS GB . -59.53 -6.89 30.30
C2 DMS GB . -57.81 -9.05 30.26
S DMS HB . -12.65 -10.34 25.23
O DMS HB . -12.33 -11.82 24.29
C1 DMS HB . -13.43 -9.09 24.17
C2 DMS HB . -14.01 -10.69 26.40
C1 149 IB . -5.56 -34.43 6.99
C2 149 IB . -6.26 -34.19 8.29
C3 149 IB . -5.66 -35.07 9.37
C4 149 IB . -5.54 -36.50 8.87
C5 149 IB . -4.51 -36.59 7.74
C6 149 IB . -4.53 -37.95 7.06
O1 149 IB . -5.68 -33.63 6.07
O2 149 IB . -6.18 -32.81 8.70
O3 149 IB . -6.50 -34.99 10.52
O4 149 IB . -6.79 -37.02 8.39
O5 149 IB . -4.69 -35.58 6.74
O6 149 IB . -4.23 -39.01 7.97
MG MG JB . -10.54 -34.94 8.56
MG MG KB . -27.16 -28.20 21.24
NA NA LB . -5.24 -40.51 9.57
NA NA MB . 12.99 -20.72 4.99
NA NA NB . 0.35 -56.59 5.00
S DMS OB . 2.87 -13.85 27.14
O DMS OB . 3.60 -14.98 28.33
C1 DMS OB . 4.03 -13.47 25.80
C2 DMS OB . 1.56 -14.70 26.23
S DMS PB . 20.81 -31.22 6.97
O DMS PB . 19.30 -31.50 7.87
C1 DMS PB . 21.65 -32.82 6.78
C2 DMS PB . 20.52 -30.93 5.21
S DMS QB . 16.58 -28.33 19.99
O DMS QB . 15.10 -29.35 19.95
C1 DMS QB . 16.69 -27.56 21.63
C2 DMS QB . 18.03 -29.41 19.96
S DMS RB . -2.39 -22.36 37.36
O DMS RB . -1.77 -23.79 38.25
C1 DMS RB . -3.92 -21.81 38.17
C2 DMS RB . -1.31 -20.93 37.63
S DMS SB . 1.38 0.94 37.24
O DMS SB . 0.17 0.59 35.96
C1 DMS SB . 2.18 2.52 36.85
C2 DMS SB . 0.49 1.39 38.76
S DMS TB . -1.51 -7.20 50.01
O DMS TB . -2.39 -8.74 50.29
C1 DMS TB . 0.00 -7.19 51.02
C2 DMS TB . -0.77 -7.26 48.35
S DMS UB . 3.56 -38.59 -9.11
O DMS UB . 3.35 -40.37 -9.21
C1 DMS UB . 5.32 -38.21 -8.92
C2 DMS UB . 3.24 -37.85 -10.73
S DMS VB . -13.21 -38.20 44.78
O DMS VB . -14.53 -37.04 45.12
C1 DMS VB . -13.37 -38.99 43.16
C2 DMS VB . -11.64 -37.29 44.55
S DMS WB . 3.26 -7.58 17.61
O DMS WB . 2.52 -8.01 19.19
C1 DMS WB . 2.04 -7.75 16.28
C2 DMS WB . 3.52 -5.79 17.54
S DMS XB . 1.30 -54.48 21.77
O DMS XB . 1.36 -54.08 20.03
C1 DMS XB . 2.52 -53.49 22.67
C2 DMS XB . -0.24 -53.79 22.46
S DMS YB . -5.76 2.32 34.54
O DMS YB . -6.79 0.88 34.23
C1 DMS YB . -6.80 3.81 34.56
C2 DMS YB . -5.26 2.34 36.27
S DMS ZB . -12.34 -49.24 35.21
O DMS ZB . -11.79 -47.84 36.20
C1 DMS ZB . -10.89 -50.03 34.45
C2 DMS ZB . -12.87 -50.56 36.33
S DMS AC . -24.82 -16.87 4.12
O DMS AC . -25.49 -15.23 3.90
C1 DMS AC . -25.63 -17.99 2.93
C2 DMS AC . -23.13 -16.92 3.46
S DMS BC . -18.09 -54.51 31.03
O DMS BC . -18.86 -53.23 30.05
C1 DMS BC . -16.45 -54.89 30.36
C2 DMS BC . -17.64 -53.83 32.66
S DMS CC . -1.30 -26.28 41.19
O DMS CC . -2.42 -27.53 40.56
C1 DMS CC . -0.10 -25.83 39.91
C2 DMS CC . -2.25 -24.74 41.38
S DMS DC . -8.14 -36.94 3.46
O DMS DC . -9.04 -38.46 3.86
C1 DMS DC . -6.66 -36.76 4.49
C2 DMS DC . -7.39 -37.18 1.83
S DMS EC . 16.03 -22.23 30.81
O DMS EC . 15.05 -20.80 30.32
C1 DMS EC . 14.96 -23.42 31.66
C2 DMS EC . 16.50 -23.21 29.37
S DMS FC . 6.32 -51.23 20.06
O DMS FC . 4.52 -51.27 19.86
C1 DMS FC . 6.83 -52.59 21.16
C2 DMS FC . 7.14 -51.70 18.52
S DMS GC . -17.88 2.68 47.33
O DMS GC . -16.69 2.15 48.57
C1 DMS GC . -19.24 1.48 47.27
C2 DMS GC . -18.78 4.15 47.91
S DMS HC . -5.06 -29.64 47.47
O DMS HC . -4.44 -28.46 48.69
C1 DMS HC . -4.48 -31.29 47.91
C2 DMS HC . -6.84 -29.83 47.70
S DMS IC . 10.64 15.56 -23.59
O DMS IC . 8.97 14.89 -23.58
C1 DMS IC . 11.22 15.66 -21.88
C2 DMS IC . 11.76 14.30 -24.26
C1 149 JC . 27.41 -10.40 -20.29
C2 149 JC . 27.41 -9.14 -21.12
C3 149 JC . 27.46 -9.51 -22.60
C4 149 JC . 28.56 -10.54 -22.85
C5 149 JC . 28.21 -11.87 -22.17
C6 149 JC . 29.42 -12.79 -22.14
O1 149 JC . 27.14 -10.34 -19.10
O2 149 JC . 26.24 -8.35 -20.89
O3 149 JC . 27.67 -8.31 -23.34
O4 149 JC . 29.83 -10.09 -22.39
O5 149 JC . 27.73 -11.72 -20.83
O6 149 JC . 29.63 -13.33 -23.45
MG MG KC . 30.44 -6.33 -20.60
MG MG LC . 33.53 15.10 -25.08
NA NA MC . 30.99 -12.50 -25.25
NA NA NC . 5.87 -17.86 -16.53
NA NA OC . 40.40 -26.97 -29.52
NA NA PC . -5.50 -24.70 -38.28
S DMS QC . 2.48 3.03 -30.40
O DMS QC . 2.49 2.19 -31.98
C1 DMS QC . 1.57 2.08 -29.14
C2 DMS QC . 4.15 3.08 -29.71
S DMS RC . 8.17 -28.21 -24.58
O DMS RC . 9.30 -26.98 -25.17
C1 DMS RC . 8.60 -29.79 -25.34
C2 DMS RC . 8.52 -28.70 -22.87
S DMS SC . 6.23 -17.92 -33.88
O DMS SC . 4.67 -17.44 -33.14
C1 DMS SC . 6.05 -19.55 -34.63
C2 DMS SC . 6.52 -16.89 -35.35
S DMS TC . 9.84 7.19 -42.09
O DMS TC . 10.05 6.36 -43.68
C1 DMS TC . 10.14 8.96 -42.26
C2 DMS TC . 8.09 7.19 -41.63
S DMS UC . -9.34 16.29 -31.88
O DMS UC . -8.12 16.57 -30.62
C1 DMS UC . -10.92 15.86 -31.11
C2 DMS UC . -9.81 17.91 -32.57
S DMS VC . 28.02 -26.81 -10.10
O DMS VC . 29.52 -27.36 -10.93
C1 DMS VC . 28.27 -25.10 -9.55
C2 DMS VC . 26.68 -26.62 -11.31
S DMS WC . 26.67 10.40 -53.23
O DMS WC . 27.75 9.64 -52.01
C1 DMS WC . 24.96 9.83 -52.98
C2 DMS WC . 26.48 12.17 -52.89
S DMS XC . -0.41 2.03 -19.12
O DMS XC . -0.18 1.81 -20.89
C1 DMS XC . -1.61 0.82 -18.48
C2 DMS XC . 1.11 1.54 -18.24
S DMS YC . 34.31 -19.40 -43.26
O DMS YC . 35.45 -18.18 -43.89
C1 DMS YC . 32.71 -19.11 -44.07
C2 DMS YC . 34.72 -21.03 -43.95
S DMS ZC . -5.61 20.55 -27.35
O DMS ZC . -3.88 20.81 -27.72
C1 DMS ZC . -6.26 22.02 -26.50
C2 DMS ZC . -6.59 20.61 -28.86
S DMS AD . 36.78 -0.42 -50.68
O DMS AD . 35.49 0.66 -50.06
C1 DMS AD . 37.81 0.48 -51.87
C2 DMS AD . 38.04 -0.73 -49.41
S DMS BD . 11.08 6.06 -46.92
O DMS BD . 12.03 5.87 -48.45
C1 DMS BD . 11.76 4.94 -45.68
C2 DMS BD . 11.45 7.70 -46.23
S DMS CD . 31.79 -11.64 -17.88
O DMS CD . 33.32 -11.01 -18.59
C1 DMS CD . 31.32 -10.65 -16.42
C2 DMS CD . 30.42 -11.27 -18.99
S DMS DD . 11.22 -0.07 -8.02
O DMS DD . 11.66 0.68 -9.59
C1 DMS DD . 10.63 1.21 -6.88
C2 DMS DD . 9.71 -1.05 -8.23
#